data_1SR2
#
_entry.id   1SR2
#
_cell.length_a   1.000
_cell.length_b   1.000
_cell.length_c   1.000
_cell.angle_alpha   90.00
_cell.angle_beta   90.00
_cell.angle_gamma   90.00
#
_symmetry.space_group_name_H-M   'P 1'
#
_entity_poly.entity_id   1
_entity_poly.type   'polypeptide(L)'
_entity_poly.pdbx_seq_one_letter_code
;MQEAVLQLIEVQLAQEEVTESPLGGDENAQLHASGYYALFVDTVPDDVKRLYTEAATSDFAALAQTAHRLKGVFAMLNLV
PGKQLCETLEHLIREKDVPGIEKYISDIDSYVKSLL
;
_entity_poly.pdbx_strand_id   A
#
# COMPACT_ATOMS: atom_id res chain seq x y z
N MET A 1 -35.10 53.47 -4.12
CA MET A 1 -34.38 52.49 -4.95
C MET A 1 -34.31 52.97 -6.39
N GLN A 2 -33.36 53.85 -6.67
CA GLN A 2 -33.21 54.43 -8.00
C GLN A 2 -31.89 54.02 -8.62
N GLU A 3 -30.91 53.75 -7.78
CA GLU A 3 -29.58 53.37 -8.22
C GLU A 3 -29.37 51.86 -8.10
N ALA A 4 -29.13 51.40 -6.87
CA ALA A 4 -28.86 49.99 -6.62
C ALA A 4 -30.12 49.16 -6.84
N VAL A 5 -31.27 49.75 -6.49
CA VAL A 5 -32.60 49.12 -6.59
C VAL A 5 -32.60 47.64 -6.14
N LEU A 6 -32.37 46.71 -7.07
CA LEU A 6 -32.39 45.29 -6.74
C LEU A 6 -31.34 44.55 -7.55
N GLN A 7 -30.71 43.56 -6.93
CA GLN A 7 -29.74 42.73 -7.62
C GLN A 7 -30.17 41.28 -7.56
N LEU A 8 -29.60 40.46 -8.44
CA LEU A 8 -29.89 39.04 -8.43
C LEU A 8 -29.22 38.39 -7.22
N ILE A 9 -27.96 38.74 -7.03
CA ILE A 9 -27.20 38.36 -5.84
C ILE A 9 -25.97 39.26 -5.76
N GLU A 10 -24.79 38.67 -5.66
CA GLU A 10 -23.57 39.45 -5.69
C GLU A 10 -22.47 38.71 -6.46
N VAL A 11 -22.36 37.40 -6.27
CA VAL A 11 -21.34 36.63 -6.95
C VAL A 11 -21.92 35.74 -8.04
N GLN A 12 -23.11 35.16 -7.79
CA GLN A 12 -23.82 34.34 -8.76
C GLN A 12 -23.02 33.09 -9.12
N LEU A 13 -22.97 32.15 -8.19
CA LEU A 13 -22.28 30.87 -8.39
C LEU A 13 -20.79 31.09 -8.64
N ALA A 14 -20.28 32.21 -8.17
CA ALA A 14 -18.86 32.52 -8.30
C ALA A 14 -18.25 32.71 -6.92
N GLN A 15 -16.91 32.75 -6.88
CA GLN A 15 -16.16 32.92 -5.63
C GLN A 15 -16.38 31.77 -4.67
N GLU A 16 -16.77 30.62 -5.21
CA GLU A 16 -16.90 29.41 -4.43
C GLU A 16 -15.95 28.35 -4.95
N GLU A 17 -15.61 27.41 -4.11
CA GLU A 17 -14.66 26.37 -4.45
C GLU A 17 -15.17 25.01 -4.04
N VAL A 18 -15.33 24.14 -5.00
CA VAL A 18 -15.81 22.80 -4.74
C VAL A 18 -14.62 21.84 -4.54
N THR A 19 -13.70 22.27 -3.69
CA THR A 19 -12.47 21.53 -3.44
C THR A 19 -12.63 20.62 -2.22
N GLU A 20 -13.86 20.22 -1.94
CA GLU A 20 -14.14 19.32 -0.83
C GLU A 20 -13.89 17.88 -1.25
N SER A 21 -14.32 16.94 -0.41
CA SER A 21 -14.13 15.50 -0.62
C SER A 21 -12.64 15.15 -0.72
N PRO A 22 -12.05 14.70 0.39
CA PRO A 22 -10.65 14.27 0.44
C PRO A 22 -10.45 12.87 -0.10
N LEU A 23 -9.52 12.13 0.50
CA LEU A 23 -9.22 10.77 0.08
C LEU A 23 -10.42 9.86 0.30
N GLY A 24 -10.74 9.06 -0.71
CA GLY A 24 -11.82 8.11 -0.57
C GLY A 24 -12.78 8.14 -1.74
N GLY A 25 -12.58 7.24 -2.68
CA GLY A 25 -13.49 7.12 -3.80
C GLY A 25 -13.70 5.67 -4.20
N ASP A 26 -12.64 5.07 -4.73
CA ASP A 26 -12.68 3.68 -5.17
C ASP A 26 -11.25 3.19 -5.40
N GLU A 27 -10.37 3.59 -4.50
CA GLU A 27 -8.94 3.33 -4.61
C GLU A 27 -8.62 1.84 -4.78
N ASN A 28 -9.34 1.00 -4.05
CA ASN A 28 -9.11 -0.45 -4.11
C ASN A 28 -9.55 -0.98 -5.48
N ALA A 29 -10.63 -0.44 -6.01
CA ALA A 29 -11.11 -0.81 -7.33
C ALA A 29 -10.14 -0.33 -8.40
N GLN A 30 -9.58 0.86 -8.16
CA GLN A 30 -8.59 1.44 -9.06
C GLN A 30 -7.37 0.53 -9.16
N LEU A 31 -6.86 0.10 -8.01
CA LEU A 31 -5.69 -0.79 -7.97
C LEU A 31 -6.01 -2.14 -8.61
N HIS A 32 -7.27 -2.55 -8.51
CA HIS A 32 -7.71 -3.78 -9.16
C HIS A 32 -7.72 -3.60 -10.68
N ALA A 33 -8.15 -2.43 -11.13
CA ALA A 33 -8.27 -2.15 -12.55
C ALA A 33 -6.91 -1.99 -13.22
N SER A 34 -5.95 -1.40 -12.50
CA SER A 34 -4.61 -1.19 -13.04
C SER A 34 -3.90 -2.53 -13.22
N GLY A 35 -4.23 -3.49 -12.37
CA GLY A 35 -3.65 -4.81 -12.48
C GLY A 35 -2.63 -5.09 -11.39
N TYR A 36 -2.39 -4.13 -10.53
CA TYR A 36 -1.41 -4.29 -9.46
C TYR A 36 -1.97 -5.15 -8.35
N TYR A 37 -3.21 -5.59 -8.52
CA TYR A 37 -3.84 -6.51 -7.59
C TYR A 37 -3.06 -7.83 -7.56
N ALA A 38 -2.42 -8.16 -8.68
CA ALA A 38 -1.59 -9.34 -8.76
C ALA A 38 -0.45 -9.27 -7.75
N LEU A 39 0.13 -8.09 -7.62
CA LEU A 39 1.20 -7.85 -6.66
C LEU A 39 0.65 -7.86 -5.24
N PHE A 40 -0.56 -7.32 -5.11
CA PHE A 40 -1.24 -7.20 -3.81
C PHE A 40 -1.43 -8.58 -3.17
N VAL A 41 -1.62 -9.61 -3.97
CA VAL A 41 -1.83 -10.95 -3.44
C VAL A 41 -0.60 -11.83 -3.63
N ASP A 42 0.49 -11.24 -4.12
CA ASP A 42 1.70 -12.00 -4.35
C ASP A 42 2.66 -11.84 -3.19
N THR A 43 3.40 -10.74 -3.17
CA THR A 43 4.44 -10.52 -2.17
C THR A 43 3.90 -9.85 -0.91
N VAL A 44 2.77 -9.15 -1.03
CA VAL A 44 2.25 -8.35 0.07
C VAL A 44 1.85 -9.22 1.28
N PRO A 45 0.93 -10.19 1.11
CA PRO A 45 0.52 -11.06 2.22
C PRO A 45 1.69 -11.89 2.76
N ASP A 46 2.65 -12.18 1.88
CA ASP A 46 3.84 -12.93 2.26
C ASP A 46 4.69 -12.11 3.23
N ASP A 47 4.82 -10.82 2.95
CA ASP A 47 5.57 -9.92 3.82
C ASP A 47 4.82 -9.69 5.11
N VAL A 48 3.49 -9.67 5.02
CA VAL A 48 2.63 -9.50 6.19
C VAL A 48 2.76 -10.69 7.14
N LYS A 49 2.64 -11.91 6.61
CA LYS A 49 2.78 -13.11 7.44
C LYS A 49 4.21 -13.24 7.93
N ARG A 50 5.17 -12.73 7.16
CA ARG A 50 6.54 -12.70 7.61
C ARG A 50 6.68 -11.71 8.77
N LEU A 51 6.05 -10.54 8.63
CA LEU A 51 6.01 -9.56 9.72
C LEU A 51 5.60 -10.22 11.03
N TYR A 52 4.51 -10.98 10.96
CA TYR A 52 4.02 -11.72 12.12
C TYR A 52 5.07 -12.70 12.63
N THR A 53 5.70 -13.42 11.72
CA THR A 53 6.68 -14.44 12.06
C THR A 53 7.93 -13.81 12.68
N GLU A 54 8.44 -12.74 12.07
CA GLU A 54 9.63 -12.09 12.57
C GLU A 54 9.35 -11.34 13.87
N ALA A 55 8.11 -10.87 14.03
CA ALA A 55 7.71 -10.22 15.27
C ALA A 55 7.74 -11.22 16.42
N ALA A 56 7.32 -12.44 16.13
CA ALA A 56 7.35 -13.52 17.12
C ALA A 56 8.77 -13.74 17.64
N THR A 57 9.75 -13.73 16.73
CA THR A 57 11.14 -13.89 17.10
C THR A 57 11.75 -12.56 17.58
N SER A 58 10.99 -11.48 17.39
CA SER A 58 11.41 -10.14 17.78
C SER A 58 12.61 -9.69 16.93
N ASP A 59 12.62 -10.12 15.68
CA ASP A 59 13.65 -9.71 14.73
C ASP A 59 13.29 -8.37 14.15
N PHE A 60 13.50 -7.33 14.95
CA PHE A 60 13.19 -5.96 14.56
C PHE A 60 13.89 -5.57 13.26
N ALA A 61 15.03 -6.19 12.98
CA ALA A 61 15.74 -5.94 11.73
C ALA A 61 14.88 -6.32 10.53
N ALA A 62 14.16 -7.42 10.67
CA ALA A 62 13.33 -7.93 9.58
C ALA A 62 12.01 -7.20 9.57
N LEU A 63 11.55 -6.84 10.75
CA LEU A 63 10.37 -6.03 10.90
C LEU A 63 10.56 -4.68 10.21
N ALA A 64 11.74 -4.11 10.39
CA ALA A 64 12.07 -2.81 9.81
C ALA A 64 12.16 -2.87 8.29
N GLN A 65 12.90 -3.85 7.76
CA GLN A 65 13.08 -3.95 6.31
C GLN A 65 11.74 -4.18 5.61
N THR A 66 10.88 -4.99 6.21
CA THR A 66 9.56 -5.26 5.63
C THR A 66 8.64 -4.05 5.79
N ALA A 67 8.73 -3.35 6.91
CA ALA A 67 7.96 -2.12 7.11
C ALA A 67 8.32 -1.10 6.06
N HIS A 68 9.61 -1.00 5.76
CA HIS A 68 10.11 -0.10 4.72
C HIS A 68 9.68 -0.60 3.34
N ARG A 69 9.71 -1.91 3.16
CA ARG A 69 9.27 -2.53 1.91
C ARG A 69 7.80 -2.24 1.67
N LEU A 70 6.99 -2.44 2.70
CA LEU A 70 5.55 -2.20 2.62
C LEU A 70 5.27 -0.72 2.39
N LYS A 71 6.02 0.13 3.09
CA LYS A 71 5.92 1.57 2.90
C LYS A 71 6.14 1.94 1.43
N GLY A 72 7.17 1.31 0.84
CA GLY A 72 7.50 1.59 -0.54
C GLY A 72 6.45 1.07 -1.51
N VAL A 73 5.99 -0.15 -1.31
CA VAL A 73 5.01 -0.74 -2.22
C VAL A 73 3.63 -0.09 -2.07
N PHE A 74 3.30 0.36 -0.86
CA PHE A 74 2.05 1.07 -0.64
C PHE A 74 2.13 2.46 -1.27
N ALA A 75 3.31 3.09 -1.18
CA ALA A 75 3.55 4.35 -1.86
C ALA A 75 3.49 4.15 -3.37
N MET A 76 3.94 2.99 -3.82
CA MET A 76 3.86 2.62 -5.23
C MET A 76 2.39 2.44 -5.64
N LEU A 77 1.61 1.80 -4.78
CA LEU A 77 0.18 1.62 -5.02
C LEU A 77 -0.56 2.94 -4.80
N ASN A 78 0.14 3.91 -4.22
CA ASN A 78 -0.39 5.25 -3.98
C ASN A 78 -1.37 5.23 -2.81
N LEU A 79 -1.19 4.25 -1.95
CA LEU A 79 -2.02 4.08 -0.78
C LEU A 79 -1.40 4.80 0.41
N VAL A 80 -1.80 6.04 0.61
CA VAL A 80 -1.22 6.90 1.64
C VAL A 80 -1.42 6.32 3.05
N PRO A 81 -2.68 6.05 3.47
CA PRO A 81 -2.95 5.47 4.78
C PRO A 81 -2.19 4.18 5.04
N GLY A 82 -2.03 3.36 4.01
CA GLY A 82 -1.27 2.12 4.13
C GLY A 82 0.20 2.39 4.40
N LYS A 83 0.78 3.29 3.61
CA LYS A 83 2.16 3.70 3.80
C LYS A 83 2.34 4.37 5.16
N GLN A 84 1.31 5.11 5.59
CA GLN A 84 1.30 5.72 6.90
C GLN A 84 1.41 4.68 8.00
N LEU A 85 0.67 3.58 7.87
CA LEU A 85 0.73 2.49 8.83
C LEU A 85 2.14 1.94 8.92
N CYS A 86 2.77 1.76 7.76
CA CYS A 86 4.13 1.25 7.69
C CYS A 86 5.13 2.27 8.28
N GLU A 87 4.81 3.54 8.13
CA GLU A 87 5.63 4.62 8.68
C GLU A 87 5.62 4.55 10.21
N THR A 88 4.43 4.43 10.78
CA THR A 88 4.30 4.31 12.22
C THR A 88 4.94 3.02 12.71
N LEU A 89 4.84 1.98 11.90
CA LEU A 89 5.46 0.69 12.22
C LEU A 89 6.96 0.84 12.44
N GLU A 90 7.64 1.48 11.49
CA GLU A 90 9.08 1.69 11.59
C GLU A 90 9.41 2.56 12.81
N HIS A 91 8.56 3.54 13.09
CA HIS A 91 8.73 4.40 14.26
C HIS A 91 8.55 3.60 15.55
N LEU A 92 7.58 2.69 15.54
CA LEU A 92 7.32 1.85 16.70
C LEU A 92 8.47 0.89 16.95
N ILE A 93 9.16 0.51 15.87
CA ILE A 93 10.32 -0.36 15.98
C ILE A 93 11.48 0.40 16.59
N ARG A 94 11.61 1.67 16.19
CA ARG A 94 12.64 2.54 16.72
C ARG A 94 12.43 2.80 18.22
N GLU A 95 11.17 2.88 18.63
CA GLU A 95 10.84 3.12 20.03
C GLU A 95 10.81 1.81 20.82
N LYS A 96 10.94 0.70 20.11
CA LYS A 96 10.91 -0.64 20.71
C LYS A 96 9.57 -0.91 21.38
N ASP A 97 8.51 -0.42 20.78
CA ASP A 97 7.16 -0.63 21.29
C ASP A 97 6.58 -1.89 20.69
N VAL A 98 6.94 -3.02 21.28
CA VAL A 98 6.53 -4.34 20.78
C VAL A 98 5.01 -4.44 20.58
N PRO A 99 4.19 -4.12 21.62
CA PRO A 99 2.73 -4.14 21.49
C PRO A 99 2.22 -3.22 20.38
N GLY A 100 2.89 -2.09 20.18
CA GLY A 100 2.54 -1.20 19.11
C GLY A 100 2.88 -1.78 17.75
N ILE A 101 4.06 -2.38 17.67
CA ILE A 101 4.51 -3.04 16.45
C ILE A 101 3.50 -4.09 16.00
N GLU A 102 3.17 -5.01 16.91
CA GLU A 102 2.24 -6.08 16.58
C GLU A 102 0.84 -5.53 16.30
N LYS A 103 0.47 -4.45 17.00
CA LYS A 103 -0.80 -3.80 16.77
C LYS A 103 -0.90 -3.32 15.33
N TYR A 104 0.14 -2.64 14.87
CA TYR A 104 0.14 -2.08 13.53
C TYR A 104 0.30 -3.17 12.49
N ILE A 105 1.02 -4.23 12.83
CA ILE A 105 1.10 -5.40 11.97
C ILE A 105 -0.32 -5.96 11.76
N SER A 106 -1.08 -6.03 12.84
CA SER A 106 -2.46 -6.49 12.78
C SER A 106 -3.32 -5.50 12.00
N ASP A 107 -3.03 -4.21 12.18
CA ASP A 107 -3.75 -3.15 11.47
C ASP A 107 -3.49 -3.22 9.97
N ILE A 108 -2.28 -3.61 9.60
CA ILE A 108 -1.93 -3.80 8.21
C ILE A 108 -2.57 -5.09 7.68
N ASP A 109 -2.69 -6.08 8.54
CA ASP A 109 -3.26 -7.37 8.16
C ASP A 109 -4.74 -7.19 7.92
N SER A 110 -5.38 -6.50 8.84
CA SER A 110 -6.78 -6.18 8.73
C SER A 110 -7.02 -5.28 7.51
N TYR A 111 -6.08 -4.37 7.29
CA TYR A 111 -6.15 -3.44 6.17
C TYR A 111 -6.15 -4.20 4.86
N VAL A 112 -5.10 -4.98 4.69
CA VAL A 112 -4.88 -5.76 3.51
C VAL A 112 -6.04 -6.73 3.30
N LYS A 113 -6.57 -7.27 4.39
CA LYS A 113 -7.70 -8.19 4.33
C LYS A 113 -8.93 -7.52 3.72
N SER A 114 -9.20 -6.28 4.12
CA SER A 114 -10.36 -5.56 3.60
C SER A 114 -10.14 -5.10 2.16
N LEU A 115 -8.88 -4.89 1.78
CA LEU A 115 -8.56 -4.43 0.44
C LEU A 115 -8.39 -5.60 -0.53
N LEU A 116 -8.28 -6.81 0.02
CA LEU A 116 -8.18 -8.00 -0.81
C LEU A 116 -9.56 -8.62 -1.00
N MET A 1 0.76 25.63 -25.11
CA MET A 1 1.16 26.80 -24.30
C MET A 1 1.99 26.38 -23.09
N GLN A 2 1.50 25.39 -22.36
CA GLN A 2 2.17 24.96 -21.12
C GLN A 2 3.42 24.14 -21.40
N GLU A 3 3.58 23.67 -22.63
CA GLU A 3 4.76 22.90 -23.00
C GLU A 3 5.92 23.83 -23.32
N ALA A 4 5.79 24.57 -24.40
CA ALA A 4 6.78 25.56 -24.76
C ALA A 4 6.46 26.90 -24.10
N VAL A 5 6.29 26.84 -22.79
CA VAL A 5 5.92 28.01 -22.01
C VAL A 5 7.16 28.78 -21.60
N LEU A 6 6.98 30.07 -21.33
CA LEU A 6 8.06 30.90 -20.81
C LEU A 6 8.62 30.27 -19.54
N GLN A 7 7.72 29.92 -18.63
CA GLN A 7 8.05 29.23 -17.38
C GLN A 7 6.81 29.14 -16.53
N LEU A 8 6.09 30.25 -16.46
CA LEU A 8 4.86 30.36 -15.69
C LEU A 8 5.16 30.23 -14.20
N ILE A 9 5.25 28.99 -13.73
CA ILE A 9 5.53 28.72 -12.32
C ILE A 9 6.44 27.52 -12.20
N GLU A 10 6.84 26.96 -13.35
CA GLU A 10 7.74 25.80 -13.42
C GLU A 10 7.06 24.50 -12.98
N VAL A 11 5.97 24.61 -12.24
CA VAL A 11 5.30 23.43 -11.70
C VAL A 11 4.21 22.96 -12.64
N GLN A 12 3.23 23.82 -12.88
CA GLN A 12 2.16 23.59 -13.83
C GLN A 12 1.25 22.42 -13.42
N LEU A 13 1.51 21.85 -12.25
CA LEU A 13 0.74 20.71 -11.75
C LEU A 13 1.05 20.45 -10.28
N ALA A 14 2.34 20.42 -9.96
CA ALA A 14 2.78 20.19 -8.58
C ALA A 14 2.37 21.33 -7.65
N GLN A 15 2.03 22.46 -8.24
CA GLN A 15 1.54 23.62 -7.50
C GLN A 15 0.52 24.34 -8.34
N GLU A 16 -0.55 24.82 -7.70
CA GLU A 16 -1.67 25.44 -8.38
C GLU A 16 -2.37 24.44 -9.30
N GLU A 17 -3.33 24.94 -10.06
CA GLU A 17 -4.17 24.11 -10.92
C GLU A 17 -4.87 23.00 -10.14
N VAL A 18 -5.06 23.24 -8.82
CA VAL A 18 -5.57 22.25 -7.87
C VAL A 18 -5.10 20.82 -8.19
N THR A 19 -5.96 19.84 -7.94
CA THR A 19 -5.65 18.47 -8.29
C THR A 19 -6.81 17.80 -9.02
N GLU A 20 -7.91 18.54 -9.15
CA GLU A 20 -9.14 18.04 -9.77
C GLU A 20 -9.76 16.91 -8.95
N SER A 21 -9.27 15.70 -9.15
CA SER A 21 -9.78 14.54 -8.46
C SER A 21 -9.21 14.43 -7.04
N PRO A 22 -10.08 14.54 -6.02
CA PRO A 22 -9.69 14.37 -4.62
C PRO A 22 -9.48 12.90 -4.26
N LEU A 23 -8.27 12.40 -4.53
CA LEU A 23 -7.91 11.01 -4.27
C LEU A 23 -8.86 10.07 -5.01
N GLY A 24 -9.37 9.08 -4.30
CA GLY A 24 -10.26 8.13 -4.91
C GLY A 24 -11.47 7.82 -4.04
N GLY A 25 -11.22 7.27 -2.86
CA GLY A 25 -12.30 6.89 -1.97
C GLY A 25 -12.75 5.47 -2.26
N ASP A 26 -12.31 4.97 -3.41
CA ASP A 26 -12.56 3.61 -3.83
C ASP A 26 -11.24 2.97 -4.21
N GLU A 27 -10.29 3.10 -3.29
CA GLU A 27 -8.91 2.66 -3.51
C GLU A 27 -8.85 1.19 -3.93
N ASN A 28 -9.76 0.37 -3.42
CA ASN A 28 -9.82 -1.03 -3.78
C ASN A 28 -10.11 -1.20 -5.26
N ALA A 29 -11.05 -0.41 -5.77
CA ALA A 29 -11.42 -0.47 -7.17
C ALA A 29 -10.30 0.08 -8.05
N GLN A 30 -9.66 1.15 -7.58
CA GLN A 30 -8.54 1.73 -8.28
C GLN A 30 -7.39 0.73 -8.37
N LEU A 31 -7.09 0.09 -7.25
CA LEU A 31 -6.01 -0.88 -7.17
C LEU A 31 -6.36 -2.13 -7.99
N HIS A 32 -7.64 -2.45 -8.02
CA HIS A 32 -8.13 -3.60 -8.81
C HIS A 32 -8.04 -3.31 -10.30
N ALA A 33 -8.59 -2.17 -10.72
CA ALA A 33 -8.68 -1.83 -12.14
C ALA A 33 -7.31 -1.54 -12.73
N SER A 34 -6.37 -1.08 -11.91
CA SER A 34 -5.04 -0.73 -12.39
C SER A 34 -4.17 -1.96 -12.61
N GLY A 35 -4.71 -3.14 -12.31
CA GLY A 35 -4.02 -4.37 -12.64
C GLY A 35 -3.05 -4.84 -11.58
N TYR A 36 -2.44 -3.92 -10.84
CA TYR A 36 -1.44 -4.28 -9.85
C TYR A 36 -2.06 -4.93 -8.61
N TYR A 37 -3.36 -5.22 -8.70
CA TYR A 37 -4.05 -6.01 -7.69
C TYR A 37 -3.42 -7.42 -7.64
N ALA A 38 -2.96 -7.88 -8.80
CA ALA A 38 -2.30 -9.18 -8.89
C ALA A 38 -1.05 -9.20 -8.02
N LEU A 39 -0.28 -8.12 -8.07
CA LEU A 39 0.93 -8.00 -7.24
C LEU A 39 0.53 -7.76 -5.80
N PHE A 40 -0.60 -7.09 -5.62
CA PHE A 40 -1.14 -6.82 -4.30
C PHE A 40 -1.45 -8.12 -3.55
N VAL A 41 -1.98 -9.10 -4.26
CA VAL A 41 -2.29 -10.39 -3.67
C VAL A 41 -1.14 -11.37 -3.83
N ASP A 42 -0.05 -10.90 -4.43
CA ASP A 42 1.11 -11.75 -4.68
C ASP A 42 2.11 -11.67 -3.53
N THR A 43 2.63 -10.48 -3.28
CA THR A 43 3.67 -10.32 -2.28
C THR A 43 3.13 -9.67 -0.99
N VAL A 44 2.18 -8.75 -1.11
CA VAL A 44 1.77 -7.92 0.03
C VAL A 44 1.29 -8.76 1.23
N PRO A 45 0.30 -9.66 1.08
CA PRO A 45 -0.19 -10.47 2.20
C PRO A 45 0.91 -11.35 2.79
N ASP A 46 1.73 -11.92 1.91
CA ASP A 46 2.85 -12.75 2.35
C ASP A 46 3.87 -11.94 3.11
N ASP A 47 4.11 -10.72 2.63
CA ASP A 47 5.02 -9.78 3.27
C ASP A 47 4.55 -9.47 4.69
N VAL A 48 3.24 -9.32 4.83
CA VAL A 48 2.64 -9.11 6.15
C VAL A 48 2.85 -10.34 7.04
N LYS A 49 2.66 -11.52 6.45
CA LYS A 49 2.87 -12.78 7.17
C LYS A 49 4.32 -12.91 7.61
N ARG A 50 5.24 -12.49 6.76
CA ARG A 50 6.66 -12.51 7.08
C ARG A 50 6.97 -11.47 8.15
N LEU A 51 6.27 -10.33 8.08
CA LEU A 51 6.37 -9.32 9.13
C LEU A 51 5.95 -9.93 10.47
N TYR A 52 4.89 -10.73 10.44
CA TYR A 52 4.44 -11.49 11.61
C TYR A 52 5.58 -12.39 12.11
N THR A 53 6.26 -13.03 11.16
CA THR A 53 7.31 -13.98 11.48
C THR A 53 8.50 -13.29 12.15
N GLU A 54 8.93 -12.16 11.61
CA GLU A 54 10.07 -11.42 12.17
C GLU A 54 9.69 -10.78 13.50
N ALA A 55 8.40 -10.47 13.66
CA ALA A 55 7.89 -9.90 14.90
C ALA A 55 7.90 -10.94 16.00
N ALA A 56 7.66 -12.20 15.62
CA ALA A 56 7.66 -13.31 16.57
C ALA A 56 9.05 -13.51 17.18
N THR A 57 10.09 -13.20 16.41
CA THR A 57 11.45 -13.31 16.89
C THR A 57 11.91 -12.01 17.54
N SER A 58 11.07 -10.97 17.42
CA SER A 58 11.37 -9.64 17.94
C SER A 58 12.66 -9.11 17.32
N ASP A 59 12.89 -9.49 16.07
CA ASP A 59 14.04 -9.02 15.33
C ASP A 59 13.71 -7.68 14.71
N PHE A 60 13.73 -6.65 15.54
CA PHE A 60 13.39 -5.29 15.11
C PHE A 60 14.20 -4.83 13.91
N ALA A 61 15.42 -5.33 13.76
CA ALA A 61 16.24 -5.03 12.60
C ALA A 61 15.56 -5.54 11.33
N ALA A 62 15.03 -6.75 11.43
CA ALA A 62 14.38 -7.39 10.29
C ALA A 62 12.97 -6.85 10.13
N LEU A 63 12.36 -6.55 11.27
CA LEU A 63 11.05 -5.92 11.29
C LEU A 63 11.10 -4.60 10.54
N ALA A 64 12.13 -3.81 10.82
CA ALA A 64 12.31 -2.52 10.16
C ALA A 64 12.58 -2.69 8.68
N GLN A 65 13.40 -3.67 8.33
CA GLN A 65 13.70 -3.95 6.92
C GLN A 65 12.45 -4.41 6.17
N THR A 66 11.63 -5.23 6.81
CA THR A 66 10.40 -5.69 6.19
C THR A 66 9.34 -4.57 6.16
N ALA A 67 9.30 -3.77 7.21
CA ALA A 67 8.44 -2.59 7.22
C ALA A 67 8.88 -1.61 6.15
N HIS A 68 10.20 -1.55 5.94
CA HIS A 68 10.79 -0.77 4.86
C HIS A 68 10.27 -1.24 3.52
N ARG A 69 10.22 -2.55 3.36
CA ARG A 69 9.70 -3.16 2.13
C ARG A 69 8.22 -2.85 1.95
N LEU A 70 7.46 -2.98 3.03
CA LEU A 70 6.02 -2.75 3.00
C LEU A 70 5.72 -1.28 2.72
N LYS A 71 6.51 -0.41 3.33
CA LYS A 71 6.40 1.02 3.09
C LYS A 71 6.74 1.32 1.63
N GLY A 72 7.75 0.62 1.12
CA GLY A 72 8.19 0.82 -0.25
C GLY A 72 7.17 0.34 -1.27
N VAL A 73 6.61 -0.85 -1.06
CA VAL A 73 5.63 -1.40 -1.99
C VAL A 73 4.36 -0.56 -2.02
N PHE A 74 3.91 -0.13 -0.84
CA PHE A 74 2.70 0.69 -0.76
C PHE A 74 2.94 2.05 -1.39
N ALA A 75 4.11 2.62 -1.14
CA ALA A 75 4.48 3.91 -1.74
C ALA A 75 4.61 3.78 -3.26
N MET A 76 5.10 2.64 -3.71
CA MET A 76 5.26 2.35 -5.13
C MET A 76 3.91 2.40 -5.84
N LEU A 77 2.93 1.75 -5.25
CA LEU A 77 1.59 1.71 -5.83
C LEU A 77 0.77 2.93 -5.40
N ASN A 78 1.35 3.73 -4.51
CA ASN A 78 0.77 4.99 -4.03
C ASN A 78 -0.44 4.73 -3.14
N LEU A 79 -0.37 3.65 -2.39
CA LEU A 79 -1.38 3.35 -1.39
C LEU A 79 -1.05 4.09 -0.10
N VAL A 80 -1.45 5.36 -0.06
CA VAL A 80 -1.16 6.24 1.07
C VAL A 80 -1.51 5.61 2.43
N PRO A 81 -2.76 5.14 2.63
CA PRO A 81 -3.16 4.54 3.91
C PRO A 81 -2.24 3.40 4.34
N GLY A 82 -1.90 2.54 3.39
CA GLY A 82 -1.01 1.42 3.68
C GLY A 82 0.38 1.89 4.05
N LYS A 83 0.94 2.78 3.26
CA LYS A 83 2.28 3.30 3.51
C LYS A 83 2.32 4.09 4.82
N GLN A 84 1.25 4.81 5.10
CA GLN A 84 1.12 5.56 6.35
C GLN A 84 1.15 4.61 7.54
N LEU A 85 0.52 3.45 7.36
CA LEU A 85 0.52 2.43 8.39
C LEU A 85 1.95 1.94 8.63
N CYS A 86 2.68 1.69 7.55
CA CYS A 86 4.06 1.23 7.62
C CYS A 86 4.96 2.27 8.28
N GLU A 87 4.77 3.54 7.92
CA GLU A 87 5.54 4.64 8.51
C GLU A 87 5.37 4.66 10.03
N THR A 88 4.12 4.59 10.47
CA THR A 88 3.81 4.57 11.89
C THR A 88 4.33 3.30 12.56
N LEU A 89 4.27 2.19 11.83
CA LEU A 89 4.82 0.93 12.31
C LEU A 89 6.32 1.02 12.51
N GLU A 90 7.00 1.63 11.54
CA GLU A 90 8.45 1.83 11.63
C GLU A 90 8.79 2.67 12.84
N HIS A 91 7.93 3.65 13.13
CA HIS A 91 8.06 4.46 14.33
C HIS A 91 8.00 3.59 15.58
N LEU A 92 7.02 2.69 15.61
CA LEU A 92 6.84 1.78 16.73
C LEU A 92 8.02 0.83 16.85
N ILE A 93 8.60 0.47 15.71
CA ILE A 93 9.74 -0.45 15.69
C ILE A 93 10.99 0.28 16.16
N ARG A 94 11.08 1.55 15.77
CA ARG A 94 12.21 2.39 16.14
C ARG A 94 12.26 2.59 17.65
N GLU A 95 11.10 2.68 18.28
CA GLU A 95 11.03 2.85 19.73
C GLU A 95 10.93 1.51 20.43
N LYS A 96 10.90 0.43 19.63
CA LYS A 96 10.85 -0.94 20.13
C LYS A 96 9.61 -1.19 20.98
N ASP A 97 8.49 -0.60 20.57
CA ASP A 97 7.23 -0.81 21.25
C ASP A 97 6.53 -2.04 20.68
N VAL A 98 6.91 -3.21 21.19
CA VAL A 98 6.40 -4.49 20.70
C VAL A 98 4.85 -4.53 20.65
N PRO A 99 4.15 -4.20 21.75
CA PRO A 99 2.67 -4.22 21.77
C PRO A 99 2.06 -3.36 20.66
N GLY A 100 2.63 -2.18 20.45
CA GLY A 100 2.16 -1.30 19.40
C GLY A 100 2.43 -1.87 18.02
N ILE A 101 3.60 -2.49 17.87
CA ILE A 101 3.99 -3.10 16.61
C ILE A 101 3.02 -4.20 16.23
N GLU A 102 2.82 -5.16 17.13
CA GLU A 102 1.94 -6.30 16.85
C GLU A 102 0.51 -5.82 16.60
N LYS A 103 0.10 -4.79 17.34
CA LYS A 103 -1.21 -4.21 17.16
C LYS A 103 -1.36 -3.63 15.75
N TYR A 104 -0.39 -2.85 15.34
CA TYR A 104 -0.43 -2.20 14.04
C TYR A 104 -0.20 -3.19 12.91
N ILE A 105 0.60 -4.22 13.16
CA ILE A 105 0.77 -5.29 12.18
C ILE A 105 -0.56 -6.01 11.93
N SER A 106 -1.28 -6.31 13.00
CA SER A 106 -2.59 -6.92 12.88
C SER A 106 -3.56 -5.97 12.18
N ASP A 107 -3.37 -4.68 12.39
CA ASP A 107 -4.19 -3.65 11.76
C ASP A 107 -3.86 -3.52 10.28
N ILE A 108 -2.58 -3.72 9.94
CA ILE A 108 -2.16 -3.71 8.55
C ILE A 108 -2.67 -4.95 7.83
N ASP A 109 -2.81 -6.05 8.58
CA ASP A 109 -3.27 -7.31 8.03
C ASP A 109 -4.76 -7.21 7.76
N SER A 110 -5.47 -6.61 8.70
CA SER A 110 -6.89 -6.39 8.55
C SER A 110 -7.15 -5.37 7.45
N TYR A 111 -6.21 -4.43 7.31
CA TYR A 111 -6.26 -3.42 6.24
C TYR A 111 -6.33 -4.10 4.90
N VAL A 112 -5.33 -4.91 4.68
CA VAL A 112 -5.14 -5.62 3.44
C VAL A 112 -6.28 -6.61 3.20
N LYS A 113 -6.83 -7.14 4.28
CA LYS A 113 -7.96 -8.07 4.19
C LYS A 113 -9.23 -7.36 3.75
N SER A 114 -9.43 -6.12 4.19
CA SER A 114 -10.58 -5.35 3.74
C SER A 114 -10.38 -4.90 2.30
N LEU A 115 -9.12 -4.77 1.89
CA LEU A 115 -8.80 -4.45 0.51
C LEU A 115 -8.86 -5.70 -0.37
N LEU A 116 -8.80 -6.85 0.27
CA LEU A 116 -8.88 -8.14 -0.43
C LEU A 116 -10.34 -8.52 -0.71
N MET A 1 30.79 4.92 -28.32
CA MET A 1 31.23 4.45 -26.98
C MET A 1 32.06 5.52 -26.27
N GLN A 2 33.16 5.94 -26.91
CA GLN A 2 34.06 6.92 -26.29
C GLN A 2 33.48 8.32 -26.35
N GLU A 3 33.15 8.78 -27.55
CA GLU A 3 32.59 10.11 -27.75
C GLU A 3 31.22 10.22 -27.07
N ALA A 4 30.26 9.44 -27.56
CA ALA A 4 28.92 9.46 -26.99
C ALA A 4 28.84 8.59 -25.74
N VAL A 5 29.56 9.01 -24.71
CA VAL A 5 29.57 8.29 -23.45
C VAL A 5 28.25 8.51 -22.70
N LEU A 6 27.91 7.58 -21.83
CA LEU A 6 26.67 7.66 -21.06
C LEU A 6 26.72 8.85 -20.10
N GLN A 7 25.63 9.60 -20.05
CA GLN A 7 25.57 10.76 -19.18
C GLN A 7 24.75 10.46 -17.95
N LEU A 8 24.82 11.36 -16.97
CA LEU A 8 24.00 11.23 -15.78
C LEU A 8 23.11 12.47 -15.63
N ILE A 9 23.67 13.63 -15.92
CA ILE A 9 22.93 14.89 -15.81
C ILE A 9 22.20 15.19 -17.12
N GLU A 10 21.60 14.16 -17.70
CA GLU A 10 20.78 14.33 -18.90
C GLU A 10 19.44 14.91 -18.49
N VAL A 11 19.06 14.65 -17.24
CA VAL A 11 17.85 15.19 -16.65
C VAL A 11 18.08 15.42 -15.17
N GLN A 12 18.63 14.40 -14.52
CA GLN A 12 19.08 14.47 -13.13
C GLN A 12 17.97 14.95 -12.18
N LEU A 13 18.18 16.13 -11.61
CA LEU A 13 17.32 16.64 -10.55
C LEU A 13 16.02 17.21 -11.11
N ALA A 14 15.91 17.23 -12.43
CA ALA A 14 14.71 17.75 -13.07
C ALA A 14 13.74 16.62 -13.39
N GLN A 15 14.13 15.40 -13.08
CA GLN A 15 13.29 14.24 -13.39
C GLN A 15 13.32 13.23 -12.24
N GLU A 16 13.05 13.71 -11.03
CA GLU A 16 12.99 12.86 -9.86
C GLU A 16 12.08 13.45 -8.81
N GLU A 17 12.04 12.80 -7.65
CA GLU A 17 11.23 13.24 -6.52
C GLU A 17 9.75 13.42 -6.91
N VAL A 18 9.08 14.36 -6.23
CA VAL A 18 7.68 14.73 -6.48
C VAL A 18 6.78 13.54 -6.77
N THR A 19 6.87 12.52 -5.93
CA THR A 19 6.08 11.30 -6.08
C THR A 19 4.66 11.50 -5.57
N GLU A 20 3.94 12.43 -6.17
CA GLU A 20 2.58 12.74 -5.75
C GLU A 20 1.57 12.34 -6.81
N SER A 21 0.44 11.80 -6.37
CA SER A 21 -0.62 11.40 -7.28
C SER A 21 -1.93 11.24 -6.52
N PRO A 22 -2.96 12.04 -6.89
CA PRO A 22 -4.30 11.94 -6.30
C PRO A 22 -4.93 10.58 -6.51
N LEU A 23 -5.49 10.05 -5.45
CA LEU A 23 -6.11 8.74 -5.47
C LEU A 23 -7.56 8.83 -5.91
N GLY A 24 -8.03 7.76 -6.52
CA GLY A 24 -9.42 7.70 -6.96
C GLY A 24 -10.38 7.68 -5.78
N GLY A 25 -9.85 7.47 -4.58
CA GLY A 25 -10.68 7.47 -3.40
C GLY A 25 -11.21 6.09 -3.08
N ASP A 26 -10.68 5.10 -3.78
CA ASP A 26 -11.07 3.72 -3.60
C ASP A 26 -9.88 2.83 -3.83
N GLU A 27 -9.28 2.38 -2.74
CA GLU A 27 -8.06 1.59 -2.82
C GLU A 27 -8.29 0.27 -3.56
N ASN A 28 -9.46 -0.32 -3.35
CA ASN A 28 -9.82 -1.57 -4.03
C ASN A 28 -9.92 -1.34 -5.54
N ALA A 29 -10.62 -0.27 -5.93
CA ALA A 29 -10.76 0.08 -7.34
C ALA A 29 -9.40 0.42 -7.95
N GLN A 30 -8.60 1.17 -7.18
CA GLN A 30 -7.25 1.53 -7.59
C GLN A 30 -6.44 0.27 -7.87
N LEU A 31 -6.38 -0.61 -6.88
CA LEU A 31 -5.66 -1.87 -6.99
C LEU A 31 -6.08 -2.65 -8.24
N HIS A 32 -7.39 -2.77 -8.41
CA HIS A 32 -7.95 -3.56 -9.50
C HIS A 32 -7.62 -2.96 -10.86
N ALA A 33 -8.01 -1.71 -11.05
CA ALA A 33 -7.95 -1.07 -12.38
C ALA A 33 -6.52 -0.87 -12.86
N SER A 34 -5.58 -0.62 -11.95
CA SER A 34 -4.20 -0.37 -12.34
C SER A 34 -3.49 -1.67 -12.67
N GLY A 35 -4.07 -2.79 -12.28
CA GLY A 35 -3.44 -4.07 -12.46
C GLY A 35 -2.42 -4.37 -11.39
N TYR A 36 -2.36 -3.47 -10.41
CA TYR A 36 -1.42 -3.60 -9.29
C TYR A 36 -1.96 -4.57 -8.26
N TYR A 37 -3.20 -5.01 -8.45
CA TYR A 37 -3.80 -6.00 -7.56
C TYR A 37 -2.95 -7.26 -7.52
N ALA A 38 -2.34 -7.59 -8.65
CA ALA A 38 -1.43 -8.73 -8.73
C ALA A 38 -0.27 -8.56 -7.76
N LEU A 39 0.31 -7.37 -7.75
CA LEU A 39 1.42 -7.06 -6.84
C LEU A 39 0.92 -7.04 -5.40
N PHE A 40 -0.28 -6.49 -5.23
CA PHE A 40 -0.92 -6.38 -3.93
C PHE A 40 -1.12 -7.74 -3.27
N VAL A 41 -1.53 -8.74 -4.05
CA VAL A 41 -1.77 -10.06 -3.50
C VAL A 41 -0.57 -10.98 -3.68
N ASP A 42 0.54 -10.43 -4.16
CA ASP A 42 1.74 -11.22 -4.37
C ASP A 42 2.68 -11.13 -3.17
N THR A 43 3.28 -9.95 -2.99
CA THR A 43 4.29 -9.79 -1.95
C THR A 43 3.68 -9.32 -0.63
N VAL A 44 2.62 -8.51 -0.70
CA VAL A 44 2.08 -7.86 0.49
C VAL A 44 1.63 -8.86 1.58
N PRO A 45 0.73 -9.81 1.26
CA PRO A 45 0.24 -10.79 2.26
C PRO A 45 1.37 -11.59 2.89
N ASP A 46 2.35 -11.96 2.08
CA ASP A 46 3.49 -12.74 2.56
C ASP A 46 4.45 -11.86 3.35
N ASP A 47 4.55 -10.60 2.97
CA ASP A 47 5.37 -9.64 3.70
C ASP A 47 4.78 -9.36 5.07
N VAL A 48 3.45 -9.33 5.13
CA VAL A 48 2.74 -9.20 6.41
C VAL A 48 2.99 -10.44 7.26
N LYS A 49 2.89 -11.61 6.63
CA LYS A 49 3.21 -12.87 7.27
C LYS A 49 4.64 -12.85 7.79
N ARG A 50 5.54 -12.26 7.00
CA ARG A 50 6.94 -12.11 7.37
C ARG A 50 7.07 -11.19 8.57
N LEU A 51 6.41 -10.03 8.50
CA LEU A 51 6.39 -9.08 9.62
C LEU A 51 6.00 -9.81 10.90
N TYR A 52 4.95 -10.63 10.81
CA TYR A 52 4.49 -11.43 11.94
C TYR A 52 5.58 -12.40 12.41
N THR A 53 6.24 -13.04 11.44
CA THR A 53 7.26 -14.03 11.74
C THR A 53 8.50 -13.39 12.38
N GLU A 54 8.96 -12.28 11.82
CA GLU A 54 10.14 -11.60 12.34
C GLU A 54 9.84 -10.98 13.71
N ALA A 55 8.57 -10.63 13.92
CA ALA A 55 8.13 -10.09 15.21
C ALA A 55 8.18 -11.18 16.28
N ALA A 56 7.82 -12.40 15.90
CA ALA A 56 7.85 -13.52 16.83
C ALA A 56 9.27 -13.79 17.33
N THR A 57 10.26 -13.51 16.48
CA THR A 57 11.66 -13.71 16.86
C THR A 57 12.26 -12.44 17.45
N SER A 58 11.51 -11.34 17.37
CA SER A 58 11.95 -10.02 17.80
C SER A 58 13.17 -9.58 16.99
N ASP A 59 13.19 -9.97 15.73
CA ASP A 59 14.25 -9.57 14.83
C ASP A 59 13.89 -8.24 14.20
N PHE A 60 13.99 -7.19 15.00
CA PHE A 60 13.58 -5.84 14.58
C PHE A 60 14.36 -5.33 13.37
N ALA A 61 15.53 -5.90 13.12
CA ALA A 61 16.27 -5.55 11.90
C ALA A 61 15.53 -6.07 10.68
N ALA A 62 15.00 -7.29 10.79
CA ALA A 62 14.28 -7.91 9.71
C ALA A 62 12.86 -7.35 9.66
N LEU A 63 12.35 -6.99 10.84
CA LEU A 63 11.07 -6.31 10.95
C LEU A 63 11.10 -5.00 10.19
N ALA A 64 12.17 -4.24 10.38
CA ALA A 64 12.35 -2.98 9.66
C ALA A 64 12.47 -3.23 8.16
N GLN A 65 13.18 -4.30 7.81
CA GLN A 65 13.33 -4.68 6.40
C GLN A 65 11.98 -4.90 5.73
N THR A 66 11.11 -5.65 6.41
CA THR A 66 9.79 -5.95 5.88
C THR A 66 8.88 -4.74 5.92
N ALA A 67 8.95 -3.99 7.02
CA ALA A 67 8.18 -2.76 7.16
C ALA A 67 8.52 -1.78 6.05
N HIS A 68 9.82 -1.59 5.83
CA HIS A 68 10.32 -0.72 4.77
C HIS A 68 9.78 -1.18 3.42
N ARG A 69 9.82 -2.48 3.19
CA ARG A 69 9.34 -3.07 1.94
C ARG A 69 7.85 -2.80 1.77
N LEU A 70 7.10 -2.90 2.87
CA LEU A 70 5.66 -2.67 2.83
C LEU A 70 5.36 -1.20 2.48
N LYS A 71 6.13 -0.27 3.05
CA LYS A 71 5.99 1.13 2.68
C LYS A 71 6.16 1.29 1.17
N GLY A 72 7.21 0.69 0.65
CA GLY A 72 7.53 0.81 -0.76
C GLY A 72 6.45 0.24 -1.66
N VAL A 73 5.94 -0.94 -1.34
CA VAL A 73 4.94 -1.59 -2.18
C VAL A 73 3.57 -0.91 -2.01
N PHE A 74 3.25 -0.49 -0.80
CA PHE A 74 1.99 0.21 -0.57
C PHE A 74 2.04 1.57 -1.26
N ALA A 75 3.18 2.26 -1.14
CA ALA A 75 3.37 3.52 -1.85
C ALA A 75 3.41 3.30 -3.36
N MET A 76 3.82 2.10 -3.74
CA MET A 76 3.85 1.70 -5.15
C MET A 76 2.44 1.71 -5.73
N LEU A 77 1.49 1.15 -4.99
CA LEU A 77 0.09 1.18 -5.41
C LEU A 77 -0.59 2.48 -4.96
N ASN A 78 0.15 3.25 -4.16
CA ASN A 78 -0.32 4.55 -3.63
C ASN A 78 -1.37 4.33 -2.56
N LEU A 79 -1.14 3.32 -1.75
CA LEU A 79 -1.98 3.01 -0.60
C LEU A 79 -1.53 3.84 0.60
N VAL A 80 -1.87 5.13 0.57
CA VAL A 80 -1.40 6.09 1.56
C VAL A 80 -1.62 5.62 3.01
N PRO A 81 -2.87 5.33 3.43
CA PRO A 81 -3.16 4.93 4.82
C PRO A 81 -2.34 3.71 5.26
N GLY A 82 -2.25 2.71 4.38
CA GLY A 82 -1.48 1.52 4.70
C GLY A 82 0.00 1.82 4.81
N LYS A 83 0.51 2.56 3.85
CA LYS A 83 1.92 2.93 3.83
C LYS A 83 2.25 3.78 5.06
N GLN A 84 1.36 4.70 5.38
CA GLN A 84 1.50 5.55 6.56
C GLN A 84 1.62 4.70 7.82
N LEU A 85 0.82 3.65 7.89
CA LEU A 85 0.89 2.70 9.00
C LEU A 85 2.28 2.09 9.07
N CYS A 86 2.81 1.73 7.91
CA CYS A 86 4.14 1.12 7.82
C CYS A 86 5.25 2.09 8.24
N GLU A 87 5.07 3.37 7.93
CA GLU A 87 6.04 4.39 8.33
C GLU A 87 6.05 4.55 9.84
N THR A 88 4.86 4.68 10.41
CA THR A 88 4.71 4.75 11.86
C THR A 88 5.18 3.47 12.52
N LEU A 89 5.01 2.34 11.81
CA LEU A 89 5.50 1.06 12.28
C LEU A 89 7.02 1.07 12.39
N GLU A 90 7.68 1.66 11.40
CA GLU A 90 9.12 1.81 11.42
C GLU A 90 9.55 2.57 12.67
N HIS A 91 8.84 3.65 12.96
CA HIS A 91 9.08 4.42 14.19
C HIS A 91 8.81 3.54 15.41
N LEU A 92 7.69 2.85 15.42
CA LEU A 92 7.33 1.98 16.53
C LEU A 92 8.36 0.87 16.74
N ILE A 93 8.96 0.42 15.64
CA ILE A 93 9.99 -0.61 15.72
C ILE A 93 11.27 -0.01 16.29
N ARG A 94 11.60 1.19 15.84
CA ARG A 94 12.77 1.91 16.34
C ARG A 94 12.60 2.26 17.82
N GLU A 95 11.35 2.46 18.22
CA GLU A 95 11.00 2.78 19.59
C GLU A 95 10.86 1.50 20.42
N LYS A 96 10.68 0.38 19.72
CA LYS A 96 10.41 -0.91 20.33
C LYS A 96 9.09 -0.90 21.09
N ASP A 97 8.09 -0.25 20.49
CA ASP A 97 6.75 -0.23 21.03
C ASP A 97 6.02 -1.49 20.59
N VAL A 98 6.33 -2.60 21.27
CA VAL A 98 5.83 -3.91 20.89
C VAL A 98 4.31 -3.93 20.67
N PRO A 99 3.50 -3.50 21.66
CA PRO A 99 2.04 -3.47 21.51
C PRO A 99 1.59 -2.71 20.27
N GLY A 100 2.20 -1.55 20.04
CA GLY A 100 1.87 -0.75 18.88
C GLY A 100 2.26 -1.44 17.59
N ILE A 101 3.42 -2.10 17.59
CA ILE A 101 3.91 -2.80 16.42
C ILE A 101 2.91 -3.85 15.95
N GLU A 102 2.58 -4.80 16.84
CA GLU A 102 1.69 -5.89 16.47
C GLU A 102 0.30 -5.38 16.13
N LYS A 103 -0.16 -4.37 16.87
CA LYS A 103 -1.46 -3.77 16.62
C LYS A 103 -1.52 -3.13 15.24
N TYR A 104 -0.43 -2.51 14.84
CA TYR A 104 -0.36 -1.86 13.54
C TYR A 104 -0.35 -2.89 12.41
N ILE A 105 0.39 -3.98 12.62
CA ILE A 105 0.39 -5.07 11.65
C ILE A 105 -0.99 -5.72 11.58
N SER A 106 -1.71 -5.69 12.70
CA SER A 106 -3.08 -6.19 12.72
C SER A 106 -4.00 -5.28 11.90
N ASP A 107 -3.74 -3.98 11.96
CA ASP A 107 -4.52 -3.00 11.21
C ASP A 107 -4.19 -3.06 9.71
N ILE A 108 -2.95 -3.39 9.40
CA ILE A 108 -2.54 -3.61 8.01
C ILE A 108 -3.17 -4.90 7.49
N ASP A 109 -3.30 -5.87 8.38
CA ASP A 109 -3.83 -7.18 8.02
C ASP A 109 -5.31 -7.06 7.74
N SER A 110 -5.97 -6.23 8.54
CA SER A 110 -7.39 -5.97 8.38
C SER A 110 -7.62 -5.07 7.17
N TYR A 111 -6.63 -4.23 6.87
CA TYR A 111 -6.66 -3.38 5.67
C TYR A 111 -6.69 -4.26 4.44
N VAL A 112 -5.69 -5.10 4.36
CA VAL A 112 -5.55 -6.06 3.28
C VAL A 112 -6.78 -6.97 3.25
N LYS A 113 -7.29 -7.31 4.43
CA LYS A 113 -8.49 -8.12 4.58
C LYS A 113 -9.68 -7.50 3.86
N SER A 114 -9.86 -6.19 4.01
CA SER A 114 -11.01 -5.50 3.43
C SER A 114 -10.76 -5.17 1.96
N LEU A 115 -9.50 -5.18 1.56
CA LEU A 115 -9.14 -4.91 0.17
C LEU A 115 -9.18 -6.19 -0.67
N LEU A 116 -9.22 -7.33 0.01
CA LEU A 116 -9.37 -8.61 -0.68
C LEU A 116 -10.80 -8.76 -1.19
N MET A 1 2.11 -14.66 -19.27
CA MET A 1 2.76 -13.34 -19.48
C MET A 1 3.79 -13.07 -18.39
N GLN A 2 5.00 -13.59 -18.58
CA GLN A 2 6.09 -13.36 -17.64
C GLN A 2 7.40 -13.17 -18.39
N GLU A 3 7.72 -14.13 -19.25
CA GLU A 3 8.87 -14.03 -20.13
C GLU A 3 8.49 -13.22 -21.35
N ALA A 4 7.42 -13.64 -22.00
CA ALA A 4 6.86 -12.89 -23.12
C ALA A 4 5.80 -11.93 -22.58
N VAL A 5 6.28 -10.84 -21.99
CA VAL A 5 5.40 -9.87 -21.36
C VAL A 5 4.75 -8.96 -22.39
N LEU A 6 5.45 -8.75 -23.52
CA LEU A 6 4.97 -7.93 -24.63
C LEU A 6 4.59 -6.52 -24.15
N GLN A 7 3.31 -6.26 -23.98
CA GLN A 7 2.84 -4.94 -23.61
C GLN A 7 2.18 -4.94 -22.25
N LEU A 8 2.48 -3.90 -21.48
CA LEU A 8 1.82 -3.70 -20.19
C LEU A 8 0.33 -3.46 -20.38
N ILE A 9 0.01 -2.65 -21.39
CA ILE A 9 -1.36 -2.40 -21.80
C ILE A 9 -1.37 -1.93 -23.25
N GLU A 10 -2.16 -0.90 -23.53
CA GLU A 10 -2.27 -0.37 -24.89
C GLU A 10 -1.44 0.89 -25.04
N VAL A 11 -1.12 1.52 -23.90
CA VAL A 11 -0.39 2.77 -23.91
C VAL A 11 1.04 2.51 -23.53
N GLN A 12 1.82 2.02 -24.48
CA GLN A 12 3.22 1.68 -24.24
C GLN A 12 4.07 2.94 -24.21
N LEU A 13 3.72 3.86 -23.33
CA LEU A 13 4.46 5.10 -23.15
C LEU A 13 3.85 5.89 -22.00
N ALA A 14 2.95 6.80 -22.34
CA ALA A 14 2.30 7.64 -21.35
C ALA A 14 1.12 8.37 -21.97
N GLN A 15 0.06 8.50 -21.20
CA GLN A 15 -1.08 9.30 -21.60
C GLN A 15 -1.23 10.44 -20.61
N GLU A 16 -2.26 10.38 -19.79
CA GLU A 16 -2.40 11.30 -18.67
C GLU A 16 -2.12 10.57 -17.38
N GLU A 17 -2.40 11.20 -16.26
CA GLU A 17 -2.15 10.59 -14.96
C GLU A 17 -3.17 11.07 -13.95
N VAL A 18 -3.65 10.15 -13.13
CA VAL A 18 -4.60 10.50 -12.08
C VAL A 18 -3.86 10.86 -10.81
N THR A 19 -2.99 11.86 -10.91
CA THR A 19 -2.25 12.35 -9.76
C THR A 19 -3.16 13.16 -8.84
N GLU A 20 -3.94 14.05 -9.45
CA GLU A 20 -4.91 14.87 -8.73
C GLU A 20 -4.27 15.53 -7.51
N SER A 21 -4.99 15.51 -6.41
CA SER A 21 -4.44 15.95 -5.13
C SER A 21 -4.53 14.81 -4.11
N PRO A 22 -5.74 14.26 -3.87
CA PRO A 22 -5.90 13.06 -3.06
C PRO A 22 -6.06 11.82 -3.92
N LEU A 23 -6.57 10.75 -3.34
CA LEU A 23 -6.85 9.53 -4.09
C LEU A 23 -8.28 9.56 -4.60
N GLY A 24 -9.09 10.42 -4.01
CA GLY A 24 -10.48 10.54 -4.39
C GLY A 24 -11.33 9.50 -3.70
N GLY A 25 -11.08 8.24 -4.02
CA GLY A 25 -11.83 7.15 -3.44
C GLY A 25 -11.72 5.91 -4.28
N ASP A 26 -12.09 4.76 -3.70
CA ASP A 26 -12.05 3.48 -4.40
C ASP A 26 -10.61 3.14 -4.81
N GLU A 27 -9.70 3.25 -3.85
CA GLU A 27 -8.29 3.01 -4.10
C GLU A 27 -8.06 1.54 -4.49
N ASN A 28 -8.85 0.65 -3.91
CA ASN A 28 -8.78 -0.76 -4.24
C ASN A 28 -9.21 -0.99 -5.69
N ALA A 29 -10.14 -0.16 -6.16
CA ALA A 29 -10.59 -0.25 -7.54
C ALA A 29 -9.52 0.29 -8.48
N GLN A 30 -8.84 1.35 -8.04
CA GLN A 30 -7.75 1.94 -8.80
C GLN A 30 -6.61 0.95 -8.95
N LEU A 31 -6.23 0.32 -7.85
CA LEU A 31 -5.16 -0.67 -7.87
C LEU A 31 -5.59 -1.91 -8.66
N HIS A 32 -6.89 -2.21 -8.62
CA HIS A 32 -7.44 -3.32 -9.39
C HIS A 32 -7.36 -3.04 -10.88
N ALA A 33 -7.64 -1.79 -11.26
CA ALA A 33 -7.63 -1.39 -12.66
C ALA A 33 -6.20 -1.27 -13.20
N SER A 34 -5.30 -0.73 -12.38
CA SER A 34 -3.93 -0.49 -12.81
C SER A 34 -3.10 -1.79 -12.83
N GLY A 35 -3.75 -2.91 -12.56
CA GLY A 35 -3.09 -4.21 -12.64
C GLY A 35 -2.14 -4.46 -11.49
N TYR A 36 -2.34 -3.75 -10.39
CA TYR A 36 -1.46 -3.88 -9.23
C TYR A 36 -1.91 -5.04 -8.35
N TYR A 37 -3.11 -5.53 -8.61
CA TYR A 37 -3.69 -6.62 -7.83
C TYR A 37 -2.83 -7.87 -7.91
N ALA A 38 -2.16 -8.03 -9.05
CA ALA A 38 -1.28 -9.18 -9.28
C ALA A 38 -0.15 -9.21 -8.26
N LEU A 39 0.34 -8.03 -7.88
CA LEU A 39 1.39 -7.93 -6.87
C LEU A 39 0.78 -7.92 -5.47
N PHE A 40 -0.39 -7.30 -5.38
CA PHE A 40 -1.09 -7.11 -4.12
C PHE A 40 -1.34 -8.44 -3.40
N VAL A 41 -2.05 -9.34 -4.05
CA VAL A 41 -2.41 -10.61 -3.42
C VAL A 41 -1.28 -11.62 -3.51
N ASP A 42 -0.15 -11.19 -4.07
CA ASP A 42 0.96 -12.09 -4.30
C ASP A 42 1.99 -12.01 -3.18
N THR A 43 2.51 -10.82 -2.93
CA THR A 43 3.59 -10.67 -1.98
C THR A 43 3.14 -10.04 -0.67
N VAL A 44 2.14 -9.16 -0.71
CA VAL A 44 1.77 -8.37 0.46
C VAL A 44 1.36 -9.25 1.66
N PRO A 45 0.34 -10.11 1.54
CA PRO A 45 -0.10 -10.95 2.68
C PRO A 45 0.96 -11.96 3.12
N ASP A 46 1.79 -12.40 2.19
CA ASP A 46 2.88 -13.31 2.53
C ASP A 46 3.96 -12.58 3.31
N ASP A 47 4.26 -11.36 2.88
CA ASP A 47 5.26 -10.53 3.53
C ASP A 47 4.79 -10.09 4.91
N VAL A 48 3.52 -9.69 5.02
CA VAL A 48 2.97 -9.26 6.29
C VAL A 48 2.87 -10.43 7.27
N LYS A 49 2.64 -11.64 6.74
CA LYS A 49 2.63 -12.83 7.57
C LYS A 49 4.03 -13.07 8.13
N ARG A 50 5.03 -12.96 7.27
CA ARG A 50 6.41 -13.10 7.68
C ARG A 50 6.80 -11.99 8.64
N LEU A 51 6.29 -10.79 8.39
CA LEU A 51 6.47 -9.65 9.28
C LEU A 51 6.04 -10.01 10.69
N TYR A 52 4.87 -10.64 10.80
CA TYR A 52 4.35 -11.07 12.08
C TYR A 52 5.28 -12.13 12.70
N THR A 53 5.82 -12.99 11.84
CA THR A 53 6.73 -14.03 12.31
C THR A 53 8.01 -13.43 12.88
N GLU A 54 8.60 -12.49 12.16
CA GLU A 54 9.83 -11.84 12.59
C GLU A 54 9.57 -10.93 13.79
N ALA A 55 8.33 -10.45 13.90
CA ALA A 55 7.92 -9.63 15.04
C ALA A 55 7.92 -10.46 16.31
N ALA A 56 7.41 -11.67 16.21
CA ALA A 56 7.44 -12.61 17.33
C ALA A 56 8.87 -13.02 17.66
N THR A 57 9.74 -12.93 16.65
CA THR A 57 11.16 -13.20 16.81
C THR A 57 11.89 -11.99 17.40
N SER A 58 11.20 -10.86 17.45
CA SER A 58 11.74 -9.60 17.97
C SER A 58 12.92 -9.15 17.13
N ASP A 59 12.90 -9.52 15.86
CA ASP A 59 13.94 -9.10 14.94
C ASP A 59 13.60 -7.75 14.35
N PHE A 60 13.84 -6.71 15.14
CA PHE A 60 13.56 -5.34 14.75
C PHE A 60 14.34 -4.93 13.49
N ALA A 61 15.46 -5.58 13.24
CA ALA A 61 16.20 -5.34 12.01
C ALA A 61 15.40 -5.77 10.80
N ALA A 62 14.78 -6.94 10.92
CA ALA A 62 13.98 -7.50 9.83
C ALA A 62 12.64 -6.78 9.77
N LEU A 63 12.15 -6.41 10.94
CA LEU A 63 10.93 -5.62 11.05
C LEU A 63 11.07 -4.33 10.27
N ALA A 64 12.16 -3.61 10.53
CA ALA A 64 12.43 -2.35 9.84
C ALA A 64 12.55 -2.55 8.34
N GLN A 65 13.30 -3.58 7.93
CA GLN A 65 13.50 -3.87 6.52
C GLN A 65 12.17 -4.15 5.81
N THR A 66 11.34 -4.99 6.40
CA THR A 66 10.06 -5.33 5.80
C THR A 66 9.08 -4.17 5.91
N ALA A 67 9.28 -3.31 6.90
CA ALA A 67 8.48 -2.10 7.03
C ALA A 67 8.76 -1.16 5.88
N HIS A 68 10.03 -1.05 5.50
CA HIS A 68 10.42 -0.27 4.33
C HIS A 68 9.76 -0.86 3.09
N ARG A 69 9.82 -2.19 3.00
CA ARG A 69 9.20 -2.92 1.92
C ARG A 69 7.72 -2.58 1.81
N LEU A 70 7.03 -2.69 2.93
CA LEU A 70 5.58 -2.47 2.99
C LEU A 70 5.24 -1.01 2.71
N LYS A 71 6.05 -0.11 3.24
CA LYS A 71 5.88 1.32 3.00
C LYS A 71 6.03 1.62 1.51
N GLY A 72 7.06 1.03 0.91
CA GLY A 72 7.34 1.25 -0.49
C GLY A 72 6.28 0.69 -1.40
N VAL A 73 5.86 -0.55 -1.16
CA VAL A 73 4.87 -1.20 -2.02
C VAL A 73 3.51 -0.52 -1.92
N PHE A 74 3.11 -0.12 -0.71
CA PHE A 74 1.84 0.57 -0.53
C PHE A 74 1.88 1.94 -1.21
N ALA A 75 2.98 2.67 -1.01
CA ALA A 75 3.17 3.95 -1.68
C ALA A 75 3.22 3.76 -3.19
N MET A 76 3.70 2.59 -3.60
CA MET A 76 3.77 2.21 -5.01
C MET A 76 2.36 1.99 -5.56
N LEU A 77 1.52 1.32 -4.79
CA LEU A 77 0.13 1.08 -5.19
C LEU A 77 -0.71 2.33 -4.97
N ASN A 78 -0.09 3.36 -4.35
CA ASN A 78 -0.69 4.68 -4.12
C ASN A 78 -1.51 4.67 -2.84
N LEU A 79 -1.38 3.59 -2.08
CA LEU A 79 -2.10 3.41 -0.83
C LEU A 79 -1.46 4.22 0.28
N VAL A 80 -1.77 5.51 0.33
CA VAL A 80 -1.21 6.42 1.33
C VAL A 80 -1.47 5.94 2.76
N PRO A 81 -2.75 5.72 3.16
CA PRO A 81 -3.09 5.28 4.52
C PRO A 81 -2.39 3.99 4.92
N GLY A 82 -2.25 3.06 3.97
CA GLY A 82 -1.53 1.83 4.23
C GLY A 82 -0.06 2.11 4.48
N LYS A 83 0.56 2.86 3.59
CA LYS A 83 1.95 3.26 3.74
C LYS A 83 2.13 4.02 5.05
N GLN A 84 1.15 4.85 5.37
CA GLN A 84 1.11 5.60 6.61
C GLN A 84 1.22 4.66 7.82
N LEU A 85 0.51 3.53 7.75
CA LEU A 85 0.61 2.52 8.80
C LEU A 85 2.04 2.02 8.92
N CYS A 86 2.67 1.75 7.77
CA CYS A 86 4.05 1.29 7.73
C CYS A 86 5.01 2.34 8.32
N GLU A 87 4.74 3.62 8.07
CA GLU A 87 5.58 4.70 8.60
C GLU A 87 5.54 4.69 10.13
N THR A 88 4.33 4.70 10.67
CA THR A 88 4.15 4.65 12.12
C THR A 88 4.72 3.35 12.69
N LEU A 89 4.64 2.27 11.91
CA LEU A 89 5.22 1.00 12.31
C LEU A 89 6.73 1.13 12.46
N GLU A 90 7.36 1.84 11.52
CA GLU A 90 8.79 2.10 11.58
C GLU A 90 9.16 2.85 12.85
N HIS A 91 8.35 3.83 13.21
CA HIS A 91 8.55 4.57 14.45
C HIS A 91 8.40 3.65 15.66
N LEU A 92 7.51 2.67 15.57
CA LEU A 92 7.33 1.71 16.64
C LEU A 92 8.53 0.76 16.72
N ILE A 93 9.10 0.45 15.56
CA ILE A 93 10.31 -0.36 15.51
C ILE A 93 11.48 0.40 16.10
N ARG A 94 11.60 1.67 15.72
CA ARG A 94 12.64 2.54 16.25
C ARG A 94 12.52 2.66 17.76
N GLU A 95 11.28 2.73 18.23
CA GLU A 95 10.99 2.91 19.63
C GLU A 95 11.06 1.59 20.39
N LYS A 96 11.10 0.49 19.63
CA LYS A 96 11.20 -0.86 20.18
C LYS A 96 9.97 -1.23 21.00
N ASP A 97 8.80 -0.91 20.46
CA ASP A 97 7.54 -1.26 21.11
C ASP A 97 6.94 -2.51 20.48
N VAL A 98 7.27 -3.66 21.06
CA VAL A 98 6.79 -4.94 20.55
C VAL A 98 5.26 -4.98 20.42
N PRO A 99 4.50 -4.64 21.49
CA PRO A 99 3.03 -4.62 21.43
C PRO A 99 2.50 -3.74 20.30
N GLY A 100 3.16 -2.61 20.08
CA GLY A 100 2.80 -1.71 18.99
C GLY A 100 2.97 -2.38 17.65
N ILE A 101 4.06 -3.13 17.51
CA ILE A 101 4.34 -3.87 16.28
C ILE A 101 3.21 -4.84 15.97
N GLU A 102 2.84 -5.69 16.93
CA GLU A 102 1.79 -6.69 16.73
C GLU A 102 0.47 -6.02 16.38
N LYS A 103 0.20 -4.90 17.05
CA LYS A 103 -1.05 -4.17 16.83
C LYS A 103 -1.09 -3.56 15.43
N TYR A 104 0.01 -2.98 15.00
CA TYR A 104 0.05 -2.32 13.71
C TYR A 104 0.09 -3.32 12.56
N ILE A 105 0.74 -4.46 12.79
CA ILE A 105 0.76 -5.52 11.78
C ILE A 105 -0.64 -6.10 11.60
N SER A 106 -1.37 -6.26 12.70
CA SER A 106 -2.74 -6.76 12.61
C SER A 106 -3.65 -5.72 11.99
N ASP A 107 -3.32 -4.44 12.20
CA ASP A 107 -4.06 -3.34 11.59
C ASP A 107 -3.77 -3.28 10.09
N ILE A 108 -2.54 -3.60 9.73
CA ILE A 108 -2.16 -3.72 8.32
C ILE A 108 -2.85 -4.93 7.71
N ASP A 109 -3.08 -5.96 8.53
CA ASP A 109 -3.70 -7.19 8.08
C ASP A 109 -5.19 -6.95 7.86
N SER A 110 -5.80 -6.29 8.82
CA SER A 110 -7.20 -5.94 8.72
C SER A 110 -7.42 -4.97 7.56
N TYR A 111 -6.40 -4.16 7.28
CA TYR A 111 -6.42 -3.26 6.14
C TYR A 111 -6.55 -4.05 4.86
N VAL A 112 -5.59 -4.94 4.68
CA VAL A 112 -5.51 -5.75 3.49
C VAL A 112 -6.69 -6.73 3.43
N LYS A 113 -7.11 -7.21 4.59
CA LYS A 113 -8.27 -8.08 4.71
C LYS A 113 -9.50 -7.43 4.10
N SER A 114 -9.74 -6.17 4.44
CA SER A 114 -10.90 -5.45 3.93
C SER A 114 -10.72 -5.13 2.44
N LEU A 115 -9.47 -4.93 2.03
CA LEU A 115 -9.15 -4.59 0.65
C LEU A 115 -9.40 -5.77 -0.30
N LEU A 116 -8.82 -6.93 0.00
CA LEU A 116 -8.99 -8.09 -0.86
C LEU A 116 -10.08 -9.01 -0.34
N MET A 1 -10.33 0.67 -53.04
CA MET A 1 -9.36 -0.38 -53.39
C MET A 1 -8.36 0.13 -54.42
N GLN A 2 -7.09 -0.28 -54.27
CA GLN A 2 -6.03 0.06 -55.21
C GLN A 2 -5.78 1.57 -55.25
N GLU A 3 -5.68 2.16 -54.07
CA GLU A 3 -5.45 3.60 -53.88
C GLU A 3 -5.63 3.90 -52.40
N ALA A 4 -6.82 3.56 -51.91
CA ALA A 4 -7.14 3.69 -50.52
C ALA A 4 -7.71 2.37 -50.04
N VAL A 5 -6.87 1.59 -49.37
CA VAL A 5 -7.24 0.26 -48.89
C VAL A 5 -8.54 0.31 -48.07
N LEU A 6 -8.48 0.86 -46.87
CA LEU A 6 -9.66 1.07 -46.04
C LEU A 6 -9.28 1.94 -44.85
N GLN A 7 -8.69 1.33 -43.84
CA GLN A 7 -8.18 2.03 -42.67
C GLN A 7 -6.88 1.38 -42.22
N LEU A 8 -5.97 2.18 -41.70
CA LEU A 8 -4.73 1.64 -41.16
C LEU A 8 -5.05 0.76 -39.95
N ILE A 9 -5.85 1.31 -39.05
CA ILE A 9 -6.37 0.58 -37.90
C ILE A 9 -7.72 1.17 -37.54
N GLU A 10 -7.68 2.16 -36.66
CA GLU A 10 -8.86 2.95 -36.32
C GLU A 10 -8.42 4.34 -35.89
N VAL A 11 -7.77 4.42 -34.74
CA VAL A 11 -7.23 5.67 -34.25
C VAL A 11 -5.87 5.42 -33.59
N GLN A 12 -4.83 5.44 -34.40
CA GLN A 12 -3.48 5.15 -33.92
C GLN A 12 -2.91 6.32 -33.13
N LEU A 13 -2.70 7.45 -33.81
CA LEU A 13 -2.15 8.62 -33.16
C LEU A 13 -3.28 9.61 -32.85
N ALA A 14 -4.37 9.09 -32.29
CA ALA A 14 -5.53 9.90 -31.98
C ALA A 14 -6.40 9.18 -30.96
N GLN A 15 -7.42 9.89 -30.47
CA GLN A 15 -8.36 9.34 -29.48
C GLN A 15 -7.63 8.91 -28.22
N GLU A 16 -6.79 9.80 -27.71
CA GLU A 16 -6.05 9.53 -26.49
C GLU A 16 -6.75 10.17 -25.30
N GLU A 17 -6.08 10.14 -24.17
CA GLU A 17 -6.64 10.65 -22.92
C GLU A 17 -5.63 10.48 -21.81
N VAL A 18 -5.16 11.61 -21.29
CA VAL A 18 -4.24 11.59 -20.18
C VAL A 18 -4.93 12.13 -18.94
N THR A 19 -5.10 11.28 -17.95
CA THR A 19 -5.76 11.68 -16.72
C THR A 19 -5.14 11.00 -15.52
N GLU A 20 -4.59 11.81 -14.63
CA GLU A 20 -4.02 11.31 -13.39
C GLU A 20 -5.15 11.02 -12.41
N SER A 21 -5.12 9.84 -11.83
CA SER A 21 -6.18 9.43 -10.93
C SER A 21 -5.72 9.45 -9.48
N PRO A 22 -6.09 10.50 -8.73
CA PRO A 22 -5.75 10.64 -7.32
C PRO A 22 -6.66 9.81 -6.42
N LEU A 23 -6.89 8.56 -6.83
CA LEU A 23 -7.75 7.61 -6.11
C LEU A 23 -9.23 7.99 -6.23
N GLY A 24 -9.55 9.24 -5.89
CA GLY A 24 -10.92 9.72 -5.99
C GLY A 24 -11.80 9.19 -4.88
N GLY A 25 -11.18 8.57 -3.87
CA GLY A 25 -11.92 7.98 -2.79
C GLY A 25 -12.13 6.50 -2.98
N ASP A 26 -11.28 5.88 -3.79
CA ASP A 26 -11.36 4.44 -4.02
C ASP A 26 -9.97 3.85 -4.21
N GLU A 27 -9.40 3.39 -3.11
CA GLU A 27 -8.07 2.78 -3.13
C GLU A 27 -8.10 1.45 -3.89
N ASN A 28 -9.10 0.64 -3.58
CA ASN A 28 -9.24 -0.69 -4.18
C ASN A 28 -9.40 -0.59 -5.69
N ALA A 29 -10.23 0.34 -6.16
CA ALA A 29 -10.45 0.53 -7.58
C ALA A 29 -9.18 0.99 -8.27
N GLN A 30 -8.49 1.95 -7.66
CA GLN A 30 -7.25 2.47 -8.23
C GLN A 30 -6.19 1.39 -8.32
N LEU A 31 -6.10 0.57 -7.28
CA LEU A 31 -5.15 -0.52 -7.22
C LEU A 31 -5.47 -1.57 -8.30
N HIS A 32 -6.75 -1.76 -8.57
CA HIS A 32 -7.18 -2.69 -9.60
C HIS A 32 -6.97 -2.09 -10.98
N ALA A 33 -7.18 -0.78 -11.09
CA ALA A 33 -7.04 -0.07 -12.36
C ALA A 33 -5.60 -0.10 -12.85
N SER A 34 -4.66 -0.04 -11.92
CA SER A 34 -3.24 -0.08 -12.27
C SER A 34 -2.81 -1.50 -12.60
N GLY A 35 -3.66 -2.47 -12.27
CA GLY A 35 -3.31 -3.86 -12.47
C GLY A 35 -2.32 -4.35 -11.45
N TYR A 36 -2.19 -3.60 -10.36
CA TYR A 36 -1.22 -3.93 -9.33
C TYR A 36 -1.85 -4.78 -8.23
N TYR A 37 -3.07 -5.25 -8.51
CA TYR A 37 -3.78 -6.12 -7.60
C TYR A 37 -2.99 -7.40 -7.35
N ALA A 38 -2.28 -7.84 -8.39
CA ALA A 38 -1.46 -9.05 -8.29
C ALA A 38 -0.36 -8.87 -7.26
N LEU A 39 0.29 -7.71 -7.27
CA LEU A 39 1.35 -7.42 -6.31
C LEU A 39 0.78 -7.28 -4.90
N PHE A 40 -0.41 -6.71 -4.83
CA PHE A 40 -1.10 -6.50 -3.56
C PHE A 40 -1.35 -7.84 -2.86
N VAL A 41 -1.84 -8.82 -3.60
CA VAL A 41 -2.17 -10.12 -3.03
C VAL A 41 -0.96 -11.05 -3.02
N ASP A 42 0.15 -10.57 -3.53
CA ASP A 42 1.38 -11.35 -3.58
C ASP A 42 2.26 -11.03 -2.39
N THR A 43 2.72 -9.79 -2.32
CA THR A 43 3.69 -9.36 -1.34
C THR A 43 3.05 -9.11 0.03
N VAL A 44 1.96 -8.34 0.06
CA VAL A 44 1.44 -7.83 1.33
C VAL A 44 1.10 -8.95 2.32
N PRO A 45 0.18 -9.89 2.00
CA PRO A 45 -0.21 -10.96 2.94
C PRO A 45 0.98 -11.82 3.34
N ASP A 46 1.82 -12.13 2.35
CA ASP A 46 2.98 -12.99 2.57
C ASP A 46 3.98 -12.34 3.50
N ASP A 47 4.36 -11.11 3.19
CA ASP A 47 5.35 -10.38 3.96
C ASP A 47 4.81 -10.04 5.34
N VAL A 48 3.51 -9.79 5.43
CA VAL A 48 2.87 -9.52 6.72
C VAL A 48 2.98 -10.75 7.64
N LYS A 49 2.81 -11.93 7.07
CA LYS A 49 2.96 -13.16 7.82
C LYS A 49 4.40 -13.34 8.29
N ARG A 50 5.34 -13.03 7.41
CA ARG A 50 6.75 -13.08 7.76
C ARG A 50 7.07 -12.02 8.82
N LEU A 51 6.42 -10.87 8.70
CA LEU A 51 6.53 -9.81 9.70
C LEU A 51 6.10 -10.34 11.06
N TYR A 52 5.01 -11.08 11.08
CA TYR A 52 4.53 -11.74 12.28
C TYR A 52 5.60 -12.66 12.86
N THR A 53 6.23 -13.42 11.98
CA THR A 53 7.24 -14.39 12.38
C THR A 53 8.42 -13.70 13.05
N GLU A 54 8.90 -12.62 12.44
CA GLU A 54 10.06 -11.91 12.94
C GLU A 54 9.70 -11.01 14.12
N ALA A 55 8.44 -10.58 14.17
CA ALA A 55 7.96 -9.75 15.27
C ALA A 55 7.99 -10.52 16.58
N ALA A 56 7.53 -11.77 16.53
CA ALA A 56 7.55 -12.63 17.70
C ALA A 56 8.97 -12.99 18.10
N THR A 57 9.87 -12.92 17.12
CA THR A 57 11.28 -13.18 17.34
C THR A 57 11.99 -11.92 17.87
N SER A 58 11.31 -10.79 17.76
CA SER A 58 11.87 -9.49 18.15
C SER A 58 13.03 -9.12 17.23
N ASP A 59 12.94 -9.56 15.99
CA ASP A 59 13.96 -9.25 14.99
C ASP A 59 13.61 -7.94 14.31
N PHE A 60 13.84 -6.86 15.04
CA PHE A 60 13.48 -5.52 14.57
C PHE A 60 14.26 -5.13 13.31
N ALA A 61 15.44 -5.70 13.12
CA ALA A 61 16.19 -5.45 11.89
C ALA A 61 15.41 -5.98 10.70
N ALA A 62 14.83 -7.16 10.88
CA ALA A 62 14.06 -7.81 9.83
C ALA A 62 12.71 -7.12 9.69
N LEU A 63 12.17 -6.69 10.82
CA LEU A 63 10.92 -5.94 10.86
C LEU A 63 11.06 -4.64 10.06
N ALA A 64 12.17 -3.95 10.26
CA ALA A 64 12.44 -2.72 9.52
C ALA A 64 12.58 -3.02 8.04
N GLN A 65 13.21 -4.14 7.72
CA GLN A 65 13.36 -4.58 6.32
C GLN A 65 11.99 -4.76 5.65
N THR A 66 11.09 -5.46 6.34
CA THR A 66 9.77 -5.71 5.79
C THR A 66 8.92 -4.45 5.78
N ALA A 67 9.04 -3.65 6.84
CA ALA A 67 8.32 -2.38 6.92
C ALA A 67 8.74 -1.44 5.80
N HIS A 68 10.02 -1.50 5.43
CA HIS A 68 10.53 -0.70 4.32
C HIS A 68 9.95 -1.21 3.00
N ARG A 69 9.92 -2.53 2.87
CA ARG A 69 9.35 -3.17 1.69
C ARG A 69 7.88 -2.77 1.54
N LEU A 70 7.14 -2.89 2.62
CA LEU A 70 5.70 -2.58 2.62
C LEU A 70 5.47 -1.10 2.37
N LYS A 71 6.27 -0.27 3.05
CA LYS A 71 6.21 1.18 2.86
C LYS A 71 6.37 1.53 1.37
N GLY A 72 7.37 0.92 0.75
CA GLY A 72 7.64 1.17 -0.64
C GLY A 72 6.53 0.69 -1.55
N VAL A 73 6.08 -0.54 -1.36
CA VAL A 73 5.06 -1.12 -2.23
C VAL A 73 3.74 -0.37 -2.10
N PHE A 74 3.32 -0.07 -0.87
CA PHE A 74 2.07 0.65 -0.65
C PHE A 74 2.13 2.04 -1.29
N ALA A 75 3.28 2.70 -1.15
CA ALA A 75 3.49 4.00 -1.78
C ALA A 75 3.40 3.89 -3.30
N MET A 76 3.98 2.81 -3.83
CA MET A 76 3.98 2.56 -5.27
C MET A 76 2.56 2.24 -5.76
N LEU A 77 1.79 1.54 -4.94
CA LEU A 77 0.40 1.22 -5.28
C LEU A 77 -0.52 2.41 -5.00
N ASN A 78 0.05 3.41 -4.30
CA ASN A 78 -0.66 4.65 -3.99
C ASN A 78 -1.72 4.41 -2.92
N LEU A 79 -1.48 3.39 -2.11
CA LEU A 79 -2.36 3.06 -1.01
C LEU A 79 -1.97 3.86 0.23
N VAL A 80 -2.48 5.09 0.30
CA VAL A 80 -2.10 6.05 1.34
C VAL A 80 -2.26 5.49 2.76
N PRO A 81 -3.48 5.08 3.19
CA PRO A 81 -3.69 4.58 4.55
C PRO A 81 -2.81 3.37 4.88
N GLY A 82 -2.64 2.48 3.91
CA GLY A 82 -1.78 1.32 4.11
C GLY A 82 -0.32 1.73 4.31
N LYS A 83 0.15 2.65 3.47
CA LYS A 83 1.50 3.16 3.56
C LYS A 83 1.67 3.95 4.87
N GLN A 84 0.62 4.64 5.27
CA GLN A 84 0.61 5.39 6.52
C GLN A 84 0.82 4.45 7.69
N LEU A 85 0.13 3.31 7.67
CA LEU A 85 0.29 2.28 8.69
C LEU A 85 1.73 1.81 8.73
N CYS A 86 2.31 1.58 7.55
CA CYS A 86 3.69 1.14 7.45
C CYS A 86 4.65 2.21 7.97
N GLU A 87 4.26 3.47 7.84
CA GLU A 87 5.08 4.57 8.34
C GLU A 87 5.17 4.53 9.86
N THR A 88 4.01 4.49 10.51
CA THR A 88 3.96 4.43 11.96
C THR A 88 4.56 3.12 12.47
N LEU A 89 4.29 2.03 11.75
CA LEU A 89 4.86 0.72 12.09
C LEU A 89 6.38 0.78 12.10
N GLU A 90 6.95 1.34 11.03
CA GLU A 90 8.39 1.51 10.91
C GLU A 90 8.94 2.29 12.11
N HIS A 91 8.26 3.37 12.45
CA HIS A 91 8.64 4.19 13.58
C HIS A 91 8.53 3.41 14.89
N LEU A 92 7.50 2.59 15.00
CA LEU A 92 7.31 1.77 16.19
C LEU A 92 8.41 0.71 16.31
N ILE A 93 8.92 0.28 15.16
CA ILE A 93 10.00 -0.69 15.12
C ILE A 93 11.30 -0.02 15.54
N ARG A 94 11.47 1.21 15.08
CA ARG A 94 12.63 2.01 15.42
C ARG A 94 12.61 2.36 16.91
N GLU A 95 11.40 2.60 17.45
CA GLU A 95 11.23 2.92 18.87
C GLU A 95 11.27 1.64 19.69
N LYS A 96 11.22 0.50 18.99
CA LYS A 96 11.25 -0.83 19.62
C LYS A 96 10.04 -1.02 20.54
N ASP A 97 8.87 -0.60 20.06
CA ASP A 97 7.64 -0.74 20.82
C ASP A 97 6.86 -1.95 20.30
N VAL A 98 7.07 -3.09 20.96
CA VAL A 98 6.46 -4.35 20.53
C VAL A 98 4.93 -4.27 20.42
N PRO A 99 4.21 -3.84 21.48
CA PRO A 99 2.75 -3.72 21.46
C PRO A 99 2.24 -2.91 20.26
N GLY A 100 2.89 -1.76 20.00
CA GLY A 100 2.52 -0.95 18.87
C GLY A 100 2.72 -1.66 17.55
N ILE A 101 3.86 -2.33 17.42
CA ILE A 101 4.18 -3.09 16.22
C ILE A 101 3.13 -4.16 15.96
N GLU A 102 2.80 -4.92 17.00
CA GLU A 102 1.82 -6.00 16.90
C GLU A 102 0.48 -5.50 16.39
N LYS A 103 -0.03 -4.48 17.06
CA LYS A 103 -1.33 -3.91 16.72
C LYS A 103 -1.36 -3.43 15.27
N TYR A 104 -0.28 -2.75 14.86
CA TYR A 104 -0.22 -2.16 13.54
C TYR A 104 -0.09 -3.21 12.45
N ILE A 105 0.67 -4.27 12.72
CA ILE A 105 0.80 -5.37 11.76
C ILE A 105 -0.56 -6.01 11.53
N SER A 106 -1.29 -6.25 12.61
CA SER A 106 -2.62 -6.82 12.52
C SER A 106 -3.59 -5.86 11.83
N ASP A 107 -3.34 -4.56 11.96
CA ASP A 107 -4.17 -3.56 11.31
C ASP A 107 -3.92 -3.55 9.80
N ILE A 108 -2.68 -3.86 9.42
CA ILE A 108 -2.34 -4.03 8.01
C ILE A 108 -2.92 -5.35 7.48
N ASP A 109 -2.98 -6.35 8.36
CA ASP A 109 -3.49 -7.65 8.00
C ASP A 109 -4.99 -7.55 7.76
N SER A 110 -5.64 -6.81 8.64
CA SER A 110 -7.05 -6.54 8.51
C SER A 110 -7.29 -5.63 7.32
N TYR A 111 -6.32 -4.77 7.03
CA TYR A 111 -6.39 -3.86 5.89
C TYR A 111 -6.51 -4.65 4.59
N VAL A 112 -5.53 -5.49 4.39
CA VAL A 112 -5.42 -6.25 3.16
C VAL A 112 -6.53 -7.29 3.06
N LYS A 113 -6.96 -7.81 4.21
CA LYS A 113 -8.04 -8.77 4.25
C LYS A 113 -9.35 -8.14 3.79
N SER A 114 -9.59 -6.89 4.17
CA SER A 114 -10.82 -6.21 3.80
C SER A 114 -10.70 -5.60 2.41
N LEU A 115 -9.46 -5.41 1.94
CA LEU A 115 -9.22 -4.86 0.63
C LEU A 115 -9.13 -5.95 -0.44
N LEU A 116 -9.03 -7.20 0.00
CA LEU A 116 -9.02 -8.34 -0.92
C LEU A 116 -10.24 -8.32 -1.83
N MET A 1 -27.89 10.97 -51.86
CA MET A 1 -26.89 11.46 -50.87
C MET A 1 -27.41 11.27 -49.45
N GLN A 2 -27.78 10.04 -49.11
CA GLN A 2 -28.39 9.75 -47.82
C GLN A 2 -27.58 8.77 -46.99
N GLU A 3 -26.87 7.87 -47.66
CA GLU A 3 -26.16 6.80 -46.95
C GLU A 3 -24.67 7.08 -46.84
N ALA A 4 -24.30 8.30 -47.19
CA ALA A 4 -22.90 8.71 -47.11
C ALA A 4 -22.79 10.19 -46.78
N VAL A 5 -23.20 11.04 -47.72
CA VAL A 5 -23.09 12.49 -47.57
C VAL A 5 -21.61 12.89 -47.44
N LEU A 6 -21.17 13.10 -46.20
CA LEU A 6 -19.79 13.41 -45.91
C LEU A 6 -19.52 13.13 -44.44
N GLN A 7 -20.10 13.96 -43.58
CA GLN A 7 -20.06 13.77 -42.14
C GLN A 7 -21.11 14.66 -41.51
N LEU A 8 -21.26 14.56 -40.20
CA LEU A 8 -22.16 15.44 -39.48
C LEU A 8 -21.37 16.50 -38.75
N ILE A 9 -20.69 16.09 -37.70
CA ILE A 9 -19.89 16.99 -36.87
C ILE A 9 -18.68 16.26 -36.33
N GLU A 10 -18.21 15.29 -37.12
CA GLU A 10 -17.09 14.42 -36.76
C GLU A 10 -17.53 13.34 -35.76
N VAL A 11 -18.14 13.77 -34.66
CA VAL A 11 -18.60 12.86 -33.62
C VAL A 11 -20.10 12.82 -33.63
N GLN A 12 -20.63 11.96 -34.47
CA GLN A 12 -22.07 11.87 -34.73
C GLN A 12 -22.90 11.80 -33.45
N LEU A 13 -22.50 10.92 -32.53
CA LEU A 13 -23.27 10.73 -31.30
C LEU A 13 -22.58 11.38 -30.10
N ALA A 14 -21.38 10.91 -29.78
CA ALA A 14 -20.68 11.41 -28.60
C ALA A 14 -19.18 11.15 -28.70
N GLN A 15 -18.45 11.70 -27.73
CA GLN A 15 -17.01 11.52 -27.64
C GLN A 15 -16.65 11.29 -26.18
N GLU A 16 -15.64 10.45 -25.93
CA GLU A 16 -15.24 10.13 -24.55
C GLU A 16 -14.73 11.35 -23.81
N GLU A 17 -14.40 11.14 -22.55
CA GLU A 17 -14.00 12.24 -21.67
C GLU A 17 -13.43 11.72 -20.35
N VAL A 18 -14.04 12.16 -19.25
CA VAL A 18 -13.54 11.85 -17.91
C VAL A 18 -13.58 10.35 -17.63
N THR A 19 -12.41 9.80 -17.32
CA THR A 19 -12.29 8.43 -16.90
C THR A 19 -11.72 8.39 -15.50
N GLU A 20 -12.27 7.52 -14.67
CA GLU A 20 -11.86 7.39 -13.27
C GLU A 20 -10.34 7.27 -13.17
N SER A 21 -9.75 8.18 -12.42
CA SER A 21 -8.30 8.25 -12.29
C SER A 21 -7.84 8.16 -10.82
N PRO A 22 -8.38 9.00 -9.91
CA PRO A 22 -7.94 9.01 -8.51
C PRO A 22 -8.51 7.85 -7.70
N LEU A 23 -8.09 7.75 -6.44
CA LEU A 23 -8.59 6.73 -5.54
C LEU A 23 -10.06 6.97 -5.23
N GLY A 24 -10.39 8.23 -4.99
CA GLY A 24 -11.76 8.62 -4.72
C GLY A 24 -12.20 8.23 -3.34
N GLY A 25 -12.58 6.97 -3.21
CA GLY A 25 -13.05 6.46 -1.94
C GLY A 25 -12.98 4.95 -1.90
N ASP A 26 -12.08 4.40 -2.69
CA ASP A 26 -11.91 2.96 -2.77
C ASP A 26 -10.49 2.62 -3.18
N GLU A 27 -9.71 2.21 -2.19
CA GLU A 27 -8.30 1.88 -2.40
C GLU A 27 -8.16 0.67 -3.31
N ASN A 28 -8.95 -0.35 -3.02
CA ASN A 28 -8.97 -1.57 -3.81
C ASN A 28 -9.28 -1.27 -5.28
N ALA A 29 -10.30 -0.44 -5.49
CA ALA A 29 -10.73 -0.08 -6.83
C ALA A 29 -9.60 0.59 -7.61
N GLN A 30 -8.96 1.57 -7.01
CA GLN A 30 -7.85 2.25 -7.64
C GLN A 30 -6.72 1.27 -7.92
N LEU A 31 -6.43 0.42 -6.95
CA LEU A 31 -5.33 -0.52 -7.03
C LEU A 31 -5.51 -1.51 -8.19
N HIS A 32 -6.70 -2.08 -8.34
CA HIS A 32 -6.93 -3.02 -9.43
C HIS A 32 -7.17 -2.29 -10.75
N ALA A 33 -7.45 -0.99 -10.66
CA ALA A 33 -7.62 -0.16 -11.86
C ALA A 33 -6.28 0.04 -12.56
N SER A 34 -5.23 0.24 -11.77
CA SER A 34 -3.88 0.36 -12.32
C SER A 34 -3.33 -1.00 -12.73
N GLY A 35 -3.93 -2.05 -12.20
CA GLY A 35 -3.50 -3.40 -12.52
C GLY A 35 -2.41 -3.89 -11.58
N TYR A 36 -2.46 -3.44 -10.34
CA TYR A 36 -1.48 -3.87 -9.34
C TYR A 36 -2.06 -4.95 -8.44
N TYR A 37 -3.21 -5.47 -8.84
CA TYR A 37 -3.91 -6.51 -8.07
C TYR A 37 -3.02 -7.73 -7.85
N ALA A 38 -2.29 -8.10 -8.90
CA ALA A 38 -1.42 -9.26 -8.86
C ALA A 38 -0.35 -9.13 -7.77
N LEU A 39 0.28 -7.95 -7.70
CA LEU A 39 1.34 -7.72 -6.73
C LEU A 39 0.76 -7.54 -5.33
N PHE A 40 -0.45 -7.01 -5.27
CA PHE A 40 -1.14 -6.77 -4.01
C PHE A 40 -1.36 -8.07 -3.24
N VAL A 41 -1.97 -9.04 -3.91
CA VAL A 41 -2.27 -10.32 -3.27
C VAL A 41 -1.04 -11.22 -3.22
N ASP A 42 0.06 -10.75 -3.78
CA ASP A 42 1.29 -11.53 -3.82
C ASP A 42 2.18 -11.20 -2.63
N THR A 43 2.67 -9.97 -2.58
CA THR A 43 3.69 -9.61 -1.62
C THR A 43 3.12 -9.31 -0.22
N VAL A 44 2.00 -8.60 -0.14
CA VAL A 44 1.56 -8.06 1.13
C VAL A 44 1.21 -9.17 2.15
N PRO A 45 0.27 -10.08 1.83
CA PRO A 45 -0.15 -11.13 2.78
C PRO A 45 1.02 -11.95 3.32
N ASP A 46 1.95 -12.31 2.45
CA ASP A 46 3.07 -13.17 2.86
C ASP A 46 4.19 -12.36 3.51
N ASP A 47 4.31 -11.09 3.14
CA ASP A 47 5.28 -10.22 3.77
C ASP A 47 4.85 -9.91 5.19
N VAL A 48 3.54 -9.73 5.37
CA VAL A 48 2.96 -9.56 6.70
C VAL A 48 3.17 -10.83 7.53
N LYS A 49 3.04 -11.97 6.87
CA LYS A 49 3.37 -13.27 7.47
C LYS A 49 4.80 -13.26 8.01
N ARG A 50 5.73 -12.83 7.18
CA ARG A 50 7.14 -12.76 7.57
C ARG A 50 7.33 -11.77 8.71
N LEU A 51 6.62 -10.64 8.65
CA LEU A 51 6.63 -9.67 9.74
C LEU A 51 6.22 -10.36 11.04
N TYR A 52 5.20 -11.19 10.96
CA TYR A 52 4.73 -11.98 12.10
C TYR A 52 5.84 -12.90 12.61
N THR A 53 6.55 -13.52 11.68
CA THR A 53 7.57 -14.49 12.00
C THR A 53 8.77 -13.80 12.62
N GLU A 54 9.18 -12.70 12.01
CA GLU A 54 10.34 -11.97 12.45
C GLU A 54 10.08 -11.22 13.75
N ALA A 55 8.83 -10.85 13.99
CA ALA A 55 8.44 -10.26 15.26
C ALA A 55 8.58 -11.30 16.37
N ALA A 56 8.19 -12.52 16.06
CA ALA A 56 8.33 -13.62 17.02
C ALA A 56 9.79 -13.89 17.35
N THR A 57 10.65 -13.79 16.34
CA THR A 57 12.10 -13.98 16.53
C THR A 57 12.75 -12.73 17.13
N SER A 58 11.98 -11.64 17.18
CA SER A 58 12.44 -10.38 17.76
C SER A 58 13.58 -9.77 16.94
N ASP A 59 13.60 -10.07 15.64
CA ASP A 59 14.55 -9.44 14.75
C ASP A 59 13.98 -8.11 14.28
N PHE A 60 14.02 -7.14 15.19
CA PHE A 60 13.42 -5.83 14.95
C PHE A 60 14.06 -5.11 13.77
N ALA A 61 15.33 -5.38 13.52
CA ALA A 61 15.99 -4.80 12.35
C ALA A 61 15.32 -5.31 11.08
N ALA A 62 14.96 -6.58 11.07
CA ALA A 62 14.30 -7.19 9.93
C ALA A 62 12.84 -6.78 9.92
N LEU A 63 12.25 -6.68 11.10
CA LEU A 63 10.89 -6.23 11.26
C LEU A 63 10.71 -4.86 10.61
N ALA A 64 11.62 -3.95 10.91
CA ALA A 64 11.61 -2.62 10.32
C ALA A 64 11.87 -2.69 8.83
N GLN A 65 12.75 -3.60 8.43
CA GLN A 65 13.07 -3.81 7.02
C GLN A 65 11.83 -4.23 6.23
N THR A 66 11.06 -5.17 6.76
CA THR A 66 9.83 -5.59 6.13
C THR A 66 8.80 -4.47 6.10
N ALA A 67 8.79 -3.65 7.16
CA ALA A 67 7.92 -2.48 7.20
C ALA A 67 8.33 -1.48 6.13
N HIS A 68 9.64 -1.40 5.87
CA HIS A 68 10.17 -0.56 4.81
C HIS A 68 9.74 -1.09 3.45
N ARG A 69 9.77 -2.41 3.30
CA ARG A 69 9.28 -3.06 2.09
C ARG A 69 7.81 -2.73 1.88
N LEU A 70 7.03 -2.87 2.94
CA LEU A 70 5.59 -2.63 2.89
C LEU A 70 5.28 -1.18 2.54
N LYS A 71 5.92 -0.24 3.22
CA LYS A 71 5.68 1.18 2.93
C LYS A 71 6.09 1.51 1.51
N GLY A 72 7.09 0.81 0.99
CA GLY A 72 7.53 1.01 -0.36
C GLY A 72 6.52 0.47 -1.38
N VAL A 73 6.07 -0.77 -1.17
CA VAL A 73 5.13 -1.39 -2.09
C VAL A 73 3.77 -0.69 -2.01
N PHE A 74 3.33 -0.34 -0.81
CA PHE A 74 2.06 0.39 -0.65
C PHE A 74 2.12 1.72 -1.39
N ALA A 75 3.23 2.45 -1.20
CA ALA A 75 3.43 3.72 -1.89
C ALA A 75 3.48 3.50 -3.41
N MET A 76 4.04 2.38 -3.82
CA MET A 76 4.13 2.02 -5.24
C MET A 76 2.74 1.76 -5.83
N LEU A 77 1.91 1.03 -5.09
CA LEU A 77 0.55 0.73 -5.54
C LEU A 77 -0.37 1.92 -5.32
N ASN A 78 0.15 2.94 -4.62
CA ASN A 78 -0.54 4.21 -4.37
C ASN A 78 -1.56 4.04 -3.25
N LEU A 79 -1.28 3.08 -2.40
CA LEU A 79 -2.10 2.81 -1.24
C LEU A 79 -1.64 3.66 -0.06
N VAL A 80 -2.04 4.93 -0.09
CA VAL A 80 -1.57 5.94 0.87
C VAL A 80 -1.77 5.52 2.33
N PRO A 81 -3.01 5.20 2.75
CA PRO A 81 -3.29 4.83 4.15
C PRO A 81 -2.45 3.65 4.61
N GLY A 82 -2.30 2.65 3.75
CA GLY A 82 -1.49 1.50 4.08
C GLY A 82 -0.02 1.87 4.27
N LYS A 83 0.49 2.68 3.36
CA LYS A 83 1.87 3.15 3.43
C LYS A 83 2.08 4.00 4.69
N GLN A 84 1.09 4.82 5.01
CA GLN A 84 1.13 5.66 6.21
C GLN A 84 1.25 4.79 7.47
N LEU A 85 0.48 3.71 7.51
CA LEU A 85 0.54 2.76 8.62
C LEU A 85 1.94 2.16 8.73
N CYS A 86 2.53 1.83 7.58
CA CYS A 86 3.86 1.25 7.56
C CYS A 86 4.93 2.27 7.96
N GLU A 87 4.62 3.56 7.78
CA GLU A 87 5.51 4.62 8.23
C GLU A 87 5.58 4.62 9.75
N THR A 88 4.42 4.67 10.37
CA THR A 88 4.32 4.61 11.83
C THR A 88 4.86 3.28 12.35
N LEU A 89 4.58 2.21 11.61
CA LEU A 89 5.10 0.88 11.95
C LEU A 89 6.61 0.92 12.11
N GLU A 90 7.30 1.44 11.11
CA GLU A 90 8.76 1.54 11.16
C GLU A 90 9.19 2.33 12.38
N HIS A 91 8.50 3.43 12.65
CA HIS A 91 8.76 4.24 13.84
C HIS A 91 8.59 3.41 15.11
N LEU A 92 7.52 2.63 15.16
CA LEU A 92 7.20 1.84 16.35
C LEU A 92 8.23 0.73 16.57
N ILE A 93 8.78 0.22 15.48
CA ILE A 93 9.76 -0.85 15.56
C ILE A 93 11.10 -0.28 15.99
N ARG A 94 11.37 0.91 15.49
CA ARG A 94 12.59 1.63 15.82
C ARG A 94 12.63 1.98 17.30
N GLU A 95 11.47 2.31 17.87
CA GLU A 95 11.37 2.65 19.28
C GLU A 95 11.10 1.40 20.12
N LYS A 96 10.96 0.28 19.43
CA LYS A 96 10.77 -1.03 20.06
C LYS A 96 9.51 -1.07 20.93
N ASP A 97 8.42 -0.52 20.40
CA ASP A 97 7.13 -0.59 21.09
C ASP A 97 6.34 -1.78 20.57
N VAL A 98 6.48 -2.92 21.24
CA VAL A 98 5.89 -4.17 20.80
C VAL A 98 4.37 -4.06 20.59
N PRO A 99 3.60 -3.61 21.61
CA PRO A 99 2.13 -3.49 21.49
C PRO A 99 1.70 -2.69 20.28
N GLY A 100 2.35 -1.55 20.05
CA GLY A 100 2.04 -0.72 18.91
C GLY A 100 2.38 -1.39 17.60
N ILE A 101 3.50 -2.11 17.59
CA ILE A 101 3.96 -2.83 16.40
C ILE A 101 2.89 -3.81 15.92
N GLU A 102 2.51 -4.73 16.79
CA GLU A 102 1.54 -5.76 16.42
C GLU A 102 0.18 -5.15 16.11
N LYS A 103 -0.17 -4.09 16.84
CA LYS A 103 -1.42 -3.37 16.60
C LYS A 103 -1.48 -2.84 15.16
N TYR A 104 -0.40 -2.20 14.74
CA TYR A 104 -0.33 -1.64 13.40
C TYR A 104 -0.24 -2.74 12.35
N ILE A 105 0.50 -3.80 12.67
CA ILE A 105 0.64 -4.93 11.74
C ILE A 105 -0.71 -5.59 11.49
N SER A 106 -1.48 -5.81 12.56
CA SER A 106 -2.79 -6.43 12.43
C SER A 106 -3.76 -5.48 11.71
N ASP A 107 -3.56 -4.19 11.89
CA ASP A 107 -4.37 -3.18 11.21
C ASP A 107 -4.04 -3.14 9.73
N ILE A 108 -2.76 -3.27 9.40
CA ILE A 108 -2.32 -3.38 8.01
C ILE A 108 -2.86 -4.68 7.40
N ASP A 109 -2.97 -5.70 8.22
CA ASP A 109 -3.42 -7.00 7.78
C ASP A 109 -4.91 -6.94 7.49
N SER A 110 -5.64 -6.38 8.42
CA SER A 110 -7.08 -6.21 8.29
C SER A 110 -7.39 -5.23 7.16
N TYR A 111 -6.51 -4.26 7.00
CA TYR A 111 -6.57 -3.31 5.88
C TYR A 111 -6.68 -4.09 4.58
N VAL A 112 -5.68 -4.92 4.39
CA VAL A 112 -5.55 -5.73 3.22
C VAL A 112 -6.69 -6.75 3.12
N LYS A 113 -7.19 -7.20 4.27
CA LYS A 113 -8.32 -8.11 4.32
C LYS A 113 -9.53 -7.51 3.60
N SER A 114 -9.85 -6.26 3.92
CA SER A 114 -10.96 -5.56 3.29
C SER A 114 -10.61 -5.14 1.86
N LEU A 115 -9.32 -4.96 1.59
CA LEU A 115 -8.86 -4.53 0.27
C LEU A 115 -8.83 -5.70 -0.71
N LEU A 116 -8.88 -6.92 -0.20
CA LEU A 116 -8.90 -8.10 -1.05
C LEU A 116 -10.15 -8.11 -1.94
N MET A 1 -43.49 19.86 -41.83
CA MET A 1 -42.29 20.56 -42.34
C MET A 1 -42.58 22.05 -42.51
N GLN A 2 -42.62 22.75 -41.39
CA GLN A 2 -42.79 24.20 -41.40
C GLN A 2 -42.44 24.77 -40.03
N GLU A 3 -41.58 25.79 -40.06
CA GLU A 3 -41.14 26.50 -38.85
C GLU A 3 -40.17 25.66 -38.03
N ALA A 4 -39.60 24.65 -38.68
CA ALA A 4 -38.61 23.79 -38.06
C ALA A 4 -37.92 22.98 -39.15
N VAL A 5 -38.75 22.31 -39.97
CA VAL A 5 -38.30 21.58 -41.14
C VAL A 5 -37.46 20.35 -40.74
N LEU A 6 -36.18 20.57 -40.47
CA LEU A 6 -35.29 19.48 -40.11
C LEU A 6 -34.71 19.71 -38.73
N GLN A 7 -35.17 18.92 -37.77
CA GLN A 7 -34.68 18.96 -36.39
C GLN A 7 -34.80 20.36 -35.78
N LEU A 8 -33.65 20.98 -35.54
CA LEU A 8 -33.54 22.23 -34.82
C LEU A 8 -32.07 22.51 -34.59
N ILE A 9 -31.40 21.43 -34.30
CA ILE A 9 -30.03 21.38 -33.97
C ILE A 9 -29.66 19.91 -33.97
N GLU A 10 -28.43 19.60 -33.67
CA GLU A 10 -27.96 18.22 -33.72
C GLU A 10 -28.37 17.51 -32.43
N VAL A 11 -27.69 17.87 -31.34
CA VAL A 11 -27.95 17.27 -30.03
C VAL A 11 -27.75 18.33 -28.95
N GLN A 12 -28.82 18.97 -28.56
CA GLN A 12 -28.76 20.04 -27.59
C GLN A 12 -28.59 19.48 -26.18
N LEU A 13 -27.74 20.16 -25.40
CA LEU A 13 -27.57 19.87 -23.97
C LEU A 13 -26.71 18.62 -23.73
N ALA A 14 -27.00 17.53 -24.43
CA ALA A 14 -26.34 16.26 -24.18
C ALA A 14 -24.94 16.22 -24.80
N GLN A 15 -24.55 17.26 -25.50
CA GLN A 15 -23.25 17.30 -26.15
C GLN A 15 -22.14 17.75 -25.19
N GLU A 16 -22.18 17.26 -23.96
CA GLU A 16 -21.14 17.51 -22.98
C GLU A 16 -20.96 16.30 -22.08
N GLU A 17 -19.71 15.98 -21.79
CA GLU A 17 -19.36 14.80 -21.00
C GLU A 17 -17.95 14.89 -20.47
N VAL A 18 -17.65 14.07 -19.47
CA VAL A 18 -16.31 14.00 -18.87
C VAL A 18 -16.00 12.55 -18.48
N THR A 19 -14.73 12.21 -18.41
CA THR A 19 -14.33 10.85 -18.05
C THR A 19 -13.18 10.86 -17.04
N GLU A 20 -13.38 10.17 -15.93
CA GLU A 20 -12.34 10.01 -14.92
C GLU A 20 -12.70 8.88 -13.96
N SER A 21 -11.70 8.10 -13.58
CA SER A 21 -11.90 7.04 -12.60
C SER A 21 -10.62 6.82 -11.79
N PRO A 22 -10.21 7.82 -11.00
CA PRO A 22 -9.04 7.74 -10.14
C PRO A 22 -9.41 7.40 -8.70
N LEU A 23 -8.62 7.90 -7.77
CA LEU A 23 -8.93 7.75 -6.36
C LEU A 23 -10.12 8.65 -6.00
N GLY A 24 -11.31 8.07 -5.96
CA GLY A 24 -12.50 8.81 -5.60
C GLY A 24 -13.21 8.20 -4.41
N GLY A 25 -12.42 7.77 -3.43
CA GLY A 25 -12.98 7.15 -2.25
C GLY A 25 -12.72 5.66 -2.21
N ASP A 26 -12.39 5.09 -3.36
CA ASP A 26 -12.11 3.67 -3.45
C ASP A 26 -10.74 3.43 -4.08
N GLU A 27 -9.75 3.20 -3.23
CA GLU A 27 -8.40 2.95 -3.68
C GLU A 27 -8.27 1.55 -4.26
N ASN A 28 -9.03 0.62 -3.71
CA ASN A 28 -9.03 -0.76 -4.16
C ASN A 28 -9.49 -0.85 -5.61
N ALA A 29 -10.54 -0.11 -5.94
CA ALA A 29 -11.09 -0.11 -7.28
C ALA A 29 -10.05 0.34 -8.29
N GLN A 30 -9.36 1.43 -7.99
CA GLN A 30 -8.36 1.96 -8.89
C GLN A 30 -7.14 1.03 -8.97
N LEU A 31 -6.73 0.49 -7.83
CA LEU A 31 -5.62 -0.44 -7.78
C LEU A 31 -5.94 -1.71 -8.58
N HIS A 32 -7.21 -2.07 -8.61
CA HIS A 32 -7.68 -3.19 -9.40
C HIS A 32 -7.59 -2.87 -10.89
N ALA A 33 -7.99 -1.67 -11.25
CA ALA A 33 -7.99 -1.23 -12.64
C ALA A 33 -6.58 -1.06 -13.19
N SER A 34 -5.62 -0.78 -12.32
CA SER A 34 -4.24 -0.59 -12.75
C SER A 34 -3.52 -1.93 -12.88
N GLY A 35 -4.14 -2.99 -12.37
CA GLY A 35 -3.55 -4.31 -12.44
C GLY A 35 -2.51 -4.52 -11.35
N TYR A 36 -2.50 -3.64 -10.36
CA TYR A 36 -1.53 -3.74 -9.26
C TYR A 36 -2.11 -4.59 -8.14
N TYR A 37 -3.34 -5.06 -8.34
CA TYR A 37 -4.00 -5.94 -7.39
C TYR A 37 -3.23 -7.26 -7.30
N ALA A 38 -2.51 -7.56 -8.37
CA ALA A 38 -1.65 -8.73 -8.40
C ALA A 38 -0.57 -8.61 -7.32
N LEU A 39 0.09 -7.45 -7.29
CA LEU A 39 1.12 -7.18 -6.28
C LEU A 39 0.50 -7.19 -4.88
N PHE A 40 -0.71 -6.63 -4.80
CA PHE A 40 -1.47 -6.56 -3.55
C PHE A 40 -1.62 -7.95 -2.91
N VAL A 41 -2.04 -8.93 -3.72
CA VAL A 41 -2.28 -10.28 -3.21
C VAL A 41 -1.05 -11.15 -3.37
N ASP A 42 0.08 -10.54 -3.70
CA ASP A 42 1.32 -11.27 -3.91
C ASP A 42 2.28 -11.08 -2.75
N THR A 43 2.64 -9.83 -2.49
CA THR A 43 3.68 -9.52 -1.53
C THR A 43 3.11 -9.25 -0.13
N VAL A 44 1.98 -8.54 -0.07
CA VAL A 44 1.47 -8.05 1.21
C VAL A 44 1.17 -9.17 2.21
N PRO A 45 0.32 -10.16 1.86
CA PRO A 45 -0.04 -11.24 2.80
C PRO A 45 1.18 -11.98 3.36
N ASP A 46 2.08 -12.37 2.46
CA ASP A 46 3.29 -13.09 2.85
C ASP A 46 4.16 -12.24 3.77
N ASP A 47 4.24 -10.95 3.47
CA ASP A 47 5.06 -10.03 4.25
C ASP A 47 4.42 -9.73 5.60
N VAL A 48 3.10 -9.71 5.65
CA VAL A 48 2.39 -9.50 6.90
C VAL A 48 2.72 -10.62 7.89
N LYS A 49 2.57 -11.87 7.45
CA LYS A 49 2.92 -12.99 8.32
C LYS A 49 4.43 -13.08 8.50
N ARG A 50 5.18 -12.54 7.55
CA ARG A 50 6.63 -12.44 7.66
C ARG A 50 6.98 -11.49 8.79
N LEU A 51 6.33 -10.33 8.83
CA LEU A 51 6.51 -9.35 9.90
C LEU A 51 6.25 -9.99 11.25
N TYR A 52 5.19 -10.80 11.31
CA TYR A 52 4.87 -11.56 12.52
C TYR A 52 6.03 -12.48 12.89
N THR A 53 6.62 -13.10 11.87
CA THR A 53 7.72 -14.03 12.07
C THR A 53 8.95 -13.31 12.60
N GLU A 54 9.27 -12.16 12.01
CA GLU A 54 10.41 -11.37 12.45
C GLU A 54 10.17 -10.83 13.86
N ALA A 55 8.92 -10.53 14.17
CA ALA A 55 8.54 -10.06 15.50
C ALA A 55 8.71 -11.18 16.51
N ALA A 56 8.50 -12.41 16.07
CA ALA A 56 8.69 -13.59 16.93
C ALA A 56 10.16 -13.73 17.28
N THR A 57 11.02 -13.52 16.29
CA THR A 57 12.46 -13.57 16.50
C THR A 57 12.96 -12.31 17.21
N SER A 58 12.05 -11.36 17.44
CA SER A 58 12.36 -10.07 18.05
C SER A 58 13.46 -9.36 17.26
N ASP A 59 13.45 -9.59 15.95
CA ASP A 59 14.41 -8.96 15.07
C ASP A 59 13.82 -7.69 14.52
N PHE A 60 13.79 -6.66 15.37
CA PHE A 60 13.25 -5.36 14.99
C PHE A 60 13.97 -4.76 13.79
N ALA A 61 15.24 -5.10 13.62
CA ALA A 61 15.99 -4.65 12.46
C ALA A 61 15.41 -5.27 11.18
N ALA A 62 15.00 -6.53 11.29
CA ALA A 62 14.43 -7.23 10.16
C ALA A 62 12.99 -6.78 9.97
N LEU A 63 12.33 -6.54 11.09
CA LEU A 63 10.99 -5.98 11.08
C LEU A 63 10.98 -4.67 10.30
N ALA A 64 11.93 -3.80 10.61
CA ALA A 64 12.07 -2.52 9.93
C ALA A 64 12.35 -2.70 8.45
N GLN A 65 13.18 -3.70 8.12
CA GLN A 65 13.48 -4.00 6.72
C GLN A 65 12.21 -4.41 5.97
N THR A 66 11.44 -5.32 6.58
CA THR A 66 10.20 -5.80 5.99
C THR A 66 9.19 -4.66 5.86
N ALA A 67 9.03 -3.87 6.92
CA ALA A 67 8.12 -2.74 6.90
C ALA A 67 8.56 -1.70 5.87
N HIS A 68 9.86 -1.59 5.66
CA HIS A 68 10.40 -0.66 4.69
C HIS A 68 10.05 -1.08 3.27
N ARG A 69 10.10 -2.38 3.00
CA ARG A 69 9.73 -2.88 1.68
C ARG A 69 8.23 -2.72 1.46
N LEU A 70 7.44 -2.83 2.53
CA LEU A 70 6.00 -2.61 2.45
C LEU A 70 5.71 -1.14 2.17
N LYS A 71 6.47 -0.25 2.80
CA LYS A 71 6.42 1.17 2.47
C LYS A 71 6.55 1.37 0.97
N GLY A 72 7.61 0.80 0.43
CA GLY A 72 7.92 0.95 -0.98
C GLY A 72 6.82 0.45 -1.89
N VAL A 73 6.29 -0.74 -1.61
CA VAL A 73 5.28 -1.33 -2.47
C VAL A 73 3.94 -0.60 -2.37
N PHE A 74 3.57 -0.16 -1.17
CA PHE A 74 2.33 0.59 -1.00
C PHE A 74 2.45 1.94 -1.67
N ALA A 75 3.60 2.59 -1.51
CA ALA A 75 3.87 3.85 -2.17
C ALA A 75 3.96 3.65 -3.68
N MET A 76 4.37 2.44 -4.07
CA MET A 76 4.48 2.06 -5.47
C MET A 76 3.11 2.07 -6.14
N LEU A 77 2.11 1.53 -5.45
CA LEU A 77 0.74 1.57 -5.95
C LEU A 77 0.09 2.90 -5.57
N ASN A 78 0.79 3.66 -4.72
CA ASN A 78 0.33 4.97 -4.24
C ASN A 78 -0.84 4.78 -3.29
N LEU A 79 -0.79 3.70 -2.54
CA LEU A 79 -1.75 3.40 -1.50
C LEU A 79 -1.36 4.14 -0.23
N VAL A 80 -1.87 5.36 -0.09
CA VAL A 80 -1.45 6.24 1.00
C VAL A 80 -1.72 5.63 2.39
N PRO A 81 -2.95 5.15 2.71
CA PRO A 81 -3.25 4.63 4.05
C PRO A 81 -2.37 3.43 4.41
N GLY A 82 -2.13 2.56 3.44
CA GLY A 82 -1.28 1.40 3.67
C GLY A 82 0.15 1.79 3.98
N LYS A 83 0.70 2.68 3.16
CA LYS A 83 2.06 3.17 3.37
C LYS A 83 2.15 3.97 4.66
N GLN A 84 1.08 4.70 4.98
CA GLN A 84 1.00 5.45 6.24
C GLN A 84 1.17 4.52 7.43
N LEU A 85 0.49 3.38 7.38
CA LEU A 85 0.58 2.38 8.43
C LEU A 85 2.00 1.84 8.54
N CYS A 86 2.61 1.58 7.40
CA CYS A 86 3.98 1.06 7.35
C CYS A 86 4.97 2.06 7.94
N GLU A 87 4.70 3.35 7.76
CA GLU A 87 5.55 4.40 8.30
C GLU A 87 5.49 4.42 9.83
N THR A 88 4.27 4.50 10.36
CA THR A 88 4.07 4.51 11.80
C THR A 88 4.52 3.20 12.42
N LEU A 89 4.38 2.11 11.67
CA LEU A 89 4.86 0.80 12.11
C LEU A 89 6.37 0.84 12.34
N GLU A 90 7.10 1.39 11.37
CA GLU A 90 8.55 1.49 11.48
C GLU A 90 8.94 2.36 12.68
N HIS A 91 8.13 3.38 12.95
CA HIS A 91 8.34 4.22 14.14
C HIS A 91 8.16 3.40 15.40
N LEU A 92 7.14 2.56 15.43
CA LEU A 92 6.89 1.70 16.57
C LEU A 92 8.00 0.68 16.73
N ILE A 93 8.59 0.29 15.62
CA ILE A 93 9.71 -0.65 15.62
C ILE A 93 10.95 0.04 16.15
N ARG A 94 11.14 1.29 15.73
CA ARG A 94 12.26 2.10 16.20
C ARG A 94 12.14 2.39 17.70
N GLU A 95 10.91 2.41 18.20
CA GLU A 95 10.65 2.62 19.62
C GLU A 95 10.67 1.29 20.35
N LYS A 96 10.75 0.20 19.58
CA LYS A 96 10.77 -1.15 20.12
C LYS A 96 9.51 -1.43 20.93
N ASP A 97 8.38 -0.89 20.48
CA ASP A 97 7.11 -1.12 21.15
C ASP A 97 6.42 -2.33 20.55
N VAL A 98 6.75 -3.51 21.07
CA VAL A 98 6.28 -4.78 20.53
C VAL A 98 4.76 -4.84 20.39
N PRO A 99 3.98 -4.59 21.47
CA PRO A 99 2.51 -4.61 21.41
C PRO A 99 1.97 -3.66 20.35
N GLY A 100 2.61 -2.50 20.23
CA GLY A 100 2.21 -1.54 19.23
C GLY A 100 2.49 -2.05 17.82
N ILE A 101 3.65 -2.67 17.65
CA ILE A 101 4.05 -3.23 16.38
C ILE A 101 3.07 -4.32 15.93
N GLU A 102 2.88 -5.33 16.78
CA GLU A 102 2.03 -6.46 16.44
C GLU A 102 0.60 -6.00 16.15
N LYS A 103 0.13 -5.03 16.93
CA LYS A 103 -1.21 -4.48 16.74
C LYS A 103 -1.32 -3.76 15.39
N TYR A 104 -0.24 -3.08 15.01
CA TYR A 104 -0.24 -2.35 13.75
C TYR A 104 -0.17 -3.32 12.57
N ILE A 105 0.54 -4.44 12.76
CA ILE A 105 0.60 -5.47 11.73
C ILE A 105 -0.78 -6.07 11.50
N SER A 106 -1.53 -6.30 12.58
CA SER A 106 -2.88 -6.82 12.47
C SER A 106 -3.81 -5.77 11.88
N ASP A 107 -3.49 -4.51 12.10
CA ASP A 107 -4.26 -3.41 11.52
C ASP A 107 -4.03 -3.34 10.02
N ILE A 108 -2.80 -3.64 9.59
CA ILE A 108 -2.49 -3.77 8.17
C ILE A 108 -3.17 -5.02 7.61
N ASP A 109 -3.26 -6.04 8.44
CA ASP A 109 -3.83 -7.32 8.05
C ASP A 109 -5.32 -7.17 7.84
N SER A 110 -5.94 -6.45 8.75
CA SER A 110 -7.35 -6.14 8.67
C SER A 110 -7.61 -5.15 7.53
N TYR A 111 -6.66 -4.22 7.38
CA TYR A 111 -6.71 -3.22 6.30
C TYR A 111 -6.83 -3.91 4.97
N VAL A 112 -5.86 -4.76 4.72
CA VAL A 112 -5.75 -5.48 3.48
C VAL A 112 -6.87 -6.51 3.36
N LYS A 113 -7.29 -7.05 4.51
CA LYS A 113 -8.39 -8.00 4.56
C LYS A 113 -9.65 -7.43 3.92
N SER A 114 -9.94 -6.17 4.21
CA SER A 114 -11.13 -5.54 3.67
C SER A 114 -10.85 -4.86 2.32
N LEU A 115 -9.58 -4.59 2.05
CA LEU A 115 -9.20 -3.95 0.79
C LEU A 115 -9.02 -4.97 -0.33
N LEU A 116 -9.02 -6.25 0.03
CA LEU A 116 -8.99 -7.32 -0.96
C LEU A 116 -10.33 -7.43 -1.67
N MET A 1 -32.75 -36.55 -2.36
CA MET A 1 -32.32 -35.28 -1.74
C MET A 1 -32.32 -35.41 -0.22
N GLN A 2 -31.58 -34.53 0.45
CA GLN A 2 -31.43 -34.52 1.91
C GLN A 2 -30.49 -35.63 2.38
N GLU A 3 -30.73 -36.86 1.94
CA GLU A 3 -29.84 -37.98 2.26
C GLU A 3 -28.52 -37.80 1.50
N ALA A 4 -28.63 -37.34 0.28
CA ALA A 4 -27.46 -37.00 -0.52
C ALA A 4 -27.50 -35.52 -0.91
N VAL A 5 -27.64 -34.66 0.09
CA VAL A 5 -27.74 -33.22 -0.14
C VAL A 5 -26.36 -32.57 -0.05
N LEU A 6 -26.12 -31.58 -0.90
CA LEU A 6 -24.86 -30.87 -0.93
C LEU A 6 -25.04 -29.53 -1.64
N GLN A 7 -24.00 -28.72 -1.62
CA GLN A 7 -24.02 -27.43 -2.30
C GLN A 7 -22.92 -27.40 -3.35
N LEU A 8 -23.00 -26.44 -4.27
CA LEU A 8 -21.95 -26.23 -5.24
C LEU A 8 -20.85 -25.39 -4.63
N ILE A 9 -19.88 -26.06 -4.01
CA ILE A 9 -18.81 -25.40 -3.24
C ILE A 9 -19.40 -24.73 -2.00
N GLU A 10 -20.13 -23.65 -2.20
CA GLU A 10 -20.82 -22.94 -1.13
C GLU A 10 -21.90 -22.02 -1.71
N VAL A 11 -21.81 -21.80 -3.02
CA VAL A 11 -22.71 -20.92 -3.73
C VAL A 11 -22.93 -21.46 -5.14
N GLN A 12 -24.09 -22.04 -5.35
CA GLN A 12 -24.42 -22.71 -6.61
C GLN A 12 -24.71 -21.72 -7.74
N LEU A 13 -24.01 -20.59 -7.75
CA LEU A 13 -24.14 -19.55 -8.77
C LEU A 13 -23.38 -18.32 -8.35
N ALA A 14 -24.03 -17.52 -7.50
CA ALA A 14 -23.50 -16.25 -7.03
C ALA A 14 -24.45 -15.70 -5.98
N GLN A 15 -24.69 -16.50 -4.96
CA GLN A 15 -25.69 -16.20 -3.95
C GLN A 15 -25.30 -14.97 -3.13
N GLU A 16 -24.01 -14.75 -3.02
CA GLU A 16 -23.51 -13.63 -2.26
C GLU A 16 -22.44 -12.88 -3.02
N GLU A 17 -22.09 -11.74 -2.48
CA GLU A 17 -21.04 -10.88 -3.01
C GLU A 17 -20.38 -10.21 -1.81
N VAL A 18 -19.60 -9.17 -2.05
CA VAL A 18 -19.14 -8.35 -0.96
C VAL A 18 -20.20 -7.30 -0.64
N THR A 19 -20.69 -7.34 0.59
CA THR A 19 -21.73 -6.43 1.01
C THR A 19 -21.38 -5.79 2.35
N GLU A 20 -20.10 -5.48 2.50
CA GLU A 20 -19.61 -4.84 3.71
C GLU A 20 -18.93 -3.53 3.36
N SER A 21 -17.84 -3.65 2.59
CA SER A 21 -17.07 -2.50 2.12
C SER A 21 -16.63 -1.61 3.30
N PRO A 22 -15.68 -2.10 4.12
CA PRO A 22 -15.13 -1.32 5.24
C PRO A 22 -14.43 -0.06 4.75
N LEU A 23 -13.90 -0.15 3.54
CA LEU A 23 -13.27 0.99 2.89
C LEU A 23 -13.64 0.98 1.41
N GLY A 24 -14.93 1.17 1.14
CA GLY A 24 -15.42 1.11 -0.23
C GLY A 24 -15.23 2.42 -0.96
N GLY A 25 -13.99 2.89 -0.99
CA GLY A 25 -13.70 4.15 -1.63
C GLY A 25 -12.88 3.99 -2.89
N ASP A 26 -11.63 4.45 -2.83
CA ASP A 26 -10.78 4.50 -4.00
C ASP A 26 -9.70 3.41 -3.98
N GLU A 27 -9.37 2.94 -2.79
CA GLU A 27 -8.24 2.00 -2.60
C GLU A 27 -8.28 0.84 -3.59
N ASN A 28 -9.37 0.09 -3.59
CA ASN A 28 -9.50 -1.10 -4.42
C ASN A 28 -9.67 -0.72 -5.89
N ALA A 29 -10.50 0.28 -6.14
CA ALA A 29 -10.78 0.75 -7.48
C ALA A 29 -9.51 1.20 -8.20
N GLN A 30 -8.71 1.99 -7.51
CA GLN A 30 -7.46 2.50 -8.08
C GLN A 30 -6.46 1.36 -8.28
N LEU A 31 -6.29 0.53 -7.26
CA LEU A 31 -5.33 -0.57 -7.31
C LEU A 31 -5.69 -1.56 -8.43
N HIS A 32 -6.98 -1.77 -8.63
CA HIS A 32 -7.45 -2.66 -9.69
C HIS A 32 -7.24 -2.02 -11.06
N ALA A 33 -7.52 -0.72 -11.14
CA ALA A 33 -7.40 0.02 -12.40
C ALA A 33 -5.96 0.07 -12.89
N SER A 34 -5.02 0.35 -12.00
CA SER A 34 -3.62 0.44 -12.36
C SER A 34 -3.06 -0.93 -12.73
N GLY A 35 -3.73 -1.99 -12.29
CA GLY A 35 -3.44 -3.32 -12.78
C GLY A 35 -2.46 -4.09 -11.93
N TYR A 36 -1.94 -3.49 -10.86
CA TYR A 36 -1.00 -4.19 -10.01
C TYR A 36 -1.72 -4.92 -8.88
N TYR A 37 -2.86 -5.50 -9.20
CA TYR A 37 -3.63 -6.27 -8.23
C TYR A 37 -2.88 -7.52 -7.82
N ALA A 38 -2.03 -8.02 -8.71
CA ALA A 38 -1.24 -9.21 -8.46
C ALA A 38 -0.38 -9.04 -7.21
N LEU A 39 0.34 -7.93 -7.14
CA LEU A 39 1.24 -7.65 -6.01
C LEU A 39 0.47 -7.64 -4.69
N PHE A 40 -0.78 -7.21 -4.75
CA PHE A 40 -1.62 -7.07 -3.57
C PHE A 40 -1.86 -8.41 -2.88
N VAL A 41 -1.90 -9.49 -3.65
CA VAL A 41 -2.12 -10.81 -3.10
C VAL A 41 -0.86 -11.66 -3.13
N ASP A 42 0.03 -11.33 -4.06
CA ASP A 42 1.28 -12.07 -4.23
C ASP A 42 2.29 -11.70 -3.14
N THR A 43 2.52 -10.41 -2.99
CA THR A 43 3.57 -9.93 -2.11
C THR A 43 3.03 -9.44 -0.76
N VAL A 44 1.98 -8.63 -0.80
CA VAL A 44 1.49 -7.96 0.41
C VAL A 44 1.20 -8.93 1.56
N PRO A 45 0.33 -9.95 1.36
CA PRO A 45 -0.01 -10.91 2.43
C PRO A 45 1.21 -11.69 2.89
N ASP A 46 2.12 -11.96 1.97
CA ASP A 46 3.36 -12.68 2.29
C ASP A 46 4.27 -11.81 3.14
N ASP A 47 4.31 -10.52 2.82
CA ASP A 47 5.12 -9.57 3.57
C ASP A 47 4.55 -9.37 4.97
N VAL A 48 3.22 -9.37 5.08
CA VAL A 48 2.57 -9.30 6.38
C VAL A 48 2.92 -10.55 7.20
N LYS A 49 2.90 -11.69 6.54
CA LYS A 49 3.31 -12.94 7.18
C LYS A 49 4.79 -12.89 7.52
N ARG A 50 5.58 -12.28 6.64
CA ARG A 50 7.01 -12.09 6.89
C ARG A 50 7.22 -11.23 8.14
N LEU A 51 6.41 -10.18 8.29
CA LEU A 51 6.43 -9.36 9.49
C LEU A 51 6.20 -10.23 10.72
N TYR A 52 5.21 -11.12 10.62
CA TYR A 52 4.91 -12.07 11.69
C TYR A 52 6.10 -12.98 11.95
N THR A 53 6.81 -13.34 10.87
CA THR A 53 7.91 -14.29 10.96
C THR A 53 9.09 -13.67 11.69
N GLU A 54 9.37 -12.41 11.38
CA GLU A 54 10.49 -11.71 11.98
C GLU A 54 10.13 -11.23 13.38
N ALA A 55 8.85 -10.99 13.61
CA ALA A 55 8.35 -10.66 14.94
C ALA A 55 8.45 -11.88 15.85
N ALA A 56 8.34 -13.06 15.26
CA ALA A 56 8.48 -14.31 16.00
C ALA A 56 9.91 -14.51 16.47
N THR A 57 10.87 -14.10 15.64
CA THR A 57 12.28 -14.20 15.98
C THR A 57 12.74 -12.98 16.77
N SER A 58 11.88 -11.95 16.82
CA SER A 58 12.17 -10.70 17.52
C SER A 58 13.34 -9.98 16.85
N ASP A 59 13.46 -10.20 15.56
CA ASP A 59 14.51 -9.55 14.78
C ASP A 59 14.02 -8.18 14.34
N PHE A 60 14.07 -7.24 15.27
CA PHE A 60 13.62 -5.88 15.03
C PHE A 60 14.34 -5.22 13.85
N ALA A 61 15.58 -5.64 13.58
CA ALA A 61 16.31 -5.15 12.42
C ALA A 61 15.59 -5.59 11.15
N ALA A 62 15.10 -6.82 11.16
CA ALA A 62 14.37 -7.37 10.03
C ALA A 62 12.95 -6.84 10.02
N LEU A 63 12.44 -6.53 11.21
CA LEU A 63 11.15 -5.89 11.35
C LEU A 63 11.17 -4.54 10.65
N ALA A 64 12.21 -3.76 10.90
CA ALA A 64 12.38 -2.48 10.23
C ALA A 64 12.54 -2.67 8.73
N GLN A 65 13.29 -3.70 8.34
CA GLN A 65 13.46 -4.04 6.94
C GLN A 65 12.11 -4.37 6.29
N THR A 66 11.33 -5.21 6.94
CA THR A 66 10.03 -5.62 6.42
C THR A 66 9.03 -4.46 6.44
N ALA A 67 9.09 -3.63 7.48
CA ALA A 67 8.25 -2.44 7.54
C ALA A 67 8.59 -1.52 6.39
N HIS A 68 9.87 -1.45 6.05
CA HIS A 68 10.34 -0.67 4.90
C HIS A 68 9.90 -1.34 3.60
N ARG A 69 9.93 -2.66 3.58
CA ARG A 69 9.48 -3.41 2.41
C ARG A 69 8.01 -3.14 2.14
N LEU A 70 7.20 -3.23 3.20
CA LEU A 70 5.77 -2.99 3.08
C LEU A 70 5.50 -1.53 2.74
N LYS A 71 6.26 -0.64 3.37
CA LYS A 71 6.18 0.78 3.09
C LYS A 71 6.46 1.03 1.61
N GLY A 72 7.50 0.38 1.10
CA GLY A 72 7.87 0.53 -0.29
C GLY A 72 6.84 -0.02 -1.26
N VAL A 73 6.37 -1.25 -1.01
CA VAL A 73 5.41 -1.87 -1.92
C VAL A 73 4.06 -1.16 -1.88
N PHE A 74 3.65 -0.70 -0.70
CA PHE A 74 2.40 0.04 -0.57
C PHE A 74 2.53 1.41 -1.24
N ALA A 75 3.70 2.04 -1.10
CA ALA A 75 3.97 3.28 -1.79
C ALA A 75 4.03 3.06 -3.30
N MET A 76 4.49 1.89 -3.69
CA MET A 76 4.54 1.49 -5.09
C MET A 76 3.12 1.26 -5.63
N LEU A 77 2.26 0.68 -4.80
CA LEU A 77 0.86 0.49 -5.15
C LEU A 77 0.08 1.78 -4.96
N ASN A 78 0.74 2.76 -4.35
CA ASN A 78 0.18 4.10 -4.16
C ASN A 78 -0.96 4.06 -3.16
N LEU A 79 -0.91 3.07 -2.28
CA LEU A 79 -1.93 2.90 -1.26
C LEU A 79 -1.60 3.77 -0.05
N VAL A 80 -2.15 4.97 -0.03
CA VAL A 80 -1.84 5.97 1.00
C VAL A 80 -2.04 5.44 2.42
N PRO A 81 -3.25 4.97 2.79
CA PRO A 81 -3.52 4.49 4.15
C PRO A 81 -2.58 3.36 4.56
N GLY A 82 -2.34 2.43 3.62
CA GLY A 82 -1.43 1.33 3.89
C GLY A 82 0.00 1.80 4.07
N LYS A 83 0.43 2.71 3.21
CA LYS A 83 1.78 3.26 3.27
C LYS A 83 1.98 4.06 4.57
N GLN A 84 0.94 4.81 4.94
CA GLN A 84 0.97 5.59 6.16
C GLN A 84 1.05 4.68 7.39
N LEU A 85 0.33 3.57 7.33
CA LEU A 85 0.37 2.57 8.39
C LEU A 85 1.80 2.07 8.58
N CYS A 86 2.44 1.72 7.46
CA CYS A 86 3.81 1.21 7.49
C CYS A 86 4.79 2.27 8.00
N GLU A 87 4.55 3.54 7.65
CA GLU A 87 5.37 4.63 8.15
C GLU A 87 5.32 4.70 9.66
N THR A 88 4.11 4.68 10.20
CA THR A 88 3.92 4.71 11.64
C THR A 88 4.41 3.42 12.29
N LEU A 89 4.23 2.30 11.60
CA LEU A 89 4.75 1.01 12.07
C LEU A 89 6.26 1.07 12.22
N GLU A 90 6.92 1.64 11.22
CA GLU A 90 8.36 1.82 11.24
C GLU A 90 8.77 2.71 12.41
N HIS A 91 7.96 3.71 12.70
CA HIS A 91 8.16 4.57 13.87
C HIS A 91 8.02 3.75 15.16
N LEU A 92 7.16 2.76 15.15
CA LEU A 92 6.97 1.90 16.32
C LEU A 92 8.15 0.94 16.45
N ILE A 93 8.70 0.52 15.31
CA ILE A 93 9.90 -0.31 15.28
C ILE A 93 11.10 0.48 15.80
N ARG A 94 11.25 1.70 15.29
CA ARG A 94 12.33 2.59 15.70
C ARG A 94 12.22 2.93 17.19
N GLU A 95 10.99 3.04 17.67
CA GLU A 95 10.72 3.39 19.04
C GLU A 95 10.66 2.14 19.92
N LYS A 96 10.80 0.98 19.29
CA LYS A 96 10.83 -0.31 19.99
C LYS A 96 9.61 -0.50 20.88
N ASP A 97 8.43 -0.26 20.33
CA ASP A 97 7.20 -0.43 21.10
C ASP A 97 6.46 -1.68 20.65
N VAL A 98 6.67 -2.76 21.40
CA VAL A 98 6.13 -4.07 21.06
C VAL A 98 4.61 -4.04 20.86
N PRO A 99 3.82 -3.59 21.88
CA PRO A 99 2.36 -3.52 21.78
C PRO A 99 1.89 -2.75 20.55
N GLY A 100 2.51 -1.59 20.32
CA GLY A 100 2.15 -0.77 19.18
C GLY A 100 2.48 -1.44 17.86
N ILE A 101 3.64 -2.09 17.81
CA ILE A 101 4.07 -2.79 16.61
C ILE A 101 3.03 -3.82 16.16
N GLU A 102 2.73 -4.77 17.03
CA GLU A 102 1.81 -5.84 16.67
C GLU A 102 0.40 -5.31 16.46
N LYS A 103 0.02 -4.29 17.22
CA LYS A 103 -1.28 -3.66 17.07
C LYS A 103 -1.45 -3.10 15.67
N TYR A 104 -0.39 -2.48 15.17
CA TYR A 104 -0.42 -1.89 13.84
C TYR A 104 -0.37 -2.97 12.76
N ILE A 105 0.31 -4.07 13.06
CA ILE A 105 0.29 -5.22 12.15
C ILE A 105 -1.13 -5.73 12.00
N SER A 106 -1.87 -5.79 13.12
CA SER A 106 -3.28 -6.16 13.09
C SER A 106 -4.08 -5.15 12.29
N ASP A 107 -3.71 -3.87 12.39
CA ASP A 107 -4.40 -2.83 11.64
C ASP A 107 -4.17 -2.99 10.14
N ILE A 108 -2.94 -3.34 9.77
CA ILE A 108 -2.62 -3.62 8.37
C ILE A 108 -3.32 -4.90 7.92
N ASP A 109 -3.45 -5.85 8.83
CA ASP A 109 -4.04 -7.14 8.54
C ASP A 109 -5.54 -6.99 8.35
N SER A 110 -6.14 -6.20 9.21
CA SER A 110 -7.55 -5.88 9.11
C SER A 110 -7.80 -5.06 7.85
N TYR A 111 -6.83 -4.24 7.48
CA TYR A 111 -6.90 -3.40 6.29
C TYR A 111 -7.00 -4.26 5.06
N VAL A 112 -6.00 -5.10 4.91
CA VAL A 112 -5.87 -5.97 3.77
C VAL A 112 -6.99 -7.02 3.74
N LYS A 113 -7.45 -7.41 4.93
CA LYS A 113 -8.58 -8.33 5.06
C LYS A 113 -9.87 -7.65 4.63
N SER A 114 -9.93 -6.33 4.80
CA SER A 114 -11.10 -5.56 4.38
C SER A 114 -11.11 -5.40 2.87
N LEU A 115 -9.92 -5.40 2.27
CA LEU A 115 -9.80 -5.30 0.84
C LEU A 115 -10.04 -6.66 0.15
N LEU A 116 -9.25 -7.67 0.51
CA LEU A 116 -9.35 -8.97 -0.14
C LEU A 116 -10.06 -9.98 0.76
N MET A 1 -26.19 32.01 -43.65
CA MET A 1 -25.83 30.59 -43.85
C MET A 1 -25.31 30.35 -45.26
N GLN A 2 -24.03 30.04 -45.38
CA GLN A 2 -23.44 29.76 -46.67
C GLN A 2 -22.38 28.67 -46.57
N GLU A 3 -21.31 28.96 -45.82
CA GLU A 3 -20.20 28.02 -45.70
C GLU A 3 -20.33 27.15 -44.46
N ALA A 4 -20.74 27.76 -43.36
CA ALA A 4 -20.83 27.05 -42.09
C ALA A 4 -22.27 26.68 -41.78
N VAL A 5 -22.77 25.66 -42.48
CA VAL A 5 -24.12 25.19 -42.26
C VAL A 5 -24.21 24.42 -40.94
N LEU A 6 -23.23 23.57 -40.71
CA LEU A 6 -23.14 22.79 -39.49
C LEU A 6 -21.71 22.82 -38.97
N GLN A 7 -21.41 22.02 -37.95
CA GLN A 7 -20.06 21.97 -37.41
C GLN A 7 -19.47 20.58 -37.60
N LEU A 8 -18.63 20.15 -36.67
CA LEU A 8 -17.95 18.87 -36.76
C LEU A 8 -17.92 18.21 -35.39
N ILE A 9 -17.03 18.71 -34.55
CA ILE A 9 -16.95 18.30 -33.17
C ILE A 9 -16.91 19.55 -32.31
N GLU A 10 -18.06 19.94 -31.78
CA GLU A 10 -18.14 21.07 -30.87
C GLU A 10 -17.16 20.88 -29.70
N VAL A 11 -16.96 19.63 -29.31
CA VAL A 11 -16.01 19.26 -28.27
C VAL A 11 -14.79 18.61 -28.90
N GLN A 12 -14.22 19.32 -29.89
CA GLN A 12 -13.15 18.81 -30.75
C GLN A 12 -12.10 17.98 -30.01
N LEU A 13 -11.28 18.64 -29.20
CA LEU A 13 -10.13 17.99 -28.60
C LEU A 13 -10.39 17.63 -27.14
N ALA A 14 -11.58 17.99 -26.64
CA ALA A 14 -11.90 17.79 -25.24
C ALA A 14 -13.36 17.40 -25.08
N GLN A 15 -13.61 16.12 -24.85
CA GLN A 15 -14.94 15.61 -24.60
C GLN A 15 -15.11 15.41 -23.09
N GLU A 16 -15.16 14.16 -22.68
CA GLU A 16 -15.14 13.85 -21.26
C GLU A 16 -13.76 13.35 -20.86
N GLU A 17 -13.40 13.48 -19.59
CA GLU A 17 -12.07 13.11 -19.12
C GLU A 17 -12.18 12.26 -17.86
N VAL A 18 -12.16 10.95 -18.03
CA VAL A 18 -12.31 10.02 -16.91
C VAL A 18 -10.98 9.80 -16.18
N THR A 19 -10.30 10.88 -15.87
CA THR A 19 -9.02 10.82 -15.19
C THR A 19 -8.96 11.88 -14.09
N GLU A 20 -10.11 12.18 -13.52
CA GLU A 20 -10.21 13.21 -12.49
C GLU A 20 -10.64 12.61 -11.16
N SER A 21 -10.61 13.44 -10.12
CA SER A 21 -11.06 13.04 -8.79
C SER A 21 -10.10 12.04 -8.13
N PRO A 22 -9.24 12.52 -7.21
CA PRO A 22 -8.39 11.65 -6.40
C PRO A 22 -9.22 10.65 -5.58
N LEU A 23 -8.55 9.66 -5.02
CA LEU A 23 -9.22 8.59 -4.29
C LEU A 23 -9.68 9.07 -2.91
N GLY A 24 -9.17 8.46 -1.87
CA GLY A 24 -9.59 8.80 -0.52
C GLY A 24 -10.81 8.00 -0.11
N GLY A 25 -10.75 6.69 -0.32
CA GLY A 25 -11.85 5.82 0.02
C GLY A 25 -11.79 4.51 -0.72
N ASP A 26 -11.79 4.57 -2.05
CA ASP A 26 -11.70 3.38 -2.88
C ASP A 26 -10.43 3.43 -3.73
N GLU A 27 -9.33 3.03 -3.13
CA GLU A 27 -8.05 2.95 -3.82
C GLU A 27 -7.95 1.63 -4.57
N ASN A 28 -8.74 0.67 -4.10
CA ASN A 28 -8.74 -0.67 -4.66
C ASN A 28 -9.20 -0.65 -6.12
N ALA A 29 -10.10 0.26 -6.45
CA ALA A 29 -10.57 0.41 -7.82
C ALA A 29 -9.42 0.69 -8.77
N GLN A 30 -8.59 1.66 -8.42
CA GLN A 30 -7.47 2.06 -9.28
C GLN A 30 -6.41 0.98 -9.27
N LEU A 31 -6.17 0.40 -8.11
CA LEU A 31 -5.19 -0.68 -7.97
C LEU A 31 -5.60 -1.90 -8.77
N HIS A 32 -6.91 -2.13 -8.85
CA HIS A 32 -7.45 -3.24 -9.61
C HIS A 32 -7.37 -2.95 -11.11
N ALA A 33 -7.74 -1.73 -11.49
CA ALA A 33 -7.77 -1.32 -12.89
C ALA A 33 -6.38 -1.36 -13.52
N SER A 34 -5.36 -1.04 -12.73
CA SER A 34 -3.99 -1.02 -13.23
C SER A 34 -3.40 -2.43 -13.29
N GLY A 35 -4.15 -3.40 -12.78
CA GLY A 35 -3.65 -4.77 -12.72
C GLY A 35 -2.65 -4.94 -11.59
N TYR A 36 -2.58 -3.95 -10.72
CA TYR A 36 -1.64 -3.96 -9.60
C TYR A 36 -2.18 -4.81 -8.47
N TYR A 37 -3.43 -5.23 -8.60
CA TYR A 37 -4.05 -6.15 -7.65
C TYR A 37 -3.20 -7.41 -7.52
N ALA A 38 -2.65 -7.85 -8.64
CA ALA A 38 -1.78 -9.01 -8.68
C ALA A 38 -0.56 -8.80 -7.79
N LEU A 39 0.05 -7.62 -7.90
CA LEU A 39 1.22 -7.27 -7.11
C LEU A 39 0.85 -7.17 -5.63
N PHE A 40 -0.34 -6.65 -5.38
CA PHE A 40 -0.85 -6.49 -4.02
C PHE A 40 -1.03 -7.85 -3.36
N VAL A 41 -1.77 -8.73 -4.00
CA VAL A 41 -2.09 -10.03 -3.42
C VAL A 41 -0.87 -10.96 -3.40
N ASP A 42 0.13 -10.63 -4.20
CA ASP A 42 1.33 -11.46 -4.30
C ASP A 42 2.23 -11.31 -3.07
N THR A 43 2.77 -10.12 -2.88
CA THR A 43 3.79 -9.94 -1.84
C THR A 43 3.20 -9.40 -0.53
N VAL A 44 2.21 -8.52 -0.61
CA VAL A 44 1.74 -7.80 0.57
C VAL A 44 1.27 -8.75 1.70
N PRO A 45 0.29 -9.64 1.45
CA PRO A 45 -0.23 -10.55 2.48
C PRO A 45 0.87 -11.46 3.05
N ASP A 46 1.72 -11.97 2.18
CA ASP A 46 2.77 -12.89 2.61
C ASP A 46 3.87 -12.15 3.34
N ASP A 47 4.13 -10.91 2.92
CA ASP A 47 5.10 -10.06 3.62
C ASP A 47 4.58 -9.73 5.01
N VAL A 48 3.27 -9.57 5.13
CA VAL A 48 2.64 -9.30 6.42
C VAL A 48 2.82 -10.49 7.37
N LYS A 49 2.58 -11.71 6.89
CA LYS A 49 2.76 -12.89 7.73
C LYS A 49 4.26 -13.13 7.98
N ARG A 50 5.10 -12.65 7.06
CA ARG A 50 6.54 -12.68 7.26
C ARG A 50 6.92 -11.69 8.36
N LEU A 51 6.24 -10.54 8.39
CA LEU A 51 6.39 -9.59 9.48
C LEU A 51 6.00 -10.23 10.81
N TYR A 52 4.92 -11.01 10.78
CA TYR A 52 4.50 -11.81 11.94
C TYR A 52 5.65 -12.69 12.40
N THR A 53 6.33 -13.30 11.43
CA THR A 53 7.42 -14.22 11.70
C THR A 53 8.60 -13.48 12.33
N GLU A 54 8.93 -12.34 11.76
CA GLU A 54 10.06 -11.54 12.22
C GLU A 54 9.79 -10.93 13.59
N ALA A 55 8.57 -10.45 13.80
CA ALA A 55 8.17 -9.86 15.07
C ALA A 55 8.19 -10.91 16.17
N ALA A 56 7.80 -12.13 15.83
CA ALA A 56 7.74 -13.22 16.80
C ALA A 56 9.13 -13.62 17.29
N THR A 57 10.15 -13.39 16.47
CA THR A 57 11.51 -13.69 16.86
C THR A 57 12.22 -12.45 17.42
N SER A 58 11.49 -11.33 17.48
CA SER A 58 12.02 -10.07 18.00
C SER A 58 13.19 -9.58 17.14
N ASP A 59 13.13 -9.88 15.85
CA ASP A 59 14.14 -9.45 14.91
C ASP A 59 13.76 -8.10 14.34
N PHE A 60 13.85 -7.09 15.20
CA PHE A 60 13.39 -5.73 14.87
C PHE A 60 14.08 -5.16 13.65
N ALA A 61 15.38 -5.43 13.50
CA ALA A 61 16.12 -4.95 12.34
C ALA A 61 15.55 -5.53 11.05
N ALA A 62 15.13 -6.79 11.12
CA ALA A 62 14.59 -7.48 9.96
C ALA A 62 13.14 -7.08 9.78
N LEU A 63 12.46 -6.86 10.89
CA LEU A 63 11.12 -6.32 10.89
C LEU A 63 11.11 -4.96 10.21
N ALA A 64 12.16 -4.18 10.47
CA ALA A 64 12.32 -2.86 9.88
C ALA A 64 12.46 -2.94 8.36
N GLN A 65 13.37 -3.80 7.88
CA GLN A 65 13.57 -3.92 6.43
C GLN A 65 12.29 -4.39 5.73
N THR A 66 11.52 -5.24 6.40
CA THR A 66 10.27 -5.72 5.85
C THR A 66 9.22 -4.60 5.84
N ALA A 67 9.13 -3.85 6.92
CA ALA A 67 8.21 -2.73 7.00
C ALA A 67 8.60 -1.64 6.00
N HIS A 68 9.90 -1.54 5.76
CA HIS A 68 10.44 -0.64 4.76
C HIS A 68 9.89 -0.99 3.39
N ARG A 69 9.97 -2.26 3.03
CA ARG A 69 9.46 -2.73 1.76
C ARG A 69 7.95 -2.59 1.69
N LEU A 70 7.27 -2.83 2.81
CA LEU A 70 5.81 -2.72 2.88
C LEU A 70 5.37 -1.28 2.61
N LYS A 71 6.00 -0.32 3.29
CA LYS A 71 5.67 1.08 3.06
C LYS A 71 5.99 1.47 1.61
N GLY A 72 7.02 0.83 1.06
CA GLY A 72 7.39 1.05 -0.31
C GLY A 72 6.36 0.52 -1.30
N VAL A 73 5.94 -0.73 -1.11
CA VAL A 73 4.97 -1.34 -2.02
C VAL A 73 3.63 -0.63 -1.96
N PHE A 74 3.25 -0.15 -0.77
CA PHE A 74 2.02 0.60 -0.61
C PHE A 74 2.12 1.91 -1.39
N ALA A 75 3.27 2.57 -1.28
CA ALA A 75 3.52 3.80 -2.02
C ALA A 75 3.46 3.57 -3.52
N MET A 76 3.91 2.39 -3.96
CA MET A 76 3.85 1.99 -5.37
C MET A 76 2.41 2.00 -5.86
N LEU A 77 1.56 1.33 -5.10
CA LEU A 77 0.16 1.17 -5.48
C LEU A 77 -0.67 2.37 -5.05
N ASN A 78 -0.03 3.33 -4.39
CA ASN A 78 -0.64 4.59 -4.00
C ASN A 78 -1.61 4.40 -2.85
N LEU A 79 -1.37 3.37 -2.06
CA LEU A 79 -2.16 3.11 -0.88
C LEU A 79 -1.60 3.90 0.30
N VAL A 80 -1.82 5.21 0.25
CA VAL A 80 -1.28 6.15 1.23
C VAL A 80 -1.58 5.72 2.68
N PRO A 81 -2.85 5.49 3.06
CA PRO A 81 -3.20 5.08 4.43
C PRO A 81 -2.48 3.81 4.87
N GLY A 82 -2.30 2.87 3.94
CA GLY A 82 -1.60 1.65 4.24
C GLY A 82 -0.11 1.91 4.50
N LYS A 83 0.48 2.73 3.65
CA LYS A 83 1.87 3.13 3.82
C LYS A 83 2.03 3.91 5.12
N GLN A 84 1.04 4.77 5.40
CA GLN A 84 1.01 5.55 6.64
C GLN A 84 1.12 4.63 7.86
N LEU A 85 0.36 3.54 7.82
CA LEU A 85 0.42 2.54 8.87
C LEU A 85 1.82 1.96 8.99
N CYS A 86 2.43 1.65 7.84
CA CYS A 86 3.76 1.08 7.80
C CYS A 86 4.81 2.09 8.29
N GLU A 87 4.61 3.37 7.98
CA GLU A 87 5.49 4.42 8.47
C GLU A 87 5.47 4.46 9.99
N THR A 88 4.27 4.44 10.55
CA THR A 88 4.10 4.43 11.99
C THR A 88 4.60 3.12 12.59
N LEU A 89 4.47 2.04 11.84
CA LEU A 89 5.01 0.75 12.24
C LEU A 89 6.52 0.84 12.41
N GLU A 90 7.19 1.42 11.42
CA GLU A 90 8.63 1.63 11.48
C GLU A 90 8.98 2.49 12.70
N HIS A 91 8.13 3.46 12.98
CA HIS A 91 8.28 4.31 14.17
C HIS A 91 8.19 3.46 15.44
N LEU A 92 7.28 2.50 15.44
CA LEU A 92 7.12 1.61 16.57
C LEU A 92 8.34 0.71 16.73
N ILE A 93 8.83 0.19 15.61
CA ILE A 93 10.03 -0.64 15.62
C ILE A 93 11.25 0.17 16.05
N ARG A 94 11.37 1.38 15.52
CA ARG A 94 12.49 2.26 15.82
C ARG A 94 12.54 2.60 17.30
N GLU A 95 11.38 2.71 17.94
CA GLU A 95 11.34 3.06 19.35
C GLU A 95 11.08 1.84 20.22
N LYS A 96 11.19 0.67 19.60
CA LYS A 96 11.11 -0.61 20.31
C LYS A 96 9.79 -0.79 21.05
N ASP A 97 8.70 -0.33 20.44
CA ASP A 97 7.37 -0.58 20.99
C ASP A 97 6.83 -1.89 20.46
N VAL A 98 7.23 -2.98 21.11
CA VAL A 98 6.82 -4.32 20.69
C VAL A 98 5.29 -4.47 20.64
N PRO A 99 4.56 -4.17 21.74
CA PRO A 99 3.09 -4.24 21.76
C PRO A 99 2.45 -3.33 20.72
N GLY A 100 3.08 -2.18 20.48
CA GLY A 100 2.59 -1.27 19.46
C GLY A 100 2.75 -1.84 18.07
N ILE A 101 3.90 -2.48 17.84
CA ILE A 101 4.16 -3.15 16.57
C ILE A 101 3.08 -4.17 16.29
N GLU A 102 2.80 -5.02 17.28
CA GLU A 102 1.78 -6.05 17.16
C GLU A 102 0.43 -5.45 16.79
N LYS A 103 0.06 -4.39 17.50
CA LYS A 103 -1.22 -3.72 17.30
C LYS A 103 -1.36 -3.21 15.86
N TYR A 104 -0.34 -2.53 15.38
CA TYR A 104 -0.37 -1.95 14.06
C TYR A 104 -0.32 -3.03 12.98
N ILE A 105 0.40 -4.10 13.25
CA ILE A 105 0.46 -5.22 12.33
C ILE A 105 -0.94 -5.81 12.12
N SER A 106 -1.68 -6.00 13.20
CA SER A 106 -3.03 -6.52 13.09
C SER A 106 -3.94 -5.55 12.34
N ASP A 107 -3.71 -4.25 12.53
CA ASP A 107 -4.51 -3.23 11.85
C ASP A 107 -4.18 -3.17 10.36
N ILE A 108 -2.91 -3.37 10.03
CA ILE A 108 -2.50 -3.48 8.64
C ILE A 108 -3.03 -4.77 8.02
N ASP A 109 -3.10 -5.80 8.85
CA ASP A 109 -3.53 -7.12 8.41
C ASP A 109 -5.01 -7.10 8.10
N SER A 110 -5.75 -6.47 9.00
CA SER A 110 -7.18 -6.30 8.85
C SER A 110 -7.47 -5.42 7.64
N TYR A 111 -6.65 -4.38 7.48
CA TYR A 111 -6.76 -3.47 6.34
C TYR A 111 -6.65 -4.25 5.05
N VAL A 112 -5.55 -4.98 4.94
CA VAL A 112 -5.23 -5.77 3.78
C VAL A 112 -6.31 -6.84 3.54
N LYS A 113 -6.85 -7.40 4.62
CA LYS A 113 -7.88 -8.43 4.51
C LYS A 113 -9.16 -7.85 3.90
N SER A 114 -9.52 -6.63 4.27
CA SER A 114 -10.68 -5.98 3.67
C SER A 114 -10.37 -5.56 2.24
N LEU A 115 -9.10 -5.33 1.95
CA LEU A 115 -8.66 -4.98 0.61
C LEU A 115 -8.64 -6.20 -0.30
N LEU A 116 -8.52 -7.38 0.31
CA LEU A 116 -8.54 -8.63 -0.43
C LEU A 116 -9.97 -9.05 -0.73
N MET A 1 2.39 -0.42 -53.50
CA MET A 1 3.26 -0.79 -52.37
C MET A 1 4.43 -1.63 -52.84
N GLN A 2 5.61 -1.03 -52.89
CA GLN A 2 6.83 -1.73 -53.27
C GLN A 2 7.93 -1.47 -52.25
N GLU A 3 8.60 -0.34 -52.39
CA GLU A 3 9.68 0.03 -51.47
C GLU A 3 9.09 0.42 -50.13
N ALA A 4 8.02 1.19 -50.18
CA ALA A 4 7.30 1.57 -48.97
C ALA A 4 6.36 0.45 -48.56
N VAL A 5 6.94 -0.70 -48.28
CA VAL A 5 6.18 -1.84 -47.80
C VAL A 5 5.85 -1.63 -46.32
N LEU A 6 6.59 -0.70 -45.71
CA LEU A 6 6.35 -0.33 -44.32
C LEU A 6 5.20 0.67 -44.25
N GLN A 7 4.72 0.93 -43.04
CA GLN A 7 3.59 1.82 -42.85
C GLN A 7 4.04 3.29 -42.94
N LEU A 8 4.15 3.93 -41.78
CA LEU A 8 4.56 5.32 -41.69
C LEU A 8 5.35 5.53 -40.41
N ILE A 9 4.74 5.22 -39.28
CA ILE A 9 5.42 5.25 -37.99
C ILE A 9 5.13 3.96 -37.23
N GLU A 10 4.05 3.97 -36.46
CA GLU A 10 3.62 2.79 -35.71
C GLU A 10 2.19 2.99 -35.22
N VAL A 11 2.02 3.97 -34.35
CA VAL A 11 0.74 4.24 -33.72
C VAL A 11 0.36 5.68 -33.94
N GLN A 12 0.38 6.08 -35.21
CA GLN A 12 0.23 7.47 -35.61
C GLN A 12 1.29 8.32 -34.92
N LEU A 13 0.93 8.87 -33.77
CA LEU A 13 1.87 9.59 -32.93
C LEU A 13 1.51 9.38 -31.47
N ALA A 14 1.99 8.24 -30.93
CA ALA A 14 1.87 7.92 -29.50
C ALA A 14 0.60 7.13 -29.23
N GLN A 15 0.67 6.22 -28.26
CA GLN A 15 -0.44 5.32 -27.99
C GLN A 15 -0.78 5.28 -26.50
N GLU A 16 -0.12 6.10 -25.70
CA GLU A 16 -0.43 6.18 -24.28
C GLU A 16 -1.50 7.22 -24.04
N GLU A 17 -2.40 6.92 -23.12
CA GLU A 17 -3.49 7.81 -22.80
C GLU A 17 -3.80 7.73 -21.31
N VAL A 18 -3.24 8.66 -20.56
CA VAL A 18 -3.38 8.71 -19.11
C VAL A 18 -2.48 7.68 -18.45
N THR A 19 -1.58 8.18 -17.63
CA THR A 19 -0.75 7.33 -16.79
C THR A 19 -0.75 7.87 -15.37
N GLU A 20 -1.82 8.59 -15.06
CA GLU A 20 -2.03 9.16 -13.75
C GLU A 20 -3.52 9.31 -13.52
N SER A 21 -3.96 9.01 -12.32
CA SER A 21 -5.38 8.94 -12.03
C SER A 21 -5.74 9.73 -10.77
N PRO A 22 -6.78 10.57 -10.85
CA PRO A 22 -7.28 11.35 -9.72
C PRO A 22 -8.05 10.48 -8.73
N LEU A 23 -7.35 9.96 -7.75
CA LEU A 23 -7.96 9.14 -6.72
C LEU A 23 -8.50 10.01 -5.61
N GLY A 24 -9.56 9.53 -4.97
CA GLY A 24 -10.10 10.22 -3.81
C GLY A 24 -10.04 9.32 -2.59
N GLY A 25 -11.03 8.43 -2.49
CA GLY A 25 -11.02 7.44 -1.44
C GLY A 25 -11.12 6.04 -2.02
N ASP A 26 -10.50 5.88 -3.18
CA ASP A 26 -10.55 4.63 -3.93
C ASP A 26 -9.16 4.16 -4.33
N GLU A 27 -8.31 3.95 -3.33
CA GLU A 27 -6.95 3.46 -3.56
C GLU A 27 -6.99 2.07 -4.17
N ASN A 28 -7.90 1.26 -3.66
CA ASN A 28 -8.09 -0.10 -4.17
C ASN A 28 -8.48 -0.07 -5.64
N ALA A 29 -9.33 0.89 -6.00
CA ALA A 29 -9.74 1.05 -7.39
C ALA A 29 -8.53 1.35 -8.27
N GLN A 30 -7.67 2.24 -7.79
CA GLN A 30 -6.48 2.63 -8.53
C GLN A 30 -5.55 1.43 -8.72
N LEU A 31 -5.25 0.73 -7.64
CA LEU A 31 -4.32 -0.39 -7.67
C LEU A 31 -4.84 -1.54 -8.54
N HIS A 32 -6.14 -1.79 -8.49
CA HIS A 32 -6.72 -2.88 -9.27
C HIS A 32 -6.97 -2.44 -10.72
N ALA A 33 -6.98 -1.14 -10.95
CA ALA A 33 -7.14 -0.61 -12.30
C ALA A 33 -5.82 -0.69 -13.07
N SER A 34 -4.72 -0.51 -12.36
CA SER A 34 -3.40 -0.58 -12.99
C SER A 34 -3.00 -2.03 -13.25
N GLY A 35 -3.71 -2.95 -12.62
CA GLY A 35 -3.43 -4.36 -12.79
C GLY A 35 -2.37 -4.85 -11.83
N TYR A 36 -2.36 -4.28 -10.63
CA TYR A 36 -1.42 -4.70 -9.60
C TYR A 36 -2.13 -5.49 -8.51
N TYR A 37 -3.35 -5.93 -8.82
CA TYR A 37 -4.16 -6.67 -7.87
C TYR A 37 -3.57 -8.06 -7.64
N ALA A 38 -2.94 -8.60 -8.68
CA ALA A 38 -2.26 -9.88 -8.60
C ALA A 38 -1.16 -9.82 -7.56
N LEU A 39 -0.42 -8.72 -7.54
CA LEU A 39 0.65 -8.52 -6.56
C LEU A 39 0.06 -8.37 -5.16
N PHE A 40 -1.06 -7.66 -5.08
CA PHE A 40 -1.74 -7.40 -3.81
C PHE A 40 -2.06 -8.68 -3.05
N VAL A 41 -2.46 -9.71 -3.79
CA VAL A 41 -2.83 -10.98 -3.16
C VAL A 41 -1.69 -11.99 -3.25
N ASP A 42 -0.57 -11.56 -3.82
CA ASP A 42 0.56 -12.45 -4.02
C ASP A 42 1.58 -12.31 -2.91
N THR A 43 2.24 -11.16 -2.87
CA THR A 43 3.37 -10.99 -1.97
C THR A 43 2.97 -10.29 -0.68
N VAL A 44 1.89 -9.52 -0.71
CA VAL A 44 1.51 -8.70 0.44
C VAL A 44 1.12 -9.56 1.65
N PRO A 45 0.16 -10.51 1.52
CA PRO A 45 -0.27 -11.35 2.65
C PRO A 45 0.90 -12.08 3.33
N ASP A 46 1.79 -12.64 2.52
CA ASP A 46 2.94 -13.37 3.07
C ASP A 46 3.97 -12.43 3.67
N ASP A 47 4.02 -11.20 3.18
CA ASP A 47 4.95 -10.21 3.71
C ASP A 47 4.45 -9.69 5.06
N VAL A 48 3.13 -9.63 5.20
CA VAL A 48 2.53 -9.34 6.50
C VAL A 48 2.87 -10.46 7.47
N LYS A 49 2.80 -11.69 6.97
CA LYS A 49 3.22 -12.86 7.73
C LYS A 49 4.71 -12.76 8.09
N ARG A 50 5.49 -12.23 7.16
CA ARG A 50 6.91 -12.00 7.39
C ARG A 50 7.11 -11.05 8.57
N LEU A 51 6.32 -9.97 8.59
CA LEU A 51 6.35 -9.03 9.70
C LEU A 51 6.08 -9.76 11.02
N TYR A 52 5.10 -10.65 11.00
CA TYR A 52 4.80 -11.48 12.16
C TYR A 52 6.02 -12.33 12.54
N THR A 53 6.71 -12.84 11.53
CA THR A 53 7.84 -13.72 11.73
C THR A 53 9.03 -12.98 12.36
N GLU A 54 9.33 -11.81 11.83
CA GLU A 54 10.47 -11.03 12.32
C GLU A 54 10.17 -10.46 13.70
N ALA A 55 8.90 -10.18 13.96
CA ALA A 55 8.47 -9.70 15.28
C ALA A 55 8.65 -10.81 16.32
N ALA A 56 8.35 -12.04 15.91
CA ALA A 56 8.47 -13.20 16.80
C ALA A 56 9.93 -13.43 17.20
N THR A 57 10.84 -13.24 16.26
CA THR A 57 12.26 -13.43 16.53
C THR A 57 12.88 -12.18 17.14
N SER A 58 12.08 -11.10 17.15
CA SER A 58 12.50 -9.81 17.70
C SER A 58 13.60 -9.21 16.85
N ASP A 59 13.58 -9.51 15.56
CA ASP A 59 14.53 -8.94 14.61
C ASP A 59 14.00 -7.63 14.10
N PHE A 60 14.13 -6.59 14.91
CA PHE A 60 13.62 -5.27 14.59
C PHE A 60 14.34 -4.64 13.40
N ALA A 61 15.51 -5.16 13.06
CA ALA A 61 16.20 -4.72 11.85
C ALA A 61 15.47 -5.25 10.63
N ALA A 62 15.05 -6.49 10.71
CA ALA A 62 14.34 -7.15 9.62
C ALA A 62 12.91 -6.65 9.59
N LEU A 63 12.37 -6.40 10.78
CA LEU A 63 11.06 -5.81 10.93
C LEU A 63 10.98 -4.49 10.18
N ALA A 64 11.98 -3.65 10.40
CA ALA A 64 12.05 -2.36 9.74
C ALA A 64 12.21 -2.52 8.23
N GLN A 65 13.03 -3.49 7.82
CA GLN A 65 13.25 -3.77 6.40
C GLN A 65 11.96 -4.27 5.73
N THR A 66 11.20 -5.07 6.45
CA THR A 66 9.93 -5.57 5.93
C THR A 66 8.90 -4.45 5.85
N ALA A 67 8.87 -3.60 6.87
CA ALA A 67 7.99 -2.43 6.84
C ALA A 67 8.44 -1.46 5.75
N HIS A 68 9.75 -1.42 5.51
CA HIS A 68 10.33 -0.62 4.44
C HIS A 68 9.76 -1.03 3.08
N ARG A 69 9.77 -2.33 2.82
CA ARG A 69 9.27 -2.84 1.55
C ARG A 69 7.76 -2.66 1.45
N LEU A 70 7.05 -2.82 2.57
CA LEU A 70 5.60 -2.66 2.59
C LEU A 70 5.23 -1.19 2.36
N LYS A 71 6.00 -0.30 2.96
CA LYS A 71 5.84 1.12 2.76
C LYS A 71 6.00 1.44 1.27
N GLY A 72 7.02 0.85 0.66
CA GLY A 72 7.29 1.10 -0.74
C GLY A 72 6.23 0.54 -1.66
N VAL A 73 5.79 -0.68 -1.41
CA VAL A 73 4.79 -1.32 -2.27
C VAL A 73 3.43 -0.64 -2.13
N PHE A 74 3.10 -0.19 -0.93
CA PHE A 74 1.83 0.48 -0.72
C PHE A 74 1.84 1.85 -1.39
N ALA A 75 2.96 2.54 -1.27
CA ALA A 75 3.15 3.81 -1.96
C ALA A 75 3.05 3.61 -3.47
N MET A 76 3.58 2.50 -3.94
CA MET A 76 3.50 2.13 -5.34
C MET A 76 2.05 1.87 -5.75
N LEU A 77 1.32 1.14 -4.91
CA LEU A 77 -0.08 0.85 -5.16
C LEU A 77 -0.95 2.09 -4.95
N ASN A 78 -0.33 3.14 -4.40
CA ASN A 78 -0.97 4.45 -4.19
C ASN A 78 -1.85 4.42 -2.96
N LEU A 79 -1.57 3.47 -2.08
CA LEU A 79 -2.26 3.34 -0.82
C LEU A 79 -1.59 4.21 0.23
N VAL A 80 -1.87 5.51 0.17
CA VAL A 80 -1.28 6.47 1.09
C VAL A 80 -1.49 6.06 2.56
N PRO A 81 -2.74 5.79 2.99
CA PRO A 81 -3.02 5.33 4.36
C PRO A 81 -2.29 4.04 4.70
N GLY A 82 -2.09 3.19 3.70
CA GLY A 82 -1.38 1.94 3.91
C GLY A 82 0.08 2.19 4.21
N LYS A 83 0.71 3.04 3.41
CA LYS A 83 2.10 3.39 3.63
C LYS A 83 2.24 4.18 4.94
N GLN A 84 1.23 4.98 5.25
CA GLN A 84 1.19 5.72 6.52
C GLN A 84 1.22 4.77 7.71
N LEU A 85 0.48 3.67 7.60
CA LEU A 85 0.48 2.64 8.64
C LEU A 85 1.87 2.03 8.77
N CYS A 86 2.47 1.70 7.63
CA CYS A 86 3.82 1.12 7.60
C CYS A 86 4.84 2.10 8.19
N GLU A 87 4.63 3.40 7.94
CA GLU A 87 5.48 4.44 8.48
C GLU A 87 5.43 4.44 9.99
N THR A 88 4.21 4.40 10.53
CA THR A 88 4.02 4.38 11.97
C THR A 88 4.48 3.05 12.56
N LEU A 89 4.37 1.98 11.77
CA LEU A 89 4.90 0.68 12.17
C LEU A 89 6.40 0.77 12.38
N GLU A 90 7.10 1.36 11.43
CA GLU A 90 8.54 1.59 11.53
C GLU A 90 8.85 2.43 12.77
N HIS A 91 7.98 3.40 13.04
CA HIS A 91 8.10 4.25 14.22
C HIS A 91 7.93 3.42 15.50
N LEU A 92 7.04 2.44 15.46
CA LEU A 92 6.82 1.56 16.61
C LEU A 92 8.00 0.63 16.79
N ILE A 93 8.57 0.18 15.67
CA ILE A 93 9.76 -0.65 15.69
C ILE A 93 10.95 0.15 16.24
N ARG A 94 11.07 1.39 15.79
CA ARG A 94 12.13 2.29 16.26
C ARG A 94 11.92 2.62 17.74
N GLU A 95 10.66 2.60 18.16
CA GLU A 95 10.29 2.88 19.53
C GLU A 95 10.43 1.63 20.40
N LYS A 96 10.54 0.48 19.74
CA LYS A 96 10.61 -0.82 20.40
C LYS A 96 9.35 -1.10 21.22
N ASP A 97 8.22 -0.61 20.74
CA ASP A 97 6.95 -0.87 21.39
C ASP A 97 6.36 -2.16 20.84
N VAL A 98 6.83 -3.28 21.39
CA VAL A 98 6.46 -4.62 20.92
C VAL A 98 4.93 -4.78 20.77
N PRO A 99 4.13 -4.54 21.84
CA PRO A 99 2.67 -4.69 21.77
C PRO A 99 2.07 -3.87 20.64
N GLY A 100 2.53 -2.63 20.49
CA GLY A 100 2.04 -1.78 19.42
C GLY A 100 2.43 -2.28 18.06
N ILE A 101 3.61 -2.88 17.96
CA ILE A 101 4.09 -3.45 16.71
C ILE A 101 3.16 -4.56 16.22
N GLU A 102 2.95 -5.58 17.06
CA GLU A 102 2.11 -6.71 16.67
C GLU A 102 0.69 -6.25 16.37
N LYS A 103 0.19 -5.31 17.16
CA LYS A 103 -1.15 -4.78 16.96
C LYS A 103 -1.24 -4.03 15.63
N TYR A 104 -0.20 -3.28 15.31
CA TYR A 104 -0.19 -2.52 14.06
C TYR A 104 -0.08 -3.45 12.86
N ILE A 105 0.63 -4.57 13.03
CA ILE A 105 0.72 -5.56 11.98
C ILE A 105 -0.66 -6.15 11.70
N SER A 106 -1.43 -6.40 12.76
CA SER A 106 -2.78 -6.92 12.59
C SER A 106 -3.70 -5.84 12.00
N ASP A 107 -3.41 -4.58 12.33
CA ASP A 107 -4.18 -3.46 11.81
C ASP A 107 -3.90 -3.27 10.31
N ILE A 108 -2.65 -3.44 9.93
CA ILE A 108 -2.27 -3.40 8.52
C ILE A 108 -2.88 -4.60 7.80
N ASP A 109 -2.99 -5.72 8.51
CA ASP A 109 -3.51 -6.94 7.92
C ASP A 109 -5.00 -6.83 7.74
N SER A 110 -5.68 -6.29 8.75
CA SER A 110 -7.10 -6.08 8.69
C SER A 110 -7.45 -5.08 7.59
N TYR A 111 -6.53 -4.14 7.36
CA TYR A 111 -6.65 -3.21 6.25
C TYR A 111 -6.66 -3.98 4.93
N VAL A 112 -5.67 -4.85 4.79
CA VAL A 112 -5.55 -5.68 3.61
C VAL A 112 -6.73 -6.66 3.53
N LYS A 113 -7.24 -7.07 4.69
CA LYS A 113 -8.41 -7.93 4.76
C LYS A 113 -9.61 -7.28 4.07
N SER A 114 -9.83 -5.99 4.34
CA SER A 114 -10.98 -5.28 3.79
C SER A 114 -10.71 -4.80 2.37
N LEU A 115 -9.44 -4.69 2.00
CA LEU A 115 -9.07 -4.24 0.66
C LEU A 115 -8.99 -5.41 -0.32
N LEU A 116 -8.80 -6.62 0.20
CA LEU A 116 -8.76 -7.81 -0.63
C LEU A 116 -10.15 -8.20 -1.12
N MET A 1 -8.79 32.10 -53.28
CA MET A 1 -7.75 32.39 -52.26
C MET A 1 -7.91 33.82 -51.71
N GLN A 2 -8.32 34.75 -52.56
CA GLN A 2 -8.44 36.15 -52.18
C GLN A 2 -9.49 36.33 -51.09
N GLU A 3 -10.69 35.83 -51.32
CA GLU A 3 -11.77 35.96 -50.37
C GLU A 3 -11.69 34.86 -49.31
N ALA A 4 -11.92 33.63 -49.75
CA ALA A 4 -11.90 32.49 -48.85
C ALA A 4 -10.58 31.72 -49.00
N VAL A 5 -9.53 32.26 -48.39
CA VAL A 5 -8.22 31.62 -48.44
C VAL A 5 -8.27 30.21 -47.89
N LEU A 6 -8.19 30.10 -46.57
CA LEU A 6 -8.28 28.83 -45.87
C LEU A 6 -8.37 29.11 -44.37
N GLN A 7 -8.05 28.11 -43.56
CA GLN A 7 -8.00 28.32 -42.12
C GLN A 7 -6.56 28.59 -41.71
N LEU A 8 -6.39 29.24 -40.57
CA LEU A 8 -5.07 29.48 -40.02
C LEU A 8 -4.52 28.18 -39.44
N ILE A 9 -4.56 28.06 -38.12
CA ILE A 9 -4.29 26.81 -37.47
C ILE A 9 -5.62 26.07 -37.32
N GLU A 10 -6.39 26.46 -36.31
CA GLU A 10 -7.75 25.96 -36.11
C GLU A 10 -8.34 26.53 -34.82
N VAL A 11 -7.58 26.43 -33.73
CA VAL A 11 -8.09 26.86 -32.42
C VAL A 11 -7.27 28.00 -31.85
N GLN A 12 -5.94 27.90 -31.95
CA GLN A 12 -5.01 28.90 -31.43
C GLN A 12 -5.04 28.90 -29.90
N LEU A 13 -6.04 29.55 -29.32
CA LEU A 13 -6.19 29.61 -27.87
C LEU A 13 -7.61 29.26 -27.46
N ALA A 14 -8.16 28.23 -28.10
CA ALA A 14 -9.52 27.81 -27.82
C ALA A 14 -9.57 26.31 -27.52
N GLN A 15 -8.46 25.76 -27.06
CA GLN A 15 -8.38 24.34 -26.74
C GLN A 15 -7.65 24.13 -25.42
N GLU A 16 -8.40 23.72 -24.41
CA GLU A 16 -7.84 23.47 -23.09
C GLU A 16 -7.85 21.98 -22.79
N GLU A 17 -7.76 21.62 -21.52
CA GLU A 17 -7.74 20.22 -21.13
C GLU A 17 -8.62 19.98 -19.90
N VAL A 18 -8.66 18.73 -19.46
CA VAL A 18 -9.53 18.33 -18.35
C VAL A 18 -8.87 18.58 -16.98
N THR A 19 -9.19 17.74 -16.00
CA THR A 19 -8.67 17.88 -14.66
C THR A 19 -8.50 16.50 -14.01
N GLU A 20 -7.34 16.32 -13.38
CA GLU A 20 -7.03 15.07 -12.69
C GLU A 20 -6.43 15.38 -11.32
N SER A 21 -5.70 14.39 -10.76
CA SER A 21 -4.96 14.49 -9.49
C SER A 21 -5.68 13.76 -8.34
N PRO A 22 -6.86 14.25 -7.84
CA PRO A 22 -7.56 13.57 -6.74
C PRO A 22 -8.21 12.26 -7.19
N LEU A 23 -7.91 11.20 -6.48
CA LEU A 23 -8.48 9.89 -6.80
C LEU A 23 -9.86 9.77 -6.18
N GLY A 24 -10.04 10.40 -5.02
CA GLY A 24 -11.32 10.40 -4.35
C GLY A 24 -11.49 9.18 -3.46
N GLY A 25 -11.35 8.01 -4.07
CA GLY A 25 -11.48 6.77 -3.34
C GLY A 25 -11.44 5.58 -4.27
N ASP A 26 -12.30 4.60 -4.00
CA ASP A 26 -12.38 3.39 -4.82
C ASP A 26 -11.03 2.68 -4.88
N GLU A 27 -10.39 2.58 -3.72
CA GLU A 27 -9.04 2.04 -3.62
C GLU A 27 -8.95 0.63 -4.21
N ASN A 28 -9.85 -0.25 -3.79
CA ASN A 28 -9.83 -1.64 -4.23
C ASN A 28 -9.99 -1.76 -5.74
N ALA A 29 -10.97 -1.04 -6.28
CA ALA A 29 -11.26 -1.13 -7.71
C ALA A 29 -10.13 -0.54 -8.54
N GLN A 30 -9.62 0.62 -8.11
CA GLN A 30 -8.53 1.27 -8.82
C GLN A 30 -7.27 0.43 -8.76
N LEU A 31 -7.07 -0.26 -7.64
CA LEU A 31 -5.94 -1.16 -7.47
C LEU A 31 -6.06 -2.36 -8.41
N HIS A 32 -7.28 -2.78 -8.65
CA HIS A 32 -7.54 -3.85 -9.61
C HIS A 32 -7.33 -3.35 -11.04
N ALA A 33 -7.84 -2.15 -11.32
CA ALA A 33 -7.78 -1.57 -12.65
C ALA A 33 -6.34 -1.33 -13.11
N SER A 34 -5.46 -0.97 -12.17
CA SER A 34 -4.07 -0.70 -12.51
C SER A 34 -3.32 -1.99 -12.82
N GLY A 35 -3.89 -3.12 -12.41
CA GLY A 35 -3.27 -4.40 -12.66
C GLY A 35 -2.27 -4.78 -11.60
N TYR A 36 -2.02 -3.86 -10.68
CA TYR A 36 -1.03 -4.09 -9.63
C TYR A 36 -1.64 -4.91 -8.50
N TYR A 37 -2.92 -5.25 -8.66
CA TYR A 37 -3.63 -6.13 -7.75
C TYR A 37 -2.85 -7.43 -7.55
N ALA A 38 -2.31 -7.95 -8.65
CA ALA A 38 -1.55 -9.19 -8.63
C ALA A 38 -0.35 -9.08 -7.70
N LEU A 39 0.37 -7.96 -7.80
CA LEU A 39 1.52 -7.71 -6.94
C LEU A 39 1.08 -7.54 -5.50
N PHE A 40 0.00 -6.79 -5.32
CA PHE A 40 -0.55 -6.50 -4.00
C PHE A 40 -0.83 -7.78 -3.22
N VAL A 41 -1.57 -8.69 -3.84
CA VAL A 41 -1.98 -9.91 -3.15
C VAL A 41 -0.87 -10.96 -3.16
N ASP A 42 0.19 -10.71 -3.93
CA ASP A 42 1.29 -11.65 -4.02
C ASP A 42 2.21 -11.54 -2.80
N THR A 43 2.82 -10.39 -2.64
CA THR A 43 3.85 -10.22 -1.61
C THR A 43 3.24 -9.77 -0.27
N VAL A 44 2.39 -8.74 -0.30
CA VAL A 44 1.96 -8.06 0.92
C VAL A 44 1.39 -9.02 1.99
N PRO A 45 0.33 -9.81 1.68
CA PRO A 45 -0.31 -10.68 2.68
C PRO A 45 0.66 -11.69 3.29
N ASP A 46 1.44 -12.34 2.43
CA ASP A 46 2.37 -13.36 2.88
C ASP A 46 3.54 -12.74 3.62
N ASP A 47 3.89 -11.51 3.24
CA ASP A 47 4.95 -10.77 3.90
C ASP A 47 4.50 -10.33 5.29
N VAL A 48 3.21 -10.06 5.42
CA VAL A 48 2.64 -9.76 6.73
C VAL A 48 2.77 -10.98 7.64
N LYS A 49 2.49 -12.16 7.09
CA LYS A 49 2.69 -13.41 7.80
C LYS A 49 4.18 -13.57 8.17
N ARG A 50 5.05 -13.21 7.23
CA ARG A 50 6.48 -13.24 7.46
C ARG A 50 6.87 -12.27 8.57
N LEU A 51 6.32 -11.06 8.51
CA LEU A 51 6.54 -10.06 9.54
C LEU A 51 6.16 -10.59 10.91
N TYR A 52 4.99 -11.23 10.98
CA TYR A 52 4.53 -11.87 12.21
C TYR A 52 5.54 -12.91 12.69
N THR A 53 6.14 -13.62 11.74
CA THR A 53 7.10 -14.65 12.04
C THR A 53 8.38 -14.04 12.64
N GLU A 54 8.86 -12.97 12.03
CA GLU A 54 10.07 -12.30 12.50
C GLU A 54 9.79 -11.54 13.79
N ALA A 55 8.55 -11.11 13.97
CA ALA A 55 8.13 -10.46 15.21
C ALA A 55 8.17 -11.45 16.36
N ALA A 56 7.82 -12.70 16.07
CA ALA A 56 7.87 -13.77 17.06
C ALA A 56 9.31 -14.00 17.54
N THR A 57 10.26 -13.78 16.65
CA THR A 57 11.67 -13.94 16.97
C THR A 57 12.24 -12.66 17.56
N SER A 58 11.44 -11.59 17.56
CA SER A 58 11.86 -10.28 18.03
C SER A 58 12.97 -9.72 17.14
N ASP A 59 12.93 -10.12 15.87
CA ASP A 59 13.91 -9.66 14.90
C ASP A 59 13.49 -8.32 14.33
N PHE A 60 13.67 -7.29 15.14
CA PHE A 60 13.30 -5.93 14.76
C PHE A 60 14.06 -5.48 13.51
N ALA A 61 15.26 -6.01 13.32
CA ALA A 61 16.04 -5.70 12.12
C ALA A 61 15.31 -6.20 10.87
N ALA A 62 14.72 -7.39 11.00
CA ALA A 62 14.00 -7.98 9.89
C ALA A 62 12.67 -7.29 9.70
N LEU A 63 12.06 -6.91 10.81
CA LEU A 63 10.83 -6.14 10.82
C LEU A 63 11.03 -4.84 10.04
N ALA A 64 12.10 -4.13 10.38
CA ALA A 64 12.41 -2.86 9.72
C ALA A 64 12.63 -3.06 8.22
N GLN A 65 13.38 -4.10 7.85
CA GLN A 65 13.65 -4.37 6.45
C GLN A 65 12.35 -4.63 5.68
N THR A 66 11.50 -5.46 6.24
CA THR A 66 10.23 -5.80 5.59
C THR A 66 9.29 -4.59 5.58
N ALA A 67 9.28 -3.84 6.67
CA ALA A 67 8.48 -2.62 6.76
C ALA A 67 8.95 -1.60 5.73
N HIS A 68 10.27 -1.56 5.53
CA HIS A 68 10.87 -0.72 4.50
C HIS A 68 10.30 -1.07 3.13
N ARG A 69 10.28 -2.35 2.81
CA ARG A 69 9.74 -2.82 1.53
C ARG A 69 8.25 -2.51 1.42
N LEU A 70 7.53 -2.71 2.52
CA LEU A 70 6.07 -2.49 2.53
C LEU A 70 5.74 -1.01 2.42
N LYS A 71 6.49 -0.17 3.12
CA LYS A 71 6.27 1.26 3.04
C LYS A 71 6.56 1.76 1.62
N GLY A 72 7.52 1.12 0.96
CA GLY A 72 7.84 1.47 -0.40
C GLY A 72 6.73 1.13 -1.37
N VAL A 73 6.18 -0.08 -1.25
CA VAL A 73 5.15 -0.53 -2.19
C VAL A 73 3.84 0.22 -1.99
N PHE A 74 3.50 0.55 -0.74
CA PHE A 74 2.27 1.28 -0.47
C PHE A 74 2.42 2.73 -0.93
N ALA A 75 3.59 3.31 -0.69
CA ALA A 75 3.89 4.66 -1.15
C ALA A 75 3.92 4.71 -2.67
N MET A 76 4.43 3.64 -3.27
CA MET A 76 4.47 3.50 -4.71
C MET A 76 3.06 3.43 -5.28
N LEU A 77 2.18 2.71 -4.58
CA LEU A 77 0.80 2.57 -4.98
C LEU A 77 0.00 3.81 -4.60
N ASN A 78 0.63 4.67 -3.80
CA ASN A 78 0.07 5.99 -3.42
C ASN A 78 -1.01 5.82 -2.35
N LEU A 79 -1.14 4.60 -1.86
CA LEU A 79 -2.08 4.27 -0.80
C LEU A 79 -1.67 4.95 0.50
N VAL A 80 -2.24 6.14 0.73
CA VAL A 80 -1.87 6.96 1.88
C VAL A 80 -2.03 6.23 3.21
N PRO A 81 -3.26 5.77 3.56
CA PRO A 81 -3.49 5.08 4.84
C PRO A 81 -2.58 3.87 5.03
N GLY A 82 -2.40 3.08 3.96
CA GLY A 82 -1.53 1.93 4.02
C GLY A 82 -0.09 2.31 4.27
N LYS A 83 0.39 3.31 3.54
CA LYS A 83 1.77 3.77 3.67
C LYS A 83 1.97 4.44 5.04
N GLN A 84 0.97 5.17 5.50
CA GLN A 84 0.99 5.76 6.82
C GLN A 84 1.09 4.68 7.89
N LEU A 85 0.44 3.56 7.63
CA LEU A 85 0.50 2.41 8.54
C LEU A 85 1.92 1.89 8.66
N CYS A 86 2.58 1.67 7.52
CA CYS A 86 3.94 1.13 7.54
C CYS A 86 4.94 2.15 8.05
N GLU A 87 4.72 3.43 7.75
CA GLU A 87 5.59 4.49 8.24
C GLU A 87 5.52 4.58 9.76
N THR A 88 4.31 4.54 10.29
CA THR A 88 4.12 4.55 11.73
C THR A 88 4.71 3.28 12.34
N LEU A 89 4.55 2.16 11.63
CA LEU A 89 5.11 0.89 12.07
C LEU A 89 6.63 0.99 12.17
N GLU A 90 7.24 1.63 11.18
CA GLU A 90 8.69 1.87 11.19
C GLU A 90 9.09 2.64 12.44
N HIS A 91 8.33 3.68 12.74
CA HIS A 91 8.57 4.48 13.94
C HIS A 91 8.34 3.65 15.19
N LEU A 92 7.39 2.72 15.13
CA LEU A 92 7.12 1.84 16.26
C LEU A 92 8.29 0.87 16.46
N ILE A 93 8.84 0.37 15.35
CA ILE A 93 9.99 -0.52 15.42
C ILE A 93 11.22 0.23 15.92
N ARG A 94 11.43 1.43 15.40
CA ARG A 94 12.57 2.26 15.81
C ARG A 94 12.49 2.60 17.30
N GLU A 95 11.27 2.79 17.79
CA GLU A 95 11.06 3.17 19.17
C GLU A 95 10.90 1.93 20.06
N LYS A 96 10.97 0.77 19.43
CA LYS A 96 10.82 -0.52 20.10
C LYS A 96 9.50 -0.61 20.87
N ASP A 97 8.43 -0.13 20.26
CA ASP A 97 7.11 -0.23 20.85
C ASP A 97 6.43 -1.51 20.39
N VAL A 98 6.80 -2.62 21.03
CA VAL A 98 6.34 -3.94 20.64
C VAL A 98 4.80 -4.03 20.57
N PRO A 99 4.06 -3.59 21.60
CA PRO A 99 2.58 -3.58 21.56
C PRO A 99 2.03 -2.79 20.38
N GLY A 100 2.62 -1.63 20.12
CA GLY A 100 2.21 -0.82 18.99
C GLY A 100 2.49 -1.52 17.68
N ILE A 101 3.67 -2.12 17.56
CA ILE A 101 4.03 -2.90 16.39
C ILE A 101 3.01 -4.00 16.13
N GLU A 102 2.70 -4.76 17.18
CA GLU A 102 1.74 -5.86 17.08
C GLU A 102 0.41 -5.38 16.51
N LYS A 103 -0.09 -4.29 17.10
CA LYS A 103 -1.37 -3.73 16.72
C LYS A 103 -1.35 -3.26 15.26
N TYR A 104 -0.26 -2.65 14.85
CA TYR A 104 -0.16 -2.11 13.51
C TYR A 104 0.05 -3.21 12.48
N ILE A 105 0.74 -4.28 12.86
CA ILE A 105 0.88 -5.43 11.99
C ILE A 105 -0.50 -6.00 11.66
N SER A 106 -1.29 -6.22 12.70
CA SER A 106 -2.63 -6.76 12.51
C SER A 106 -3.53 -5.73 11.83
N ASP A 107 -3.25 -4.45 12.04
CA ASP A 107 -4.00 -3.37 11.41
C ASP A 107 -3.73 -3.34 9.91
N ILE A 108 -2.50 -3.66 9.52
CA ILE A 108 -2.14 -3.79 8.12
C ILE A 108 -2.79 -5.04 7.54
N ASP A 109 -2.90 -6.07 8.37
CA ASP A 109 -3.48 -7.33 7.94
C ASP A 109 -4.96 -7.16 7.70
N SER A 110 -5.60 -6.49 8.64
CA SER A 110 -7.02 -6.19 8.55
C SER A 110 -7.27 -5.22 7.39
N TYR A 111 -6.30 -4.34 7.15
CA TYR A 111 -6.35 -3.41 6.03
C TYR A 111 -6.50 -4.18 4.74
N VAL A 112 -5.52 -5.03 4.54
CA VAL A 112 -5.41 -5.83 3.35
C VAL A 112 -6.57 -6.82 3.26
N LYS A 113 -6.99 -7.33 4.41
CA LYS A 113 -8.15 -8.23 4.50
C LYS A 113 -9.38 -7.57 3.91
N SER A 114 -9.61 -6.32 4.26
CA SER A 114 -10.78 -5.59 3.83
C SER A 114 -10.56 -4.98 2.44
N LEU A 115 -9.30 -4.94 2.01
CA LEU A 115 -8.97 -4.42 0.69
C LEU A 115 -9.30 -5.45 -0.40
N LEU A 116 -9.16 -6.73 -0.06
CA LEU A 116 -9.53 -7.79 -0.99
C LEU A 116 -10.74 -8.55 -0.47
N MET A 1 -24.51 44.72 -37.71
CA MET A 1 -25.26 43.70 -38.47
C MET A 1 -24.32 42.97 -39.42
N GLN A 2 -24.68 41.73 -39.74
CA GLN A 2 -23.92 40.90 -40.70
C GLN A 2 -22.57 40.46 -40.10
N GLU A 3 -22.47 39.14 -39.86
CA GLU A 3 -21.26 38.50 -39.35
C GLU A 3 -20.96 38.90 -37.91
N ALA A 4 -20.64 40.17 -37.70
CA ALA A 4 -20.29 40.67 -36.38
C ALA A 4 -21.55 40.96 -35.55
N VAL A 5 -22.53 40.08 -35.67
CA VAL A 5 -23.75 40.17 -34.88
C VAL A 5 -23.62 39.29 -33.65
N LEU A 6 -22.67 38.37 -33.72
CA LEU A 6 -22.39 37.44 -32.63
C LEU A 6 -20.99 36.87 -32.80
N GLN A 7 -20.82 35.59 -32.50
CA GLN A 7 -19.53 34.93 -32.65
C GLN A 7 -19.61 33.85 -33.72
N LEU A 8 -18.46 33.38 -34.16
CA LEU A 8 -18.40 32.31 -35.14
C LEU A 8 -19.09 31.06 -34.59
N ILE A 9 -18.53 30.54 -33.50
CA ILE A 9 -19.17 29.48 -32.76
C ILE A 9 -19.41 29.96 -31.34
N GLU A 10 -18.38 29.87 -30.51
CA GLU A 10 -18.42 30.37 -29.15
C GLU A 10 -17.02 30.36 -28.54
N VAL A 11 -16.29 29.26 -28.73
CA VAL A 11 -14.91 29.17 -28.25
C VAL A 11 -14.02 28.54 -29.31
N GLN A 12 -14.38 28.78 -30.58
CA GLN A 12 -13.70 28.19 -31.73
C GLN A 12 -13.63 26.66 -31.60
N LEU A 13 -12.49 26.17 -31.14
CA LEU A 13 -12.30 24.74 -30.93
C LEU A 13 -12.95 24.33 -29.61
N ALA A 14 -12.54 24.99 -28.54
CA ALA A 14 -13.01 24.69 -27.20
C ALA A 14 -12.26 25.58 -26.21
N GLN A 15 -12.73 25.61 -24.97
CA GLN A 15 -12.04 26.34 -23.93
C GLN A 15 -12.05 25.53 -22.63
N GLU A 16 -11.31 24.44 -22.65
CA GLU A 16 -11.23 23.56 -21.51
C GLU A 16 -9.80 23.07 -21.34
N GLU A 17 -9.62 22.19 -20.37
CA GLU A 17 -8.31 21.61 -20.08
C GLU A 17 -8.50 20.44 -19.11
N VAL A 18 -7.40 19.83 -18.69
CA VAL A 18 -7.46 18.71 -17.79
C VAL A 18 -6.52 18.91 -16.61
N THR A 19 -6.92 18.41 -15.46
CA THR A 19 -6.09 18.41 -14.28
C THR A 19 -5.87 16.95 -13.85
N GLU A 20 -5.39 16.75 -12.64
CA GLU A 20 -5.14 15.40 -12.15
C GLU A 20 -6.46 14.68 -11.88
N SER A 21 -6.49 13.40 -12.20
CA SER A 21 -7.64 12.57 -11.91
C SER A 21 -7.32 11.66 -10.73
N PRO A 22 -7.66 12.11 -9.50
CA PRO A 22 -7.35 11.38 -8.28
C PRO A 22 -8.48 10.42 -7.90
N LEU A 23 -8.35 9.83 -6.73
CA LEU A 23 -9.36 8.90 -6.24
C LEU A 23 -10.04 9.47 -5.01
N GLY A 24 -11.32 9.78 -5.14
CA GLY A 24 -12.08 10.26 -4.00
C GLY A 24 -12.47 9.12 -3.09
N GLY A 25 -12.57 7.94 -3.68
CA GLY A 25 -12.89 6.75 -2.94
C GLY A 25 -12.65 5.52 -3.78
N ASP A 26 -12.67 4.35 -3.15
CA ASP A 26 -12.45 3.08 -3.84
C ASP A 26 -11.03 2.99 -4.36
N GLU A 27 -10.09 2.77 -3.45
CA GLU A 27 -8.69 2.61 -3.79
C GLU A 27 -8.49 1.29 -4.54
N ASN A 28 -9.32 0.31 -4.20
CA ASN A 28 -9.26 -1.01 -4.81
C ASN A 28 -9.44 -0.92 -6.32
N ALA A 29 -10.42 -0.13 -6.76
CA ALA A 29 -10.66 0.08 -8.19
C ALA A 29 -9.44 0.68 -8.86
N GLN A 30 -8.82 1.64 -8.21
CA GLN A 30 -7.65 2.32 -8.74
C GLN A 30 -6.46 1.37 -8.83
N LEU A 31 -6.24 0.61 -7.76
CA LEU A 31 -5.14 -0.35 -7.70
C LEU A 31 -5.40 -1.52 -8.64
N HIS A 32 -6.67 -1.78 -8.92
CA HIS A 32 -7.06 -2.80 -9.89
C HIS A 32 -6.72 -2.32 -11.29
N ALA A 33 -7.08 -1.07 -11.58
CA ALA A 33 -6.88 -0.48 -12.90
C ALA A 33 -5.39 -0.39 -13.25
N SER A 34 -4.56 -0.11 -12.26
CA SER A 34 -3.12 0.00 -12.49
C SER A 34 -2.49 -1.37 -12.71
N GLY A 35 -3.25 -2.43 -12.42
CA GLY A 35 -2.75 -3.78 -12.56
C GLY A 35 -1.82 -4.16 -11.43
N TYR A 36 -1.89 -3.41 -10.35
CA TYR A 36 -1.02 -3.63 -9.20
C TYR A 36 -1.71 -4.53 -8.19
N TYR A 37 -2.97 -4.83 -8.43
CA TYR A 37 -3.74 -5.72 -7.56
C TYR A 37 -3.07 -7.09 -7.50
N ALA A 38 -2.51 -7.52 -8.62
CA ALA A 38 -1.81 -8.79 -8.70
C ALA A 38 -0.64 -8.84 -7.71
N LEU A 39 0.02 -7.71 -7.55
CA LEU A 39 1.14 -7.61 -6.61
C LEU A 39 0.61 -7.46 -5.18
N PHE A 40 -0.52 -6.77 -5.06
CA PHE A 40 -1.16 -6.52 -3.77
C PHE A 40 -1.48 -7.82 -3.05
N VAL A 41 -2.20 -8.71 -3.73
CA VAL A 41 -2.61 -9.96 -3.10
C VAL A 41 -1.47 -10.97 -3.07
N ASP A 42 -0.38 -10.65 -3.76
CA ASP A 42 0.75 -11.55 -3.85
C ASP A 42 1.68 -11.38 -2.67
N THR A 43 2.39 -10.25 -2.63
CA THR A 43 3.44 -10.07 -1.66
C THR A 43 2.95 -9.45 -0.35
N VAL A 44 1.92 -8.60 -0.42
CA VAL A 44 1.53 -7.80 0.74
C VAL A 44 1.05 -8.67 1.93
N PRO A 45 0.05 -9.56 1.75
CA PRO A 45 -0.42 -10.42 2.84
C PRO A 45 0.68 -11.32 3.39
N ASP A 46 1.50 -11.84 2.48
CA ASP A 46 2.60 -12.71 2.86
C ASP A 46 3.70 -11.92 3.55
N ASP A 47 3.83 -10.64 3.20
CA ASP A 47 4.77 -9.74 3.83
C ASP A 47 4.34 -9.48 5.27
N VAL A 48 3.02 -9.39 5.46
CA VAL A 48 2.45 -9.28 6.80
C VAL A 48 2.79 -10.52 7.62
N LYS A 49 2.70 -11.69 6.97
CA LYS A 49 3.13 -12.94 7.58
C LYS A 49 4.60 -12.88 7.96
N ARG A 50 5.41 -12.27 7.08
CA ARG A 50 6.83 -12.07 7.35
C ARG A 50 7.01 -11.21 8.58
N LEU A 51 6.25 -10.12 8.67
CA LEU A 51 6.28 -9.24 9.84
C LEU A 51 6.06 -10.04 11.11
N TYR A 52 5.07 -10.92 11.09
CA TYR A 52 4.76 -11.79 12.22
C TYR A 52 5.93 -12.73 12.50
N THR A 53 6.59 -13.18 11.46
CA THR A 53 7.74 -14.07 11.60
C THR A 53 8.90 -13.35 12.27
N GLU A 54 9.18 -12.12 11.83
CA GLU A 54 10.26 -11.34 12.43
C GLU A 54 9.90 -10.96 13.86
N ALA A 55 8.61 -10.71 14.09
CA ALA A 55 8.12 -10.39 15.43
C ALA A 55 8.34 -11.56 16.38
N ALA A 56 8.09 -12.78 15.90
CA ALA A 56 8.29 -13.98 16.69
C ALA A 56 9.78 -14.20 16.95
N THR A 57 10.61 -13.75 16.02
CA THR A 57 12.05 -13.84 16.16
C THR A 57 12.59 -12.66 16.99
N SER A 58 11.73 -11.67 17.22
CA SER A 58 12.08 -10.45 17.97
C SER A 58 13.18 -9.70 17.22
N ASP A 59 13.23 -9.92 15.91
CA ASP A 59 14.20 -9.28 15.07
C ASP A 59 13.64 -7.97 14.53
N PHE A 60 13.65 -6.97 15.38
CA PHE A 60 13.10 -5.66 15.02
C PHE A 60 13.87 -5.03 13.86
N ALA A 61 15.11 -5.45 13.66
CA ALA A 61 15.86 -5.02 12.50
C ALA A 61 15.21 -5.55 11.23
N ALA A 62 14.76 -6.80 11.30
CA ALA A 62 14.07 -7.43 10.18
C ALA A 62 12.65 -6.89 10.07
N LEU A 63 12.07 -6.55 11.21
CA LEU A 63 10.78 -5.91 11.26
C LEU A 63 10.81 -4.62 10.44
N ALA A 64 11.82 -3.81 10.69
CA ALA A 64 12.01 -2.56 9.97
C ALA A 64 12.22 -2.80 8.47
N GLN A 65 13.02 -3.82 8.15
CA GLN A 65 13.27 -4.17 6.75
C GLN A 65 11.97 -4.54 6.04
N THR A 66 11.14 -5.35 6.70
CA THR A 66 9.87 -5.77 6.13
C THR A 66 8.91 -4.59 6.00
N ALA A 67 8.85 -3.76 7.05
CA ALA A 67 7.99 -2.58 7.02
C ALA A 67 8.46 -1.59 5.95
N HIS A 68 9.77 -1.55 5.74
CA HIS A 68 10.38 -0.74 4.70
C HIS A 68 9.85 -1.17 3.33
N ARG A 69 9.87 -2.48 3.11
CA ARG A 69 9.38 -3.05 1.86
C ARG A 69 7.89 -2.76 1.70
N LEU A 70 7.14 -2.93 2.79
CA LEU A 70 5.70 -2.73 2.76
C LEU A 70 5.36 -1.27 2.49
N LYS A 71 6.16 -0.36 3.06
CA LYS A 71 5.98 1.06 2.83
C LYS A 71 6.19 1.38 1.35
N GLY A 72 7.23 0.78 0.78
CA GLY A 72 7.53 1.01 -0.62
C GLY A 72 6.48 0.44 -1.55
N VAL A 73 6.08 -0.81 -1.32
CA VAL A 73 5.12 -1.47 -2.19
C VAL A 73 3.75 -0.79 -2.10
N PHE A 74 3.36 -0.34 -0.91
CA PHE A 74 2.08 0.32 -0.74
C PHE A 74 2.08 1.66 -1.47
N ALA A 75 3.18 2.38 -1.39
CA ALA A 75 3.34 3.64 -2.13
C ALA A 75 3.23 3.37 -3.63
N MET A 76 3.81 2.26 -4.07
CA MET A 76 3.76 1.84 -5.47
C MET A 76 2.33 1.43 -5.84
N LEU A 77 1.62 0.78 -4.92
CA LEU A 77 0.24 0.39 -5.14
C LEU A 77 -0.69 1.59 -5.07
N ASN A 78 -0.13 2.71 -4.58
CA ASN A 78 -0.83 4.00 -4.51
C ASN A 78 -1.77 4.03 -3.31
N LEU A 79 -1.58 3.09 -2.42
CA LEU A 79 -2.36 3.01 -1.19
C LEU A 79 -1.74 3.92 -0.13
N VAL A 80 -2.08 5.20 -0.22
CA VAL A 80 -1.52 6.21 0.68
C VAL A 80 -1.69 5.85 2.16
N PRO A 81 -2.93 5.60 2.64
CA PRO A 81 -3.17 5.22 4.04
C PRO A 81 -2.39 3.97 4.45
N GLY A 82 -2.20 3.07 3.50
CA GLY A 82 -1.43 1.86 3.76
C GLY A 82 0.03 2.17 4.00
N LYS A 83 0.59 3.02 3.14
CA LYS A 83 1.98 3.45 3.28
C LYS A 83 2.17 4.19 4.60
N GLN A 84 1.15 4.95 4.99
CA GLN A 84 1.17 5.67 6.27
C GLN A 84 1.23 4.69 7.43
N LEU A 85 0.50 3.59 7.31
CA LEU A 85 0.51 2.56 8.33
C LEU A 85 1.91 1.97 8.50
N CYS A 86 2.53 1.61 7.38
CA CYS A 86 3.89 1.08 7.39
C CYS A 86 4.89 2.10 7.91
N GLU A 87 4.63 3.37 7.61
CA GLU A 87 5.47 4.47 8.11
C GLU A 87 5.46 4.51 9.62
N THR A 88 4.26 4.52 10.19
CA THR A 88 4.07 4.53 11.62
C THR A 88 4.60 3.23 12.24
N LEU A 89 4.40 2.12 11.54
CA LEU A 89 4.92 0.83 11.99
C LEU A 89 6.44 0.90 12.16
N GLU A 90 7.11 1.40 11.13
CA GLU A 90 8.56 1.54 11.18
C GLU A 90 8.99 2.41 12.36
N HIS A 91 8.24 3.48 12.61
CA HIS A 91 8.51 4.36 13.74
C HIS A 91 8.25 3.62 15.06
N LEU A 92 7.23 2.77 15.09
CA LEU A 92 6.94 1.98 16.28
C LEU A 92 8.05 0.98 16.56
N ILE A 93 8.56 0.38 15.50
CA ILE A 93 9.67 -0.56 15.60
C ILE A 93 10.94 0.16 16.06
N ARG A 94 11.17 1.35 15.51
CA ARG A 94 12.33 2.15 15.88
C ARG A 94 12.22 2.62 17.34
N GLU A 95 10.99 2.76 17.81
CA GLU A 95 10.73 3.16 19.19
C GLU A 95 10.75 1.94 20.09
N LYS A 96 10.88 0.77 19.48
CA LYS A 96 10.90 -0.50 20.19
C LYS A 96 9.65 -0.69 21.03
N ASP A 97 8.52 -0.25 20.48
CA ASP A 97 7.23 -0.41 21.14
C ASP A 97 6.61 -1.74 20.75
N VAL A 98 6.97 -2.78 21.49
CA VAL A 98 6.63 -4.16 21.13
C VAL A 98 5.14 -4.35 20.88
N PRO A 99 4.26 -4.06 21.88
CA PRO A 99 2.80 -4.22 21.71
C PRO A 99 2.27 -3.40 20.53
N GLY A 100 2.85 -2.23 20.33
CA GLY A 100 2.44 -1.38 19.22
C GLY A 100 2.78 -2.00 17.89
N ILE A 101 3.95 -2.63 17.80
CA ILE A 101 4.38 -3.29 16.57
C ILE A 101 3.42 -4.44 16.23
N GLU A 102 3.20 -5.32 17.19
CA GLU A 102 2.32 -6.47 17.00
C GLU A 102 0.91 -6.02 16.63
N LYS A 103 0.42 -4.99 17.33
CA LYS A 103 -0.89 -4.42 17.06
C LYS A 103 -0.96 -3.90 15.63
N TYR A 104 0.05 -3.14 15.22
CA TYR A 104 0.06 -2.52 13.91
C TYR A 104 0.22 -3.55 12.80
N ILE A 105 0.97 -4.62 13.07
CA ILE A 105 1.08 -5.71 12.10
C ILE A 105 -0.31 -6.27 11.82
N SER A 106 -1.05 -6.52 12.89
CA SER A 106 -2.41 -7.02 12.79
C SER A 106 -3.33 -5.97 12.17
N ASP A 107 -3.00 -4.70 12.38
CA ASP A 107 -3.78 -3.58 11.81
C ASP A 107 -3.62 -3.53 10.29
N ILE A 108 -2.40 -3.75 9.83
CA ILE A 108 -2.14 -3.81 8.40
C ILE A 108 -2.78 -5.06 7.80
N ASP A 109 -2.81 -6.12 8.60
CA ASP A 109 -3.36 -7.39 8.15
C ASP A 109 -4.87 -7.26 8.01
N SER A 110 -5.48 -6.68 9.02
CA SER A 110 -6.90 -6.43 9.03
C SER A 110 -7.29 -5.46 7.93
N TYR A 111 -6.39 -4.53 7.63
CA TYR A 111 -6.58 -3.55 6.56
C TYR A 111 -6.69 -4.26 5.22
N VAL A 112 -5.67 -5.03 4.94
CA VAL A 112 -5.58 -5.79 3.71
C VAL A 112 -6.73 -6.79 3.62
N LYS A 113 -7.07 -7.40 4.73
CA LYS A 113 -8.13 -8.40 4.77
C LYS A 113 -9.49 -7.79 4.44
N SER A 114 -9.70 -6.53 4.83
CA SER A 114 -10.95 -5.85 4.49
C SER A 114 -10.91 -5.34 3.05
N LEU A 115 -9.70 -5.08 2.55
CA LEU A 115 -9.52 -4.61 1.19
C LEU A 115 -9.99 -5.66 0.19
N LEU A 116 -9.57 -6.90 0.38
CA LEU A 116 -9.99 -7.98 -0.50
C LEU A 116 -11.40 -8.45 -0.13
N MET A 1 -1.19 35.29 -52.66
CA MET A 1 -2.33 35.56 -51.75
C MET A 1 -3.65 35.32 -52.47
N GLN A 2 -4.13 34.08 -52.43
CA GLN A 2 -5.43 33.73 -53.00
C GLN A 2 -6.01 32.54 -52.24
N GLU A 3 -5.75 31.33 -52.75
CA GLU A 3 -6.17 30.11 -52.07
C GLU A 3 -5.42 29.98 -50.74
N ALA A 4 -4.18 30.40 -50.76
CA ALA A 4 -3.35 30.42 -49.57
C ALA A 4 -2.98 31.85 -49.21
N VAL A 5 -3.92 32.55 -48.61
CA VAL A 5 -3.67 33.91 -48.14
C VAL A 5 -2.57 33.90 -47.09
N LEU A 6 -2.64 32.90 -46.21
CA LEU A 6 -1.67 32.67 -45.17
C LEU A 6 -2.07 31.38 -44.45
N GLN A 7 -1.86 31.34 -43.15
CA GLN A 7 -2.42 30.27 -42.35
C GLN A 7 -3.64 30.80 -41.61
N LEU A 8 -3.49 30.95 -40.30
CA LEU A 8 -4.52 31.52 -39.44
C LEU A 8 -3.97 31.57 -38.04
N ILE A 9 -3.38 30.46 -37.63
CA ILE A 9 -2.61 30.37 -36.44
C ILE A 9 -1.47 29.39 -36.68
N GLU A 10 -1.21 28.52 -35.74
CA GLU A 10 -0.13 27.55 -35.87
C GLU A 10 -0.64 26.13 -35.66
N VAL A 11 -1.51 25.98 -34.67
CA VAL A 11 -2.02 24.67 -34.29
C VAL A 11 -3.52 24.59 -34.52
N GLN A 12 -3.91 24.37 -35.77
CA GLN A 12 -5.31 24.31 -36.14
C GLN A 12 -5.85 22.91 -35.90
N LEU A 13 -5.25 21.94 -36.58
CA LEU A 13 -5.65 20.55 -36.43
C LEU A 13 -4.67 19.81 -35.53
N ALA A 14 -3.91 20.59 -34.78
CA ALA A 14 -2.91 20.05 -33.87
C ALA A 14 -3.11 20.61 -32.47
N GLN A 15 -2.19 20.28 -31.58
CA GLN A 15 -2.24 20.71 -30.18
C GLN A 15 -3.41 20.05 -29.47
N GLU A 16 -3.23 18.79 -29.13
CA GLU A 16 -4.24 18.05 -28.38
C GLU A 16 -4.14 18.39 -26.90
N GLU A 17 -5.16 18.07 -26.14
CA GLU A 17 -5.21 18.42 -24.73
C GLU A 17 -4.76 17.24 -23.86
N VAL A 18 -4.48 17.52 -22.60
CA VAL A 18 -4.05 16.51 -21.65
C VAL A 18 -4.78 16.68 -20.33
N THR A 19 -5.12 15.57 -19.69
CA THR A 19 -5.85 15.60 -18.44
C THR A 19 -5.32 14.52 -17.49
N GLU A 20 -5.07 14.90 -16.24
CA GLU A 20 -4.49 13.99 -15.27
C GLU A 20 -5.47 13.73 -14.13
N SER A 21 -5.70 12.47 -13.84
CA SER A 21 -6.53 12.08 -12.71
C SER A 21 -5.79 11.08 -11.83
N PRO A 22 -4.85 11.58 -10.99
CA PRO A 22 -4.06 10.71 -10.10
C PRO A 22 -4.91 10.02 -9.03
N LEU A 23 -5.86 10.77 -8.46
CA LEU A 23 -6.72 10.23 -7.43
C LEU A 23 -8.15 10.74 -7.61
N GLY A 24 -8.89 10.11 -8.51
CA GLY A 24 -10.27 10.50 -8.73
C GLY A 24 -11.18 9.92 -7.67
N GLY A 25 -10.89 8.71 -7.23
CA GLY A 25 -11.67 8.08 -6.19
C GLY A 25 -11.48 6.57 -6.17
N ASP A 26 -11.49 6.01 -4.96
CA ASP A 26 -11.38 4.56 -4.74
C ASP A 26 -10.02 4.03 -5.17
N GLU A 27 -9.13 3.90 -4.21
CA GLU A 27 -7.78 3.40 -4.45
C GLU A 27 -7.83 1.94 -4.87
N ASN A 28 -8.69 1.19 -4.21
CA ASN A 28 -8.86 -0.24 -4.48
C ASN A 28 -9.32 -0.47 -5.92
N ALA A 29 -10.33 0.28 -6.35
CA ALA A 29 -10.82 0.16 -7.71
C ALA A 29 -9.75 0.57 -8.72
N GLN A 30 -8.99 1.59 -8.36
CA GLN A 30 -7.92 2.09 -9.23
C GLN A 30 -6.80 1.05 -9.34
N LEU A 31 -6.39 0.49 -8.20
CA LEU A 31 -5.33 -0.51 -8.17
C LEU A 31 -5.77 -1.75 -8.94
N HIS A 32 -7.05 -2.06 -8.88
CA HIS A 32 -7.61 -3.19 -9.61
C HIS A 32 -7.57 -2.91 -11.11
N ALA A 33 -7.91 -1.69 -11.48
CA ALA A 33 -7.95 -1.28 -12.88
C ALA A 33 -6.55 -1.27 -13.50
N SER A 34 -5.53 -1.02 -12.68
CA SER A 34 -4.15 -0.99 -13.17
C SER A 34 -3.54 -2.39 -13.20
N GLY A 35 -4.30 -3.37 -12.73
CA GLY A 35 -3.84 -4.75 -12.75
C GLY A 35 -2.74 -5.03 -11.73
N TYR A 36 -2.80 -4.33 -10.60
CA TYR A 36 -1.80 -4.51 -9.56
C TYR A 36 -2.31 -5.48 -8.49
N TYR A 37 -3.52 -5.99 -8.69
CA TYR A 37 -4.16 -6.89 -7.73
C TYR A 37 -3.32 -8.15 -7.53
N ALA A 38 -2.80 -8.68 -8.63
CA ALA A 38 -1.98 -9.89 -8.58
C ALA A 38 -0.73 -9.68 -7.74
N LEU A 39 -0.20 -8.46 -7.74
CA LEU A 39 0.98 -8.16 -6.96
C LEU A 39 0.59 -7.83 -5.52
N PHE A 40 -0.58 -7.22 -5.37
CA PHE A 40 -1.13 -6.89 -4.07
C PHE A 40 -1.36 -8.14 -3.23
N VAL A 41 -1.95 -9.16 -3.85
CA VAL A 41 -2.24 -10.41 -3.16
C VAL A 41 -1.03 -11.32 -3.09
N ASP A 42 0.04 -10.94 -3.78
CA ASP A 42 1.23 -11.78 -3.85
C ASP A 42 2.20 -11.46 -2.72
N THR A 43 2.86 -10.31 -2.82
CA THR A 43 3.94 -9.99 -1.90
C THR A 43 3.43 -9.49 -0.55
N VAL A 44 2.29 -8.82 -0.54
CA VAL A 44 1.81 -8.18 0.68
C VAL A 44 1.51 -9.20 1.79
N PRO A 45 0.65 -10.22 1.54
CA PRO A 45 0.36 -11.25 2.55
C PRO A 45 1.61 -12.00 2.99
N ASP A 46 2.52 -12.21 2.04
CA ASP A 46 3.76 -12.93 2.31
C ASP A 46 4.69 -12.06 3.16
N ASP A 47 4.72 -10.77 2.85
CA ASP A 47 5.54 -9.82 3.59
C ASP A 47 4.99 -9.62 5.00
N VAL A 48 3.68 -9.66 5.11
CA VAL A 48 3.02 -9.62 6.42
C VAL A 48 3.42 -10.85 7.22
N LYS A 49 3.53 -11.99 6.53
CA LYS A 49 3.96 -13.24 7.15
C LYS A 49 5.33 -13.08 7.81
N ARG A 50 6.32 -12.63 7.03
CA ARG A 50 7.67 -12.46 7.57
C ARG A 50 7.70 -11.37 8.63
N LEU A 51 6.90 -10.32 8.45
CA LEU A 51 6.77 -9.26 9.45
C LEU A 51 6.38 -9.87 10.80
N TYR A 52 5.36 -10.71 10.77
CA TYR A 52 4.88 -11.39 11.96
C TYR A 52 5.93 -12.35 12.51
N THR A 53 6.57 -13.07 11.59
CA THR A 53 7.52 -14.11 11.97
C THR A 53 8.74 -13.50 12.65
N GLU A 54 9.22 -12.39 12.12
CA GLU A 54 10.38 -11.72 12.66
C GLU A 54 10.02 -10.91 13.89
N ALA A 55 8.76 -10.50 14.00
CA ALA A 55 8.25 -9.86 15.20
C ALA A 55 8.33 -10.83 16.36
N ALA A 56 8.08 -12.10 16.06
CA ALA A 56 8.23 -13.17 17.05
C ALA A 56 9.69 -13.32 17.49
N THR A 57 10.59 -13.29 16.52
CA THR A 57 12.02 -13.41 16.79
C THR A 57 12.58 -12.14 17.43
N SER A 58 11.76 -11.09 17.45
CA SER A 58 12.18 -9.78 17.96
C SER A 58 13.31 -9.25 17.10
N ASP A 59 13.25 -9.58 15.81
CA ASP A 59 14.22 -9.11 14.85
C ASP A 59 13.79 -7.76 14.33
N PHE A 60 13.94 -6.75 15.17
CA PHE A 60 13.51 -5.40 14.84
C PHE A 60 14.20 -4.85 13.61
N ALA A 61 15.42 -5.30 13.35
CA ALA A 61 16.12 -4.90 12.14
C ALA A 61 15.38 -5.43 10.91
N ALA A 62 14.91 -6.66 11.00
CA ALA A 62 14.21 -7.29 9.89
C ALA A 62 12.80 -6.73 9.81
N LEU A 63 12.22 -6.49 10.98
CA LEU A 63 10.93 -5.86 11.08
C LEU A 63 10.92 -4.53 10.34
N ALA A 64 11.92 -3.71 10.61
CA ALA A 64 12.05 -2.41 9.96
C ALA A 64 12.26 -2.57 8.46
N GLN A 65 13.08 -3.53 8.07
CA GLN A 65 13.34 -3.80 6.65
C GLN A 65 12.05 -4.20 5.93
N THR A 66 11.29 -5.09 6.54
CA THR A 66 10.04 -5.55 5.96
C THR A 66 8.97 -4.46 6.00
N ALA A 67 8.96 -3.67 7.07
CA ALA A 67 8.06 -2.52 7.17
C ALA A 67 8.36 -1.53 6.06
N HIS A 68 9.65 -1.35 5.79
CA HIS A 68 10.10 -0.49 4.69
C HIS A 68 9.61 -1.03 3.36
N ARG A 69 9.67 -2.35 3.20
CA ARG A 69 9.20 -3.00 1.99
C ARG A 69 7.71 -2.71 1.77
N LEU A 70 6.92 -2.93 2.81
CA LEU A 70 5.48 -2.76 2.72
C LEU A 70 5.12 -1.29 2.53
N LYS A 71 5.85 -0.42 3.19
CA LYS A 71 5.67 1.01 3.05
C LYS A 71 5.92 1.43 1.60
N GLY A 72 6.98 0.89 1.01
CA GLY A 72 7.33 1.23 -0.35
C GLY A 72 6.32 0.72 -1.36
N VAL A 73 5.90 -0.54 -1.21
CA VAL A 73 4.95 -1.14 -2.15
C VAL A 73 3.57 -0.54 -1.99
N PHE A 74 3.22 -0.11 -0.78
CA PHE A 74 1.93 0.55 -0.57
C PHE A 74 1.96 1.93 -1.21
N ALA A 75 3.03 2.67 -0.98
CA ALA A 75 3.23 3.96 -1.64
C ALA A 75 3.28 3.78 -3.15
N MET A 76 3.68 2.58 -3.56
CA MET A 76 3.71 2.21 -4.97
C MET A 76 2.30 1.98 -5.48
N LEU A 77 1.51 1.20 -4.74
CA LEU A 77 0.15 0.87 -5.13
C LEU A 77 -0.85 1.87 -4.57
N ASN A 78 -0.33 3.05 -4.20
CA ASN A 78 -1.14 4.23 -3.82
C ASN A 78 -2.05 3.93 -2.64
N LEU A 79 -1.55 3.11 -1.73
CA LEU A 79 -2.18 2.86 -0.46
C LEU A 79 -1.55 3.76 0.59
N VAL A 80 -1.78 5.06 0.45
CA VAL A 80 -1.09 6.06 1.26
C VAL A 80 -1.30 5.84 2.77
N PRO A 81 -2.55 5.77 3.26
CA PRO A 81 -2.82 5.51 4.69
C PRO A 81 -2.15 4.22 5.19
N GLY A 82 -2.16 3.20 4.35
CA GLY A 82 -1.49 1.95 4.69
C GLY A 82 0.01 2.13 4.80
N LYS A 83 0.57 2.88 3.85
CA LYS A 83 1.99 3.22 3.87
C LYS A 83 2.32 4.02 5.12
N GLN A 84 1.45 4.97 5.46
CA GLN A 84 1.61 5.79 6.66
C GLN A 84 1.67 4.91 7.90
N LEU A 85 0.85 3.86 7.91
CA LEU A 85 0.85 2.89 9.00
C LEU A 85 2.21 2.18 9.07
N CYS A 86 2.72 1.79 7.92
CA CYS A 86 4.01 1.11 7.85
C CYS A 86 5.15 2.02 8.32
N GLU A 87 5.06 3.30 7.99
CA GLU A 87 6.05 4.28 8.43
C GLU A 87 6.03 4.39 9.95
N THR A 88 4.85 4.55 10.51
CA THR A 88 4.69 4.62 11.95
C THR A 88 5.09 3.29 12.60
N LEU A 89 4.84 2.19 11.90
CA LEU A 89 5.28 0.88 12.34
C LEU A 89 6.79 0.84 12.49
N GLU A 90 7.49 1.37 11.49
CA GLU A 90 8.95 1.47 11.52
C GLU A 90 9.40 2.23 12.76
N HIS A 91 8.71 3.32 13.05
CA HIS A 91 9.02 4.12 14.23
C HIS A 91 8.76 3.33 15.51
N LEU A 92 7.66 2.58 15.54
CA LEU A 92 7.32 1.76 16.69
C LEU A 92 8.34 0.64 16.87
N ILE A 93 8.85 0.15 15.75
CA ILE A 93 9.87 -0.90 15.77
C ILE A 93 11.16 -0.34 16.34
N ARG A 94 11.49 0.87 15.91
CA ARG A 94 12.68 1.56 16.37
C ARG A 94 12.55 1.92 17.85
N GLU A 95 11.33 2.23 18.28
CA GLU A 95 11.06 2.57 19.65
C GLU A 95 11.04 1.31 20.52
N LYS A 96 10.99 0.15 19.87
CA LYS A 96 10.92 -1.14 20.53
C LYS A 96 9.58 -1.27 21.26
N ASP A 97 8.52 -0.86 20.59
CA ASP A 97 7.18 -0.96 21.13
C ASP A 97 6.48 -2.19 20.54
N VAL A 98 6.66 -3.33 21.19
CA VAL A 98 6.15 -4.60 20.69
C VAL A 98 4.62 -4.57 20.52
N PRO A 99 3.86 -4.15 21.56
CA PRO A 99 2.40 -4.01 21.45
C PRO A 99 1.98 -3.19 20.23
N GLY A 100 2.64 -2.06 20.01
CA GLY A 100 2.32 -1.25 18.86
C GLY A 100 2.59 -1.96 17.55
N ILE A 101 3.69 -2.71 17.50
CA ILE A 101 4.07 -3.45 16.30
C ILE A 101 2.98 -4.45 15.92
N GLU A 102 2.61 -5.31 16.86
CA GLU A 102 1.62 -6.35 16.59
C GLU A 102 0.25 -5.73 16.30
N LYS A 103 -0.05 -4.63 16.97
CA LYS A 103 -1.31 -3.93 16.77
C LYS A 103 -1.40 -3.38 15.37
N TYR A 104 -0.31 -2.80 14.89
CA TYR A 104 -0.26 -2.24 13.55
C TYR A 104 -0.29 -3.35 12.50
N ILE A 105 0.33 -4.48 12.82
CA ILE A 105 0.26 -5.65 11.96
C ILE A 105 -1.19 -6.09 11.79
N SER A 106 -1.92 -6.11 12.90
CA SER A 106 -3.33 -6.48 12.89
C SER A 106 -4.16 -5.43 12.14
N ASP A 107 -3.72 -4.18 12.20
CA ASP A 107 -4.40 -3.09 11.50
C ASP A 107 -4.13 -3.16 10.00
N ILE A 108 -2.93 -3.59 9.65
CA ILE A 108 -2.58 -3.81 8.26
C ILE A 108 -3.35 -5.02 7.73
N ASP A 109 -3.60 -5.99 8.60
CA ASP A 109 -4.28 -7.21 8.22
C ASP A 109 -5.73 -6.91 7.94
N SER A 110 -6.33 -6.17 8.84
CA SER A 110 -7.71 -5.74 8.70
C SER A 110 -7.85 -4.87 7.46
N TYR A 111 -6.84 -4.02 7.25
CA TYR A 111 -6.83 -3.10 6.11
C TYR A 111 -6.83 -3.86 4.81
N VAL A 112 -5.84 -4.74 4.69
CA VAL A 112 -5.67 -5.55 3.51
C VAL A 112 -6.87 -6.48 3.34
N LYS A 113 -7.46 -6.91 4.45
CA LYS A 113 -8.67 -7.72 4.43
C LYS A 113 -9.80 -7.02 3.69
N SER A 114 -9.97 -5.73 3.95
CA SER A 114 -11.05 -4.97 3.32
C SER A 114 -10.67 -4.53 1.91
N LEU A 115 -9.37 -4.40 1.65
CA LEU A 115 -8.91 -3.91 0.35
C LEU A 115 -8.77 -5.03 -0.67
N LEU A 116 -8.73 -6.26 -0.20
CA LEU A 116 -8.66 -7.42 -1.08
C LEU A 116 -10.01 -7.69 -1.73
N MET A 1 -40.34 1.77 -27.18
CA MET A 1 -41.19 1.10 -26.17
C MET A 1 -41.58 -0.31 -26.64
N GLN A 2 -42.44 -0.38 -27.63
CA GLN A 2 -42.89 -1.66 -28.16
C GLN A 2 -41.84 -2.24 -29.08
N GLU A 3 -41.38 -3.45 -28.74
CA GLU A 3 -40.41 -4.21 -29.53
C GLU A 3 -38.98 -3.73 -29.23
N ALA A 4 -38.82 -2.44 -29.09
CA ALA A 4 -37.54 -1.85 -28.76
C ALA A 4 -37.69 -0.97 -27.52
N VAL A 5 -37.25 -1.50 -26.40
CA VAL A 5 -37.27 -0.77 -25.14
C VAL A 5 -36.26 0.37 -25.18
N LEU A 6 -35.22 0.19 -26.00
CA LEU A 6 -34.18 1.20 -26.20
C LEU A 6 -33.40 1.44 -24.90
N GLN A 7 -32.82 2.61 -24.78
CA GLN A 7 -32.07 2.97 -23.58
C GLN A 7 -32.73 4.15 -22.89
N LEU A 8 -32.43 4.33 -21.61
CA LEU A 8 -32.94 5.47 -20.87
C LEU A 8 -32.33 6.76 -21.42
N ILE A 9 -31.01 6.86 -21.36
CA ILE A 9 -30.32 8.03 -21.87
C ILE A 9 -29.13 7.58 -22.74
N GLU A 10 -28.09 7.05 -22.10
CA GLU A 10 -26.90 6.58 -22.81
C GLU A 10 -25.92 5.98 -21.81
N VAL A 11 -25.86 6.57 -20.63
CA VAL A 11 -24.98 6.11 -19.57
C VAL A 11 -25.83 5.43 -18.51
N GLN A 12 -26.16 4.17 -18.78
CA GLN A 12 -27.06 3.41 -17.91
C GLN A 12 -26.36 2.97 -16.62
N LEU A 13 -25.71 3.92 -15.98
CA LEU A 13 -25.00 3.73 -14.73
C LEU A 13 -24.15 4.97 -14.45
N ALA A 14 -22.88 4.89 -14.84
CA ALA A 14 -21.93 5.99 -14.67
C ALA A 14 -20.59 5.57 -15.25
N GLN A 15 -20.16 6.27 -16.28
CA GLN A 15 -18.90 5.94 -16.93
C GLN A 15 -17.75 6.56 -16.16
N GLU A 16 -16.56 5.97 -16.29
CA GLU A 16 -15.42 6.45 -15.53
C GLU A 16 -14.71 7.58 -16.26
N GLU A 17 -14.73 8.73 -15.63
CA GLU A 17 -14.08 9.92 -16.16
C GLU A 17 -12.99 10.38 -15.21
N VAL A 18 -13.11 9.93 -13.96
CA VAL A 18 -12.14 10.25 -12.92
C VAL A 18 -10.78 9.65 -13.24
N THR A 19 -9.73 10.42 -13.05
CA THR A 19 -8.40 9.95 -13.34
C THR A 19 -7.83 9.17 -12.17
N GLU A 20 -7.91 9.77 -10.99
CA GLU A 20 -7.42 9.14 -9.77
C GLU A 20 -8.45 9.34 -8.66
N SER A 21 -8.23 8.66 -7.55
CA SER A 21 -9.14 8.75 -6.42
C SER A 21 -8.47 9.44 -5.25
N PRO A 22 -8.92 10.65 -4.89
CA PRO A 22 -8.45 11.35 -3.69
C PRO A 22 -8.97 10.68 -2.43
N LEU A 23 -8.39 9.52 -2.12
CA LEU A 23 -8.85 8.69 -1.00
C LEU A 23 -10.32 8.33 -1.19
N GLY A 24 -11.12 8.56 -0.16
CA GLY A 24 -12.56 8.35 -0.28
C GLY A 24 -12.96 6.88 -0.30
N GLY A 25 -12.05 6.01 0.10
CA GLY A 25 -12.36 4.58 0.16
C GLY A 25 -12.39 3.94 -1.22
N ASP A 26 -11.57 4.44 -2.13
CA ASP A 26 -11.50 3.91 -3.49
C ASP A 26 -10.19 3.14 -3.68
N GLU A 27 -9.54 2.81 -2.57
CA GLU A 27 -8.25 2.17 -2.59
C GLU A 27 -8.31 0.82 -3.31
N ASN A 28 -9.31 0.01 -2.98
CA ASN A 28 -9.44 -1.31 -3.58
C ASN A 28 -9.82 -1.20 -5.06
N ALA A 29 -10.74 -0.30 -5.34
CA ALA A 29 -11.22 -0.09 -6.70
C ALA A 29 -10.09 0.36 -7.61
N GLN A 30 -9.36 1.37 -7.18
CA GLN A 30 -8.25 1.88 -7.97
C GLN A 30 -7.15 0.83 -8.11
N LEU A 31 -6.91 0.07 -7.05
CA LEU A 31 -5.85 -0.94 -7.05
C LEU A 31 -6.09 -2.01 -8.11
N HIS A 32 -7.32 -2.49 -8.23
CA HIS A 32 -7.63 -3.51 -9.23
C HIS A 32 -7.82 -2.86 -10.61
N ALA A 33 -8.13 -1.58 -10.63
CA ALA A 33 -8.32 -0.85 -11.89
C ALA A 33 -6.98 -0.63 -12.60
N SER A 34 -5.95 -0.30 -11.84
CA SER A 34 -4.63 -0.06 -12.41
C SER A 34 -3.93 -1.37 -12.74
N GLY A 35 -4.44 -2.46 -12.16
CA GLY A 35 -3.88 -3.77 -12.43
C GLY A 35 -2.75 -4.12 -11.49
N TYR A 36 -2.76 -3.53 -10.31
CA TYR A 36 -1.70 -3.79 -9.32
C TYR A 36 -2.11 -4.93 -8.38
N TYR A 37 -3.17 -5.62 -8.76
CA TYR A 37 -3.70 -6.73 -7.96
C TYR A 37 -2.66 -7.82 -7.78
N ALA A 38 -1.91 -8.10 -8.84
CA ALA A 38 -0.92 -9.17 -8.83
C ALA A 38 0.26 -8.81 -7.93
N LEU A 39 0.68 -7.55 -7.99
CA LEU A 39 1.79 -7.08 -7.17
C LEU A 39 1.38 -7.02 -5.70
N PHE A 40 0.11 -6.70 -5.47
CA PHE A 40 -0.44 -6.58 -4.14
C PHE A 40 -0.44 -7.94 -3.43
N VAL A 41 -1.02 -8.94 -4.08
CA VAL A 41 -1.16 -10.26 -3.47
C VAL A 41 0.18 -11.00 -3.39
N ASP A 42 1.11 -10.64 -4.27
CA ASP A 42 2.39 -11.33 -4.31
C ASP A 42 3.48 -10.52 -3.60
N THR A 43 3.21 -10.13 -2.36
CA THR A 43 4.22 -9.54 -1.50
C THR A 43 3.61 -9.03 -0.18
N VAL A 44 2.48 -8.34 -0.25
CA VAL A 44 1.94 -7.68 0.93
C VAL A 44 1.50 -8.68 2.01
N PRO A 45 0.52 -9.57 1.73
CA PRO A 45 0.06 -10.55 2.72
C PRO A 45 1.17 -11.48 3.18
N ASP A 46 2.07 -11.82 2.27
CA ASP A 46 3.18 -12.71 2.57
C ASP A 46 4.19 -12.02 3.49
N ASP A 47 4.42 -10.73 3.25
CA ASP A 47 5.31 -9.94 4.09
C ASP A 47 4.69 -9.72 5.45
N VAL A 48 3.36 -9.68 5.50
CA VAL A 48 2.63 -9.57 6.75
C VAL A 48 2.86 -10.80 7.62
N LYS A 49 2.77 -11.98 7.01
CA LYS A 49 3.06 -13.23 7.70
C LYS A 49 4.53 -13.27 8.10
N ARG A 50 5.37 -12.73 7.24
CA ARG A 50 6.79 -12.60 7.52
C ARG A 50 7.00 -11.72 8.75
N LEU A 51 6.32 -10.58 8.79
CA LEU A 51 6.34 -9.68 9.93
C LEU A 51 6.01 -10.44 11.22
N TYR A 52 4.95 -11.26 11.14
CA TYR A 52 4.55 -12.11 12.26
C TYR A 52 5.71 -12.99 12.69
N THR A 53 6.39 -13.56 11.71
CA THR A 53 7.48 -14.49 11.96
C THR A 53 8.67 -13.79 12.60
N GLU A 54 9.04 -12.64 12.05
CA GLU A 54 10.20 -11.91 12.52
C GLU A 54 9.91 -11.23 13.86
N ALA A 55 8.66 -10.82 14.06
CA ALA A 55 8.26 -10.20 15.32
C ALA A 55 8.31 -11.21 16.46
N ALA A 56 7.94 -12.45 16.14
CA ALA A 56 7.98 -13.53 17.12
C ALA A 56 9.39 -13.73 17.66
N THR A 57 10.37 -13.73 16.77
CA THR A 57 11.77 -13.87 17.15
C THR A 57 12.38 -12.54 17.56
N SER A 58 11.62 -11.46 17.37
CA SER A 58 12.04 -10.11 17.72
C SER A 58 13.21 -9.65 16.85
N ASP A 59 13.16 -10.05 15.58
CA ASP A 59 14.15 -9.63 14.61
C ASP A 59 13.77 -8.24 14.09
N PHE A 60 14.03 -7.25 14.92
CA PHE A 60 13.68 -5.87 14.61
C PHE A 60 14.43 -5.34 13.38
N ALA A 61 15.58 -5.93 13.08
CA ALA A 61 16.30 -5.57 11.88
C ALA A 61 15.52 -5.99 10.64
N ALA A 62 14.93 -7.18 10.71
CA ALA A 62 14.15 -7.71 9.60
C ALA A 62 12.78 -7.04 9.56
N LEU A 63 12.26 -6.74 10.74
CA LEU A 63 11.02 -6.00 10.87
C LEU A 63 11.13 -4.65 10.16
N ALA A 64 12.26 -3.98 10.34
CA ALA A 64 12.52 -2.71 9.69
C ALA A 64 12.63 -2.90 8.18
N GLN A 65 13.35 -3.93 7.76
CA GLN A 65 13.50 -4.24 6.34
C GLN A 65 12.13 -4.50 5.69
N THR A 66 11.32 -5.29 6.35
CA THR A 66 9.98 -5.61 5.86
C THR A 66 9.10 -4.36 5.83
N ALA A 67 9.16 -3.58 6.89
CA ALA A 67 8.38 -2.34 6.96
C ALA A 67 8.78 -1.40 5.84
N HIS A 68 10.08 -1.36 5.53
CA HIS A 68 10.61 -0.55 4.44
C HIS A 68 10.06 -1.02 3.10
N ARG A 69 10.02 -2.33 2.91
CA ARG A 69 9.48 -2.91 1.69
C ARG A 69 8.00 -2.57 1.55
N LEU A 70 7.28 -2.68 2.66
CA LEU A 70 5.86 -2.42 2.68
C LEU A 70 5.54 -0.95 2.39
N LYS A 71 6.16 -0.04 3.14
CA LYS A 71 5.91 1.39 2.97
C LYS A 71 6.21 1.83 1.53
N GLY A 72 7.29 1.30 0.98
CA GLY A 72 7.67 1.64 -0.37
C GLY A 72 6.73 1.08 -1.41
N VAL A 73 6.41 -0.20 -1.28
CA VAL A 73 5.54 -0.85 -2.26
C VAL A 73 4.11 -0.34 -2.16
N PHE A 74 3.67 0.05 -0.97
CA PHE A 74 2.33 0.60 -0.80
C PHE A 74 2.25 1.96 -1.47
N ALA A 75 3.29 2.78 -1.27
CA ALA A 75 3.38 4.08 -1.93
C ALA A 75 3.42 3.90 -3.44
N MET A 76 4.05 2.80 -3.87
CA MET A 76 4.14 2.47 -5.29
C MET A 76 2.78 2.01 -5.83
N LEU A 77 2.04 1.25 -5.02
CA LEU A 77 0.72 0.77 -5.42
C LEU A 77 -0.32 1.86 -5.23
N ASN A 78 0.11 2.99 -4.66
CA ASN A 78 -0.73 4.19 -4.52
C ASN A 78 -1.65 4.07 -3.33
N LEU A 79 -1.35 3.12 -2.46
CA LEU A 79 -2.09 2.94 -1.22
C LEU A 79 -1.48 3.83 -0.15
N VAL A 80 -1.73 5.13 -0.28
CA VAL A 80 -1.15 6.15 0.61
C VAL A 80 -1.32 5.80 2.10
N PRO A 81 -2.57 5.59 2.58
CA PRO A 81 -2.82 5.26 3.99
C PRO A 81 -2.03 4.04 4.45
N GLY A 82 -1.87 3.08 3.55
CA GLY A 82 -1.12 1.87 3.86
C GLY A 82 0.36 2.18 4.08
N LYS A 83 0.91 3.04 3.24
CA LYS A 83 2.30 3.46 3.39
C LYS A 83 2.50 4.16 4.73
N GLN A 84 1.55 5.02 5.09
CA GLN A 84 1.60 5.73 6.36
C GLN A 84 1.55 4.76 7.54
N LEU A 85 0.79 3.68 7.37
CA LEU A 85 0.73 2.63 8.38
C LEU A 85 2.10 2.00 8.57
N CYS A 86 2.77 1.71 7.46
CA CYS A 86 4.09 1.10 7.50
C CYS A 86 5.14 2.09 8.01
N GLU A 87 4.89 3.38 7.82
CA GLU A 87 5.75 4.43 8.35
C GLU A 87 5.76 4.38 9.87
N THR A 88 4.58 4.42 10.44
CA THR A 88 4.43 4.33 11.88
C THR A 88 4.90 2.97 12.38
N LEU A 89 4.73 1.94 11.55
CA LEU A 89 5.21 0.60 11.89
C LEU A 89 6.73 0.61 12.11
N GLU A 90 7.48 1.12 11.15
CA GLU A 90 8.94 1.17 11.27
C GLU A 90 9.34 2.04 12.46
N HIS A 91 8.54 3.07 12.71
CA HIS A 91 8.76 3.94 13.86
C HIS A 91 8.51 3.17 15.16
N LEU A 92 7.47 2.36 15.19
CA LEU A 92 7.14 1.57 16.36
C LEU A 92 8.22 0.55 16.64
N ILE A 93 8.72 -0.09 15.58
CA ILE A 93 9.82 -1.05 15.69
C ILE A 93 11.06 -0.34 16.23
N ARG A 94 11.33 0.83 15.69
CA ARG A 94 12.49 1.62 16.07
C ARG A 94 12.39 2.11 17.51
N GLU A 95 11.16 2.29 17.99
CA GLU A 95 10.92 2.76 19.35
C GLU A 95 10.70 1.59 20.30
N LYS A 96 10.84 0.38 19.75
CA LYS A 96 10.70 -0.86 20.52
C LYS A 96 9.31 -1.00 21.13
N ASP A 97 8.33 -0.41 20.44
CA ASP A 97 6.95 -0.44 20.91
C ASP A 97 6.25 -1.67 20.37
N VAL A 98 6.60 -2.82 20.93
CA VAL A 98 6.06 -4.10 20.50
C VAL A 98 4.51 -4.13 20.51
N PRO A 99 3.86 -3.69 21.61
CA PRO A 99 2.40 -3.60 21.65
C PRO A 99 1.83 -2.74 20.52
N GLY A 100 2.51 -1.64 20.23
CA GLY A 100 2.11 -0.77 19.13
C GLY A 100 2.29 -1.46 17.79
N ILE A 101 3.42 -2.16 17.63
CA ILE A 101 3.70 -2.92 16.42
C ILE A 101 2.60 -3.94 16.17
N GLU A 102 2.30 -4.73 17.19
CA GLU A 102 1.28 -5.77 17.11
C GLU A 102 -0.04 -5.18 16.65
N LYS A 103 -0.45 -4.10 17.32
CA LYS A 103 -1.72 -3.44 17.04
C LYS A 103 -1.79 -2.98 15.59
N TYR A 104 -0.76 -2.31 15.13
CA TYR A 104 -0.75 -1.75 13.78
C TYR A 104 -0.73 -2.85 12.73
N ILE A 105 -0.07 -3.97 13.04
CA ILE A 105 -0.05 -5.09 12.12
C ILE A 105 -1.46 -5.67 11.95
N SER A 106 -2.23 -5.75 13.04
CA SER A 106 -3.61 -6.22 12.95
C SER A 106 -4.47 -5.23 12.16
N ASP A 107 -4.12 -3.95 12.27
CA ASP A 107 -4.81 -2.90 11.51
C ASP A 107 -4.46 -3.01 10.03
N ILE A 108 -3.21 -3.38 9.74
CA ILE A 108 -2.79 -3.67 8.37
C ILE A 108 -3.48 -4.93 7.87
N ASP A 109 -3.70 -5.87 8.77
CA ASP A 109 -4.29 -7.16 8.44
C ASP A 109 -5.74 -6.97 8.07
N SER A 110 -6.43 -6.19 8.88
CA SER A 110 -7.82 -5.87 8.65
C SER A 110 -7.95 -5.09 7.34
N TYR A 111 -6.97 -4.23 7.09
CA TYR A 111 -6.92 -3.45 5.86
C TYR A 111 -6.81 -4.36 4.66
N VAL A 112 -5.75 -5.15 4.67
CA VAL A 112 -5.43 -6.05 3.58
C VAL A 112 -6.51 -7.12 3.42
N LYS A 113 -7.10 -7.55 4.53
CA LYS A 113 -8.19 -8.51 4.52
C LYS A 113 -9.34 -8.00 3.65
N SER A 114 -9.73 -6.75 3.90
CA SER A 114 -10.83 -6.15 3.17
C SER A 114 -10.40 -5.63 1.80
N LEU A 115 -9.09 -5.53 1.58
CA LEU A 115 -8.56 -5.07 0.30
C LEU A 115 -8.47 -6.22 -0.70
N LEU A 116 -8.14 -7.41 -0.21
CA LEU A 116 -7.98 -8.58 -1.06
C LEU A 116 -9.32 -9.01 -1.65
N MET A 1 -7.14 4.40 -48.49
CA MET A 1 -8.17 4.98 -47.58
C MET A 1 -9.30 3.98 -47.36
N GLN A 2 -10.21 4.31 -46.43
CA GLN A 2 -11.35 3.46 -46.07
C GLN A 2 -10.92 2.26 -45.21
N GLU A 3 -9.84 1.60 -45.60
CA GLU A 3 -9.33 0.45 -44.86
C GLU A 3 -9.07 0.80 -43.40
N ALA A 4 -8.13 1.69 -43.19
CA ALA A 4 -7.76 2.13 -41.86
C ALA A 4 -7.53 3.64 -41.84
N VAL A 5 -7.13 4.17 -43.01
CA VAL A 5 -6.81 5.59 -43.15
C VAL A 5 -5.48 5.93 -42.47
N LEU A 6 -5.46 5.84 -41.16
CA LEU A 6 -4.26 6.12 -40.39
C LEU A 6 -3.83 4.88 -39.62
N GLN A 7 -3.01 5.07 -38.61
CA GLN A 7 -2.61 3.96 -37.75
C GLN A 7 -3.64 3.77 -36.65
N LEU A 8 -4.04 4.88 -36.04
CA LEU A 8 -5.08 4.87 -35.02
C LEU A 8 -5.43 6.31 -34.62
N ILE A 9 -4.38 7.08 -34.34
CA ILE A 9 -4.49 8.47 -33.92
C ILE A 9 -3.09 9.05 -33.82
N GLU A 10 -2.12 8.15 -33.73
CA GLU A 10 -0.71 8.49 -33.76
C GLU A 10 -0.30 9.27 -32.52
N VAL A 11 -0.91 8.91 -31.41
CA VAL A 11 -0.60 9.51 -30.11
C VAL A 11 0.15 8.50 -29.25
N GLN A 12 0.83 7.56 -29.91
CA GLN A 12 1.47 6.42 -29.27
C GLN A 12 2.25 6.80 -28.02
N LEU A 13 3.20 7.71 -28.16
CA LEU A 13 4.02 8.12 -27.05
C LEU A 13 3.68 9.54 -26.61
N ALA A 14 2.41 9.89 -26.68
CA ALA A 14 1.97 11.23 -26.34
C ALA A 14 0.60 11.20 -25.64
N GLN A 15 -0.44 10.94 -26.43
CA GLN A 15 -1.85 10.95 -25.98
C GLN A 15 -2.11 12.09 -25.00
N GLU A 16 -2.86 11.80 -23.95
CA GLU A 16 -3.15 12.76 -22.91
C GLU A 16 -3.19 12.07 -21.57
N GLU A 17 -2.64 12.73 -20.56
CA GLU A 17 -2.57 12.17 -19.22
C GLU A 17 -3.81 12.55 -18.41
N VAL A 18 -4.21 11.66 -17.50
CA VAL A 18 -5.39 11.89 -16.69
C VAL A 18 -5.09 11.59 -15.22
N THR A 19 -5.62 12.40 -14.33
CA THR A 19 -5.43 12.19 -12.90
C THR A 19 -6.32 11.06 -12.38
N GLU A 20 -6.04 9.84 -12.85
CA GLU A 20 -6.76 8.67 -12.39
C GLU A 20 -5.81 7.68 -11.76
N SER A 21 -4.55 7.79 -12.15
CA SER A 21 -3.48 6.95 -11.62
C SER A 21 -3.48 6.93 -10.08
N PRO A 22 -3.54 8.11 -9.41
CA PRO A 22 -3.71 8.17 -7.97
C PRO A 22 -5.14 7.84 -7.56
N LEU A 23 -5.29 6.91 -6.63
CA LEU A 23 -6.61 6.46 -6.19
C LEU A 23 -7.28 7.51 -5.31
N GLY A 24 -7.98 8.43 -5.93
CA GLY A 24 -8.68 9.47 -5.20
C GLY A 24 -10.09 9.05 -4.84
N GLY A 25 -10.65 8.15 -5.65
CA GLY A 25 -11.97 7.64 -5.39
C GLY A 25 -12.05 6.14 -5.64
N ASP A 26 -12.42 5.39 -4.61
CA ASP A 26 -12.50 3.93 -4.68
C ASP A 26 -11.13 3.30 -4.87
N GLU A 27 -10.52 2.95 -3.75
CA GLU A 27 -9.16 2.39 -3.74
C GLU A 27 -9.13 1.04 -4.44
N ASN A 28 -10.11 0.20 -4.15
CA ASN A 28 -10.15 -1.16 -4.70
C ASN A 28 -10.31 -1.12 -6.22
N ALA A 29 -11.21 -0.28 -6.69
CA ALA A 29 -11.44 -0.14 -8.12
C ALA A 29 -10.17 0.33 -8.82
N GLN A 30 -9.58 1.39 -8.31
CA GLN A 30 -8.37 1.95 -8.90
C GLN A 30 -7.23 0.94 -8.88
N LEU A 31 -7.05 0.28 -7.74
CA LEU A 31 -5.93 -0.64 -7.55
C LEU A 31 -6.03 -1.88 -8.44
N HIS A 32 -7.24 -2.41 -8.61
CA HIS A 32 -7.40 -3.62 -9.41
C HIS A 32 -7.47 -3.27 -10.90
N ALA A 33 -7.85 -2.04 -11.22
CA ALA A 33 -7.96 -1.62 -12.61
C ALA A 33 -6.59 -1.35 -13.20
N SER A 34 -5.69 -0.79 -12.39
CA SER A 34 -4.32 -0.51 -12.83
C SER A 34 -3.55 -1.80 -13.06
N GLY A 35 -3.99 -2.86 -12.39
CA GLY A 35 -3.32 -4.14 -12.52
C GLY A 35 -2.37 -4.41 -11.38
N TYR A 36 -2.52 -3.66 -10.30
CA TYR A 36 -1.66 -3.83 -9.14
C TYR A 36 -2.30 -4.73 -8.10
N TYR A 37 -3.47 -5.25 -8.45
CA TYR A 37 -4.18 -6.19 -7.58
C TYR A 37 -3.33 -7.43 -7.36
N ALA A 38 -2.71 -7.91 -8.44
CA ALA A 38 -1.84 -9.07 -8.40
C ALA A 38 -0.68 -8.85 -7.44
N LEU A 39 -0.08 -7.66 -7.50
CA LEU A 39 1.05 -7.34 -6.63
C LEU A 39 0.60 -7.27 -5.18
N PHE A 40 -0.55 -6.64 -4.96
CA PHE A 40 -1.10 -6.44 -3.63
C PHE A 40 -1.39 -7.78 -2.94
N VAL A 41 -1.99 -8.72 -3.67
CA VAL A 41 -2.35 -10.00 -3.09
C VAL A 41 -1.15 -10.95 -3.02
N ASP A 42 -0.15 -10.70 -3.86
CA ASP A 42 1.02 -11.59 -3.93
C ASP A 42 2.06 -11.24 -2.89
N THR A 43 2.31 -9.95 -2.76
CA THR A 43 3.40 -9.47 -1.92
C THR A 43 2.98 -9.26 -0.47
N VAL A 44 1.96 -8.43 -0.25
CA VAL A 44 1.65 -7.93 1.08
C VAL A 44 1.40 -9.05 2.11
N PRO A 45 0.44 -9.97 1.87
CA PRO A 45 0.10 -11.01 2.85
C PRO A 45 1.29 -11.88 3.24
N ASP A 46 2.21 -12.10 2.31
CA ASP A 46 3.41 -12.89 2.62
C ASP A 46 4.37 -12.06 3.46
N ASP A 47 4.47 -10.78 3.13
CA ASP A 47 5.37 -9.88 3.84
C ASP A 47 4.87 -9.63 5.26
N VAL A 48 3.55 -9.51 5.42
CA VAL A 48 2.98 -9.33 6.75
C VAL A 48 3.08 -10.62 7.56
N LYS A 49 3.01 -11.76 6.87
CA LYS A 49 3.23 -13.05 7.52
C LYS A 49 4.65 -13.12 8.06
N ARG A 50 5.60 -12.68 7.24
CA ARG A 50 7.01 -12.60 7.64
C ARG A 50 7.14 -11.65 8.83
N LEU A 51 6.49 -10.49 8.73
CA LEU A 51 6.50 -9.50 9.79
C LEU A 51 6.01 -10.11 11.11
N TYR A 52 4.91 -10.84 11.04
CA TYR A 52 4.35 -11.53 12.20
C TYR A 52 5.35 -12.52 12.78
N THR A 53 5.95 -13.30 11.90
CA THR A 53 6.84 -14.38 12.29
C THR A 53 8.09 -13.83 12.95
N GLU A 54 8.65 -12.80 12.35
CA GLU A 54 9.87 -12.18 12.84
C GLU A 54 9.59 -11.28 14.03
N ALA A 55 8.35 -10.79 14.14
CA ALA A 55 7.94 -10.03 15.32
C ALA A 55 7.97 -10.93 16.54
N ALA A 56 7.55 -12.17 16.36
CA ALA A 56 7.58 -13.17 17.43
C ALA A 56 9.00 -13.39 17.92
N THR A 57 9.95 -13.45 16.98
CA THR A 57 11.35 -13.64 17.32
C THR A 57 11.99 -12.34 17.80
N SER A 58 11.26 -11.24 17.61
CA SER A 58 11.72 -9.91 17.99
C SER A 58 12.92 -9.50 17.15
N ASP A 59 12.91 -9.91 15.89
CA ASP A 59 13.93 -9.50 14.95
C ASP A 59 13.60 -8.11 14.42
N PHE A 60 13.80 -7.12 15.27
CA PHE A 60 13.47 -5.73 14.97
C PHE A 60 14.19 -5.23 13.72
N ALA A 61 15.41 -5.72 13.49
CA ALA A 61 16.14 -5.39 12.28
C ALA A 61 15.35 -5.82 11.05
N ALA A 62 14.77 -7.01 11.14
CA ALA A 62 14.00 -7.56 10.04
C ALA A 62 12.65 -6.87 9.96
N LEU A 63 12.09 -6.59 11.12
CA LEU A 63 10.83 -5.87 11.21
C LEU A 63 10.93 -4.52 10.51
N ALA A 64 11.99 -3.78 10.84
CA ALA A 64 12.22 -2.47 10.24
C ALA A 64 12.44 -2.59 8.74
N GLN A 65 13.20 -3.61 8.34
CA GLN A 65 13.47 -3.85 6.92
C GLN A 65 12.19 -4.17 6.16
N THR A 66 11.37 -5.05 6.72
CA THR A 66 10.11 -5.43 6.07
C THR A 66 9.14 -4.27 6.03
N ALA A 67 9.02 -3.54 7.13
CA ALA A 67 8.14 -2.38 7.21
C ALA A 67 8.60 -1.29 6.24
N HIS A 68 9.92 -1.15 6.13
CA HIS A 68 10.51 -0.22 5.18
C HIS A 68 10.12 -0.59 3.75
N ARG A 69 10.23 -1.87 3.45
CA ARG A 69 9.85 -2.40 2.14
C ARG A 69 8.36 -2.20 1.88
N LEU A 70 7.55 -2.46 2.91
CA LEU A 70 6.11 -2.31 2.81
C LEU A 70 5.73 -0.86 2.57
N LYS A 71 6.39 0.04 3.26
CA LYS A 71 6.14 1.46 3.09
C LYS A 71 6.46 1.88 1.66
N GLY A 72 7.54 1.33 1.11
CA GLY A 72 7.93 1.62 -0.25
C GLY A 72 6.96 1.09 -1.28
N VAL A 73 6.51 -0.16 -1.08
CA VAL A 73 5.61 -0.80 -2.04
C VAL A 73 4.19 -0.22 -1.95
N PHE A 74 3.75 0.13 -0.74
CA PHE A 74 2.43 0.73 -0.57
C PHE A 74 2.41 2.12 -1.20
N ALA A 75 3.51 2.85 -1.02
CA ALA A 75 3.67 4.16 -1.66
C ALA A 75 3.71 4.01 -3.17
N MET A 76 4.27 2.90 -3.63
CA MET A 76 4.30 2.58 -5.05
C MET A 76 2.89 2.36 -5.59
N LEU A 77 2.09 1.60 -4.84
CA LEU A 77 0.70 1.36 -5.21
C LEU A 77 -0.14 2.62 -4.99
N ASN A 78 0.45 3.58 -4.29
CA ASN A 78 -0.15 4.89 -4.04
C ASN A 78 -1.23 4.78 -2.97
N LEU A 79 -1.08 3.78 -2.12
CA LEU A 79 -1.97 3.58 -1.00
C LEU A 79 -1.48 4.38 0.19
N VAL A 80 -1.89 5.65 0.23
CA VAL A 80 -1.43 6.59 1.24
C VAL A 80 -1.61 6.06 2.68
N PRO A 81 -2.85 5.70 3.10
CA PRO A 81 -3.08 5.18 4.46
C PRO A 81 -2.29 3.91 4.74
N GLY A 82 -2.14 3.06 3.72
CA GLY A 82 -1.36 1.85 3.87
C GLY A 82 0.10 2.15 4.11
N LYS A 83 0.64 3.05 3.31
CA LYS A 83 2.02 3.50 3.47
C LYS A 83 2.18 4.19 4.83
N GLN A 84 1.15 4.96 5.19
CA GLN A 84 1.11 5.63 6.49
C GLN A 84 1.27 4.64 7.63
N LEU A 85 0.58 3.52 7.53
CA LEU A 85 0.68 2.46 8.52
C LEU A 85 2.11 1.91 8.58
N CYS A 86 2.67 1.61 7.41
CA CYS A 86 4.01 1.05 7.34
C CYS A 86 5.07 2.00 7.89
N GLU A 87 4.94 3.30 7.58
CA GLU A 87 5.87 4.30 8.09
C GLU A 87 5.82 4.33 9.62
N THR A 88 4.61 4.36 10.16
CA THR A 88 4.43 4.35 11.60
C THR A 88 4.91 3.04 12.20
N LEU A 89 4.71 1.95 11.46
CA LEU A 89 5.13 0.62 11.91
C LEU A 89 6.64 0.58 12.16
N GLU A 90 7.42 0.97 11.16
CA GLU A 90 8.87 0.93 11.27
C GLU A 90 9.34 1.91 12.35
N HIS A 91 8.61 3.02 12.50
CA HIS A 91 8.87 3.96 13.57
C HIS A 91 8.63 3.30 14.92
N LEU A 92 7.54 2.54 15.01
CA LEU A 92 7.22 1.81 16.23
C LEU A 92 8.27 0.74 16.51
N ILE A 93 8.85 0.21 15.45
CA ILE A 93 9.85 -0.83 15.57
C ILE A 93 11.16 -0.23 16.06
N ARG A 94 11.49 0.93 15.49
CA ARG A 94 12.66 1.67 15.87
C ARG A 94 12.58 2.08 17.35
N GLU A 95 11.38 2.38 17.81
CA GLU A 95 11.16 2.79 19.19
C GLU A 95 10.90 1.57 20.07
N LYS A 96 10.97 0.40 19.46
CA LYS A 96 10.76 -0.87 20.14
C LYS A 96 9.41 -0.92 20.88
N ASP A 97 8.38 -0.44 20.22
CA ASP A 97 7.02 -0.53 20.75
C ASP A 97 6.43 -1.87 20.35
N VAL A 98 6.91 -2.93 21.00
CA VAL A 98 6.53 -4.31 20.65
C VAL A 98 5.02 -4.49 20.49
N PRO A 99 4.21 -4.17 21.53
CA PRO A 99 2.75 -4.29 21.44
C PRO A 99 2.18 -3.48 20.28
N GLY A 100 2.73 -2.29 20.06
CA GLY A 100 2.29 -1.45 18.97
C GLY A 100 2.66 -2.04 17.62
N ILE A 101 3.82 -2.68 17.56
CA ILE A 101 4.28 -3.33 16.34
C ILE A 101 3.28 -4.40 15.89
N GLU A 102 2.98 -5.34 16.78
CA GLU A 102 2.04 -6.41 16.45
C GLU A 102 0.68 -5.82 16.07
N LYS A 103 0.26 -4.81 16.83
CA LYS A 103 -1.01 -4.15 16.58
C LYS A 103 -1.06 -3.55 15.18
N TYR A 104 -0.01 -2.81 14.82
CA TYR A 104 0.03 -2.15 13.52
C TYR A 104 0.17 -3.15 12.39
N ILE A 105 0.88 -4.25 12.64
CA ILE A 105 0.96 -5.34 11.67
C ILE A 105 -0.45 -5.90 11.45
N SER A 106 -1.19 -6.04 12.54
CA SER A 106 -2.57 -6.50 12.48
C SER A 106 -3.45 -5.50 11.73
N ASP A 107 -3.12 -4.22 11.85
CA ASP A 107 -3.88 -3.16 11.19
C ASP A 107 -3.71 -3.23 9.68
N ILE A 108 -2.51 -3.54 9.24
CA ILE A 108 -2.25 -3.74 7.82
C ILE A 108 -2.90 -5.04 7.34
N ASP A 109 -2.91 -6.02 8.23
CA ASP A 109 -3.44 -7.34 7.93
C ASP A 109 -4.96 -7.27 7.79
N SER A 110 -5.57 -6.57 8.75
CA SER A 110 -7.00 -6.33 8.72
C SER A 110 -7.37 -5.50 7.50
N TYR A 111 -6.52 -4.53 7.18
CA TYR A 111 -6.72 -3.64 6.04
C TYR A 111 -6.75 -4.44 4.75
N VAL A 112 -5.66 -5.16 4.56
CA VAL A 112 -5.46 -5.96 3.38
C VAL A 112 -6.54 -7.04 3.26
N LYS A 113 -6.98 -7.58 4.40
CA LYS A 113 -8.05 -8.56 4.42
C LYS A 113 -9.33 -8.00 3.81
N SER A 114 -9.72 -6.81 4.21
CA SER A 114 -10.92 -6.18 3.68
C SER A 114 -10.76 -5.83 2.21
N LEU A 115 -9.52 -5.55 1.80
CA LEU A 115 -9.24 -5.15 0.43
C LEU A 115 -9.02 -6.36 -0.48
N LEU A 116 -8.79 -7.53 0.13
CA LEU A 116 -8.50 -8.74 -0.64
C LEU A 116 -9.68 -9.16 -1.50
N MET A 1 19.85 49.62 -11.93
CA MET A 1 20.99 48.93 -11.29
C MET A 1 21.01 49.24 -9.80
N GLN A 2 21.11 50.55 -9.48
CA GLN A 2 21.07 51.08 -8.10
C GLN A 2 21.93 50.29 -7.11
N GLU A 3 22.99 49.65 -7.63
CA GLU A 3 23.90 48.78 -6.88
C GLU A 3 24.41 47.69 -7.80
N ALA A 4 23.46 46.90 -8.30
CA ALA A 4 23.71 45.77 -9.16
C ALA A 4 22.37 45.19 -9.56
N VAL A 5 22.15 45.06 -10.86
CA VAL A 5 20.87 44.58 -11.39
C VAL A 5 20.46 43.26 -10.75
N LEU A 6 19.39 43.31 -9.95
CA LEU A 6 18.90 42.13 -9.26
C LEU A 6 17.55 41.70 -9.82
N GLN A 7 17.03 40.59 -9.31
CA GLN A 7 15.77 40.06 -9.78
C GLN A 7 14.70 40.20 -8.71
N LEU A 8 13.50 39.73 -9.01
CA LEU A 8 12.43 39.72 -8.03
C LEU A 8 12.41 38.38 -7.31
N ILE A 9 13.12 38.31 -6.20
CA ILE A 9 13.35 37.05 -5.48
C ILE A 9 14.06 36.05 -6.39
N GLU A 10 13.29 35.33 -7.18
CA GLU A 10 13.80 34.32 -8.10
C GLU A 10 12.66 33.59 -8.79
N VAL A 11 11.51 33.54 -8.12
CA VAL A 11 10.36 32.82 -8.62
C VAL A 11 9.09 33.44 -8.06
N GLN A 12 8.24 33.89 -8.94
CA GLN A 12 6.93 34.38 -8.56
C GLN A 12 6.13 33.25 -7.93
N LEU A 13 6.07 32.13 -8.64
CA LEU A 13 5.42 30.92 -8.13
C LEU A 13 5.71 29.74 -9.05
N ALA A 14 6.87 29.78 -9.72
CA ALA A 14 7.25 28.73 -10.65
C ALA A 14 7.90 27.55 -9.93
N GLN A 15 7.36 27.20 -8.77
CA GLN A 15 7.91 26.12 -7.98
C GLN A 15 6.79 25.27 -7.40
N GLU A 16 6.80 23.98 -7.75
CA GLU A 16 5.82 23.02 -7.29
C GLU A 16 4.41 23.38 -7.77
N GLU A 17 3.44 23.29 -6.85
CA GLU A 17 2.02 23.50 -7.16
C GLU A 17 1.53 22.46 -8.17
N VAL A 18 1.06 21.33 -7.67
CA VAL A 18 0.58 20.25 -8.51
C VAL A 18 -0.73 19.69 -7.97
N THR A 19 -1.70 19.51 -8.86
CA THR A 19 -2.99 18.95 -8.49
C THR A 19 -3.07 17.48 -8.90
N GLU A 20 -3.01 16.59 -7.92
CA GLU A 20 -3.06 15.15 -8.15
C GLU A 20 -3.74 14.48 -6.97
N SER A 21 -4.10 13.21 -7.13
CA SER A 21 -4.74 12.44 -6.08
C SER A 21 -3.81 12.25 -4.89
N PRO A 22 -4.19 12.80 -3.72
CA PRO A 22 -3.38 12.69 -2.50
C PRO A 22 -3.43 11.28 -1.91
N LEU A 23 -4.36 10.49 -2.43
CA LEU A 23 -4.51 9.09 -2.03
C LEU A 23 -5.33 8.36 -3.08
N GLY A 24 -6.50 8.91 -3.38
CA GLY A 24 -7.36 8.34 -4.39
C GLY A 24 -8.81 8.34 -3.98
N GLY A 25 -9.11 7.60 -2.92
CA GLY A 25 -10.48 7.45 -2.48
C GLY A 25 -11.11 6.21 -3.09
N ASP A 26 -10.37 5.62 -4.03
CA ASP A 26 -10.82 4.44 -4.75
C ASP A 26 -9.66 3.47 -4.91
N GLU A 27 -8.69 3.58 -4.00
CA GLU A 27 -7.41 2.89 -4.11
C GLU A 27 -7.56 1.41 -4.47
N ASN A 28 -8.38 0.69 -3.71
CA ASN A 28 -8.49 -0.76 -3.91
C ASN A 28 -9.10 -1.10 -5.27
N ALA A 29 -10.10 -0.34 -5.71
CA ALA A 29 -10.73 -0.58 -7.00
C ALA A 29 -9.82 -0.12 -8.12
N GLN A 30 -9.17 1.01 -7.90
CA GLN A 30 -8.22 1.56 -8.85
C GLN A 30 -7.05 0.60 -9.04
N LEU A 31 -6.50 0.12 -7.93
CA LEU A 31 -5.38 -0.80 -7.95
C LEU A 31 -5.81 -2.14 -8.56
N HIS A 32 -7.08 -2.48 -8.39
CA HIS A 32 -7.64 -3.67 -8.99
C HIS A 32 -7.66 -3.55 -10.52
N ALA A 33 -8.00 -2.36 -11.00
CA ALA A 33 -8.09 -2.11 -12.43
C ALA A 33 -6.73 -1.85 -13.06
N SER A 34 -5.85 -1.17 -12.33
CA SER A 34 -4.52 -0.83 -12.84
C SER A 34 -3.69 -2.08 -13.06
N GLY A 35 -4.01 -3.13 -12.32
CA GLY A 35 -3.27 -4.38 -12.45
C GLY A 35 -2.22 -4.51 -11.37
N TYR A 36 -2.24 -3.59 -10.43
CA TYR A 36 -1.29 -3.61 -9.33
C TYR A 36 -1.79 -4.54 -8.22
N TYR A 37 -3.04 -4.98 -8.37
CA TYR A 37 -3.66 -5.90 -7.43
C TYR A 37 -2.82 -7.17 -7.28
N ALA A 38 -2.27 -7.64 -8.40
CA ALA A 38 -1.44 -8.84 -8.40
C ALA A 38 -0.23 -8.67 -7.50
N LEU A 39 0.33 -7.46 -7.48
CA LEU A 39 1.48 -7.18 -6.64
C LEU A 39 1.03 -6.99 -5.20
N PHE A 40 -0.11 -6.34 -5.05
CA PHE A 40 -0.71 -6.06 -3.75
C PHE A 40 -0.94 -7.35 -2.96
N VAL A 41 -1.56 -8.33 -3.62
CA VAL A 41 -1.90 -9.60 -2.95
C VAL A 41 -0.68 -10.51 -2.84
N ASP A 42 0.44 -10.09 -3.40
CA ASP A 42 1.66 -10.88 -3.35
C ASP A 42 2.56 -10.41 -2.22
N THR A 43 2.79 -9.11 -2.17
CA THR A 43 3.72 -8.52 -1.22
C THR A 43 3.13 -8.46 0.19
N VAL A 44 2.03 -7.73 0.31
CA VAL A 44 1.45 -7.41 1.63
C VAL A 44 1.11 -8.66 2.44
N PRO A 45 0.21 -9.55 1.96
CA PRO A 45 -0.22 -10.75 2.71
C PRO A 45 0.96 -11.60 3.18
N ASP A 46 1.87 -11.90 2.25
CA ASP A 46 3.03 -12.74 2.57
C ASP A 46 3.93 -12.07 3.60
N ASP A 47 4.20 -10.78 3.40
CA ASP A 47 5.06 -10.04 4.30
C ASP A 47 4.36 -9.78 5.64
N VAL A 48 3.04 -9.86 5.64
CA VAL A 48 2.27 -9.78 6.88
C VAL A 48 2.54 -11.03 7.73
N LYS A 49 2.46 -12.20 7.11
CA LYS A 49 2.80 -13.45 7.79
C LYS A 49 4.28 -13.43 8.18
N ARG A 50 5.10 -12.88 7.31
CA ARG A 50 6.51 -12.71 7.59
C ARG A 50 6.68 -11.82 8.81
N LEU A 51 6.00 -10.68 8.82
CA LEU A 51 6.02 -9.76 9.96
C LEU A 51 5.71 -10.49 11.25
N TYR A 52 4.66 -11.32 11.23
CA TYR A 52 4.31 -12.18 12.35
C TYR A 52 5.53 -12.99 12.78
N THR A 53 6.22 -13.54 11.80
CA THR A 53 7.36 -14.41 12.04
C THR A 53 8.57 -13.65 12.61
N GLU A 54 8.90 -12.49 12.03
CA GLU A 54 10.05 -11.72 12.50
C GLU A 54 9.74 -11.11 13.86
N ALA A 55 8.49 -10.73 14.07
CA ALA A 55 8.07 -10.15 15.35
C ALA A 55 8.22 -11.16 16.47
N ALA A 56 7.77 -12.39 16.21
CA ALA A 56 7.89 -13.48 17.17
C ALA A 56 9.36 -13.80 17.45
N THR A 57 10.19 -13.57 16.44
CA THR A 57 11.63 -13.80 16.57
C THR A 57 12.30 -12.57 17.19
N SER A 58 11.57 -11.45 17.25
CA SER A 58 12.08 -10.19 17.76
C SER A 58 13.23 -9.68 16.90
N ASP A 59 13.16 -10.00 15.61
CA ASP A 59 14.16 -9.54 14.67
C ASP A 59 13.75 -8.18 14.13
N PHE A 60 13.95 -7.18 14.96
CA PHE A 60 13.58 -5.80 14.62
C PHE A 60 14.36 -5.28 13.42
N ALA A 61 15.52 -5.85 13.18
CA ALA A 61 16.29 -5.51 11.98
C ALA A 61 15.51 -5.92 10.74
N ALA A 62 14.93 -7.12 10.79
CA ALA A 62 14.14 -7.64 9.69
C ALA A 62 12.81 -6.92 9.63
N LEU A 63 12.26 -6.63 10.80
CA LEU A 63 11.03 -5.85 10.92
C LEU A 63 11.18 -4.51 10.21
N ALA A 64 12.28 -3.82 10.47
CA ALA A 64 12.57 -2.53 9.85
C ALA A 64 12.68 -2.66 8.34
N GLN A 65 13.38 -3.69 7.89
CA GLN A 65 13.55 -3.92 6.46
C GLN A 65 12.20 -4.22 5.81
N THR A 66 11.39 -5.04 6.46
CA THR A 66 10.07 -5.39 5.96
C THR A 66 9.15 -4.16 5.93
N ALA A 67 9.17 -3.39 7.01
CA ALA A 67 8.34 -2.19 7.09
C ALA A 67 8.71 -1.21 5.98
N HIS A 68 10.00 -1.10 5.71
CA HIS A 68 10.48 -0.23 4.63
C HIS A 68 10.02 -0.74 3.28
N ARG A 69 10.11 -2.05 3.09
CA ARG A 69 9.68 -2.67 1.84
C ARG A 69 8.19 -2.47 1.62
N LEU A 70 7.41 -2.68 2.66
CA LEU A 70 5.96 -2.54 2.58
C LEU A 70 5.58 -1.08 2.40
N LYS A 71 6.27 -0.20 3.11
CA LYS A 71 6.07 1.23 2.99
C LYS A 71 6.25 1.67 1.53
N GLY A 72 7.31 1.17 0.91
CA GLY A 72 7.55 1.48 -0.49
C GLY A 72 6.54 0.83 -1.40
N VAL A 73 6.13 -0.40 -1.07
CA VAL A 73 5.15 -1.13 -1.85
C VAL A 73 3.81 -0.39 -1.88
N PHE A 74 3.32 -0.01 -0.71
CA PHE A 74 2.06 0.71 -0.60
C PHE A 74 2.15 2.03 -1.37
N ALA A 75 3.24 2.76 -1.14
CA ALA A 75 3.47 4.03 -1.83
C ALA A 75 3.55 3.83 -3.34
N MET A 76 4.11 2.70 -3.75
CA MET A 76 4.24 2.37 -5.17
C MET A 76 2.86 2.07 -5.79
N LEU A 77 1.98 1.45 -5.01
CA LEU A 77 0.63 1.17 -5.47
C LEU A 77 -0.25 2.41 -5.30
N ASN A 78 0.31 3.42 -4.61
CA ASN A 78 -0.36 4.69 -4.36
C ASN A 78 -1.35 4.54 -3.22
N LEU A 79 -1.11 3.52 -2.42
CA LEU A 79 -1.91 3.25 -1.24
C LEU A 79 -1.38 4.09 -0.09
N VAL A 80 -1.60 5.39 -0.19
CA VAL A 80 -1.05 6.36 0.76
C VAL A 80 -1.40 6.03 2.23
N PRO A 81 -2.69 5.81 2.57
CA PRO A 81 -3.07 5.43 3.95
C PRO A 81 -2.32 4.20 4.43
N GLY A 82 -2.11 3.25 3.54
CA GLY A 82 -1.36 2.05 3.88
C GLY A 82 0.10 2.36 4.15
N LYS A 83 0.69 3.19 3.30
CA LYS A 83 2.07 3.63 3.47
C LYS A 83 2.20 4.41 4.78
N GLN A 84 1.19 5.22 5.07
CA GLN A 84 1.14 5.97 6.33
C GLN A 84 1.23 5.04 7.52
N LEU A 85 0.49 3.93 7.45
CA LEU A 85 0.53 2.91 8.48
C LEU A 85 1.95 2.35 8.60
N CYS A 86 2.56 2.03 7.47
CA CYS A 86 3.92 1.48 7.46
C CYS A 86 4.92 2.49 8.00
N GLU A 87 4.66 3.78 7.81
CA GLU A 87 5.47 4.83 8.39
C GLU A 87 5.47 4.72 9.92
N THR A 88 4.27 4.62 10.48
CA THR A 88 4.13 4.44 11.91
C THR A 88 4.80 3.14 12.37
N LEU A 89 4.68 2.09 11.57
CA LEU A 89 5.28 0.80 11.90
C LEU A 89 6.80 0.92 11.97
N GLU A 90 7.40 1.54 10.96
CA GLU A 90 8.84 1.76 10.94
C GLU A 90 9.26 2.53 12.18
N HIS A 91 8.43 3.48 12.57
CA HIS A 91 8.65 4.27 13.77
C HIS A 91 8.52 3.39 15.02
N LEU A 92 7.51 2.53 15.04
CA LEU A 92 7.29 1.63 16.17
C LEU A 92 8.48 0.70 16.37
N ILE A 93 9.08 0.27 15.26
CA ILE A 93 10.24 -0.60 15.32
C ILE A 93 11.47 0.18 15.80
N ARG A 94 11.57 1.44 15.35
CA ARG A 94 12.67 2.30 15.75
C ARG A 94 12.56 2.66 17.24
N GLU A 95 11.34 2.67 17.75
CA GLU A 95 11.09 3.03 19.14
C GLU A 95 10.94 1.78 20.00
N LYS A 96 11.05 0.62 19.35
CA LYS A 96 10.90 -0.68 20.02
C LYS A 96 9.57 -0.77 20.77
N ASP A 97 8.50 -0.37 20.09
CA ASP A 97 7.17 -0.44 20.66
C ASP A 97 6.52 -1.76 20.29
N VAL A 98 6.83 -2.80 21.07
CA VAL A 98 6.34 -4.15 20.80
C VAL A 98 4.82 -4.20 20.60
N PRO A 99 4.02 -3.71 21.58
CA PRO A 99 2.55 -3.72 21.48
C PRO A 99 2.06 -3.02 20.20
N GLY A 100 2.68 -1.89 19.88
CA GLY A 100 2.31 -1.15 18.69
C GLY A 100 2.55 -1.95 17.43
N ILE A 101 3.66 -2.69 17.40
CA ILE A 101 4.02 -3.48 16.23
C ILE A 101 3.02 -4.61 16.00
N GLU A 102 2.78 -5.43 17.02
CA GLU A 102 1.89 -6.58 16.90
C GLU A 102 0.46 -6.14 16.57
N LYS A 103 0.01 -5.09 17.25
CA LYS A 103 -1.30 -4.52 16.99
C LYS A 103 -1.40 -4.08 15.54
N TYR A 104 -0.33 -3.49 15.03
CA TYR A 104 -0.26 -3.06 13.64
C TYR A 104 -0.44 -4.25 12.70
N ILE A 105 0.23 -5.36 13.00
CA ILE A 105 0.15 -6.53 12.12
C ILE A 105 -1.29 -7.04 12.03
N SER A 106 -1.99 -7.06 13.15
CA SER A 106 -3.40 -7.45 13.14
C SER A 106 -4.24 -6.44 12.34
N ASP A 107 -3.86 -5.17 12.43
CA ASP A 107 -4.61 -4.09 11.78
C ASP A 107 -4.31 -4.02 10.28
N ILE A 108 -3.08 -4.35 9.91
CA ILE A 108 -2.71 -4.38 8.50
C ILE A 108 -3.30 -5.61 7.84
N ASP A 109 -3.44 -6.69 8.60
CA ASP A 109 -4.00 -7.93 8.09
C ASP A 109 -5.47 -7.71 7.81
N SER A 110 -6.12 -7.07 8.75
CA SER A 110 -7.51 -6.72 8.60
C SER A 110 -7.66 -5.67 7.49
N TYR A 111 -6.66 -4.79 7.39
CA TYR A 111 -6.63 -3.73 6.37
C TYR A 111 -6.69 -4.33 4.99
N VAL A 112 -5.72 -5.16 4.72
CA VAL A 112 -5.55 -5.74 3.41
C VAL A 112 -6.70 -6.70 3.09
N LYS A 113 -7.24 -7.34 4.12
CA LYS A 113 -8.36 -8.25 3.93
C LYS A 113 -9.66 -7.50 3.61
N SER A 114 -9.80 -6.27 4.09
CA SER A 114 -10.98 -5.49 3.78
C SER A 114 -10.80 -4.78 2.44
N LEU A 115 -9.55 -4.55 2.05
CA LEU A 115 -9.24 -3.91 0.79
C LEU A 115 -9.34 -4.91 -0.36
N LEU A 116 -9.15 -6.18 -0.05
CA LEU A 116 -9.25 -7.26 -1.04
C LEU A 116 -10.60 -7.23 -1.75
N MET A 1 -3.93 22.06 -3.14
CA MET A 1 -2.76 21.97 -4.05
C MET A 1 -3.23 21.73 -5.48
N GLN A 2 -2.52 22.34 -6.43
CA GLN A 2 -2.80 22.18 -7.86
C GLN A 2 -4.05 22.96 -8.29
N GLU A 3 -5.04 23.07 -7.41
CA GLU A 3 -6.25 23.82 -7.69
C GLU A 3 -5.99 25.32 -7.55
N ALA A 4 -5.16 25.66 -6.57
CA ALA A 4 -4.74 27.04 -6.36
C ALA A 4 -3.27 27.08 -5.94
N VAL A 5 -2.41 26.81 -6.91
CA VAL A 5 -0.98 26.78 -6.64
C VAL A 5 -0.31 28.04 -7.19
N LEU A 6 0.49 28.68 -6.36
CA LEU A 6 1.20 29.90 -6.76
C LEU A 6 2.69 29.62 -6.88
N GLN A 7 3.19 29.67 -8.11
CA GLN A 7 4.59 29.32 -8.38
C GLN A 7 5.55 30.39 -7.90
N LEU A 8 5.03 31.47 -7.34
CA LEU A 8 5.88 32.44 -6.68
C LEU A 8 6.71 31.71 -5.64
N ILE A 9 6.03 30.83 -4.94
CA ILE A 9 6.64 29.97 -3.98
C ILE A 9 6.56 28.55 -4.53
N GLU A 10 7.18 28.36 -5.69
CA GLU A 10 7.16 27.09 -6.41
C GLU A 10 7.61 25.94 -5.50
N VAL A 11 8.38 26.30 -4.48
CA VAL A 11 8.90 25.32 -3.52
C VAL A 11 8.57 25.77 -2.10
N GLN A 12 7.58 26.65 -2.00
CA GLN A 12 7.18 27.24 -0.73
C GLN A 12 8.41 27.86 -0.02
N LEU A 13 8.74 27.32 1.15
CA LEU A 13 9.87 27.79 1.92
C LEU A 13 11.09 26.91 1.65
N ALA A 14 10.82 25.66 1.30
CA ALA A 14 11.86 24.67 1.06
C ALA A 14 11.20 23.39 0.56
N GLN A 15 11.96 22.54 -0.11
CA GLN A 15 11.40 21.29 -0.63
C GLN A 15 11.29 20.26 0.49
N GLU A 16 10.09 19.77 0.71
CA GLU A 16 9.83 18.79 1.75
C GLU A 16 8.92 17.68 1.22
N GLU A 17 8.32 16.94 2.13
CA GLU A 17 7.42 15.86 1.75
C GLU A 17 5.97 16.31 1.82
N VAL A 18 5.24 16.10 0.73
CA VAL A 18 3.81 16.35 0.70
C VAL A 18 3.10 15.38 1.64
N THR A 19 2.32 15.92 2.57
CA THR A 19 1.76 15.12 3.64
C THR A 19 0.36 14.62 3.31
N GLU A 20 0.17 14.23 2.06
CA GLU A 20 -1.09 13.65 1.61
C GLU A 20 -0.89 12.98 0.26
N SER A 21 -1.92 12.29 -0.21
CA SER A 21 -1.89 11.61 -1.50
C SER A 21 -3.33 11.42 -1.99
N PRO A 22 -3.87 12.42 -2.68
CA PRO A 22 -5.27 12.40 -3.12
C PRO A 22 -5.50 11.50 -4.35
N LEU A 23 -5.95 10.28 -4.11
CA LEU A 23 -6.34 9.39 -5.19
C LEU A 23 -7.71 9.82 -5.72
N GLY A 24 -8.68 9.94 -4.83
CA GLY A 24 -10.00 10.37 -5.22
C GLY A 24 -11.10 9.60 -4.52
N GLY A 25 -10.76 8.45 -3.96
CA GLY A 25 -11.75 7.60 -3.35
C GLY A 25 -12.08 6.40 -4.21
N ASP A 26 -11.08 5.96 -4.96
CA ASP A 26 -11.24 4.87 -5.92
C ASP A 26 -10.07 3.92 -5.80
N GLU A 27 -9.50 3.89 -4.61
CA GLU A 27 -8.26 3.17 -4.34
C GLU A 27 -8.33 1.71 -4.77
N ASN A 28 -9.34 1.00 -4.29
CA ASN A 28 -9.47 -0.43 -4.57
C ASN A 28 -9.80 -0.66 -6.04
N ALA A 29 -10.53 0.27 -6.64
CA ALA A 29 -10.95 0.16 -8.02
C ALA A 29 -9.78 0.35 -8.97
N GLN A 30 -9.03 1.44 -8.79
CA GLN A 30 -7.89 1.72 -9.65
C GLN A 30 -6.78 0.69 -9.45
N LEU A 31 -6.59 0.26 -8.21
CA LEU A 31 -5.60 -0.76 -7.89
C LEU A 31 -5.97 -2.07 -8.59
N HIS A 32 -7.25 -2.37 -8.63
CA HIS A 32 -7.76 -3.55 -9.32
C HIS A 32 -7.58 -3.41 -10.83
N ALA A 33 -8.10 -2.30 -11.37
CA ALA A 33 -8.15 -2.08 -12.81
C ALA A 33 -6.75 -1.97 -13.44
N SER A 34 -5.84 -1.26 -12.78
CA SER A 34 -4.50 -1.07 -13.30
C SER A 34 -3.65 -2.32 -13.13
N GLY A 35 -4.25 -3.39 -12.61
CA GLY A 35 -3.58 -4.67 -12.56
C GLY A 35 -2.60 -4.81 -11.41
N TYR A 36 -2.37 -3.72 -10.68
CA TYR A 36 -1.40 -3.73 -9.60
C TYR A 36 -1.99 -4.38 -8.35
N TYR A 37 -3.23 -4.83 -8.48
CA TYR A 37 -3.87 -5.65 -7.46
C TYR A 37 -3.08 -6.93 -7.25
N ALA A 38 -2.39 -7.35 -8.31
CA ALA A 38 -1.53 -8.53 -8.25
C ALA A 38 -0.43 -8.33 -7.22
N LEU A 39 0.07 -7.10 -7.12
CA LEU A 39 1.13 -6.77 -6.17
C LEU A 39 0.57 -6.79 -4.75
N PHE A 40 -0.68 -6.38 -4.62
CA PHE A 40 -1.37 -6.34 -3.33
C PHE A 40 -1.39 -7.71 -2.68
N VAL A 41 -1.68 -8.73 -3.47
CA VAL A 41 -1.73 -10.09 -2.95
C VAL A 41 -0.42 -10.84 -3.24
N ASP A 42 0.59 -10.09 -3.66
CA ASP A 42 1.89 -10.66 -4.00
C ASP A 42 2.81 -10.72 -2.78
N THR A 43 3.12 -9.56 -2.24
CA THR A 43 4.07 -9.48 -1.14
C THR A 43 3.40 -9.05 0.17
N VAL A 44 2.35 -8.24 0.08
CA VAL A 44 1.74 -7.63 1.27
C VAL A 44 1.37 -8.67 2.35
N PRO A 45 0.51 -9.67 2.03
CA PRO A 45 0.11 -10.68 3.02
C PRO A 45 1.26 -11.59 3.42
N ASP A 46 2.05 -12.00 2.43
CA ASP A 46 3.16 -12.94 2.67
C ASP A 46 4.23 -12.30 3.55
N ASP A 47 4.54 -11.04 3.29
CA ASP A 47 5.56 -10.32 4.04
C ASP A 47 5.00 -9.88 5.40
N VAL A 48 3.70 -9.67 5.47
CA VAL A 48 3.05 -9.40 6.75
C VAL A 48 3.16 -10.62 7.65
N LYS A 49 3.03 -11.79 7.06
CA LYS A 49 3.21 -13.04 7.78
C LYS A 49 4.68 -13.19 8.19
N ARG A 50 5.58 -12.73 7.31
CA ARG A 50 7.01 -12.71 7.61
C ARG A 50 7.27 -11.82 8.82
N LEU A 51 6.65 -10.64 8.83
CA LEU A 51 6.75 -9.74 9.97
C LEU A 51 6.32 -10.45 11.24
N TYR A 52 5.22 -11.19 11.17
CA TYR A 52 4.72 -11.97 12.31
C TYR A 52 5.75 -13.04 12.72
N THR A 53 6.36 -13.66 11.73
CA THR A 53 7.28 -14.76 11.98
C THR A 53 8.54 -14.26 12.66
N GLU A 54 9.01 -13.11 12.20
CA GLU A 54 10.20 -12.49 12.76
C GLU A 54 9.88 -11.75 14.06
N ALA A 55 8.62 -11.34 14.21
CA ALA A 55 8.17 -10.74 15.46
C ALA A 55 8.21 -11.76 16.58
N ALA A 56 7.95 -13.02 16.22
CA ALA A 56 8.08 -14.12 17.17
C ALA A 56 9.53 -14.23 17.65
N THR A 57 10.46 -14.04 16.73
CA THR A 57 11.88 -14.06 17.05
C THR A 57 12.33 -12.74 17.68
N SER A 58 11.53 -11.70 17.48
CA SER A 58 11.83 -10.35 17.94
C SER A 58 13.02 -9.78 17.16
N ASP A 59 13.13 -10.22 15.90
CA ASP A 59 14.17 -9.73 15.01
C ASP A 59 13.73 -8.41 14.38
N PHE A 60 13.77 -7.37 15.18
CA PHE A 60 13.29 -6.05 14.76
C PHE A 60 14.17 -5.43 13.69
N ALA A 61 15.38 -5.95 13.50
CA ALA A 61 16.20 -5.52 12.38
C ALA A 61 15.59 -6.02 11.08
N ALA A 62 15.14 -7.28 11.11
CA ALA A 62 14.50 -7.88 9.95
C ALA A 62 13.11 -7.28 9.79
N LEU A 63 12.47 -7.01 10.92
CA LEU A 63 11.17 -6.34 10.93
C LEU A 63 11.25 -5.00 10.23
N ALA A 64 12.29 -4.24 10.55
CA ALA A 64 12.51 -2.94 9.93
C ALA A 64 12.68 -3.09 8.42
N GLN A 65 13.45 -4.09 8.02
CA GLN A 65 13.67 -4.36 6.60
C GLN A 65 12.36 -4.74 5.91
N THR A 66 11.58 -5.61 6.53
CA THR A 66 10.30 -6.03 5.97
C THR A 66 9.33 -4.86 5.90
N ALA A 67 9.29 -4.05 6.95
CA ALA A 67 8.43 -2.87 6.98
C ALA A 67 8.87 -1.86 5.94
N HIS A 68 10.17 -1.83 5.67
CA HIS A 68 10.72 -0.97 4.63
C HIS A 68 10.15 -1.37 3.27
N ARG A 69 10.13 -2.66 3.00
CA ARG A 69 9.57 -3.18 1.76
C ARG A 69 8.08 -2.88 1.69
N LEU A 70 7.39 -3.06 2.81
CA LEU A 70 5.96 -2.81 2.90
C LEU A 70 5.65 -1.34 2.66
N LYS A 71 6.43 -0.46 3.28
CA LYS A 71 6.28 0.97 3.05
C LYS A 71 6.47 1.29 1.56
N GLY A 72 7.42 0.60 0.94
CA GLY A 72 7.69 0.82 -0.46
C GLY A 72 6.54 0.40 -1.35
N VAL A 73 5.98 -0.78 -1.11
CA VAL A 73 4.90 -1.30 -1.94
C VAL A 73 3.60 -0.53 -1.72
N PHE A 74 3.33 -0.14 -0.48
CA PHE A 74 2.15 0.65 -0.19
C PHE A 74 2.27 2.05 -0.79
N ALA A 75 3.46 2.63 -0.72
CA ALA A 75 3.73 3.91 -1.37
C ALA A 75 3.70 3.74 -2.88
N MET A 76 4.10 2.57 -3.34
CA MET A 76 4.08 2.22 -4.76
C MET A 76 2.68 2.38 -5.35
N LEU A 77 1.70 1.79 -4.67
CA LEU A 77 0.31 1.89 -5.09
C LEU A 77 -0.33 3.17 -4.52
N ASN A 78 0.42 3.83 -3.64
CA ASN A 78 -0.01 5.08 -3.01
C ASN A 78 -1.24 4.87 -2.14
N LEU A 79 -1.27 3.72 -1.50
CA LEU A 79 -2.33 3.38 -0.57
C LEU A 79 -2.11 4.13 0.74
N VAL A 80 -2.55 5.38 0.76
CA VAL A 80 -2.26 6.32 1.85
C VAL A 80 -2.41 5.71 3.25
N PRO A 81 -3.63 5.25 3.64
CA PRO A 81 -3.85 4.69 4.99
C PRO A 81 -2.90 3.53 5.29
N GLY A 82 -2.66 2.69 4.30
CA GLY A 82 -1.75 1.57 4.48
C GLY A 82 -0.31 2.01 4.55
N LYS A 83 0.06 2.98 3.72
CA LYS A 83 1.41 3.53 3.71
C LYS A 83 1.67 4.30 5.00
N GLN A 84 0.61 4.93 5.54
CA GLN A 84 0.70 5.63 6.81
C GLN A 84 0.89 4.62 7.94
N LEU A 85 0.22 3.49 7.83
CA LEU A 85 0.38 2.40 8.80
C LEU A 85 1.82 1.93 8.79
N CYS A 86 2.40 1.79 7.61
CA CYS A 86 3.79 1.37 7.46
C CYS A 86 4.74 2.43 7.99
N GLU A 87 4.42 3.69 7.74
CA GLU A 87 5.18 4.82 8.29
C GLU A 87 5.26 4.71 9.81
N THR A 88 4.11 4.58 10.43
CA THR A 88 4.03 4.45 11.87
C THR A 88 4.64 3.13 12.33
N LEU A 89 4.56 2.09 11.50
CA LEU A 89 5.15 0.80 11.81
C LEU A 89 6.67 0.94 11.96
N GLU A 90 7.31 1.54 10.96
CA GLU A 90 8.75 1.77 11.00
C GLU A 90 9.11 2.67 12.19
N HIS A 91 8.23 3.61 12.48
CA HIS A 91 8.39 4.50 13.63
C HIS A 91 8.25 3.72 14.94
N LEU A 92 7.37 2.74 14.97
CA LEU A 92 7.18 1.92 16.15
C LEU A 92 8.33 0.93 16.31
N ILE A 93 8.87 0.46 15.18
CA ILE A 93 10.04 -0.41 15.21
C ILE A 93 11.28 0.38 15.62
N ARG A 94 11.36 1.62 15.16
CA ARG A 94 12.47 2.49 15.52
C ARG A 94 12.41 2.84 17.00
N GLU A 95 11.21 3.00 17.52
CA GLU A 95 11.00 3.31 18.92
C GLU A 95 10.98 2.05 19.77
N LYS A 96 11.07 0.90 19.09
CA LYS A 96 11.07 -0.41 19.75
C LYS A 96 9.84 -0.57 20.63
N ASP A 97 8.67 -0.39 20.04
CA ASP A 97 7.41 -0.53 20.77
C ASP A 97 6.63 -1.73 20.24
N VAL A 98 6.88 -2.89 20.83
CA VAL A 98 6.29 -4.15 20.37
C VAL A 98 4.76 -4.09 20.30
N PRO A 99 4.06 -3.70 21.39
CA PRO A 99 2.59 -3.61 21.40
C PRO A 99 2.06 -2.78 20.22
N GLY A 100 2.70 -1.65 19.96
CA GLY A 100 2.29 -0.81 18.85
C GLY A 100 2.54 -1.49 17.52
N ILE A 101 3.70 -2.10 17.39
CA ILE A 101 4.05 -2.85 16.18
C ILE A 101 3.03 -3.94 15.93
N GLU A 102 2.75 -4.73 16.96
CA GLU A 102 1.82 -5.86 16.86
C GLU A 102 0.47 -5.40 16.32
N LYS A 103 -0.10 -4.40 16.98
CA LYS A 103 -1.42 -3.89 16.60
C LYS A 103 -1.44 -3.40 15.17
N TYR A 104 -0.38 -2.70 14.78
CA TYR A 104 -0.32 -2.09 13.46
C TYR A 104 -0.12 -3.12 12.35
N ILE A 105 0.60 -4.20 12.65
CA ILE A 105 0.73 -5.28 11.70
C ILE A 105 -0.63 -5.93 11.45
N SER A 106 -1.42 -6.08 12.53
CA SER A 106 -2.75 -6.64 12.39
C SER A 106 -3.67 -5.65 11.66
N ASP A 107 -3.39 -4.37 11.81
CA ASP A 107 -4.16 -3.33 11.13
C ASP A 107 -3.86 -3.34 9.64
N ILE A 108 -2.62 -3.63 9.28
CA ILE A 108 -2.25 -3.81 7.87
C ILE A 108 -2.86 -5.09 7.33
N ASP A 109 -2.98 -6.10 8.19
CA ASP A 109 -3.53 -7.39 7.80
C ASP A 109 -5.02 -7.26 7.58
N SER A 110 -5.67 -6.52 8.47
CA SER A 110 -7.07 -6.24 8.35
C SER A 110 -7.32 -5.29 7.18
N TYR A 111 -6.34 -4.43 6.91
CA TYR A 111 -6.39 -3.51 5.78
C TYR A 111 -6.54 -4.26 4.48
N VAL A 112 -5.58 -5.13 4.25
CA VAL A 112 -5.53 -5.92 3.05
C VAL A 112 -6.71 -6.86 2.97
N LYS A 113 -7.20 -7.31 4.12
CA LYS A 113 -8.34 -8.21 4.18
C LYS A 113 -9.65 -7.48 3.86
N SER A 114 -9.71 -6.18 4.12
CA SER A 114 -10.92 -5.41 3.85
C SER A 114 -10.91 -4.85 2.43
N LEU A 115 -9.71 -4.68 1.88
CA LEU A 115 -9.57 -4.21 0.51
C LEU A 115 -9.72 -5.37 -0.46
N LEU A 116 -9.49 -6.58 0.03
CA LEU A 116 -9.77 -7.79 -0.74
C LEU A 116 -11.27 -7.96 -0.91
N MET A 1 -22.62 19.57 -46.44
CA MET A 1 -21.36 20.22 -46.85
C MET A 1 -21.52 21.74 -46.84
N GLN A 2 -22.02 22.29 -45.74
CA GLN A 2 -22.18 23.73 -45.62
C GLN A 2 -21.08 24.33 -44.77
N GLU A 3 -21.23 24.25 -43.46
CA GLU A 3 -20.21 24.75 -42.55
C GLU A 3 -19.13 23.69 -42.39
N ALA A 4 -19.55 22.43 -42.32
CA ALA A 4 -18.63 21.32 -42.22
C ALA A 4 -18.32 20.78 -43.61
N VAL A 5 -17.56 21.55 -44.38
CA VAL A 5 -17.14 21.12 -45.70
C VAL A 5 -16.17 19.95 -45.57
N LEU A 6 -15.13 20.15 -44.78
CA LEU A 6 -14.18 19.11 -44.48
C LEU A 6 -13.78 19.18 -43.01
N GLN A 7 -13.69 18.03 -42.37
CA GLN A 7 -13.29 17.98 -40.97
C GLN A 7 -11.80 17.70 -40.87
N LEU A 8 -11.32 17.44 -39.66
CA LEU A 8 -9.91 17.19 -39.43
C LEU A 8 -9.74 16.18 -38.30
N ILE A 9 -9.23 14.99 -38.66
CA ILE A 9 -8.99 13.92 -37.70
C ILE A 9 -10.32 13.32 -37.22
N GLU A 10 -11.02 14.09 -36.40
CA GLU A 10 -12.26 13.65 -35.78
C GLU A 10 -12.89 14.85 -35.07
N VAL A 11 -12.21 15.32 -34.04
CA VAL A 11 -12.59 16.51 -33.30
C VAL A 11 -11.38 17.07 -32.57
N GLN A 12 -10.65 17.95 -33.23
CA GLN A 12 -9.38 18.44 -32.70
C GLN A 12 -9.59 19.27 -31.43
N LEU A 13 -10.80 19.79 -31.25
CA LEU A 13 -11.12 20.60 -30.07
C LEU A 13 -11.20 19.73 -28.82
N ALA A 14 -12.19 18.85 -28.76
CA ALA A 14 -12.41 18.01 -27.58
C ALA A 14 -11.69 16.67 -27.69
N GLN A 15 -10.60 16.64 -28.44
CA GLN A 15 -9.74 15.47 -28.48
C GLN A 15 -8.84 15.47 -27.25
N GLU A 16 -9.43 15.15 -26.11
CA GLU A 16 -8.73 15.19 -24.84
C GLU A 16 -8.04 13.88 -24.54
N GLU A 17 -7.20 13.90 -23.52
CA GLU A 17 -6.47 12.71 -23.11
C GLU A 17 -6.82 12.41 -21.64
N VAL A 18 -6.63 11.16 -21.23
CA VAL A 18 -6.95 10.76 -19.86
C VAL A 18 -6.08 11.52 -18.85
N THR A 19 -6.72 12.07 -17.84
CA THR A 19 -6.02 12.82 -16.82
C THR A 19 -5.56 11.92 -15.69
N GLU A 20 -5.29 12.51 -14.54
CA GLU A 20 -4.82 11.76 -13.37
C GLU A 20 -5.96 11.01 -12.70
N SER A 21 -5.61 10.05 -11.88
CA SER A 21 -6.58 9.31 -11.08
C SER A 21 -5.97 8.96 -9.73
N PRO A 22 -6.14 9.85 -8.73
CA PRO A 22 -5.58 9.63 -7.39
C PRO A 22 -6.19 8.41 -6.71
N LEU A 23 -7.48 8.49 -6.42
CA LEU A 23 -8.20 7.39 -5.79
C LEU A 23 -9.67 7.78 -5.62
N GLY A 24 -9.89 8.99 -5.14
CA GLY A 24 -11.24 9.46 -4.91
C GLY A 24 -11.82 8.90 -3.63
N GLY A 25 -12.22 7.65 -3.68
CA GLY A 25 -12.77 7.00 -2.51
C GLY A 25 -12.47 5.52 -2.48
N ASP A 26 -12.29 4.95 -3.67
CA ASP A 26 -12.02 3.53 -3.80
C ASP A 26 -10.57 3.29 -4.18
N GLU A 27 -9.71 3.28 -3.17
CA GLU A 27 -8.28 3.02 -3.35
C GLU A 27 -8.07 1.71 -4.09
N ASN A 28 -8.82 0.69 -3.68
CA ASN A 28 -8.77 -0.64 -4.28
C ASN A 28 -8.98 -0.58 -5.80
N ALA A 29 -9.90 0.29 -6.23
CA ALA A 29 -10.19 0.41 -7.67
C ALA A 29 -8.99 0.99 -8.41
N GLN A 30 -8.35 1.98 -7.81
CA GLN A 30 -7.17 2.61 -8.41
C GLN A 30 -6.03 1.60 -8.49
N LEU A 31 -5.81 0.86 -7.41
CA LEU A 31 -4.75 -0.14 -7.37
C LEU A 31 -5.07 -1.27 -8.34
N HIS A 32 -6.35 -1.53 -8.52
CA HIS A 32 -6.82 -2.53 -9.48
C HIS A 32 -6.45 -2.12 -10.90
N ALA A 33 -6.78 -0.88 -11.26
CA ALA A 33 -6.49 -0.35 -12.59
C ALA A 33 -4.99 -0.26 -12.84
N SER A 34 -4.22 -0.11 -11.76
CA SER A 34 -2.76 -0.08 -11.85
C SER A 34 -2.21 -1.44 -12.27
N GLY A 35 -3.03 -2.48 -12.14
CA GLY A 35 -2.63 -3.81 -12.58
C GLY A 35 -1.84 -4.57 -11.54
N TYR A 36 -1.36 -3.86 -10.53
CA TYR A 36 -0.52 -4.44 -9.49
C TYR A 36 -1.35 -5.12 -8.41
N TYR A 37 -2.56 -5.54 -8.78
CA TYR A 37 -3.43 -6.24 -7.84
C TYR A 37 -2.89 -7.63 -7.55
N ALA A 38 -2.24 -8.22 -8.54
CA ALA A 38 -1.64 -9.53 -8.38
C ALA A 38 -0.51 -9.48 -7.36
N LEU A 39 0.28 -8.42 -7.44
CA LEU A 39 1.37 -8.17 -6.50
C LEU A 39 0.81 -7.90 -5.10
N PHE A 40 -0.26 -7.11 -5.06
CA PHE A 40 -0.92 -6.76 -3.80
C PHE A 40 -1.35 -8.00 -3.03
N VAL A 41 -2.07 -8.89 -3.67
CA VAL A 41 -2.57 -10.09 -3.01
C VAL A 41 -1.49 -11.17 -2.90
N ASP A 42 -0.30 -10.88 -3.44
CA ASP A 42 0.79 -11.84 -3.45
C ASP A 42 1.73 -11.62 -2.26
N THR A 43 2.39 -10.47 -2.24
CA THR A 43 3.45 -10.22 -1.27
C THR A 43 2.92 -9.63 0.03
N VAL A 44 1.83 -8.86 -0.02
CA VAL A 44 1.33 -8.17 1.15
C VAL A 44 0.96 -9.14 2.29
N PRO A 45 0.09 -10.14 2.04
CA PRO A 45 -0.28 -11.11 3.07
C PRO A 45 0.92 -11.87 3.63
N ASP A 46 1.85 -12.24 2.74
CA ASP A 46 3.02 -13.02 3.14
C ASP A 46 4.01 -12.18 3.94
N ASP A 47 4.26 -10.96 3.46
CA ASP A 47 5.20 -10.07 4.13
C ASP A 47 4.65 -9.64 5.49
N VAL A 48 3.33 -9.52 5.58
CA VAL A 48 2.68 -9.24 6.86
C VAL A 48 2.86 -10.42 7.80
N LYS A 49 2.76 -11.63 7.26
CA LYS A 49 2.99 -12.84 8.03
C LYS A 49 4.47 -12.94 8.39
N ARG A 50 5.34 -12.49 7.49
CA ARG A 50 6.77 -12.41 7.75
C ARG A 50 7.03 -11.48 8.92
N LEU A 51 6.39 -10.32 8.90
CA LEU A 51 6.47 -9.37 10.01
C LEU A 51 6.10 -10.05 11.32
N TYR A 52 5.02 -10.83 11.29
CA TYR A 52 4.61 -11.62 12.45
C TYR A 52 5.74 -12.56 12.88
N THR A 53 6.34 -13.22 11.89
CA THR A 53 7.37 -14.20 12.14
C THR A 53 8.62 -13.54 12.74
N GLU A 54 9.02 -12.42 12.16
CA GLU A 54 10.23 -11.73 12.59
C GLU A 54 10.01 -11.00 13.91
N ALA A 55 8.79 -10.52 14.13
CA ALA A 55 8.46 -9.86 15.39
C ALA A 55 8.53 -10.86 16.55
N ALA A 56 8.07 -12.07 16.28
CA ALA A 56 8.10 -13.13 17.30
C ALA A 56 9.53 -13.48 17.72
N THR A 57 10.49 -13.20 16.86
CA THR A 57 11.89 -13.46 17.17
C THR A 57 12.64 -12.17 17.49
N SER A 58 11.92 -11.05 17.49
CA SER A 58 12.49 -9.73 17.79
C SER A 58 13.60 -9.38 16.80
N ASP A 59 13.40 -9.75 15.55
CA ASP A 59 14.33 -9.40 14.49
C ASP A 59 13.97 -8.01 13.96
N PHE A 60 14.24 -7.01 14.78
CA PHE A 60 13.88 -5.64 14.45
C PHE A 60 14.63 -5.12 13.23
N ALA A 61 15.80 -5.71 12.95
CA ALA A 61 16.53 -5.38 11.74
C ALA A 61 15.71 -5.79 10.52
N ALA A 62 15.13 -6.99 10.59
CA ALA A 62 14.33 -7.51 9.51
C ALA A 62 12.99 -6.78 9.48
N LEU A 63 12.52 -6.42 10.67
CA LEU A 63 11.31 -5.63 10.81
C LEU A 63 11.46 -4.28 10.13
N ALA A 64 12.64 -3.69 10.24
CA ALA A 64 12.95 -2.45 9.55
C ALA A 64 12.92 -2.67 8.04
N GLN A 65 13.45 -3.82 7.62
CA GLN A 65 13.41 -4.18 6.21
C GLN A 65 11.97 -4.33 5.72
N THR A 66 11.16 -5.06 6.48
CA THR A 66 9.77 -5.32 6.10
C THR A 66 8.94 -4.02 6.15
N ALA A 67 9.24 -3.16 7.10
CA ALA A 67 8.57 -1.87 7.19
C ALA A 67 8.83 -1.04 5.95
N HIS A 68 10.08 -1.02 5.51
CA HIS A 68 10.44 -0.32 4.28
C HIS A 68 9.80 -1.03 3.09
N ARG A 69 9.88 -2.35 3.10
CA ARG A 69 9.30 -3.19 2.06
C ARG A 69 7.81 -2.88 1.89
N LEU A 70 7.08 -2.88 3.00
CA LEU A 70 5.64 -2.68 2.98
C LEU A 70 5.29 -1.23 2.68
N LYS A 71 6.03 -0.31 3.27
CA LYS A 71 5.83 1.11 3.03
C LYS A 71 6.06 1.41 1.55
N GLY A 72 7.07 0.78 0.99
CA GLY A 72 7.40 0.97 -0.42
C GLY A 72 6.33 0.41 -1.34
N VAL A 73 5.91 -0.82 -1.11
CA VAL A 73 4.92 -1.46 -1.98
C VAL A 73 3.55 -0.79 -1.86
N PHE A 74 3.16 -0.40 -0.65
CA PHE A 74 1.89 0.29 -0.45
C PHE A 74 1.92 1.63 -1.16
N ALA A 75 3.03 2.35 -1.03
CA ALA A 75 3.20 3.61 -1.76
C ALA A 75 3.22 3.35 -3.26
N MET A 76 3.80 2.22 -3.64
CA MET A 76 3.85 1.78 -5.03
C MET A 76 2.44 1.54 -5.58
N LEU A 77 1.59 0.93 -4.77
CA LEU A 77 0.20 0.67 -5.15
C LEU A 77 -0.65 1.93 -4.96
N ASN A 78 -0.06 2.93 -4.31
CA ASN A 78 -0.70 4.23 -4.08
C ASN A 78 -1.71 4.12 -2.95
N LEU A 79 -1.50 3.12 -2.11
CA LEU A 79 -2.34 2.87 -0.96
C LEU A 79 -1.95 3.80 0.18
N VAL A 80 -2.48 5.02 0.16
CA VAL A 80 -2.10 6.06 1.11
C VAL A 80 -2.27 5.63 2.57
N PRO A 81 -3.49 5.25 3.00
CA PRO A 81 -3.74 4.85 4.39
C PRO A 81 -2.90 3.64 4.80
N GLY A 82 -2.75 2.70 3.88
CA GLY A 82 -1.94 1.52 4.14
C GLY A 82 -0.48 1.87 4.32
N LYS A 83 0.03 2.72 3.43
CA LYS A 83 1.41 3.18 3.51
C LYS A 83 1.63 3.95 4.82
N GLN A 84 0.61 4.70 5.23
CA GLN A 84 0.65 5.44 6.49
C GLN A 84 0.77 4.47 7.67
N LEU A 85 0.09 3.33 7.56
CA LEU A 85 0.19 2.29 8.58
C LEU A 85 1.62 1.77 8.66
N CYS A 86 2.22 1.50 7.51
CA CYS A 86 3.60 1.04 7.45
C CYS A 86 4.56 2.11 7.96
N GLU A 87 4.26 3.37 7.68
CA GLU A 87 5.04 4.50 8.19
C GLU A 87 5.07 4.49 9.71
N THR A 88 3.89 4.41 10.31
CA THR A 88 3.79 4.38 11.76
C THR A 88 4.34 3.07 12.32
N LEU A 89 4.27 2.00 11.53
CA LEU A 89 4.89 0.74 11.89
C LEU A 89 6.39 0.92 12.00
N GLU A 90 6.99 1.54 10.98
CA GLU A 90 8.40 1.89 10.99
C GLU A 90 8.77 2.65 12.26
N HIS A 91 7.91 3.60 12.63
CA HIS A 91 8.08 4.37 13.84
C HIS A 91 8.05 3.49 15.08
N LEU A 92 7.05 2.62 15.15
CA LEU A 92 6.90 1.72 16.30
C LEU A 92 8.07 0.74 16.39
N ILE A 93 8.68 0.44 15.25
CA ILE A 93 9.83 -0.46 15.20
C ILE A 93 11.06 0.29 15.68
N ARG A 94 11.12 1.57 15.33
CA ARG A 94 12.20 2.44 15.77
C ARG A 94 12.14 2.64 17.30
N GLU A 95 10.92 2.67 17.84
CA GLU A 95 10.73 2.83 19.28
C GLU A 95 10.86 1.48 19.98
N LYS A 96 10.93 0.41 19.17
CA LYS A 96 11.06 -0.95 19.67
C LYS A 96 9.84 -1.34 20.51
N ASP A 97 8.67 -0.93 20.07
CA ASP A 97 7.42 -1.24 20.76
C ASP A 97 6.77 -2.47 20.13
N VAL A 98 7.26 -3.64 20.53
CA VAL A 98 6.77 -4.92 19.97
C VAL A 98 5.25 -5.01 19.98
N PRO A 99 4.57 -4.79 21.13
CA PRO A 99 3.10 -4.83 21.20
C PRO A 99 2.43 -3.89 20.20
N GLY A 100 2.98 -2.68 20.06
CA GLY A 100 2.45 -1.74 19.10
C GLY A 100 2.68 -2.19 17.67
N ILE A 101 3.87 -2.71 17.42
CA ILE A 101 4.22 -3.26 16.12
C ILE A 101 3.22 -4.34 15.73
N GLU A 102 3.01 -5.28 16.64
CA GLU A 102 2.09 -6.39 16.43
C GLU A 102 0.69 -5.88 16.07
N LYS A 103 0.22 -4.89 16.83
CA LYS A 103 -1.10 -4.31 16.61
C LYS A 103 -1.19 -3.70 15.21
N TYR A 104 -0.12 -3.03 14.79
CA TYR A 104 -0.13 -2.35 13.51
C TYR A 104 0.01 -3.34 12.34
N ILE A 105 0.73 -4.43 12.55
CA ILE A 105 0.78 -5.49 11.55
C ILE A 105 -0.63 -6.03 11.32
N SER A 106 -1.35 -6.24 12.41
CA SER A 106 -2.73 -6.67 12.34
C SER A 106 -3.61 -5.56 11.73
N ASP A 107 -3.20 -4.31 11.92
CA ASP A 107 -3.91 -3.17 11.33
C ASP A 107 -3.73 -3.15 9.82
N ILE A 108 -2.56 -3.53 9.36
CA ILE A 108 -2.30 -3.70 7.94
C ILE A 108 -3.06 -4.91 7.41
N ASP A 109 -3.22 -5.90 8.26
CA ASP A 109 -3.89 -7.14 7.88
C ASP A 109 -5.38 -6.88 7.75
N SER A 110 -5.91 -6.13 8.70
CA SER A 110 -7.31 -5.76 8.70
C SER A 110 -7.61 -4.86 7.50
N TYR A 111 -6.66 -3.97 7.20
CA TYR A 111 -6.72 -3.13 5.99
C TYR A 111 -7.00 -3.99 4.77
N VAL A 112 -6.12 -4.95 4.57
CA VAL A 112 -6.17 -5.81 3.41
C VAL A 112 -7.40 -6.74 3.47
N LYS A 113 -7.82 -7.10 4.68
CA LYS A 113 -9.04 -7.89 4.87
C LYS A 113 -10.24 -7.18 4.22
N SER A 114 -10.40 -5.90 4.49
CA SER A 114 -11.54 -5.14 3.98
C SER A 114 -11.32 -4.76 2.51
N LEU A 115 -10.08 -4.66 2.08
CA LEU A 115 -9.79 -4.27 0.72
C LEU A 115 -10.18 -5.37 -0.27
N LEU A 116 -9.83 -6.61 0.03
CA LEU A 116 -10.23 -7.74 -0.82
C LEU A 116 -11.31 -8.57 -0.11
N MET A 1 -2.04 21.61 -39.76
CA MET A 1 -2.39 21.85 -38.35
C MET A 1 -2.30 20.55 -37.54
N GLN A 2 -2.90 19.48 -38.06
CA GLN A 2 -2.91 18.20 -37.36
C GLN A 2 -1.58 17.46 -37.51
N GLU A 3 -1.05 17.46 -38.72
CA GLU A 3 0.24 16.81 -38.98
C GLU A 3 1.37 17.66 -38.43
N ALA A 4 1.29 18.95 -38.68
CA ALA A 4 2.27 19.89 -38.17
C ALA A 4 1.59 20.87 -37.22
N VAL A 5 1.63 20.52 -35.93
CA VAL A 5 1.02 21.34 -34.90
C VAL A 5 1.85 22.59 -34.64
N LEU A 6 1.74 23.56 -35.54
CA LEU A 6 2.48 24.82 -35.42
C LEU A 6 2.03 25.57 -34.17
N GLN A 7 0.74 25.56 -33.91
CA GLN A 7 0.21 26.16 -32.69
C GLN A 7 0.39 25.23 -31.51
N LEU A 8 1.62 25.08 -31.05
CA LEU A 8 1.89 24.27 -29.86
C LEU A 8 1.22 24.94 -28.66
N ILE A 9 1.09 26.25 -28.72
CA ILE A 9 0.40 27.02 -27.70
C ILE A 9 -1.06 27.20 -28.09
N GLU A 10 -1.68 26.11 -28.50
CA GLU A 10 -3.10 26.10 -28.74
C GLU A 10 -3.82 25.70 -27.45
N VAL A 11 -3.02 25.58 -26.40
CA VAL A 11 -3.52 25.10 -25.10
C VAL A 11 -2.71 25.69 -23.95
N GLN A 12 -1.38 25.72 -24.14
CA GLN A 12 -0.45 26.24 -23.15
C GLN A 12 -0.43 25.35 -21.90
N LEU A 13 -1.21 25.73 -20.89
CA LEU A 13 -1.23 24.98 -19.64
C LEU A 13 -2.38 23.97 -19.64
N ALA A 14 -2.40 23.11 -20.63
CA ALA A 14 -3.44 22.09 -20.75
C ALA A 14 -2.86 20.80 -21.34
N GLN A 15 -3.76 19.96 -21.87
CA GLN A 15 -3.40 18.69 -22.52
C GLN A 15 -2.98 17.62 -21.50
N GLU A 16 -3.11 17.93 -20.21
CA GLU A 16 -2.77 16.97 -19.17
C GLU A 16 -3.60 17.19 -17.91
N GLU A 17 -3.31 18.25 -17.16
CA GLU A 17 -4.03 18.53 -15.92
C GLU A 17 -5.45 18.98 -16.24
N VAL A 18 -6.41 18.20 -15.78
CA VAL A 18 -7.81 18.46 -16.10
C VAL A 18 -8.73 17.51 -15.35
N THR A 19 -8.15 16.52 -14.68
CA THR A 19 -8.94 15.50 -14.02
C THR A 19 -8.18 14.91 -12.83
N GLU A 20 -8.73 15.10 -11.64
CA GLU A 20 -8.10 14.60 -10.43
C GLU A 20 -8.68 13.26 -10.02
N SER A 21 -7.95 12.55 -9.18
CA SER A 21 -8.37 11.27 -8.65
C SER A 21 -7.75 11.07 -7.27
N PRO A 22 -8.36 11.65 -6.23
CA PRO A 22 -7.81 11.66 -4.87
C PRO A 22 -8.04 10.35 -4.11
N LEU A 23 -8.60 9.36 -4.81
CA LEU A 23 -8.87 8.04 -4.23
C LEU A 23 -10.00 8.13 -3.22
N GLY A 24 -9.68 8.54 -2.00
CA GLY A 24 -10.68 8.74 -0.97
C GLY A 24 -11.36 7.45 -0.57
N GLY A 25 -10.57 6.44 -0.22
CA GLY A 25 -11.13 5.18 0.20
C GLY A 25 -11.19 4.18 -0.94
N ASP A 26 -11.05 4.69 -2.16
CA ASP A 26 -11.09 3.84 -3.34
C ASP A 26 -9.67 3.52 -3.80
N GLU A 27 -8.76 3.44 -2.84
CA GLU A 27 -7.36 3.12 -3.13
C GLU A 27 -7.26 1.71 -3.70
N ASN A 28 -8.12 0.83 -3.23
CA ASN A 28 -8.17 -0.55 -3.73
C ASN A 28 -8.59 -0.57 -5.20
N ALA A 29 -9.46 0.38 -5.57
CA ALA A 29 -9.90 0.50 -6.95
C ALA A 29 -8.73 0.86 -7.85
N GLN A 30 -7.96 1.87 -7.44
CA GLN A 30 -6.79 2.28 -8.17
C GLN A 30 -5.79 1.13 -8.26
N LEU A 31 -5.58 0.46 -7.14
CA LEU A 31 -4.60 -0.62 -7.05
C LEU A 31 -4.91 -1.76 -8.04
N HIS A 32 -6.14 -2.24 -8.04
CA HIS A 32 -6.48 -3.37 -8.91
C HIS A 32 -6.72 -2.90 -10.36
N ALA A 33 -6.91 -1.59 -10.54
CA ALA A 33 -7.11 -1.03 -11.87
C ALA A 33 -5.79 -0.72 -12.55
N SER A 34 -4.72 -0.59 -11.77
CA SER A 34 -3.40 -0.34 -12.32
C SER A 34 -2.69 -1.65 -12.65
N GLY A 35 -3.36 -2.75 -12.35
CA GLY A 35 -2.78 -4.06 -12.60
C GLY A 35 -1.81 -4.48 -11.51
N TYR A 36 -2.07 -4.03 -10.29
CA TYR A 36 -1.25 -4.38 -9.15
C TYR A 36 -1.97 -5.36 -8.23
N TYR A 37 -3.14 -5.81 -8.68
CA TYR A 37 -3.97 -6.74 -7.90
C TYR A 37 -3.26 -8.09 -7.79
N ALA A 38 -2.57 -8.47 -8.86
CA ALA A 38 -1.81 -9.71 -8.90
C ALA A 38 -0.73 -9.73 -7.83
N LEU A 39 -0.19 -8.56 -7.50
CA LEU A 39 0.82 -8.44 -6.46
C LEU A 39 0.15 -8.32 -5.09
N PHE A 40 -0.99 -7.62 -5.08
CA PHE A 40 -1.76 -7.39 -3.86
C PHE A 40 -2.08 -8.69 -3.13
N VAL A 41 -2.58 -9.67 -3.86
CA VAL A 41 -2.99 -10.92 -3.26
C VAL A 41 -1.93 -12.00 -3.42
N ASP A 42 -0.69 -11.59 -3.59
CA ASP A 42 0.41 -12.54 -3.72
C ASP A 42 1.54 -12.19 -2.78
N THR A 43 2.15 -11.04 -3.03
CA THR A 43 3.33 -10.63 -2.30
C THR A 43 2.97 -9.96 -0.98
N VAL A 44 1.85 -9.24 -0.94
CA VAL A 44 1.50 -8.45 0.22
C VAL A 44 1.21 -9.33 1.45
N PRO A 45 0.25 -10.28 1.37
CA PRO A 45 -0.12 -11.12 2.52
C PRO A 45 1.06 -11.86 3.12
N ASP A 46 1.96 -12.34 2.29
CA ASP A 46 3.08 -13.13 2.78
C ASP A 46 4.16 -12.25 3.39
N ASP A 47 4.39 -11.08 2.81
CA ASP A 47 5.37 -10.15 3.36
C ASP A 47 4.88 -9.63 4.71
N VAL A 48 3.56 -9.53 4.86
CA VAL A 48 2.95 -9.20 6.15
C VAL A 48 3.19 -10.34 7.14
N LYS A 49 3.04 -11.57 6.67
CA LYS A 49 3.31 -12.75 7.49
C LYS A 49 4.77 -12.78 7.92
N ARG A 50 5.65 -12.37 7.01
CA ARG A 50 7.07 -12.26 7.31
C ARG A 50 7.29 -11.27 8.45
N LEU A 51 6.58 -10.14 8.39
CA LEU A 51 6.61 -9.15 9.47
C LEU A 51 6.27 -9.80 10.79
N TYR A 52 5.23 -10.63 10.78
CA TYR A 52 4.81 -11.40 11.95
C TYR A 52 5.96 -12.26 12.45
N THR A 53 6.66 -12.89 11.51
CA THR A 53 7.77 -13.79 11.83
C THR A 53 8.91 -13.03 12.48
N GLU A 54 9.27 -11.88 11.92
CA GLU A 54 10.37 -11.08 12.43
C GLU A 54 10.02 -10.52 13.82
N ALA A 55 8.77 -10.11 13.98
CA ALA A 55 8.31 -9.59 15.26
C ALA A 55 8.33 -10.67 16.33
N ALA A 56 7.92 -11.88 15.95
CA ALA A 56 7.90 -13.00 16.88
C ALA A 56 9.30 -13.37 17.34
N THR A 57 10.24 -13.37 16.41
CA THR A 57 11.62 -13.74 16.72
C THR A 57 12.42 -12.54 17.25
N SER A 58 11.73 -11.42 17.44
CA SER A 58 12.34 -10.19 17.99
C SER A 58 13.46 -9.69 17.08
N ASP A 59 13.39 -10.03 15.80
CA ASP A 59 14.39 -9.62 14.84
C ASP A 59 13.99 -8.27 14.25
N PHE A 60 14.08 -7.25 15.08
CA PHE A 60 13.61 -5.92 14.73
C PHE A 60 14.38 -5.33 13.56
N ALA A 61 15.60 -5.82 13.32
CA ALA A 61 16.35 -5.39 12.16
C ALA A 61 15.62 -5.79 10.89
N ALA A 62 15.14 -7.02 10.86
CA ALA A 62 14.45 -7.56 9.70
C ALA A 62 13.01 -7.05 9.68
N LEU A 63 12.46 -6.88 10.88
CA LEU A 63 11.13 -6.33 11.04
C LEU A 63 11.05 -4.94 10.43
N ALA A 64 12.06 -4.10 10.73
CA ALA A 64 12.14 -2.76 10.17
C ALA A 64 12.32 -2.83 8.65
N GLN A 65 13.17 -3.74 8.20
CA GLN A 65 13.42 -3.93 6.78
C GLN A 65 12.15 -4.33 6.03
N THR A 66 11.37 -5.23 6.63
CA THR A 66 10.12 -5.66 6.02
C THR A 66 9.09 -4.53 6.00
N ALA A 67 9.07 -3.73 7.07
CA ALA A 67 8.19 -2.56 7.13
C ALA A 67 8.58 -1.54 6.08
N HIS A 68 9.89 -1.43 5.85
CA HIS A 68 10.41 -0.56 4.79
C HIS A 68 9.85 -1.00 3.45
N ARG A 69 9.89 -2.30 3.21
CA ARG A 69 9.36 -2.87 1.98
C ARG A 69 7.87 -2.60 1.85
N LEU A 70 7.13 -2.78 2.94
CA LEU A 70 5.68 -2.63 2.94
C LEU A 70 5.28 -1.19 2.65
N LYS A 71 5.95 -0.24 3.29
CA LYS A 71 5.69 1.17 3.03
C LYS A 71 6.01 1.51 1.58
N GLY A 72 7.05 0.88 1.05
CA GLY A 72 7.44 1.11 -0.32
C GLY A 72 6.42 0.57 -1.31
N VAL A 73 6.02 -0.69 -1.13
CA VAL A 73 5.08 -1.31 -2.06
C VAL A 73 3.73 -0.62 -2.03
N PHE A 74 3.27 -0.24 -0.84
CA PHE A 74 2.00 0.46 -0.70
C PHE A 74 2.08 1.83 -1.36
N ALA A 75 3.23 2.48 -1.25
CA ALA A 75 3.46 3.76 -1.92
C ALA A 75 3.38 3.60 -3.43
N MET A 76 3.85 2.45 -3.93
CA MET A 76 3.78 2.12 -5.36
C MET A 76 2.34 2.10 -5.83
N LEU A 77 1.52 1.33 -5.12
CA LEU A 77 0.10 1.18 -5.48
C LEU A 77 -0.71 2.39 -5.04
N ASN A 78 -0.04 3.31 -4.32
CA ASN A 78 -0.65 4.57 -3.88
C ASN A 78 -1.65 4.30 -2.78
N LEU A 79 -1.36 3.29 -1.98
CA LEU A 79 -2.16 2.92 -0.83
C LEU A 79 -1.84 3.87 0.33
N VAL A 80 -2.34 5.10 0.22
CA VAL A 80 -2.02 6.16 1.17
C VAL A 80 -2.22 5.74 2.64
N PRO A 81 -3.44 5.35 3.06
CA PRO A 81 -3.70 4.97 4.45
C PRO A 81 -2.82 3.80 4.90
N GLY A 82 -2.62 2.83 4.01
CA GLY A 82 -1.80 1.68 4.33
C GLY A 82 -0.33 2.05 4.49
N LYS A 83 0.19 2.84 3.57
CA LYS A 83 1.57 3.29 3.63
C LYS A 83 1.79 4.12 4.89
N GLN A 84 0.79 4.92 5.24
CA GLN A 84 0.82 5.72 6.45
C GLN A 84 0.93 4.83 7.68
N LEU A 85 0.19 3.72 7.67
CA LEU A 85 0.24 2.76 8.76
C LEU A 85 1.64 2.17 8.89
N CYS A 86 2.24 1.86 7.75
CA CYS A 86 3.59 1.30 7.72
C CYS A 86 4.61 2.34 8.20
N GLU A 87 4.29 3.61 7.99
CA GLU A 87 5.14 4.69 8.46
C GLU A 87 5.16 4.74 9.99
N THR A 88 3.97 4.69 10.58
CA THR A 88 3.85 4.67 12.03
C THR A 88 4.45 3.39 12.60
N LEU A 89 4.31 2.30 11.85
CA LEU A 89 4.92 1.03 12.23
C LEU A 89 6.44 1.17 12.26
N GLU A 90 7.00 1.85 11.27
CA GLU A 90 8.44 2.12 11.22
C GLU A 90 8.88 2.85 12.48
N HIS A 91 8.10 3.84 12.89
CA HIS A 91 8.39 4.59 14.10
C HIS A 91 8.18 3.71 15.34
N LEU A 92 7.28 2.75 15.25
CA LEU A 92 7.05 1.83 16.35
C LEU A 92 8.25 0.90 16.51
N ILE A 93 8.86 0.53 15.39
CA ILE A 93 10.05 -0.30 15.42
C ILE A 93 11.23 0.48 15.99
N ARG A 94 11.35 1.74 15.60
CA ARG A 94 12.42 2.61 16.11
C ARG A 94 12.22 2.85 17.61
N GLU A 95 10.97 2.87 18.04
CA GLU A 95 10.65 3.00 19.45
C GLU A 95 10.75 1.66 20.16
N LYS A 96 10.82 0.59 19.36
CA LYS A 96 10.88 -0.78 19.88
C LYS A 96 9.65 -1.10 20.73
N ASP A 97 8.51 -0.59 20.30
CA ASP A 97 7.27 -0.83 21.03
C ASP A 97 6.58 -2.08 20.48
N VAL A 98 6.92 -3.21 21.08
CA VAL A 98 6.48 -4.53 20.58
C VAL A 98 4.95 -4.62 20.40
N PRO A 99 4.15 -4.37 21.47
CA PRO A 99 2.69 -4.45 21.38
C PRO A 99 2.11 -3.57 20.29
N GLY A 100 2.70 -2.39 20.11
CA GLY A 100 2.25 -1.47 19.08
C GLY A 100 2.60 -1.97 17.69
N ILE A 101 3.80 -2.52 17.56
CA ILE A 101 4.26 -3.07 16.29
C ILE A 101 3.32 -4.17 15.81
N GLU A 102 3.13 -5.18 16.65
CA GLU A 102 2.31 -6.33 16.28
C GLU A 102 0.86 -5.91 16.02
N LYS A 103 0.35 -4.99 16.84
CA LYS A 103 -1.01 -4.49 16.67
C LYS A 103 -1.17 -3.84 15.30
N TYR A 104 -0.17 -3.07 14.89
CA TYR A 104 -0.23 -2.38 13.61
C TYR A 104 -0.14 -3.36 12.45
N ILE A 105 0.60 -4.45 12.63
CA ILE A 105 0.68 -5.48 11.60
C ILE A 105 -0.70 -6.11 11.37
N SER A 106 -1.43 -6.37 12.47
CA SER A 106 -2.79 -6.89 12.37
C SER A 106 -3.69 -5.85 11.70
N ASP A 107 -3.43 -4.58 11.96
CA ASP A 107 -4.20 -3.49 11.36
C ASP A 107 -3.94 -3.42 9.86
N ILE A 108 -2.72 -3.73 9.46
CA ILE A 108 -2.38 -3.82 8.05
C ILE A 108 -3.07 -5.03 7.42
N ASP A 109 -3.22 -6.08 8.21
CA ASP A 109 -3.83 -7.32 7.74
C ASP A 109 -5.32 -7.11 7.55
N SER A 110 -5.92 -6.40 8.51
CA SER A 110 -7.33 -6.06 8.45
C SER A 110 -7.56 -5.01 7.36
N TYR A 111 -6.55 -4.17 7.14
CA TYR A 111 -6.56 -3.19 6.06
C TYR A 111 -6.75 -3.89 4.74
N VAL A 112 -5.84 -4.80 4.49
CA VAL A 112 -5.80 -5.57 3.28
C VAL A 112 -7.05 -6.46 3.16
N LYS A 113 -7.56 -6.89 4.32
CA LYS A 113 -8.78 -7.69 4.37
C LYS A 113 -9.97 -6.90 3.84
N SER A 114 -10.07 -5.63 4.25
CA SER A 114 -11.21 -4.80 3.87
C SER A 114 -11.02 -4.22 2.46
N LEU A 115 -9.77 -4.14 2.03
CA LEU A 115 -9.46 -3.66 0.70
C LEU A 115 -9.73 -4.75 -0.34
N LEU A 116 -9.61 -6.00 0.08
CA LEU A 116 -9.93 -7.14 -0.76
C LEU A 116 -11.35 -7.04 -1.31
N MET A 1 11.37 -4.48 -41.19
CA MET A 1 12.52 -5.37 -40.88
C MET A 1 13.73 -4.99 -41.73
N GLN A 2 14.91 -5.40 -41.28
CA GLN A 2 16.17 -5.13 -41.98
C GLN A 2 16.51 -3.65 -41.95
N GLU A 3 17.58 -3.33 -41.20
CA GLU A 3 18.03 -1.95 -41.01
C GLU A 3 17.00 -1.15 -40.20
N ALA A 4 15.88 -0.82 -40.81
CA ALA A 4 14.81 -0.11 -40.13
C ALA A 4 13.86 -1.11 -39.49
N VAL A 5 14.29 -1.69 -38.37
CA VAL A 5 13.48 -2.66 -37.64
C VAL A 5 12.29 -1.98 -36.97
N LEU A 6 12.44 -0.70 -36.66
CA LEU A 6 11.38 0.05 -36.02
C LEU A 6 10.97 1.24 -36.90
N GLN A 7 10.45 2.28 -36.28
CA GLN A 7 10.07 3.49 -36.99
C GLN A 7 11.28 4.39 -37.18
N LEU A 8 11.07 5.60 -37.68
CA LEU A 8 12.15 6.57 -37.83
C LEU A 8 12.81 6.85 -36.48
N ILE A 9 12.01 7.31 -35.54
CA ILE A 9 12.46 7.54 -34.18
C ILE A 9 11.43 7.00 -33.20
N GLU A 10 10.41 7.80 -32.94
CA GLU A 10 9.33 7.41 -32.03
C GLU A 10 8.00 7.94 -32.54
N VAL A 11 7.79 9.25 -32.34
CA VAL A 11 6.55 9.90 -32.73
C VAL A 11 6.86 11.31 -33.24
N GLN A 12 6.81 11.46 -34.55
CA GLN A 12 7.10 12.75 -35.19
C GLN A 12 6.26 13.87 -34.60
N LEU A 13 4.94 13.66 -34.61
CA LEU A 13 4.01 14.67 -34.11
C LEU A 13 2.80 14.00 -33.47
N ALA A 14 3.05 13.29 -32.38
CA ALA A 14 1.99 12.62 -31.64
C ALA A 14 2.46 12.30 -30.23
N GLN A 15 2.73 13.35 -29.46
CA GLN A 15 3.24 13.18 -28.11
C GLN A 15 2.39 13.93 -27.09
N GLU A 16 1.29 13.30 -26.70
CA GLU A 16 0.45 13.81 -25.63
C GLU A 16 0.72 13.01 -24.37
N GLU A 17 2.00 12.95 -24.03
CA GLU A 17 2.48 12.19 -22.90
C GLU A 17 2.07 12.83 -21.58
N VAL A 18 0.86 12.52 -21.14
CA VAL A 18 0.38 12.98 -19.85
C VAL A 18 -0.42 11.87 -19.18
N THR A 19 0.11 11.35 -18.08
CA THR A 19 -0.57 10.29 -17.36
C THR A 19 -1.18 10.82 -16.08
N GLU A 20 -2.49 10.67 -15.97
CA GLU A 20 -3.23 11.12 -14.81
C GLU A 20 -3.44 9.96 -13.85
N SER A 21 -3.39 10.28 -12.56
CA SER A 21 -3.59 9.29 -11.51
C SER A 21 -3.92 10.00 -10.20
N PRO A 22 -5.17 10.48 -10.04
CA PRO A 22 -5.60 11.19 -8.85
C PRO A 22 -6.14 10.23 -7.78
N LEU A 23 -6.21 10.71 -6.54
CA LEU A 23 -6.71 9.90 -5.45
C LEU A 23 -7.77 10.64 -4.67
N GLY A 24 -9.01 10.19 -4.81
CA GLY A 24 -10.11 10.81 -4.09
C GLY A 24 -10.83 9.82 -3.19
N GLY A 25 -10.67 8.53 -3.49
CA GLY A 25 -11.30 7.51 -2.71
C GLY A 25 -11.16 6.14 -3.35
N ASP A 26 -11.35 5.09 -2.56
CA ASP A 26 -11.22 3.71 -3.02
C ASP A 26 -9.88 3.47 -3.71
N GLU A 27 -8.83 3.35 -2.89
CA GLU A 27 -7.50 3.08 -3.39
C GLU A 27 -7.45 1.72 -4.09
N ASN A 28 -8.31 0.81 -3.63
CA ASN A 28 -8.39 -0.52 -4.21
C ASN A 28 -8.83 -0.45 -5.66
N ALA A 29 -9.81 0.41 -5.93
CA ALA A 29 -10.29 0.62 -7.29
C ALA A 29 -9.13 1.00 -8.21
N GLN A 30 -8.36 2.01 -7.81
CA GLN A 30 -7.26 2.50 -8.62
C GLN A 30 -6.18 1.43 -8.79
N LEU A 31 -5.85 0.73 -7.72
CA LEU A 31 -4.77 -0.25 -7.75
C LEU A 31 -5.17 -1.52 -8.52
N HIS A 32 -6.41 -1.95 -8.37
CA HIS A 32 -6.87 -3.16 -9.05
C HIS A 32 -7.29 -2.85 -10.48
N ALA A 33 -7.47 -1.56 -10.79
CA ALA A 33 -7.75 -1.15 -12.15
C ALA A 33 -6.47 -1.08 -12.97
N SER A 34 -5.38 -0.63 -12.34
CA SER A 34 -4.08 -0.57 -13.00
C SER A 34 -3.54 -1.97 -13.23
N GLY A 35 -3.97 -2.91 -12.38
CA GLY A 35 -3.58 -4.29 -12.56
C GLY A 35 -2.56 -4.74 -11.54
N TYR A 36 -2.27 -3.90 -10.56
CA TYR A 36 -1.26 -4.23 -9.55
C TYR A 36 -1.88 -4.99 -8.39
N TYR A 37 -3.14 -5.38 -8.56
CA TYR A 37 -3.84 -6.16 -7.56
C TYR A 37 -3.16 -7.53 -7.40
N ALA A 38 -2.54 -8.01 -8.47
CA ALA A 38 -1.80 -9.25 -8.44
C ALA A 38 -0.67 -9.19 -7.41
N LEU A 39 0.05 -8.08 -7.40
CA LEU A 39 1.13 -7.88 -6.44
C LEU A 39 0.57 -7.74 -5.02
N PHE A 40 -0.60 -7.11 -4.93
CA PHE A 40 -1.28 -6.91 -3.66
C PHE A 40 -1.62 -8.24 -3.01
N VAL A 41 -2.01 -9.22 -3.81
CA VAL A 41 -2.35 -10.53 -3.30
C VAL A 41 -1.20 -11.51 -3.48
N ASP A 42 -0.01 -10.99 -3.75
CA ASP A 42 1.16 -11.84 -3.96
C ASP A 42 2.10 -11.80 -2.78
N THR A 43 2.90 -10.74 -2.70
CA THR A 43 3.93 -10.64 -1.69
C THR A 43 3.42 -9.96 -0.41
N VAL A 44 2.31 -9.23 -0.52
CA VAL A 44 1.80 -8.45 0.61
C VAL A 44 1.41 -9.36 1.79
N PRO A 45 0.54 -10.38 1.58
CA PRO A 45 0.15 -11.30 2.66
C PRO A 45 1.36 -12.00 3.28
N ASP A 46 2.31 -12.38 2.44
CA ASP A 46 3.50 -13.08 2.89
C ASP A 46 4.40 -12.15 3.71
N ASP A 47 4.53 -10.91 3.26
CA ASP A 47 5.35 -9.92 3.96
C ASP A 47 4.79 -9.65 5.35
N VAL A 48 3.47 -9.61 5.45
CA VAL A 48 2.81 -9.47 6.74
C VAL A 48 3.15 -10.66 7.64
N LYS A 49 3.10 -11.86 7.07
CA LYS A 49 3.48 -13.06 7.79
C LYS A 49 4.96 -13.04 8.15
N ARG A 50 5.78 -12.48 7.26
CA ARG A 50 7.21 -12.29 7.56
C ARG A 50 7.36 -11.49 8.83
N LEU A 51 6.62 -10.39 8.92
CA LEU A 51 6.62 -9.55 10.11
C LEU A 51 6.30 -10.39 11.35
N TYR A 52 5.24 -11.18 11.26
CA TYR A 52 4.86 -12.08 12.35
C TYR A 52 6.02 -13.01 12.70
N THR A 53 6.62 -13.59 11.67
CA THR A 53 7.63 -14.62 11.83
C THR A 53 8.91 -14.08 12.45
N GLU A 54 9.34 -12.91 12.01
CA GLU A 54 10.56 -12.30 12.53
C GLU A 54 10.31 -11.64 13.88
N ALA A 55 9.09 -11.15 14.09
CA ALA A 55 8.72 -10.56 15.37
C ALA A 55 8.77 -11.61 16.47
N ALA A 56 8.44 -12.85 16.11
CA ALA A 56 8.52 -13.96 17.05
C ALA A 56 9.94 -14.13 17.59
N THR A 57 10.93 -14.03 16.72
CA THR A 57 12.33 -14.15 17.14
C THR A 57 12.93 -12.80 17.51
N SER A 58 12.07 -11.78 17.58
CA SER A 58 12.48 -10.44 17.98
C SER A 58 13.56 -9.89 17.05
N ASP A 59 13.45 -10.21 15.76
CA ASP A 59 14.35 -9.68 14.77
C ASP A 59 13.84 -8.33 14.28
N PHE A 60 13.95 -7.35 15.15
CA PHE A 60 13.46 -6.00 14.87
C PHE A 60 14.20 -5.36 13.70
N ALA A 61 15.44 -5.79 13.47
CA ALA A 61 16.19 -5.32 12.32
C ALA A 61 15.49 -5.75 11.03
N ALA A 62 15.02 -7.00 11.01
CA ALA A 62 14.34 -7.53 9.84
C ALA A 62 12.95 -6.93 9.74
N LEU A 63 12.34 -6.71 10.88
CA LEU A 63 11.05 -6.06 10.95
C LEU A 63 11.12 -4.67 10.31
N ALA A 64 12.19 -3.94 10.62
CA ALA A 64 12.42 -2.63 10.02
C ALA A 64 12.54 -2.74 8.50
N GLN A 65 13.31 -3.73 8.03
CA GLN A 65 13.45 -3.97 6.60
C GLN A 65 12.09 -4.27 5.97
N THR A 66 11.31 -5.11 6.63
CA THR A 66 9.99 -5.51 6.13
C THR A 66 9.03 -4.32 6.13
N ALA A 67 9.06 -3.50 7.17
CA ALA A 67 8.22 -2.32 7.26
C ALA A 67 8.58 -1.35 6.14
N HIS A 68 9.85 -1.34 5.74
CA HIS A 68 10.30 -0.51 4.63
C HIS A 68 9.74 -1.03 3.32
N ARG A 69 9.72 -2.35 3.17
CA ARG A 69 9.14 -3.00 2.01
C ARG A 69 7.68 -2.61 1.87
N LEU A 70 6.93 -2.76 2.94
CA LEU A 70 5.50 -2.52 2.95
C LEU A 70 5.18 -1.07 2.63
N LYS A 71 5.86 -0.13 3.28
CA LYS A 71 5.61 1.28 3.02
C LYS A 71 5.91 1.63 1.57
N GLY A 72 6.92 0.96 1.01
CA GLY A 72 7.28 1.19 -0.37
C GLY A 72 6.26 0.62 -1.33
N VAL A 73 5.87 -0.63 -1.12
CA VAL A 73 4.91 -1.28 -2.01
C VAL A 73 3.54 -0.63 -1.92
N PHE A 74 3.18 -0.14 -0.73
CA PHE A 74 1.91 0.54 -0.56
C PHE A 74 1.93 1.87 -1.31
N ALA A 75 3.02 2.60 -1.19
CA ALA A 75 3.20 3.84 -1.94
C ALA A 75 3.20 3.56 -3.44
N MET A 76 3.75 2.41 -3.81
CA MET A 76 3.78 1.96 -5.20
C MET A 76 2.37 1.72 -5.73
N LEU A 77 1.54 1.07 -4.91
CA LEU A 77 0.15 0.81 -5.28
C LEU A 77 -0.67 2.08 -5.15
N ASN A 78 -0.09 3.08 -4.48
CA ASN A 78 -0.69 4.40 -4.30
C ASN A 78 -1.70 4.39 -3.16
N LEU A 79 -1.46 3.50 -2.21
CA LEU A 79 -2.29 3.39 -1.03
C LEU A 79 -1.76 4.34 0.05
N VAL A 80 -2.17 5.61 -0.06
CA VAL A 80 -1.68 6.65 0.84
C VAL A 80 -1.91 6.30 2.32
N PRO A 81 -3.17 6.02 2.75
CA PRO A 81 -3.46 5.64 4.15
C PRO A 81 -2.70 4.40 4.58
N GLY A 82 -2.53 3.47 3.65
CA GLY A 82 -1.79 2.27 3.94
C GLY A 82 -0.33 2.54 4.22
N LYS A 83 0.27 3.40 3.40
CA LYS A 83 1.66 3.79 3.57
C LYS A 83 1.81 4.54 4.90
N GLN A 84 0.84 5.39 5.22
CA GLN A 84 0.83 6.11 6.48
C GLN A 84 0.90 5.15 7.66
N LEU A 85 0.12 4.09 7.60
CA LEU A 85 0.11 3.06 8.62
C LEU A 85 1.49 2.40 8.72
N CYS A 86 2.10 2.15 7.56
CA CYS A 86 3.42 1.52 7.52
C CYS A 86 4.50 2.46 8.08
N GLU A 87 4.29 3.76 7.92
CA GLU A 87 5.23 4.76 8.45
C GLU A 87 5.20 4.72 9.98
N THR A 88 4.00 4.71 10.55
CA THR A 88 3.86 4.63 12.00
C THR A 88 4.38 3.28 12.50
N LEU A 89 4.14 2.23 11.73
CA LEU A 89 4.67 0.91 12.04
C LEU A 89 6.18 0.95 12.11
N GLU A 90 6.81 1.58 11.11
CA GLU A 90 8.25 1.75 11.09
C GLU A 90 8.71 2.48 12.34
N HIS A 91 7.97 3.52 12.72
CA HIS A 91 8.25 4.27 13.93
C HIS A 91 8.16 3.36 15.16
N LEU A 92 7.18 2.48 15.17
CA LEU A 92 7.00 1.57 16.30
C LEU A 92 8.10 0.51 16.33
N ILE A 93 8.51 0.04 15.16
CA ILE A 93 9.62 -0.90 15.07
C ILE A 93 10.91 -0.22 15.54
N ARG A 94 11.11 1.00 15.06
CA ARG A 94 12.31 1.77 15.37
C ARG A 94 12.38 2.11 16.86
N GLU A 95 11.22 2.29 17.48
CA GLU A 95 11.17 2.66 18.89
C GLU A 95 10.98 1.42 19.76
N LYS A 96 10.85 0.26 19.12
CA LYS A 96 10.77 -1.03 19.79
C LYS A 96 9.53 -1.14 20.69
N ASP A 97 8.41 -0.63 20.21
CA ASP A 97 7.16 -0.73 20.95
C ASP A 97 6.38 -1.96 20.50
N VAL A 98 6.66 -3.09 21.14
CA VAL A 98 6.07 -4.37 20.77
C VAL A 98 4.53 -4.32 20.64
N PRO A 99 3.80 -3.82 21.65
CA PRO A 99 2.34 -3.72 21.61
C PRO A 99 1.85 -2.95 20.37
N GLY A 100 2.50 -1.82 20.09
CA GLY A 100 2.14 -1.04 18.93
C GLY A 100 2.50 -1.73 17.64
N ILE A 101 3.65 -2.40 17.64
CA ILE A 101 4.12 -3.14 16.48
C ILE A 101 3.08 -4.18 16.05
N GLU A 102 2.75 -5.10 16.94
CA GLU A 102 1.81 -6.17 16.62
C GLU A 102 0.43 -5.62 16.30
N LYS A 103 0.04 -4.56 17.01
CA LYS A 103 -1.26 -3.94 16.80
C LYS A 103 -1.36 -3.38 15.38
N TYR A 104 -0.34 -2.64 14.96
CA TYR A 104 -0.35 -2.01 13.66
C TYR A 104 -0.13 -3.02 12.54
N ILE A 105 0.64 -4.08 12.83
CA ILE A 105 0.78 -5.17 11.86
C ILE A 105 -0.60 -5.78 11.58
N SER A 106 -1.36 -6.00 12.64
CA SER A 106 -2.71 -6.53 12.52
C SER A 106 -3.63 -5.51 11.85
N ASP A 107 -3.33 -4.23 12.02
CA ASP A 107 -4.10 -3.16 11.38
C ASP A 107 -3.86 -3.15 9.88
N ILE A 108 -2.64 -3.46 9.48
CA ILE A 108 -2.33 -3.63 8.06
C ILE A 108 -2.97 -4.91 7.54
N ASP A 109 -3.06 -5.91 8.40
CA ASP A 109 -3.63 -7.20 8.04
C ASP A 109 -5.12 -7.05 7.84
N SER A 110 -5.74 -6.29 8.71
CA SER A 110 -7.15 -5.98 8.60
C SER A 110 -7.40 -5.06 7.42
N TYR A 111 -6.41 -4.22 7.10
CA TYR A 111 -6.50 -3.34 5.95
C TYR A 111 -6.60 -4.15 4.67
N VAL A 112 -5.61 -5.00 4.45
CA VAL A 112 -5.57 -5.83 3.26
C VAL A 112 -6.76 -6.78 3.23
N LYS A 113 -7.19 -7.23 4.42
CA LYS A 113 -8.36 -8.08 4.55
C LYS A 113 -9.59 -7.43 3.93
N SER A 114 -9.83 -6.17 4.29
CA SER A 114 -11.02 -5.46 3.84
C SER A 114 -10.82 -4.85 2.45
N LEU A 115 -9.56 -4.76 2.02
CA LEU A 115 -9.25 -4.19 0.71
C LEU A 115 -9.44 -5.24 -0.39
N LEU A 116 -9.05 -6.48 -0.09
CA LEU A 116 -9.14 -7.57 -1.06
C LEU A 116 -10.59 -7.76 -1.53
N MET A 1 -18.60 -19.77 22.13
CA MET A 1 -17.86 -20.49 21.07
C MET A 1 -17.65 -21.95 21.45
N GLN A 2 -18.68 -22.77 21.26
CA GLN A 2 -18.57 -24.20 21.49
C GLN A 2 -18.93 -24.96 20.22
N GLU A 3 -17.91 -25.52 19.58
CA GLU A 3 -18.04 -26.23 18.30
C GLU A 3 -18.32 -25.25 17.16
N ALA A 4 -19.23 -24.31 17.39
CA ALA A 4 -19.55 -23.29 16.42
C ALA A 4 -18.54 -22.14 16.52
N VAL A 5 -17.35 -22.38 16.00
CA VAL A 5 -16.31 -21.36 15.98
C VAL A 5 -16.65 -20.27 14.96
N LEU A 6 -16.49 -20.61 13.68
CA LEU A 6 -16.84 -19.70 12.58
C LEU A 6 -16.06 -18.38 12.67
N GLN A 7 -16.70 -17.37 13.21
CA GLN A 7 -16.09 -16.05 13.34
C GLN A 7 -16.51 -15.40 14.66
N LEU A 8 -17.60 -14.64 14.60
CA LEU A 8 -18.20 -13.97 15.75
C LEU A 8 -19.42 -13.20 15.29
N ILE A 9 -19.21 -12.34 14.30
CA ILE A 9 -20.30 -11.63 13.65
C ILE A 9 -20.05 -11.66 12.14
N GLU A 10 -19.75 -10.49 11.58
CA GLU A 10 -19.41 -10.39 10.17
C GLU A 10 -18.57 -9.13 9.94
N VAL A 11 -19.04 -8.02 10.47
CA VAL A 11 -18.36 -6.75 10.35
C VAL A 11 -17.68 -6.37 11.67
N GLN A 12 -17.37 -7.40 12.46
CA GLN A 12 -16.77 -7.24 13.78
C GLN A 12 -17.60 -6.29 14.64
N LEU A 13 -17.09 -5.08 14.86
CA LEU A 13 -17.81 -4.07 15.62
C LEU A 13 -19.10 -3.68 14.90
N ALA A 14 -18.94 -3.22 13.66
CA ALA A 14 -20.05 -2.77 12.82
C ALA A 14 -19.51 -2.18 11.52
N GLN A 15 -18.33 -2.64 11.11
CA GLN A 15 -17.60 -2.03 10.00
C GLN A 15 -17.41 -0.54 10.26
N GLU A 16 -16.63 -0.24 11.30
CA GLU A 16 -16.53 1.10 11.82
C GLU A 16 -15.58 1.97 11.02
N GLU A 17 -15.50 3.21 11.43
CA GLU A 17 -14.66 4.21 10.77
C GLU A 17 -14.01 5.09 11.82
N VAL A 18 -12.79 5.53 11.54
CA VAL A 18 -12.07 6.40 12.46
C VAL A 18 -12.38 7.85 12.18
N THR A 19 -13.42 8.07 11.39
CA THR A 19 -13.83 9.41 10.98
C THR A 19 -12.74 10.08 10.15
N GLU A 20 -12.27 9.35 9.15
CA GLU A 20 -11.26 9.87 8.23
C GLU A 20 -11.57 9.41 6.82
N SER A 21 -11.79 8.10 6.67
CA SER A 21 -12.07 7.47 5.38
C SER A 21 -11.05 7.88 4.33
N PRO A 22 -9.92 7.16 4.26
CA PRO A 22 -8.83 7.44 3.31
C PRO A 22 -9.34 7.46 1.87
N LEU A 23 -9.42 8.66 1.30
CA LEU A 23 -9.94 8.87 -0.05
C LEU A 23 -11.40 8.44 -0.15
N GLY A 24 -11.63 7.21 -0.61
CA GLY A 24 -12.99 6.72 -0.72
C GLY A 24 -13.46 6.68 -2.15
N GLY A 25 -12.59 6.25 -3.05
CA GLY A 25 -12.94 6.18 -4.45
C GLY A 25 -12.65 4.81 -5.04
N ASP A 26 -13.10 3.77 -4.33
CA ASP A 26 -12.93 2.38 -4.77
C ASP A 26 -11.45 2.07 -4.96
N GLU A 27 -10.69 2.21 -3.88
CA GLU A 27 -9.24 2.06 -3.91
C GLU A 27 -8.82 0.70 -4.48
N ASN A 28 -9.44 -0.37 -4.00
CA ASN A 28 -9.08 -1.72 -4.44
C ASN A 28 -9.42 -1.91 -5.91
N ALA A 29 -10.50 -1.29 -6.37
CA ALA A 29 -10.90 -1.40 -7.76
C ALA A 29 -9.96 -0.61 -8.66
N GLN A 30 -9.51 0.55 -8.16
CA GLN A 30 -8.55 1.36 -8.88
C GLN A 30 -7.23 0.60 -9.05
N LEU A 31 -6.73 0.04 -7.96
CA LEU A 31 -5.50 -0.73 -7.98
C LEU A 31 -5.68 -2.02 -8.79
N HIS A 32 -6.91 -2.48 -8.89
CA HIS A 32 -7.24 -3.63 -9.71
C HIS A 32 -7.19 -3.26 -11.19
N ALA A 33 -7.70 -2.07 -11.51
CA ALA A 33 -7.75 -1.60 -12.89
C ALA A 33 -6.35 -1.37 -13.44
N SER A 34 -5.43 -0.93 -12.58
CA SER A 34 -4.04 -0.76 -12.97
C SER A 34 -3.36 -2.13 -13.16
N GLY A 35 -3.96 -3.15 -12.56
CA GLY A 35 -3.41 -4.48 -12.67
C GLY A 35 -2.46 -4.81 -11.53
N TYR A 36 -2.38 -3.92 -10.55
CA TYR A 36 -1.44 -4.09 -9.46
C TYR A 36 -2.06 -4.85 -8.30
N TYR A 37 -3.34 -5.18 -8.43
CA TYR A 37 -4.02 -5.99 -7.42
C TYR A 37 -3.38 -7.38 -7.33
N ALA A 38 -2.85 -7.84 -8.45
CA ALA A 38 -2.17 -9.12 -8.52
C ALA A 38 -0.87 -9.09 -7.70
N LEU A 39 -0.32 -7.90 -7.55
CA LEU A 39 0.87 -7.70 -6.73
C LEU A 39 0.48 -7.58 -5.26
N PHE A 40 -0.64 -6.90 -5.03
CA PHE A 40 -1.15 -6.69 -3.68
C PHE A 40 -1.40 -8.02 -2.98
N VAL A 41 -2.08 -8.93 -3.64
CA VAL A 41 -2.40 -10.22 -3.05
C VAL A 41 -1.21 -11.19 -3.14
N ASP A 42 -0.12 -10.71 -3.71
CA ASP A 42 1.05 -11.55 -3.91
C ASP A 42 2.07 -11.36 -2.79
N THR A 43 2.62 -10.16 -2.70
CA THR A 43 3.70 -9.91 -1.76
C THR A 43 3.20 -9.42 -0.41
N VAL A 44 2.09 -8.68 -0.38
CA VAL A 44 1.64 -8.07 0.87
C VAL A 44 1.36 -9.12 1.95
N PRO A 45 0.50 -10.13 1.67
CA PRO A 45 0.24 -11.22 2.64
C PRO A 45 1.51 -11.98 3.01
N ASP A 46 2.44 -12.09 2.08
CA ASP A 46 3.70 -12.80 2.32
C ASP A 46 4.62 -11.96 3.21
N ASP A 47 4.71 -10.68 2.90
CA ASP A 47 5.50 -9.73 3.69
C ASP A 47 4.90 -9.60 5.09
N VAL A 48 3.57 -9.66 5.16
CA VAL A 48 2.87 -9.67 6.44
C VAL A 48 3.22 -10.94 7.23
N LYS A 49 3.23 -12.07 6.53
CA LYS A 49 3.63 -13.34 7.12
C LYS A 49 5.08 -13.25 7.58
N ARG A 50 5.90 -12.57 6.79
CA ARG A 50 7.28 -12.31 7.14
C ARG A 50 7.34 -11.50 8.43
N LEU A 51 6.54 -10.43 8.49
CA LEU A 51 6.45 -9.59 9.69
C LEU A 51 6.14 -10.45 10.92
N TYR A 52 5.18 -11.35 10.77
CA TYR A 52 4.84 -12.30 11.83
C TYR A 52 6.07 -13.11 12.24
N THR A 53 6.82 -13.54 11.24
CA THR A 53 7.96 -14.41 11.45
C THR A 53 9.12 -13.67 12.11
N GLU A 54 9.44 -12.47 11.61
CA GLU A 54 10.54 -11.68 12.15
C GLU A 54 10.19 -11.19 13.55
N ALA A 55 8.91 -10.94 13.79
CA ALA A 55 8.43 -10.55 15.11
C ALA A 55 8.68 -11.67 16.11
N ALA A 56 8.32 -12.89 15.72
CA ALA A 56 8.52 -14.06 16.57
C ALA A 56 10.00 -14.30 16.84
N THR A 57 10.84 -13.88 15.89
CA THR A 57 12.28 -14.04 16.04
C THR A 57 12.89 -12.87 16.81
N SER A 58 12.07 -11.85 17.06
CA SER A 58 12.49 -10.64 17.77
C SER A 58 13.59 -9.93 17.00
N ASP A 59 13.51 -10.04 15.68
CA ASP A 59 14.46 -9.39 14.80
C ASP A 59 13.89 -8.08 14.33
N PHE A 60 13.95 -7.09 15.22
CA PHE A 60 13.43 -5.76 14.96
C PHE A 60 14.10 -5.11 13.74
N ALA A 61 15.34 -5.47 13.47
CA ALA A 61 16.02 -4.99 12.28
C ALA A 61 15.32 -5.51 11.03
N ALA A 62 14.87 -6.75 11.09
CA ALA A 62 14.17 -7.38 9.99
C ALA A 62 12.75 -6.84 9.92
N LEU A 63 12.18 -6.58 11.09
CA LEU A 63 10.87 -5.95 11.19
C LEU A 63 10.88 -4.60 10.48
N ALA A 64 11.89 -3.79 10.77
CA ALA A 64 12.04 -2.48 10.13
C ALA A 64 12.25 -2.64 8.63
N GLN A 65 12.99 -3.66 8.25
CA GLN A 65 13.22 -3.95 6.84
C GLN A 65 11.91 -4.31 6.13
N THR A 66 11.12 -5.17 6.75
CA THR A 66 9.83 -5.58 6.18
C THR A 66 8.83 -4.42 6.22
N ALA A 67 8.92 -3.57 7.24
CA ALA A 67 8.10 -2.37 7.31
C ALA A 67 8.44 -1.43 6.17
N HIS A 68 9.74 -1.31 5.89
CA HIS A 68 10.22 -0.52 4.77
C HIS A 68 9.74 -1.14 3.45
N ARG A 69 9.63 -2.46 3.43
CA ARG A 69 9.12 -3.16 2.26
C ARG A 69 7.66 -2.79 2.00
N LEU A 70 6.85 -2.87 3.04
CA LEU A 70 5.43 -2.55 2.93
C LEU A 70 5.24 -1.07 2.63
N LYS A 71 6.03 -0.24 3.30
CA LYS A 71 6.03 1.19 3.04
C LYS A 71 6.34 1.46 1.57
N GLY A 72 7.34 0.75 1.06
CA GLY A 72 7.76 0.92 -0.31
C GLY A 72 6.75 0.43 -1.33
N VAL A 73 6.15 -0.74 -1.08
CA VAL A 73 5.20 -1.30 -2.02
C VAL A 73 3.91 -0.49 -2.06
N PHE A 74 3.45 -0.02 -0.90
CA PHE A 74 2.25 0.79 -0.83
C PHE A 74 2.50 2.16 -1.47
N ALA A 75 3.68 2.70 -1.23
CA ALA A 75 4.09 3.96 -1.87
C ALA A 75 4.16 3.79 -3.37
N MET A 76 4.52 2.59 -3.82
CA MET A 76 4.57 2.27 -5.25
C MET A 76 3.17 2.30 -5.84
N LEU A 77 2.22 1.69 -5.15
CA LEU A 77 0.82 1.67 -5.60
C LEU A 77 0.18 3.04 -5.35
N ASN A 78 0.91 3.90 -4.62
CA ASN A 78 0.48 5.27 -4.34
C ASN A 78 -0.57 5.27 -3.25
N LEU A 79 -0.56 4.22 -2.44
CA LEU A 79 -1.43 4.09 -1.30
C LEU A 79 -0.84 4.85 -0.11
N VAL A 80 -1.13 6.14 -0.05
CA VAL A 80 -0.56 7.01 0.97
C VAL A 80 -0.92 6.55 2.38
N PRO A 81 -2.23 6.37 2.71
CA PRO A 81 -2.65 5.88 4.03
C PRO A 81 -1.98 4.54 4.40
N GLY A 82 -1.84 3.67 3.41
CA GLY A 82 -1.20 2.39 3.66
C GLY A 82 0.26 2.54 3.99
N LYS A 83 0.96 3.35 3.20
CA LYS A 83 2.37 3.64 3.44
C LYS A 83 2.51 4.34 4.79
N GLN A 84 1.58 5.23 5.10
CA GLN A 84 1.57 5.95 6.37
C GLN A 84 1.42 5.00 7.55
N LEU A 85 0.61 3.96 7.37
CA LEU A 85 0.48 2.91 8.37
C LEU A 85 1.83 2.24 8.60
N CYS A 86 2.53 1.99 7.50
CA CYS A 86 3.86 1.40 7.57
C CYS A 86 4.86 2.37 8.20
N GLU A 87 4.63 3.67 8.01
CA GLU A 87 5.47 4.69 8.63
C GLU A 87 5.40 4.59 10.15
N THR A 88 4.17 4.57 10.67
CA THR A 88 3.95 4.45 12.10
C THR A 88 4.44 3.09 12.60
N LEU A 89 4.31 2.06 11.77
CA LEU A 89 4.83 0.74 12.10
C LEU A 89 6.35 0.81 12.27
N GLU A 90 7.01 1.43 11.31
CA GLU A 90 8.45 1.65 11.38
C GLU A 90 8.80 2.42 12.65
N HIS A 91 7.99 3.42 12.95
CA HIS A 91 8.15 4.24 14.15
C HIS A 91 7.99 3.38 15.40
N LEU A 92 7.04 2.45 15.38
CA LEU A 92 6.82 1.57 16.52
C LEU A 92 7.99 0.61 16.69
N ILE A 93 8.49 0.08 15.58
CA ILE A 93 9.65 -0.80 15.60
C ILE A 93 10.91 -0.05 16.02
N ARG A 94 11.08 1.16 15.50
CA ARG A 94 12.23 1.99 15.82
C ARG A 94 12.22 2.38 17.30
N GLU A 95 11.02 2.50 17.87
CA GLU A 95 10.89 2.87 19.28
C GLU A 95 10.87 1.61 20.15
N LYS A 96 10.88 0.45 19.48
CA LYS A 96 10.88 -0.85 20.12
C LYS A 96 9.64 -1.04 20.99
N ASP A 97 8.51 -0.59 20.48
CA ASP A 97 7.24 -0.73 21.17
C ASP A 97 6.54 -2.00 20.69
N VAL A 98 6.92 -3.14 21.27
CA VAL A 98 6.41 -4.45 20.86
C VAL A 98 4.88 -4.49 20.74
N PRO A 99 4.13 -4.11 21.80
CA PRO A 99 2.66 -4.13 21.77
C PRO A 99 2.08 -3.31 20.63
N GLY A 100 2.67 -2.15 20.39
CA GLY A 100 2.22 -1.30 19.30
C GLY A 100 2.50 -1.92 17.95
N ILE A 101 3.65 -2.58 17.84
CA ILE A 101 4.04 -3.23 16.60
C ILE A 101 3.01 -4.27 16.19
N GLU A 102 2.74 -5.23 17.07
CA GLU A 102 1.80 -6.30 16.75
C GLU A 102 0.38 -5.75 16.59
N LYS A 103 0.06 -4.70 17.35
CA LYS A 103 -1.23 -4.03 17.22
C LYS A 103 -1.41 -3.51 15.80
N TYR A 104 -0.40 -2.83 15.30
CA TYR A 104 -0.43 -2.29 13.96
C TYR A 104 -0.42 -3.40 12.92
N ILE A 105 0.23 -4.51 13.24
CA ILE A 105 0.20 -5.69 12.39
C ILE A 105 -1.25 -6.10 12.14
N SER A 106 -2.03 -6.19 13.22
CA SER A 106 -3.44 -6.54 13.11
C SER A 106 -4.23 -5.44 12.37
N ASP A 107 -3.81 -4.19 12.54
CA ASP A 107 -4.50 -3.07 11.89
C ASP A 107 -4.23 -3.06 10.39
N ILE A 108 -3.01 -3.42 10.01
CA ILE A 108 -2.68 -3.58 8.60
C ILE A 108 -3.38 -4.82 8.04
N ASP A 109 -3.54 -5.82 8.90
CA ASP A 109 -4.14 -7.07 8.50
C ASP A 109 -5.63 -6.88 8.27
N SER A 110 -6.22 -6.04 9.12
CA SER A 110 -7.62 -5.69 8.99
C SER A 110 -7.81 -4.73 7.80
N TYR A 111 -6.78 -3.95 7.51
CA TYR A 111 -6.78 -3.04 6.36
C TYR A 111 -6.83 -3.84 5.08
N VAL A 112 -5.86 -4.70 4.95
CA VAL A 112 -5.74 -5.59 3.83
C VAL A 112 -6.98 -6.48 3.74
N LYS A 113 -7.55 -6.81 4.91
CA LYS A 113 -8.78 -7.57 5.00
C LYS A 113 -9.94 -6.83 4.31
N SER A 114 -10.01 -5.51 4.51
CA SER A 114 -11.09 -4.72 3.91
C SER A 114 -10.81 -4.45 2.43
N LEU A 115 -9.54 -4.51 2.05
CA LEU A 115 -9.15 -4.30 0.65
C LEU A 115 -9.40 -5.56 -0.19
N LEU A 116 -9.36 -6.71 0.46
CA LEU A 116 -9.62 -7.98 -0.22
C LEU A 116 -11.11 -8.15 -0.44
N MET A 1 -41.76 2.98 -29.70
CA MET A 1 -41.40 3.41 -31.07
C MET A 1 -41.10 4.91 -31.06
N GLN A 2 -40.61 5.42 -32.20
CA GLN A 2 -40.30 6.84 -32.36
C GLN A 2 -39.10 7.26 -31.50
N GLU A 3 -37.99 7.53 -32.18
CA GLU A 3 -36.76 8.04 -31.56
C GLU A 3 -35.99 6.92 -30.87
N ALA A 4 -36.59 6.34 -29.84
CA ALA A 4 -35.95 5.29 -29.08
C ALA A 4 -36.58 3.94 -29.38
N VAL A 5 -36.42 3.47 -30.60
CA VAL A 5 -36.97 2.18 -31.01
C VAL A 5 -35.94 1.09 -30.74
N LEU A 6 -34.79 1.23 -31.39
CA LEU A 6 -33.69 0.29 -31.26
C LEU A 6 -32.37 1.03 -31.29
N GLN A 7 -31.84 1.36 -30.12
CA GLN A 7 -30.61 2.12 -30.03
C GLN A 7 -29.42 1.21 -29.85
N LEU A 8 -28.23 1.72 -30.17
CA LEU A 8 -27.00 1.01 -29.94
C LEU A 8 -26.54 1.22 -28.50
N ILE A 9 -26.56 2.49 -28.10
CA ILE A 9 -26.28 2.88 -26.73
C ILE A 9 -27.08 4.13 -26.41
N GLU A 10 -26.43 5.16 -25.88
CA GLU A 10 -27.11 6.40 -25.55
C GLU A 10 -26.46 7.58 -26.26
N VAL A 11 -25.21 7.87 -25.92
CA VAL A 11 -24.55 9.07 -26.40
C VAL A 11 -23.73 8.77 -27.65
N GLN A 12 -23.91 7.56 -28.17
CA GLN A 12 -23.27 7.11 -29.39
C GLN A 12 -21.74 7.16 -29.27
N LEU A 13 -21.24 6.90 -28.06
CA LEU A 13 -19.80 6.85 -27.78
C LEU A 13 -19.15 8.22 -27.87
N ALA A 14 -19.91 9.22 -28.29
CA ALA A 14 -19.39 10.58 -28.45
C ALA A 14 -19.44 11.33 -27.12
N GLN A 15 -18.88 10.72 -26.10
CA GLN A 15 -18.86 11.32 -24.77
C GLN A 15 -17.50 11.11 -24.14
N GLU A 16 -16.70 12.16 -24.09
CA GLU A 16 -15.39 12.08 -23.45
C GLU A 16 -15.52 12.41 -21.98
N GLU A 17 -15.22 11.42 -21.15
CA GLU A 17 -15.38 11.55 -19.72
C GLU A 17 -14.17 10.96 -19.01
N VAL A 18 -13.08 11.73 -19.01
CA VAL A 18 -11.90 11.33 -18.28
C VAL A 18 -12.12 11.51 -16.78
N THR A 19 -12.50 10.43 -16.12
CA THR A 19 -12.77 10.48 -14.69
C THR A 19 -11.77 9.61 -13.95
N GLU A 20 -10.89 10.25 -13.20
CA GLU A 20 -9.87 9.55 -12.43
C GLU A 20 -10.42 9.15 -11.08
N SER A 21 -9.58 8.51 -10.28
CA SER A 21 -9.99 8.10 -8.94
C SER A 21 -9.26 8.93 -7.90
N PRO A 22 -9.97 9.87 -7.26
CA PRO A 22 -9.42 10.71 -6.19
C PRO A 22 -8.79 9.86 -5.08
N LEU A 23 -7.70 10.35 -4.53
CA LEU A 23 -6.97 9.65 -3.47
C LEU A 23 -7.83 9.55 -2.22
N GLY A 24 -8.32 8.36 -1.93
CA GLY A 24 -9.19 8.16 -0.80
C GLY A 24 -10.63 7.96 -1.23
N GLY A 25 -10.81 7.30 -2.36
CA GLY A 25 -12.13 7.11 -2.92
C GLY A 25 -12.34 5.72 -3.47
N ASP A 26 -11.61 5.38 -4.53
CA ASP A 26 -11.77 4.07 -5.18
C ASP A 26 -10.41 3.47 -5.51
N GLU A 27 -9.68 3.13 -4.46
CA GLU A 27 -8.34 2.57 -4.61
C GLU A 27 -8.39 1.16 -5.17
N ASN A 28 -9.45 0.43 -4.84
CA ASN A 28 -9.59 -0.96 -5.25
C ASN A 28 -9.66 -1.06 -6.78
N ALA A 29 -10.55 -0.29 -7.38
CA ALA A 29 -10.72 -0.34 -8.83
C ALA A 29 -9.45 0.14 -9.51
N GLN A 30 -8.80 1.14 -8.92
CA GLN A 30 -7.55 1.67 -9.46
C GLN A 30 -6.45 0.61 -9.41
N LEU A 31 -6.33 -0.05 -8.27
CA LEU A 31 -5.33 -1.09 -8.08
C LEU A 31 -5.61 -2.28 -8.99
N HIS A 32 -6.88 -2.50 -9.28
CA HIS A 32 -7.28 -3.57 -10.17
C HIS A 32 -6.94 -3.22 -11.61
N ALA A 33 -7.22 -1.98 -12.00
CA ALA A 33 -7.00 -1.51 -13.36
C ALA A 33 -5.52 -1.42 -13.70
N SER A 34 -4.70 -1.14 -12.70
CA SER A 34 -3.25 -1.02 -12.91
C SER A 34 -2.60 -2.38 -13.06
N GLY A 35 -3.35 -3.43 -12.71
CA GLY A 35 -2.83 -4.78 -12.80
C GLY A 35 -1.99 -5.15 -11.60
N TYR A 36 -1.84 -4.22 -10.66
CA TYR A 36 -1.01 -4.45 -9.49
C TYR A 36 -1.79 -5.16 -8.40
N TYR A 37 -3.02 -5.53 -8.72
CA TYR A 37 -3.88 -6.29 -7.81
C TYR A 37 -3.19 -7.60 -7.41
N ALA A 38 -2.40 -8.15 -8.34
CA ALA A 38 -1.67 -9.38 -8.10
C ALA A 38 -0.73 -9.24 -6.91
N LEU A 39 -0.03 -8.11 -6.84
CA LEU A 39 0.93 -7.86 -5.77
C LEU A 39 0.22 -7.79 -4.41
N PHE A 40 -0.99 -7.25 -4.45
CA PHE A 40 -1.78 -7.02 -3.24
C PHE A 40 -2.08 -8.33 -2.50
N VAL A 41 -2.42 -9.37 -3.24
CA VAL A 41 -2.77 -10.66 -2.63
C VAL A 41 -1.64 -11.66 -2.76
N ASP A 42 -0.45 -11.18 -3.12
CA ASP A 42 0.70 -12.05 -3.25
C ASP A 42 1.74 -11.76 -2.18
N THR A 43 2.44 -10.65 -2.33
CA THR A 43 3.55 -10.34 -1.44
C THR A 43 3.08 -9.63 -0.17
N VAL A 44 1.92 -8.98 -0.23
CA VAL A 44 1.46 -8.17 0.92
C VAL A 44 1.13 -9.07 2.13
N PRO A 45 0.21 -10.04 1.99
CA PRO A 45 -0.16 -10.92 3.11
C PRO A 45 1.02 -11.77 3.57
N ASP A 46 1.83 -12.21 2.63
CA ASP A 46 2.97 -13.07 2.94
C ASP A 46 4.08 -12.28 3.63
N ASP A 47 4.22 -11.00 3.26
CA ASP A 47 5.18 -10.12 3.91
C ASP A 47 4.77 -9.88 5.35
N VAL A 48 3.47 -9.74 5.58
CA VAL A 48 2.93 -9.63 6.92
C VAL A 48 3.27 -10.88 7.74
N LYS A 49 3.09 -12.04 7.10
CA LYS A 49 3.46 -13.31 7.72
C LYS A 49 4.96 -13.32 8.05
N ARG A 50 5.76 -12.87 7.10
CA ARG A 50 7.20 -12.77 7.29
C ARG A 50 7.52 -11.85 8.46
N LEU A 51 6.88 -10.68 8.49
CA LEU A 51 7.06 -9.72 9.58
C LEU A 51 6.77 -10.37 10.93
N TYR A 52 5.67 -11.12 10.99
CA TYR A 52 5.30 -11.83 12.21
C TYR A 52 6.36 -12.87 12.57
N THR A 53 6.99 -13.43 11.55
CA THR A 53 8.05 -14.42 11.74
C THR A 53 9.31 -13.77 12.30
N GLU A 54 9.67 -12.60 11.76
CA GLU A 54 10.81 -11.85 12.28
C GLU A 54 10.55 -11.42 13.71
N ALA A 55 9.29 -11.07 14.00
CA ALA A 55 8.89 -10.66 15.34
C ALA A 55 9.06 -11.80 16.34
N ALA A 56 8.72 -13.02 15.90
CA ALA A 56 8.86 -14.21 16.74
C ALA A 56 10.33 -14.52 17.02
N THR A 57 11.21 -13.93 16.23
CA THR A 57 12.64 -14.11 16.40
C THR A 57 13.28 -12.81 16.94
N SER A 58 12.43 -11.84 17.26
CA SER A 58 12.85 -10.54 17.78
C SER A 58 13.85 -9.88 16.84
N ASP A 59 13.68 -10.13 15.55
CA ASP A 59 14.54 -9.55 14.54
C ASP A 59 13.99 -8.20 14.12
N PHE A 60 14.14 -7.23 15.00
CA PHE A 60 13.67 -5.88 14.75
C PHE A 60 14.40 -5.24 13.57
N ALA A 61 15.61 -5.70 13.29
CA ALA A 61 16.33 -5.24 12.11
C ALA A 61 15.58 -5.65 10.85
N ALA A 62 15.07 -6.88 10.86
CA ALA A 62 14.31 -7.39 9.73
C ALA A 62 12.92 -6.78 9.73
N LEU A 63 12.40 -6.53 10.92
CA LEU A 63 11.12 -5.86 11.09
C LEU A 63 11.14 -4.50 10.38
N ALA A 64 12.14 -3.69 10.70
CA ALA A 64 12.30 -2.38 10.09
C ALA A 64 12.48 -2.50 8.58
N GLN A 65 13.31 -3.44 8.15
CA GLN A 65 13.57 -3.65 6.74
C GLN A 65 12.29 -4.01 5.98
N THR A 66 11.51 -4.93 6.52
CA THR A 66 10.27 -5.35 5.89
C THR A 66 9.24 -4.22 5.93
N ALA A 67 9.19 -3.50 7.03
CA ALA A 67 8.26 -2.37 7.17
C ALA A 67 8.64 -1.25 6.19
N HIS A 68 9.94 -1.15 5.91
CA HIS A 68 10.43 -0.21 4.91
C HIS A 68 9.98 -0.64 3.53
N ARG A 69 10.18 -1.92 3.23
CA ARG A 69 9.76 -2.48 1.96
C ARG A 69 8.26 -2.31 1.78
N LEU A 70 7.49 -2.65 2.81
CA LEU A 70 6.03 -2.56 2.76
C LEU A 70 5.58 -1.12 2.52
N LYS A 71 6.29 -0.19 3.14
CA LYS A 71 6.06 1.23 2.91
C LYS A 71 6.16 1.54 1.42
N GLY A 72 7.21 1.02 0.79
CA GLY A 72 7.43 1.26 -0.61
C GLY A 72 6.33 0.70 -1.50
N VAL A 73 5.86 -0.49 -1.18
CA VAL A 73 4.81 -1.13 -1.97
C VAL A 73 3.53 -0.32 -1.92
N PHE A 74 3.09 0.04 -0.71
CA PHE A 74 1.83 0.76 -0.55
C PHE A 74 1.92 2.15 -1.17
N ALA A 75 3.05 2.80 -1.03
CA ALA A 75 3.27 4.11 -1.64
C ALA A 75 3.13 4.02 -3.15
N MET A 76 3.65 2.94 -3.73
CA MET A 76 3.56 2.72 -5.17
C MET A 76 2.20 2.12 -5.53
N LEU A 77 1.50 1.61 -4.53
CA LEU A 77 0.16 1.06 -4.72
C LEU A 77 -0.88 2.15 -4.48
N ASN A 78 -0.39 3.35 -4.14
CA ASN A 78 -1.23 4.54 -3.99
C ASN A 78 -2.05 4.44 -2.72
N LEU A 79 -1.64 3.53 -1.85
CA LEU A 79 -2.30 3.30 -0.59
C LEU A 79 -1.69 4.20 0.48
N VAL A 80 -2.06 5.47 0.42
CA VAL A 80 -1.50 6.50 1.31
C VAL A 80 -1.68 6.13 2.79
N PRO A 81 -2.92 5.87 3.26
CA PRO A 81 -3.16 5.51 4.66
C PRO A 81 -2.40 4.24 5.06
N GLY A 82 -2.31 3.29 4.13
CA GLY A 82 -1.55 2.08 4.38
C GLY A 82 -0.07 2.34 4.52
N LYS A 83 0.45 3.19 3.63
CA LYS A 83 1.85 3.60 3.70
C LYS A 83 2.10 4.35 5.00
N GLN A 84 1.15 5.18 5.39
CA GLN A 84 1.24 5.93 6.64
C GLN A 84 1.26 4.98 7.84
N LEU A 85 0.51 3.88 7.72
CA LEU A 85 0.54 2.85 8.73
C LEU A 85 1.94 2.26 8.84
N CYS A 86 2.55 2.03 7.68
CA CYS A 86 3.91 1.51 7.62
C CYS A 86 4.92 2.54 8.16
N GLU A 87 4.59 3.82 8.06
CA GLU A 87 5.42 4.88 8.62
C GLU A 87 5.41 4.78 10.14
N THR A 88 4.21 4.77 10.71
CA THR A 88 4.03 4.67 12.15
C THR A 88 4.58 3.35 12.67
N LEU A 89 4.40 2.29 11.89
CA LEU A 89 4.92 0.98 12.24
C LEU A 89 6.44 1.02 12.42
N GLU A 90 7.13 1.58 11.43
CA GLU A 90 8.59 1.69 11.48
C GLU A 90 9.03 2.46 12.71
N HIS A 91 8.31 3.54 13.03
CA HIS A 91 8.60 4.35 14.21
C HIS A 91 8.41 3.54 15.49
N LEU A 92 7.39 2.68 15.51
CA LEU A 92 7.12 1.86 16.67
C LEU A 92 8.14 0.72 16.78
N ILE A 93 8.68 0.31 15.63
CA ILE A 93 9.70 -0.71 15.61
C ILE A 93 11.03 -0.13 16.10
N ARG A 94 11.29 1.09 15.66
CA ARG A 94 12.47 1.82 16.08
C ARG A 94 12.41 2.10 17.59
N GLU A 95 11.21 2.39 18.08
CA GLU A 95 10.98 2.61 19.50
C GLU A 95 10.85 1.28 20.24
N LYS A 96 10.98 0.19 19.47
CA LYS A 96 10.98 -1.17 20.02
C LYS A 96 9.75 -1.43 20.89
N ASP A 97 8.58 -1.09 20.36
CA ASP A 97 7.34 -1.33 21.08
C ASP A 97 6.59 -2.49 20.44
N VAL A 98 6.91 -3.69 20.91
CA VAL A 98 6.34 -4.93 20.35
C VAL A 98 4.81 -4.90 20.27
N PRO A 99 4.11 -4.62 21.39
CA PRO A 99 2.64 -4.56 21.39
C PRO A 99 2.10 -3.58 20.35
N GLY A 100 2.77 -2.44 20.22
CA GLY A 100 2.39 -1.47 19.22
C GLY A 100 2.59 -2.00 17.82
N ILE A 101 3.73 -2.64 17.60
CA ILE A 101 4.05 -3.24 16.32
C ILE A 101 2.99 -4.27 15.92
N GLU A 102 2.74 -5.22 16.80
CA GLU A 102 1.79 -6.29 16.53
C GLU A 102 0.41 -5.73 16.20
N LYS A 103 -0.02 -4.76 17.00
CA LYS A 103 -1.33 -4.15 16.84
C LYS A 103 -1.47 -3.48 15.48
N TYR A 104 -0.41 -2.80 15.05
CA TYR A 104 -0.43 -2.09 13.79
C TYR A 104 -0.36 -3.06 12.61
N ILE A 105 0.32 -4.18 12.81
CA ILE A 105 0.37 -5.22 11.77
C ILE A 105 -1.03 -5.76 11.49
N SER A 106 -1.77 -6.07 12.56
CA SER A 106 -3.14 -6.54 12.39
C SER A 106 -4.02 -5.42 11.84
N ASP A 107 -3.66 -4.18 12.14
CA ASP A 107 -4.34 -3.00 11.57
C ASP A 107 -4.10 -2.93 10.06
N ILE A 108 -2.92 -3.33 9.64
CA ILE A 108 -2.60 -3.46 8.23
C ILE A 108 -3.39 -4.62 7.61
N ASP A 109 -3.63 -5.65 8.42
CA ASP A 109 -4.34 -6.83 7.95
C ASP A 109 -5.81 -6.50 7.75
N SER A 110 -6.35 -5.77 8.71
CA SER A 110 -7.73 -5.33 8.64
C SER A 110 -7.89 -4.32 7.50
N TYR A 111 -6.83 -3.55 7.26
CA TYR A 111 -6.77 -2.61 6.13
C TYR A 111 -6.99 -3.36 4.83
N VAL A 112 -6.11 -4.32 4.64
CA VAL A 112 -6.07 -5.14 3.45
C VAL A 112 -7.35 -5.97 3.33
N LYS A 113 -7.86 -6.42 4.48
CA LYS A 113 -9.10 -7.17 4.55
C LYS A 113 -10.24 -6.39 3.89
N SER A 114 -10.41 -5.13 4.31
CA SER A 114 -11.49 -4.31 3.78
C SER A 114 -11.28 -3.95 2.31
N LEU A 115 -10.02 -3.79 1.92
CA LEU A 115 -9.69 -3.40 0.55
C LEU A 115 -9.94 -4.54 -0.44
N LEU A 116 -9.79 -5.78 0.03
CA LEU A 116 -10.04 -6.95 -0.80
C LEU A 116 -11.51 -7.10 -1.12
N MET A 1 -13.61 14.44 -62.19
CA MET A 1 -14.02 13.75 -60.95
C MET A 1 -14.85 12.51 -61.28
N GLN A 2 -14.17 11.43 -61.63
CA GLN A 2 -14.85 10.21 -62.03
C GLN A 2 -14.52 9.06 -61.08
N GLU A 3 -13.56 8.21 -61.46
CA GLU A 3 -13.23 7.00 -60.72
C GLU A 3 -12.89 7.29 -59.27
N ALA A 4 -12.10 8.33 -59.04
CA ALA A 4 -11.62 8.64 -57.69
C ALA A 4 -12.66 9.43 -56.91
N VAL A 5 -13.56 10.10 -57.63
CA VAL A 5 -14.54 10.99 -57.02
C VAL A 5 -13.86 11.95 -56.03
N LEU A 6 -14.08 11.73 -54.75
CA LEU A 6 -13.40 12.50 -53.72
C LEU A 6 -13.03 11.58 -52.55
N GLN A 7 -14.05 11.11 -51.84
CA GLN A 7 -13.88 10.18 -50.74
C GLN A 7 -15.21 9.53 -50.42
N LEU A 8 -15.95 10.15 -49.50
CA LEU A 8 -17.29 9.71 -49.14
C LEU A 8 -17.95 10.82 -48.33
N ILE A 9 -17.69 10.83 -47.04
CA ILE A 9 -18.15 11.89 -46.17
C ILE A 9 -16.97 12.79 -45.82
N GLU A 10 -16.15 12.32 -44.87
CA GLU A 10 -14.94 13.02 -44.48
C GLU A 10 -14.14 12.19 -43.49
N VAL A 11 -14.83 11.60 -42.52
CA VAL A 11 -14.17 10.87 -41.44
C VAL A 11 -15.14 9.90 -40.81
N GLN A 12 -14.89 8.62 -41.00
CA GLN A 12 -15.67 7.58 -40.36
C GLN A 12 -14.78 6.70 -39.50
N LEU A 13 -15.09 6.61 -38.22
CA LEU A 13 -14.30 5.83 -37.27
C LEU A 13 -12.88 6.37 -37.18
N ALA A 14 -12.75 7.68 -37.31
CA ALA A 14 -11.44 8.33 -37.32
C ALA A 14 -11.38 9.48 -36.34
N GLN A 15 -12.46 10.23 -36.23
CA GLN A 15 -12.49 11.41 -35.38
C GLN A 15 -13.00 11.07 -33.99
N GLU A 16 -12.14 10.51 -33.16
CA GLU A 16 -12.50 10.19 -31.79
C GLU A 16 -11.42 10.62 -30.81
N GLU A 17 -11.72 10.43 -29.54
CA GLU A 17 -10.83 10.77 -28.43
C GLU A 17 -11.62 10.68 -27.13
N VAL A 18 -10.93 10.59 -26.00
CA VAL A 18 -11.60 10.45 -24.72
C VAL A 18 -10.65 10.77 -23.56
N THR A 19 -11.21 11.27 -22.47
CA THR A 19 -10.45 11.56 -21.27
C THR A 19 -11.37 11.57 -20.06
N GLU A 20 -10.84 11.19 -18.91
CA GLU A 20 -11.60 11.14 -17.67
C GLU A 20 -10.65 11.05 -16.47
N SER A 21 -11.17 11.29 -15.27
CA SER A 21 -10.35 11.24 -14.06
C SER A 21 -11.24 11.08 -12.82
N PRO A 22 -11.32 9.85 -12.29
CA PRO A 22 -12.02 9.58 -11.05
C PRO A 22 -11.13 9.81 -9.82
N LEU A 23 -10.83 8.74 -9.09
CA LEU A 23 -9.87 8.78 -7.97
C LEU A 23 -10.34 9.71 -6.85
N GLY A 24 -11.20 9.19 -5.99
CA GLY A 24 -11.65 9.95 -4.84
C GLY A 24 -11.22 9.31 -3.54
N GLY A 25 -11.69 8.09 -3.32
CA GLY A 25 -11.31 7.33 -2.15
C GLY A 25 -11.29 5.86 -2.48
N ASP A 26 -11.33 5.58 -3.76
CA ASP A 26 -11.42 4.23 -4.29
C ASP A 26 -10.03 3.63 -4.48
N GLU A 27 -9.35 3.37 -3.36
CA GLU A 27 -8.02 2.79 -3.39
C GLU A 27 -8.06 1.41 -4.03
N ASN A 28 -9.10 0.65 -3.72
CA ASN A 28 -9.28 -0.69 -4.26
C ASN A 28 -9.47 -0.63 -5.76
N ALA A 29 -10.31 0.29 -6.21
CA ALA A 29 -10.57 0.48 -7.63
C ALA A 29 -9.32 0.97 -8.33
N GLN A 30 -8.62 1.91 -7.72
CA GLN A 30 -7.37 2.45 -8.25
C GLN A 30 -6.33 1.34 -8.41
N LEU A 31 -6.20 0.52 -7.37
CA LEU A 31 -5.24 -0.58 -7.36
C LEU A 31 -5.62 -1.63 -8.40
N HIS A 32 -6.92 -1.77 -8.64
CA HIS A 32 -7.42 -2.71 -9.63
C HIS A 32 -7.26 -2.16 -11.05
N ALA A 33 -7.53 -0.88 -11.22
CA ALA A 33 -7.45 -0.24 -12.53
C ALA A 33 -6.02 -0.23 -13.05
N SER A 34 -5.07 -0.07 -12.14
CA SER A 34 -3.66 -0.08 -12.52
C SER A 34 -3.23 -1.50 -12.90
N GLY A 35 -3.82 -2.48 -12.23
CA GLY A 35 -3.55 -3.87 -12.55
C GLY A 35 -2.59 -4.51 -11.58
N TYR A 36 -1.98 -3.69 -10.74
CA TYR A 36 -0.95 -4.17 -9.81
C TYR A 36 -1.58 -4.83 -8.58
N TYR A 37 -2.84 -5.24 -8.72
CA TYR A 37 -3.54 -5.97 -7.67
C TYR A 37 -2.83 -7.28 -7.37
N ALA A 38 -2.21 -7.85 -8.39
CA ALA A 38 -1.49 -9.10 -8.25
C ALA A 38 -0.38 -8.98 -7.22
N LEU A 39 0.31 -7.83 -7.23
CA LEU A 39 1.40 -7.57 -6.28
C LEU A 39 0.85 -7.52 -4.86
N PHE A 40 -0.30 -6.89 -4.71
CA PHE A 40 -0.93 -6.72 -3.41
C PHE A 40 -1.34 -8.06 -2.80
N VAL A 41 -1.88 -8.94 -3.62
CA VAL A 41 -2.35 -10.22 -3.13
C VAL A 41 -1.27 -11.31 -3.22
N ASP A 42 -0.04 -10.89 -3.50
CA ASP A 42 1.07 -11.82 -3.58
C ASP A 42 2.06 -11.59 -2.44
N THR A 43 2.72 -10.44 -2.44
CA THR A 43 3.78 -10.19 -1.49
C THR A 43 3.23 -9.74 -0.13
N VAL A 44 2.13 -8.99 -0.13
CA VAL A 44 1.63 -8.38 1.11
C VAL A 44 1.29 -9.43 2.17
N PRO A 45 0.46 -10.45 1.86
CA PRO A 45 0.13 -11.52 2.81
C PRO A 45 1.39 -12.24 3.34
N ASP A 46 2.34 -12.48 2.46
CA ASP A 46 3.57 -13.19 2.82
C ASP A 46 4.48 -12.29 3.66
N ASP A 47 4.58 -11.03 3.28
CA ASP A 47 5.39 -10.06 4.00
C ASP A 47 4.85 -9.86 5.41
N VAL A 48 3.54 -9.76 5.53
CA VAL A 48 2.89 -9.64 6.83
C VAL A 48 3.14 -10.90 7.67
N LYS A 49 3.03 -12.06 7.06
CA LYS A 49 3.28 -13.32 7.73
C LYS A 49 4.73 -13.42 8.19
N ARG A 50 5.65 -13.05 7.32
CA ARG A 50 7.08 -13.06 7.65
C ARG A 50 7.36 -12.09 8.79
N LEU A 51 6.68 -10.94 8.76
CA LEU A 51 6.77 -9.96 9.85
C LEU A 51 6.39 -10.63 11.17
N TYR A 52 5.30 -11.39 11.14
CA TYR A 52 4.83 -12.13 12.30
C TYR A 52 5.90 -13.12 12.78
N THR A 53 6.48 -13.83 11.83
CA THR A 53 7.46 -14.87 12.12
C THR A 53 8.71 -14.28 12.76
N GLU A 54 9.19 -13.18 12.20
CA GLU A 54 10.41 -12.56 12.68
C GLU A 54 10.14 -11.76 13.97
N ALA A 55 8.89 -11.33 14.15
CA ALA A 55 8.50 -10.68 15.39
C ALA A 55 8.62 -11.66 16.54
N ALA A 56 8.24 -12.91 16.27
CA ALA A 56 8.36 -13.99 17.24
C ALA A 56 9.82 -14.22 17.62
N THR A 57 10.71 -14.03 16.66
CA THR A 57 12.14 -14.21 16.90
C THR A 57 12.76 -12.93 17.47
N SER A 58 11.95 -11.87 17.59
CA SER A 58 12.42 -10.58 18.09
C SER A 58 13.45 -9.98 17.15
N ASP A 59 13.34 -10.33 15.88
CA ASP A 59 14.24 -9.82 14.86
C ASP A 59 13.75 -8.47 14.35
N PHE A 60 13.90 -7.45 15.17
CA PHE A 60 13.43 -6.12 14.85
C PHE A 60 14.16 -5.53 13.65
N ALA A 61 15.36 -6.02 13.37
CA ALA A 61 16.09 -5.59 12.19
C ALA A 61 15.37 -6.07 10.93
N ALA A 62 14.84 -7.30 10.99
CA ALA A 62 14.11 -7.86 9.88
C ALA A 62 12.73 -7.24 9.82
N LEU A 63 12.19 -6.95 10.99
CA LEU A 63 10.91 -6.24 11.10
C LEU A 63 10.99 -4.90 10.38
N ALA A 64 12.05 -4.16 10.64
CA ALA A 64 12.27 -2.87 9.99
C ALA A 64 12.41 -3.03 8.49
N GLN A 65 13.15 -4.05 8.06
CA GLN A 65 13.34 -4.32 6.63
C GLN A 65 12.01 -4.60 5.95
N THR A 66 11.19 -5.45 6.57
CA THR A 66 9.90 -5.81 6.01
C THR A 66 8.93 -4.62 6.06
N ALA A 67 8.98 -3.84 7.13
CA ALA A 67 8.16 -2.64 7.25
C ALA A 67 8.55 -1.62 6.19
N HIS A 68 9.85 -1.55 5.93
CA HIS A 68 10.40 -0.68 4.88
C HIS A 68 9.90 -1.15 3.52
N ARG A 69 9.84 -2.46 3.34
CA ARG A 69 9.35 -3.06 2.10
C ARG A 69 7.87 -2.73 1.91
N LEU A 70 7.09 -2.87 2.98
CA LEU A 70 5.66 -2.59 2.93
C LEU A 70 5.42 -1.12 2.64
N LYS A 71 6.19 -0.25 3.29
CA LYS A 71 6.13 1.18 3.04
C LYS A 71 6.36 1.46 1.55
N GLY A 72 7.34 0.79 0.97
CA GLY A 72 7.65 0.97 -0.43
C GLY A 72 6.51 0.60 -1.35
N VAL A 73 5.94 -0.59 -1.17
CA VAL A 73 4.87 -1.06 -2.06
C VAL A 73 3.60 -0.22 -1.89
N PHE A 74 3.29 0.16 -0.66
CA PHE A 74 2.11 0.99 -0.39
C PHE A 74 2.29 2.36 -1.03
N ALA A 75 3.49 2.91 -0.92
CA ALA A 75 3.82 4.18 -1.55
C ALA A 75 3.80 4.06 -3.07
N MET A 76 4.24 2.90 -3.56
CA MET A 76 4.29 2.64 -5.00
C MET A 76 2.90 2.59 -5.60
N LEU A 77 1.97 1.94 -4.90
CA LEU A 77 0.59 1.86 -5.36
C LEU A 77 -0.18 3.11 -4.91
N ASN A 78 0.45 3.89 -4.05
CA ASN A 78 -0.12 5.11 -3.50
C ASN A 78 -1.38 4.82 -2.70
N LEU A 79 -1.30 3.76 -1.92
CA LEU A 79 -2.37 3.40 -1.01
C LEU A 79 -2.24 4.23 0.26
N VAL A 80 -2.77 5.45 0.20
CA VAL A 80 -2.54 6.47 1.24
C VAL A 80 -2.69 5.95 2.67
N PRO A 81 -3.89 5.46 3.08
CA PRO A 81 -4.12 4.98 4.45
C PRO A 81 -3.14 3.87 4.84
N GLY A 82 -2.94 2.93 3.92
CA GLY A 82 -2.04 1.82 4.16
C GLY A 82 -0.59 2.26 4.24
N LYS A 83 -0.23 3.22 3.39
CA LYS A 83 1.13 3.75 3.39
C LYS A 83 1.41 4.52 4.66
N GLN A 84 0.40 5.23 5.16
CA GLN A 84 0.51 5.94 6.43
C GLN A 84 0.68 4.92 7.56
N LEU A 85 0.01 3.78 7.43
CA LEU A 85 0.08 2.72 8.42
C LEU A 85 1.50 2.17 8.54
N CYS A 86 2.11 1.85 7.41
CA CYS A 86 3.46 1.29 7.41
C CYS A 86 4.49 2.35 7.79
N GLU A 87 4.16 3.61 7.53
CA GLU A 87 5.01 4.72 7.96
C GLU A 87 5.14 4.73 9.47
N THR A 88 4.00 4.74 10.15
CA THR A 88 3.99 4.72 11.61
C THR A 88 4.52 3.39 12.13
N LEU A 89 4.24 2.31 11.40
CA LEU A 89 4.77 0.99 11.74
C LEU A 89 6.30 1.03 11.77
N GLU A 90 6.89 1.55 10.70
CA GLU A 90 8.35 1.66 10.61
C GLU A 90 8.90 2.45 11.79
N HIS A 91 8.21 3.52 12.14
CA HIS A 91 8.60 4.33 13.30
C HIS A 91 8.45 3.53 14.59
N LEU A 92 7.39 2.73 14.69
CA LEU A 92 7.15 1.95 15.88
C LEU A 92 8.18 0.83 16.01
N ILE A 93 8.67 0.35 14.87
CA ILE A 93 9.73 -0.66 14.86
C ILE A 93 11.02 -0.03 15.38
N ARG A 94 11.28 1.18 14.91
CA ARG A 94 12.47 1.92 15.32
C ARG A 94 12.43 2.24 16.81
N GLU A 95 11.23 2.49 17.34
CA GLU A 95 11.06 2.81 18.75
C GLU A 95 10.90 1.54 19.58
N LYS A 96 10.77 0.41 18.90
CA LYS A 96 10.58 -0.88 19.54
C LYS A 96 9.33 -0.90 20.41
N ASP A 97 8.27 -0.31 19.90
CA ASP A 97 6.98 -0.33 20.57
C ASP A 97 6.25 -1.61 20.23
N VAL A 98 6.56 -2.67 20.97
CA VAL A 98 6.01 -4.00 20.69
C VAL A 98 4.49 -3.98 20.52
N PRO A 99 3.73 -3.46 21.52
CA PRO A 99 2.27 -3.37 21.42
C PRO A 99 1.82 -2.59 20.18
N GLY A 100 2.48 -1.46 19.92
CA GLY A 100 2.17 -0.67 18.75
C GLY A 100 2.47 -1.42 17.47
N ILE A 101 3.61 -2.08 17.46
CA ILE A 101 4.01 -2.90 16.32
C ILE A 101 2.96 -3.97 16.04
N GLU A 102 2.59 -4.70 17.08
CA GLU A 102 1.58 -5.75 16.98
C GLU A 102 0.28 -5.16 16.44
N LYS A 103 -0.15 -4.05 17.02
CA LYS A 103 -1.40 -3.40 16.61
C LYS A 103 -1.33 -2.95 15.15
N TYR A 104 -0.26 -2.27 14.79
CA TYR A 104 -0.15 -1.71 13.44
C TYR A 104 0.07 -2.79 12.39
N ILE A 105 0.80 -3.84 12.76
CA ILE A 105 0.97 -4.98 11.87
C ILE A 105 -0.40 -5.61 11.59
N SER A 106 -1.20 -5.75 12.64
CA SER A 106 -2.54 -6.28 12.49
C SER A 106 -3.43 -5.31 11.72
N ASP A 107 -3.17 -4.01 11.87
CA ASP A 107 -3.94 -2.99 11.19
C ASP A 107 -3.65 -3.00 9.70
N ILE A 108 -2.40 -3.23 9.33
CA ILE A 108 -2.02 -3.37 7.93
C ILE A 108 -2.59 -4.68 7.38
N ASP A 109 -2.61 -5.70 8.21
CA ASP A 109 -3.09 -7.01 7.80
C ASP A 109 -4.58 -6.97 7.64
N SER A 110 -5.24 -6.32 8.59
CA SER A 110 -6.68 -6.15 8.53
C SER A 110 -7.06 -5.29 7.34
N TYR A 111 -6.15 -4.40 6.94
CA TYR A 111 -6.31 -3.64 5.70
C TYR A 111 -6.48 -4.62 4.55
N VAL A 112 -5.54 -5.54 4.45
CA VAL A 112 -5.63 -6.59 3.43
C VAL A 112 -6.84 -7.50 3.69
N LYS A 113 -7.19 -7.67 4.96
CA LYS A 113 -8.33 -8.51 5.35
C LYS A 113 -9.66 -7.89 4.93
N SER A 114 -9.68 -6.58 4.70
CA SER A 114 -10.87 -5.94 4.18
C SER A 114 -10.86 -5.93 2.66
N LEU A 115 -9.66 -5.88 2.09
CA LEU A 115 -9.50 -5.83 0.64
C LEU A 115 -9.68 -7.22 0.01
N LEU A 116 -8.97 -8.21 0.52
CA LEU A 116 -9.00 -9.54 -0.06
C LEU A 116 -9.51 -10.57 0.96
N MET A 1 11.44 -4.13 -37.42
CA MET A 1 12.17 -2.85 -37.23
C MET A 1 11.68 -1.80 -38.21
N GLN A 2 11.49 -2.20 -39.47
CA GLN A 2 10.95 -1.32 -40.48
C GLN A 2 9.52 -0.91 -40.13
N GLU A 3 9.29 0.40 -40.08
CA GLU A 3 7.97 0.97 -39.82
C GLU A 3 7.62 0.88 -38.34
N ALA A 4 7.31 -0.32 -37.89
CA ALA A 4 7.00 -0.56 -36.49
C ALA A 4 8.28 -0.69 -35.67
N VAL A 5 9.02 0.40 -35.58
CA VAL A 5 10.29 0.43 -34.87
C VAL A 5 10.06 0.29 -33.37
N LEU A 6 10.31 -0.91 -32.85
CA LEU A 6 10.14 -1.17 -31.43
C LEU A 6 11.34 -0.63 -30.65
N GLN A 7 11.53 0.68 -30.70
CA GLN A 7 12.66 1.30 -30.03
C GLN A 7 12.20 2.51 -29.21
N LEU A 8 11.48 3.42 -29.86
CA LEU A 8 11.05 4.67 -29.22
C LEU A 8 12.25 5.34 -28.55
N ILE A 9 13.09 5.95 -29.38
CA ILE A 9 14.39 6.47 -28.94
C ILE A 9 15.31 5.29 -28.62
N GLU A 10 15.09 4.67 -27.47
CA GLU A 10 15.79 3.45 -27.07
C GLU A 10 15.22 2.89 -25.78
N VAL A 11 13.95 3.21 -25.52
CA VAL A 11 13.32 2.78 -24.27
C VAL A 11 12.50 1.51 -24.47
N GLN A 12 12.11 1.26 -25.73
CA GLN A 12 11.33 0.08 -26.12
C GLN A 12 9.91 0.12 -25.58
N LEU A 13 9.78 0.16 -24.26
CA LEU A 13 8.47 0.17 -23.62
C LEU A 13 7.98 1.61 -23.43
N ALA A 14 8.50 2.28 -22.41
CA ALA A 14 8.05 3.62 -22.08
C ALA A 14 9.03 4.31 -21.15
N GLN A 15 9.27 5.58 -21.40
CA GLN A 15 10.11 6.40 -20.54
C GLN A 15 9.30 6.91 -19.35
N GLU A 16 9.97 7.55 -18.39
CA GLU A 16 9.27 8.12 -17.26
C GLU A 16 8.41 9.29 -17.71
N GLU A 17 7.36 9.54 -16.97
CA GLU A 17 6.35 10.50 -17.38
C GLU A 17 5.42 10.82 -16.23
N VAL A 18 4.60 11.84 -16.41
CA VAL A 18 3.63 12.24 -15.40
C VAL A 18 2.44 11.29 -15.40
N THR A 19 2.27 10.58 -14.31
CA THR A 19 1.12 9.69 -14.14
C THR A 19 -0.10 10.48 -13.72
N GLU A 20 0.09 11.35 -12.72
CA GLU A 20 -0.97 12.18 -12.16
C GLU A 20 -2.05 11.35 -11.49
N SER A 21 -2.93 12.02 -10.72
CA SER A 21 -4.01 11.40 -9.95
C SER A 21 -3.49 10.26 -9.06
N PRO A 22 -3.42 10.49 -7.74
CA PRO A 22 -2.99 9.47 -6.77
C PRO A 22 -3.74 8.16 -6.95
N LEU A 23 -4.89 8.03 -6.28
CA LEU A 23 -5.80 6.94 -6.56
C LEU A 23 -6.88 7.42 -7.52
N GLY A 24 -7.55 8.50 -7.14
CA GLY A 24 -8.65 9.02 -7.91
C GLY A 24 -9.96 8.77 -7.21
N GLY A 25 -10.19 7.51 -6.88
CA GLY A 25 -11.37 7.12 -6.13
C GLY A 25 -11.41 5.63 -5.92
N ASP A 26 -11.68 5.20 -4.68
CA ASP A 26 -11.76 3.78 -4.34
C ASP A 26 -10.40 3.10 -4.50
N GLU A 27 -9.61 3.12 -3.44
CA GLU A 27 -8.24 2.60 -3.46
C GLU A 27 -8.18 1.16 -3.98
N ASN A 28 -9.00 0.29 -3.40
CA ASN A 28 -8.99 -1.13 -3.76
C ASN A 28 -9.47 -1.33 -5.20
N ALA A 29 -10.42 -0.52 -5.63
CA ALA A 29 -10.95 -0.63 -6.99
C ALA A 29 -9.96 -0.08 -8.00
N GLN A 30 -9.34 1.05 -7.68
CA GLN A 30 -8.33 1.64 -8.54
C GLN A 30 -7.12 0.74 -8.65
N LEU A 31 -6.78 0.09 -7.54
CA LEU A 31 -5.69 -0.87 -7.51
C LEU A 31 -6.03 -2.09 -8.37
N HIS A 32 -7.31 -2.45 -8.38
CA HIS A 32 -7.80 -3.53 -9.23
C HIS A 32 -7.72 -3.15 -10.70
N ALA A 33 -8.00 -1.88 -11.00
CA ALA A 33 -8.04 -1.40 -12.36
C ALA A 33 -6.64 -1.16 -12.94
N SER A 34 -5.68 -0.88 -12.07
CA SER A 34 -4.31 -0.61 -12.52
C SER A 34 -3.56 -1.91 -12.79
N GLY A 35 -4.08 -3.00 -12.26
CA GLY A 35 -3.46 -4.30 -12.49
C GLY A 35 -2.42 -4.64 -11.45
N TYR A 36 -2.31 -3.79 -10.42
CA TYR A 36 -1.35 -4.02 -9.35
C TYR A 36 -1.97 -4.83 -8.22
N TYR A 37 -3.23 -5.22 -8.42
CA TYR A 37 -3.95 -6.00 -7.43
C TYR A 37 -3.31 -7.36 -7.23
N ALA A 38 -2.86 -7.96 -8.33
CA ALA A 38 -2.18 -9.25 -8.27
C ALA A 38 -0.89 -9.12 -7.47
N LEU A 39 -0.21 -7.99 -7.62
CA LEU A 39 0.99 -7.69 -6.86
C LEU A 39 0.64 -7.50 -5.38
N PHE A 40 -0.50 -6.85 -5.15
CA PHE A 40 -1.00 -6.61 -3.80
C PHE A 40 -1.23 -7.93 -3.06
N VAL A 41 -1.66 -8.95 -3.79
CA VAL A 41 -1.89 -10.26 -3.18
C VAL A 41 -0.72 -11.20 -3.46
N ASP A 42 0.39 -10.65 -3.91
CA ASP A 42 1.58 -11.43 -4.19
C ASP A 42 2.59 -11.26 -3.07
N THR A 43 3.09 -10.06 -2.92
CA THR A 43 4.16 -9.79 -1.96
C THR A 43 3.62 -9.35 -0.60
N VAL A 44 2.58 -8.51 -0.62
CA VAL A 44 2.06 -7.92 0.62
C VAL A 44 1.67 -8.97 1.68
N PRO A 45 0.78 -9.93 1.35
CA PRO A 45 0.35 -10.96 2.32
C PRO A 45 1.53 -11.78 2.83
N ASP A 46 2.50 -12.01 1.96
CA ASP A 46 3.69 -12.78 2.31
C ASP A 46 4.58 -11.98 3.25
N ASP A 47 4.75 -10.69 2.95
CA ASP A 47 5.55 -9.81 3.78
C ASP A 47 4.89 -9.60 5.14
N VAL A 48 3.56 -9.55 5.15
CA VAL A 48 2.81 -9.46 6.40
C VAL A 48 3.06 -10.71 7.26
N LYS A 49 3.04 -11.87 6.62
CA LYS A 49 3.32 -13.12 7.32
C LYS A 49 4.78 -13.17 7.76
N ARG A 50 5.65 -12.58 6.93
CA ARG A 50 7.06 -12.46 7.27
C ARG A 50 7.23 -11.56 8.49
N LEU A 51 6.48 -10.46 8.53
CA LEU A 51 6.46 -9.58 9.70
C LEU A 51 6.10 -10.36 10.95
N TYR A 52 5.06 -11.18 10.85
CA TYR A 52 4.67 -12.07 11.94
C TYR A 52 5.84 -12.95 12.36
N THR A 53 6.52 -13.50 11.37
CA THR A 53 7.64 -14.41 11.60
C THR A 53 8.79 -13.71 12.30
N GLU A 54 9.15 -12.53 11.82
CA GLU A 54 10.27 -11.78 12.38
C GLU A 54 9.92 -11.18 13.74
N ALA A 55 8.63 -10.94 13.96
CA ALA A 55 8.16 -10.50 15.25
C ALA A 55 8.37 -11.59 16.29
N ALA A 56 8.19 -12.84 15.87
CA ALA A 56 8.46 -13.98 16.73
C ALA A 56 9.96 -14.14 16.99
N THR A 57 10.77 -13.72 16.03
CA THR A 57 12.23 -13.73 16.18
C THR A 57 12.70 -12.55 17.04
N SER A 58 11.79 -11.58 17.24
CA SER A 58 12.09 -10.34 17.95
C SER A 58 13.14 -9.55 17.17
N ASP A 59 13.25 -9.86 15.88
CA ASP A 59 14.19 -9.19 15.02
C ASP A 59 13.56 -7.92 14.48
N PHE A 60 13.54 -6.90 15.31
CA PHE A 60 12.96 -5.62 14.96
C PHE A 60 13.67 -4.97 13.77
N ALA A 61 14.94 -5.33 13.57
CA ALA A 61 15.67 -4.88 12.40
C ALA A 61 15.07 -5.50 11.15
N ALA A 62 14.66 -6.75 11.28
CA ALA A 62 14.01 -7.46 10.18
C ALA A 62 12.59 -6.95 9.99
N LEU A 63 11.96 -6.62 11.11
CA LEU A 63 10.64 -6.00 11.10
C LEU A 63 10.67 -4.68 10.32
N ALA A 64 11.70 -3.89 10.58
CA ALA A 64 11.90 -2.64 9.85
C ALA A 64 12.13 -2.93 8.38
N GLN A 65 12.85 -4.01 8.09
CA GLN A 65 13.10 -4.44 6.73
C GLN A 65 11.81 -4.77 5.99
N THR A 66 10.88 -5.45 6.67
CA THR A 66 9.61 -5.79 6.06
C THR A 66 8.75 -4.55 5.89
N ALA A 67 8.74 -3.70 6.91
CA ALA A 67 8.02 -2.42 6.84
C ALA A 67 8.60 -1.56 5.72
N HIS A 68 9.91 -1.68 5.51
CA HIS A 68 10.60 -0.97 4.45
C HIS A 68 10.06 -1.39 3.09
N ARG A 69 9.96 -2.69 2.88
CA ARG A 69 9.44 -3.23 1.63
C ARG A 69 7.97 -2.87 1.46
N LEU A 70 7.21 -2.98 2.55
CA LEU A 70 5.78 -2.72 2.51
C LEU A 70 5.51 -1.25 2.23
N LYS A 71 6.21 -0.37 2.93
CA LYS A 71 6.07 1.06 2.74
C LYS A 71 6.43 1.43 1.30
N GLY A 72 7.45 0.76 0.76
CA GLY A 72 7.86 1.00 -0.60
C GLY A 72 6.81 0.59 -1.62
N VAL A 73 6.31 -0.64 -1.50
CA VAL A 73 5.34 -1.15 -2.46
C VAL A 73 3.98 -0.43 -2.32
N PHE A 74 3.60 -0.09 -1.09
CA PHE A 74 2.36 0.63 -0.86
C PHE A 74 2.46 2.03 -1.46
N ALA A 75 3.64 2.64 -1.33
CA ALA A 75 3.90 3.93 -1.95
C ALA A 75 3.86 3.82 -3.47
N MET A 76 4.25 2.65 -3.96
CA MET A 76 4.22 2.37 -5.40
C MET A 76 2.78 2.30 -5.90
N LEU A 77 1.88 1.77 -5.07
CA LEU A 77 0.45 1.74 -5.40
C LEU A 77 -0.22 3.04 -4.97
N ASN A 78 0.54 3.88 -4.26
CA ASN A 78 0.07 5.19 -3.80
C ASN A 78 -0.94 5.04 -2.68
N LEU A 79 -0.95 3.88 -2.04
CA LEU A 79 -1.83 3.61 -0.93
C LEU A 79 -1.30 4.33 0.32
N VAL A 80 -1.62 5.62 0.42
CA VAL A 80 -1.11 6.48 1.48
C VAL A 80 -1.34 5.89 2.88
N PRO A 81 -2.62 5.66 3.31
CA PRO A 81 -2.92 5.13 4.63
C PRO A 81 -2.17 3.84 4.95
N GLY A 82 -2.10 2.93 3.98
CA GLY A 82 -1.38 1.69 4.17
C GLY A 82 0.11 1.91 4.29
N LYS A 83 0.65 2.73 3.40
CA LYS A 83 2.07 3.06 3.42
C LYS A 83 2.43 3.78 4.73
N GLN A 84 1.54 4.66 5.17
CA GLN A 84 1.72 5.40 6.40
C GLN A 84 1.67 4.45 7.59
N LEU A 85 0.84 3.43 7.50
CA LEU A 85 0.79 2.39 8.51
C LEU A 85 2.17 1.75 8.66
N CYS A 86 2.80 1.47 7.53
CA CYS A 86 4.15 0.91 7.51
C CYS A 86 5.16 1.93 8.04
N GLU A 87 4.94 3.20 7.75
CA GLU A 87 5.80 4.28 8.26
C GLU A 87 5.74 4.33 9.77
N THR A 88 4.53 4.31 10.30
CA THR A 88 4.34 4.32 11.75
C THR A 88 4.86 3.02 12.36
N LEU A 89 4.74 1.92 11.61
CA LEU A 89 5.30 0.65 12.05
C LEU A 89 6.81 0.76 12.24
N GLU A 90 7.48 1.38 11.27
CA GLU A 90 8.91 1.64 11.35
C GLU A 90 9.22 2.46 12.60
N HIS A 91 8.38 3.45 12.85
CA HIS A 91 8.53 4.33 14.01
C HIS A 91 8.25 3.56 15.32
N LEU A 92 7.40 2.55 15.25
CA LEU A 92 7.12 1.72 16.42
C LEU A 92 8.29 0.77 16.67
N ILE A 93 8.98 0.41 15.60
CA ILE A 93 10.18 -0.41 15.69
C ILE A 93 11.33 0.40 16.29
N ARG A 94 11.50 1.63 15.78
CA ARG A 94 12.54 2.51 16.28
C ARG A 94 12.29 2.90 17.73
N GLU A 95 11.02 3.06 18.08
CA GLU A 95 10.64 3.39 19.44
C GLU A 95 10.58 2.14 20.31
N LYS A 96 10.63 0.98 19.67
CA LYS A 96 10.56 -0.30 20.35
C LYS A 96 9.26 -0.44 21.15
N ASP A 97 8.15 -0.44 20.44
CA ASP A 97 6.85 -0.64 21.07
C ASP A 97 6.21 -1.92 20.55
N VAL A 98 6.45 -3.01 21.25
CA VAL A 98 5.92 -4.33 20.84
C VAL A 98 4.41 -4.31 20.65
N PRO A 99 3.61 -3.88 21.67
CA PRO A 99 2.15 -3.80 21.54
C PRO A 99 1.72 -2.94 20.36
N GLY A 100 2.43 -1.83 20.16
CA GLY A 100 2.14 -0.96 19.03
C GLY A 100 2.37 -1.67 17.71
N ILE A 101 3.53 -2.29 17.57
CA ILE A 101 3.86 -3.05 16.37
C ILE A 101 2.82 -4.12 16.11
N GLU A 102 2.51 -4.89 17.16
CA GLU A 102 1.53 -5.97 17.08
C GLU A 102 0.19 -5.47 16.57
N LYS A 103 -0.28 -4.38 17.17
CA LYS A 103 -1.59 -3.80 16.83
C LYS A 103 -1.60 -3.30 15.40
N TYR A 104 -0.47 -2.75 14.94
CA TYR A 104 -0.39 -2.21 13.60
C TYR A 104 -0.31 -3.32 12.56
N ILE A 105 0.32 -4.43 12.93
CA ILE A 105 0.35 -5.59 12.04
C ILE A 105 -1.05 -6.17 11.87
N SER A 106 -1.81 -6.24 12.97
CA SER A 106 -3.18 -6.72 12.90
C SER A 106 -4.05 -5.69 12.17
N ASP A 107 -3.72 -4.42 12.34
CA ASP A 107 -4.41 -3.33 11.66
C ASP A 107 -4.16 -3.41 10.16
N ILE A 108 -2.91 -3.63 9.79
CA ILE A 108 -2.54 -3.76 8.39
C ILE A 108 -3.16 -5.02 7.77
N ASP A 109 -3.33 -6.04 8.59
CA ASP A 109 -3.94 -7.30 8.13
C ASP A 109 -5.42 -7.07 7.91
N SER A 110 -6.03 -6.38 8.87
CA SER A 110 -7.41 -5.95 8.76
C SER A 110 -7.59 -5.04 7.54
N TYR A 111 -6.58 -4.20 7.33
CA TYR A 111 -6.55 -3.27 6.19
C TYR A 111 -6.62 -4.03 4.88
N VAL A 112 -5.66 -4.90 4.74
CA VAL A 112 -5.51 -5.71 3.56
C VAL A 112 -6.74 -6.62 3.37
N LYS A 113 -7.31 -7.06 4.49
CA LYS A 113 -8.50 -7.90 4.48
C LYS A 113 -9.71 -7.14 3.94
N SER A 114 -9.79 -5.84 4.21
CA SER A 114 -10.89 -5.03 3.71
C SER A 114 -10.65 -4.65 2.25
N LEU A 115 -9.39 -4.52 1.87
CA LEU A 115 -9.03 -4.23 0.49
C LEU A 115 -9.23 -5.44 -0.40
N LEU A 116 -9.25 -6.62 0.23
CA LEU A 116 -9.50 -7.86 -0.48
C LEU A 116 -11.00 -8.04 -0.71
N MET A 1 -24.34 31.30 -55.49
CA MET A 1 -24.76 31.32 -54.08
C MET A 1 -26.18 31.90 -53.95
N GLN A 2 -27.04 31.14 -53.30
CA GLN A 2 -28.43 31.55 -53.11
C GLN A 2 -28.71 31.68 -51.62
N GLU A 3 -28.50 32.89 -51.09
CA GLU A 3 -28.67 33.19 -49.67
C GLU A 3 -27.54 32.59 -48.82
N ALA A 4 -27.25 31.33 -49.06
CA ALA A 4 -26.18 30.65 -48.35
C ALA A 4 -24.83 30.94 -49.02
N VAL A 5 -24.40 32.19 -48.96
CA VAL A 5 -23.10 32.58 -49.48
C VAL A 5 -22.02 32.10 -48.53
N LEU A 6 -22.01 32.70 -47.35
CA LEU A 6 -21.12 32.28 -46.26
C LEU A 6 -21.69 32.79 -44.94
N GLN A 7 -21.29 32.16 -43.85
CA GLN A 7 -21.72 32.57 -42.53
C GLN A 7 -20.58 33.30 -41.83
N LEU A 8 -19.86 32.57 -41.01
CA LEU A 8 -18.70 33.10 -40.31
C LEU A 8 -17.63 32.02 -40.27
N ILE A 9 -18.05 30.83 -39.85
CA ILE A 9 -17.22 29.66 -39.90
C ILE A 9 -18.16 28.45 -40.03
N GLU A 10 -18.00 27.41 -39.22
CA GLU A 10 -18.89 26.26 -39.29
C GLU A 10 -19.60 26.06 -37.96
N VAL A 11 -18.83 25.82 -36.91
CA VAL A 11 -19.37 25.63 -35.57
C VAL A 11 -18.56 26.43 -34.55
N GLN A 12 -18.95 27.68 -34.36
CA GLN A 12 -18.24 28.56 -33.44
C GLN A 12 -18.71 28.30 -32.01
N LEU A 13 -20.02 28.18 -31.85
CA LEU A 13 -20.60 27.94 -30.54
C LEU A 13 -21.03 26.48 -30.42
N ALA A 14 -20.18 25.59 -30.90
CA ALA A 14 -20.46 24.17 -30.87
C ALA A 14 -19.15 23.38 -30.82
N GLN A 15 -19.25 22.06 -30.87
CA GLN A 15 -18.09 21.18 -30.77
C GLN A 15 -17.33 21.42 -29.48
N GLU A 16 -18.06 21.47 -28.38
CA GLU A 16 -17.48 21.61 -27.06
C GLU A 16 -18.19 20.70 -26.09
N GLU A 17 -17.43 19.84 -25.44
CA GLU A 17 -17.98 18.82 -24.55
C GLU A 17 -16.87 18.07 -23.82
N VAL A 18 -16.12 18.78 -22.99
CA VAL A 18 -15.07 18.15 -22.20
C VAL A 18 -15.67 17.50 -20.96
N THR A 19 -15.05 16.43 -20.49
CA THR A 19 -15.61 15.70 -19.36
C THR A 19 -14.56 15.44 -18.28
N GLU A 20 -13.53 14.66 -18.61
CA GLU A 20 -12.54 14.18 -17.65
C GLU A 20 -13.18 13.17 -16.70
N SER A 21 -12.36 12.45 -15.97
CA SER A 21 -12.85 11.41 -15.07
C SER A 21 -12.02 11.34 -13.80
N PRO A 22 -12.50 11.97 -12.71
CA PRO A 22 -11.84 11.89 -11.41
C PRO A 22 -12.02 10.50 -10.79
N LEU A 23 -11.03 10.06 -10.05
CA LEU A 23 -11.08 8.77 -9.39
C LEU A 23 -12.11 8.80 -8.25
N GLY A 24 -11.80 9.55 -7.21
CA GLY A 24 -12.72 9.71 -6.11
C GLY A 24 -12.07 9.45 -4.77
N GLY A 25 -12.31 8.26 -4.23
CA GLY A 25 -11.77 7.93 -2.93
C GLY A 25 -11.75 6.44 -2.66
N ASP A 26 -11.73 5.63 -3.71
CA ASP A 26 -11.66 4.19 -3.55
C ASP A 26 -10.30 3.70 -4.02
N GLU A 27 -9.36 3.64 -3.10
CA GLU A 27 -7.97 3.33 -3.42
C GLU A 27 -7.82 1.89 -3.90
N ASN A 28 -8.66 1.00 -3.37
CA ASN A 28 -8.65 -0.39 -3.80
C ASN A 28 -9.08 -0.50 -5.26
N ALA A 29 -10.07 0.30 -5.63
CA ALA A 29 -10.57 0.33 -7.00
C ALA A 29 -9.50 0.86 -7.94
N GLN A 30 -8.82 1.92 -7.50
CA GLN A 30 -7.75 2.53 -8.30
C GLN A 30 -6.61 1.54 -8.50
N LEU A 31 -6.28 0.80 -7.46
CA LEU A 31 -5.18 -0.16 -7.52
C LEU A 31 -5.55 -1.36 -8.41
N HIS A 32 -6.84 -1.68 -8.47
CA HIS A 32 -7.30 -2.73 -9.39
C HIS A 32 -7.33 -2.21 -10.81
N ALA A 33 -7.73 -0.95 -10.97
CA ALA A 33 -7.80 -0.31 -12.29
C ALA A 33 -6.41 -0.23 -12.93
N SER A 34 -5.40 0.04 -12.12
CA SER A 34 -4.03 0.08 -12.62
C SER A 34 -3.57 -1.32 -13.00
N GLY A 35 -4.05 -2.31 -12.25
CA GLY A 35 -3.73 -3.69 -12.56
C GLY A 35 -2.69 -4.26 -11.61
N TYR A 36 -2.35 -3.52 -10.56
CA TYR A 36 -1.32 -3.97 -9.64
C TYR A 36 -1.94 -4.65 -8.42
N TYR A 37 -3.23 -4.95 -8.53
CA TYR A 37 -3.95 -5.72 -7.51
C TYR A 37 -3.32 -7.09 -7.36
N ALA A 38 -2.75 -7.60 -8.46
CA ALA A 38 -2.08 -8.89 -8.47
C ALA A 38 -0.93 -8.93 -7.46
N LEU A 39 -0.08 -7.91 -7.48
CA LEU A 39 1.05 -7.84 -6.56
C LEU A 39 0.54 -7.64 -5.13
N PHE A 40 -0.57 -6.94 -5.02
CA PHE A 40 -1.20 -6.66 -3.73
C PHE A 40 -1.60 -7.96 -3.02
N VAL A 41 -2.16 -8.90 -3.77
CA VAL A 41 -2.61 -10.16 -3.20
C VAL A 41 -1.54 -11.23 -3.27
N ASP A 42 -0.39 -10.89 -3.84
CA ASP A 42 0.67 -11.86 -4.05
C ASP A 42 1.69 -11.82 -2.91
N THR A 43 2.41 -10.72 -2.80
CA THR A 43 3.54 -10.65 -1.88
C THR A 43 3.21 -9.88 -0.60
N VAL A 44 2.14 -9.08 -0.64
CA VAL A 44 1.82 -8.22 0.51
C VAL A 44 1.43 -9.06 1.75
N PRO A 45 0.41 -9.94 1.65
CA PRO A 45 0.00 -10.78 2.79
C PRO A 45 1.12 -11.72 3.24
N ASP A 46 2.01 -12.06 2.31
CA ASP A 46 3.15 -12.91 2.65
C ASP A 46 4.13 -12.13 3.52
N ASP A 47 4.22 -10.83 3.25
CA ASP A 47 5.10 -9.96 4.00
C ASP A 47 4.54 -9.68 5.39
N VAL A 48 3.21 -9.59 5.49
CA VAL A 48 2.58 -9.44 6.80
C VAL A 48 2.81 -10.69 7.64
N LYS A 49 2.78 -11.86 6.99
CA LYS A 49 3.08 -13.12 7.63
C LYS A 49 4.57 -13.17 7.99
N ARG A 50 5.41 -12.64 7.09
CA ARG A 50 6.83 -12.52 7.36
C ARG A 50 7.05 -11.66 8.60
N LEU A 51 6.35 -10.53 8.67
CA LEU A 51 6.41 -9.65 9.83
C LEU A 51 6.12 -10.42 11.11
N TYR A 52 5.06 -11.22 11.06
CA TYR A 52 4.71 -12.11 12.18
C TYR A 52 5.90 -12.99 12.55
N THR A 53 6.54 -13.55 11.53
CA THR A 53 7.65 -14.46 11.71
C THR A 53 8.86 -13.78 12.36
N GLU A 54 9.20 -12.60 11.86
CA GLU A 54 10.36 -11.86 12.37
C GLU A 54 10.07 -11.29 13.75
N ALA A 55 8.81 -10.95 14.00
CA ALA A 55 8.38 -10.42 15.28
C ALA A 55 8.57 -11.47 16.37
N ALA A 56 8.24 -12.71 16.05
CA ALA A 56 8.38 -13.82 16.99
C ALA A 56 9.82 -13.98 17.45
N THR A 57 10.75 -13.77 16.53
CA THR A 57 12.17 -13.89 16.83
C THR A 57 12.77 -12.57 17.30
N SER A 58 11.89 -11.58 17.53
CA SER A 58 12.27 -10.24 18.00
C SER A 58 13.33 -9.63 17.09
N ASP A 59 13.22 -9.92 15.81
CA ASP A 59 14.14 -9.36 14.81
C ASP A 59 13.60 -8.04 14.32
N PHE A 60 13.68 -7.04 15.19
CA PHE A 60 13.19 -5.70 14.88
C PHE A 60 13.94 -5.09 13.69
N ALA A 61 15.18 -5.51 13.49
CA ALA A 61 15.95 -5.09 12.32
C ALA A 61 15.25 -5.58 11.05
N ALA A 62 14.75 -6.81 11.10
CA ALA A 62 14.04 -7.38 9.97
C ALA A 62 12.65 -6.79 9.89
N LEU A 63 12.07 -6.50 11.04
CA LEU A 63 10.79 -5.83 11.11
C LEU A 63 10.87 -4.48 10.40
N ALA A 64 11.92 -3.73 10.67
CA ALA A 64 12.16 -2.45 10.02
C ALA A 64 12.30 -2.62 8.52
N GLN A 65 13.06 -3.64 8.10
CA GLN A 65 13.24 -3.94 6.69
C GLN A 65 11.91 -4.29 6.02
N THR A 66 11.14 -5.17 6.65
CA THR A 66 9.85 -5.58 6.13
C THR A 66 8.89 -4.39 6.08
N ALA A 67 8.92 -3.55 7.11
CA ALA A 67 8.10 -2.34 7.13
C ALA A 67 8.52 -1.41 6.00
N HIS A 68 9.83 -1.36 5.75
CA HIS A 68 10.38 -0.56 4.65
C HIS A 68 9.91 -1.11 3.31
N ARG A 69 9.91 -2.43 3.19
CA ARG A 69 9.43 -3.09 1.97
C ARG A 69 7.94 -2.82 1.78
N LEU A 70 7.18 -2.93 2.86
CA LEU A 70 5.75 -2.69 2.82
C LEU A 70 5.45 -1.22 2.52
N LYS A 71 6.25 -0.33 3.09
CA LYS A 71 6.14 1.09 2.80
C LYS A 71 6.35 1.33 1.32
N GLY A 72 7.34 0.67 0.76
CA GLY A 72 7.66 0.83 -0.66
C GLY A 72 6.58 0.27 -1.56
N VAL A 73 6.10 -0.94 -1.27
CA VAL A 73 5.11 -1.58 -2.13
C VAL A 73 3.78 -0.85 -2.10
N PHE A 74 3.37 -0.38 -0.91
CA PHE A 74 2.11 0.34 -0.79
C PHE A 74 2.21 1.70 -1.49
N ALA A 75 3.34 2.36 -1.33
CA ALA A 75 3.59 3.62 -2.03
C ALA A 75 3.58 3.40 -3.53
N MET A 76 4.13 2.27 -3.96
CA MET A 76 4.14 1.87 -5.36
C MET A 76 2.70 1.64 -5.86
N LEU A 77 1.90 0.96 -5.04
CA LEU A 77 0.51 0.67 -5.40
C LEU A 77 -0.36 1.92 -5.27
N ASN A 78 0.21 2.97 -4.66
CA ASN A 78 -0.48 4.27 -4.48
C ASN A 78 -1.42 4.19 -3.29
N LEU A 79 -1.18 3.19 -2.44
CA LEU A 79 -1.98 2.97 -1.25
C LEU A 79 -1.40 3.77 -0.10
N VAL A 80 -1.75 5.05 -0.08
CA VAL A 80 -1.25 5.98 0.93
C VAL A 80 -1.56 5.51 2.37
N PRO A 81 -2.84 5.21 2.68
CA PRO A 81 -3.22 4.72 4.03
C PRO A 81 -2.40 3.52 4.47
N GLY A 82 -2.26 2.54 3.61
CA GLY A 82 -1.46 1.37 3.91
C GLY A 82 -0.01 1.73 4.16
N LYS A 83 0.54 2.56 3.28
CA LYS A 83 1.93 3.00 3.40
C LYS A 83 2.12 3.79 4.69
N GLN A 84 1.14 4.61 5.03
CA GLN A 84 1.18 5.41 6.26
C GLN A 84 1.23 4.49 7.48
N LEU A 85 0.52 3.35 7.39
CA LEU A 85 0.56 2.36 8.44
C LEU A 85 1.97 1.81 8.60
N CYS A 86 2.61 1.51 7.47
CA CYS A 86 3.99 1.04 7.48
C CYS A 86 4.94 2.11 8.01
N GLU A 87 4.68 3.36 7.67
CA GLU A 87 5.49 4.48 8.15
C GLU A 87 5.40 4.58 9.67
N THR A 88 4.18 4.49 10.18
CA THR A 88 3.96 4.51 11.62
C THR A 88 4.54 3.25 12.27
N LEU A 89 4.48 2.13 11.55
CA LEU A 89 5.08 0.89 12.02
C LEU A 89 6.58 1.07 12.21
N GLU A 90 7.23 1.66 11.21
CA GLU A 90 8.65 1.98 11.28
C GLU A 90 8.95 2.81 12.53
N HIS A 91 8.10 3.80 12.75
CA HIS A 91 8.21 4.67 13.93
C HIS A 91 8.03 3.87 15.22
N LEU A 92 7.05 2.98 15.25
CA LEU A 92 6.80 2.15 16.42
C LEU A 92 7.95 1.18 16.65
N ILE A 93 8.51 0.68 15.57
CA ILE A 93 9.64 -0.25 15.64
C ILE A 93 10.88 0.50 16.12
N ARG A 94 11.06 1.72 15.62
CA ARG A 94 12.20 2.54 15.97
C ARG A 94 12.16 2.89 17.46
N GLU A 95 10.96 3.06 18.01
CA GLU A 95 10.82 3.39 19.42
C GLU A 95 10.55 2.14 20.25
N LYS A 96 10.53 1.00 19.56
CA LYS A 96 10.43 -0.33 20.18
C LYS A 96 9.14 -0.50 20.98
N ASP A 97 8.06 0.07 20.49
CA ASP A 97 6.75 -0.13 21.10
C ASP A 97 6.18 -1.46 20.63
N VAL A 98 6.65 -2.55 21.26
CA VAL A 98 6.28 -3.91 20.87
C VAL A 98 4.77 -4.10 20.71
N PRO A 99 3.95 -3.75 21.73
CA PRO A 99 2.49 -3.86 21.63
C PRO A 99 1.92 -3.08 20.45
N GLY A 100 2.47 -1.90 20.20
CA GLY A 100 2.03 -1.10 19.08
C GLY A 100 2.41 -1.73 17.75
N ILE A 101 3.60 -2.31 17.71
CA ILE A 101 4.09 -2.97 16.51
C ILE A 101 3.20 -4.13 16.11
N GLU A 102 2.98 -5.06 17.03
CA GLU A 102 2.17 -6.25 16.73
C GLU A 102 0.74 -5.84 16.38
N LYS A 103 0.20 -4.86 17.09
CA LYS A 103 -1.13 -4.34 16.80
C LYS A 103 -1.20 -3.80 15.38
N TYR A 104 -0.17 -3.07 14.98
CA TYR A 104 -0.13 -2.49 13.65
C TYR A 104 0.05 -3.56 12.58
N ILE A 105 0.75 -4.64 12.91
CA ILE A 105 0.88 -5.76 11.99
C ILE A 105 -0.51 -6.33 11.69
N SER A 106 -1.32 -6.52 12.73
CA SER A 106 -2.68 -6.99 12.56
C SER A 106 -3.55 -5.92 11.89
N ASP A 107 -3.20 -4.66 12.09
CA ASP A 107 -3.93 -3.55 11.46
C ASP A 107 -3.65 -3.52 9.97
N ILE A 108 -2.40 -3.79 9.60
CA ILE A 108 -2.03 -3.93 8.19
C ILE A 108 -2.69 -5.18 7.62
N ASP A 109 -2.83 -6.20 8.46
CA ASP A 109 -3.41 -7.47 8.04
C ASP A 109 -4.88 -7.28 7.75
N SER A 110 -5.56 -6.63 8.70
CA SER A 110 -6.98 -6.34 8.58
C SER A 110 -7.23 -5.40 7.40
N TYR A 111 -6.34 -4.41 7.25
CA TYR A 111 -6.34 -3.52 6.09
C TYR A 111 -6.43 -4.33 4.82
N VAL A 112 -5.48 -5.22 4.69
CA VAL A 112 -5.32 -6.06 3.54
C VAL A 112 -6.48 -7.05 3.43
N LYS A 113 -6.95 -7.55 4.57
CA LYS A 113 -8.09 -8.47 4.61
C LYS A 113 -9.31 -7.88 3.94
N SER A 114 -9.56 -6.59 4.16
CA SER A 114 -10.76 -5.94 3.63
C SER A 114 -10.48 -5.33 2.25
N LEU A 115 -9.22 -5.04 1.97
CA LEU A 115 -8.86 -4.39 0.70
C LEU A 115 -8.75 -5.41 -0.44
N LEU A 116 -8.47 -6.66 -0.11
CA LEU A 116 -8.45 -7.70 -1.13
C LEU A 116 -9.42 -8.81 -0.76
#